data_1KLF
#
_entry.id   1KLF
#
_cell.length_a   138.077
_cell.length_b   138.130
_cell.length_c   215.352
_cell.angle_alpha   90.00
_cell.angle_beta   90.00
_cell.angle_gamma   90.00
#
_symmetry.space_group_name_H-M   'C 1 2 1'
#
loop_
_entity.id
_entity.type
_entity.pdbx_description
1 polymer 'CHAPERONE PROTEIN FIMC'
2 polymer 'FIMH PROTEIN'
3 non-polymer alpha-D-mannopyranose
4 water water
#
loop_
_entity_poly.entity_id
_entity_poly.type
_entity_poly.pdbx_seq_one_letter_code
_entity_poly.pdbx_strand_id
1 'polypeptide(L)'
;GVALGATRVIYPAGQKQVQLAVTNNDENSTYLIQSWVENADGVKDGRFIVTPPLFAMKGKKENTLRILDATNNQLPQDRE
SLFWMNVKAIPSMDKSKLTENTLQLAIISRIKLYYRPAKLALPPDQAAEKLRFRRSANSLTLINPTPYYLTVTELNAGTR
VLENALVPPMGESTVKLPSDAGSNITYRTINDYGALTPKMTGVME
;
A,C,E,G,I,K,M,O
2 'polypeptide(L)'
;FACKTANGTAIPIGGGSANVYVNLAPVVNVGQNLVVDLSTQIFCHNDYPETITDYVTLQRGSAYGGVLSNFSGTVKYSGS
SYPFPTTSETPRVVYNSRTDKPWPVALYLTPVSSAGGVAIKAGSLIAVLILRQTNNYNSDDFQFVWNIYANNDVVVPTGG
CDVSARDVTVTLPDYPGSVPIPLTVYCAKSQNLGYYLSGTTADAGNSIFTNTASFSPAQGVGVQLTRNGTIIPANNTVSL
GAVGTSAVSLGLTANYARTGGQVTAGNVQSIIGVTFVYQ
;
B,D,F,H,J,L,N,P
#
# COMPACT_ATOMS: atom_id res chain seq x y z
N GLY A 1 -27.95 -89.86 2.66
CA GLY A 1 -28.57 -91.19 2.51
C GLY A 1 -29.86 -91.04 1.72
N VAL A 2 -29.78 -91.16 0.41
CA VAL A 2 -30.96 -91.03 -0.42
C VAL A 2 -31.33 -92.40 -0.95
N ALA A 3 -32.60 -92.80 -0.75
CA ALA A 3 -33.04 -94.12 -1.20
C ALA A 3 -34.33 -94.15 -2.00
N LEU A 4 -34.36 -95.04 -2.97
CA LEU A 4 -35.54 -95.20 -3.80
C LEU A 4 -36.51 -96.09 -3.04
N GLY A 5 -37.80 -95.89 -3.30
CA GLY A 5 -38.86 -96.66 -2.64
C GLY A 5 -39.19 -97.98 -3.29
N ALA A 6 -38.45 -98.37 -4.33
CA ALA A 6 -38.67 -99.65 -4.99
C ALA A 6 -37.35 -100.12 -5.56
N THR A 7 -37.23 -101.42 -5.81
CA THR A 7 -35.99 -101.95 -6.37
C THR A 7 -36.20 -102.25 -7.83
N ARG A 8 -37.32 -101.80 -8.35
CA ARG A 8 -37.66 -101.99 -9.76
C ARG A 8 -38.97 -101.25 -10.07
N VAL A 9 -39.27 -101.12 -11.35
CA VAL A 9 -40.46 -100.42 -11.76
C VAL A 9 -41.06 -101.11 -12.95
N ILE A 10 -42.37 -101.27 -12.91
CA ILE A 10 -43.10 -101.88 -13.99
C ILE A 10 -43.86 -100.78 -14.68
N TYR A 11 -43.54 -100.56 -15.95
CA TYR A 11 -44.22 -99.53 -16.72
C TYR A 11 -45.24 -100.20 -17.61
N PRO A 12 -46.54 -100.05 -17.27
CA PRO A 12 -47.66 -100.63 -18.03
C PRO A 12 -47.82 -99.91 -19.34
N ALA A 13 -47.69 -100.62 -20.45
CA ALA A 13 -47.83 -99.97 -21.75
C ALA A 13 -49.18 -99.24 -21.79
N GLY A 14 -49.13 -97.95 -22.13
CA GLY A 14 -50.34 -97.18 -22.19
C GLY A 14 -50.38 -96.11 -21.12
N GLN A 15 -50.02 -96.47 -19.89
CA GLN A 15 -50.01 -95.52 -18.79
C GLN A 15 -49.33 -94.23 -19.22
N LYS A 16 -49.90 -93.10 -18.87
CA LYS A 16 -49.31 -91.83 -19.25
C LYS A 16 -48.04 -91.63 -18.45
N GLN A 17 -47.98 -92.21 -17.26
CA GLN A 17 -46.82 -92.08 -16.39
C GLN A 17 -46.86 -92.96 -15.14
N VAL A 18 -45.69 -93.39 -14.69
CA VAL A 18 -45.61 -94.19 -13.48
C VAL A 18 -44.76 -93.39 -12.52
N GLN A 19 -44.98 -93.57 -11.22
CA GLN A 19 -44.23 -92.81 -10.26
C GLN A 19 -43.45 -93.66 -9.28
N LEU A 20 -42.30 -93.12 -8.85
CA LEU A 20 -41.39 -93.76 -7.94
C LEU A 20 -41.09 -92.79 -6.79
N ALA A 21 -40.89 -93.34 -5.58
CA ALA A 21 -40.63 -92.52 -4.42
C ALA A 21 -39.15 -92.43 -4.13
N VAL A 22 -38.76 -91.27 -3.62
CA VAL A 22 -37.37 -91.02 -3.25
C VAL A 22 -37.47 -90.38 -1.89
N THR A 23 -36.59 -90.80 -1.01
CA THR A 23 -36.58 -90.26 0.32
C THR A 23 -35.13 -90.05 0.72
N ASN A 24 -34.88 -88.91 1.36
CA ASN A 24 -33.57 -88.50 1.83
C ASN A 24 -33.52 -88.58 3.36
N ASN A 25 -32.75 -89.52 3.86
CA ASN A 25 -32.58 -89.76 5.30
C ASN A 25 -31.80 -88.68 6.03
N ASP A 26 -30.60 -88.40 5.53
CA ASP A 26 -29.72 -87.42 6.12
C ASP A 26 -30.41 -86.16 6.61
N GLU A 27 -30.69 -86.16 7.91
CA GLU A 27 -31.35 -85.05 8.56
C GLU A 27 -30.78 -83.70 8.18
N ASN A 28 -29.54 -83.66 7.71
CA ASN A 28 -28.94 -82.38 7.36
C ASN A 28 -27.87 -82.47 6.30
N SER A 29 -28.26 -82.15 5.08
CA SER A 29 -27.38 -82.17 3.91
C SER A 29 -28.31 -82.17 2.70
N THR A 30 -28.24 -81.12 1.89
CA THR A 30 -29.10 -81.04 0.73
C THR A 30 -28.54 -81.90 -0.39
N TYR A 31 -29.39 -82.24 -1.34
CA TYR A 31 -28.98 -83.05 -2.50
C TYR A 31 -29.69 -82.61 -3.77
N LEU A 32 -29.04 -82.83 -4.89
CA LEU A 32 -29.63 -82.51 -6.17
C LEU A 32 -29.94 -83.86 -6.75
N ILE A 33 -31.21 -84.07 -7.04
CA ILE A 33 -31.63 -85.33 -7.60
C ILE A 33 -31.67 -85.16 -9.11
N GLN A 34 -30.96 -86.04 -9.79
CA GLN A 34 -30.89 -86.02 -11.24
C GLN A 34 -31.20 -87.44 -11.68
N SER A 35 -32.30 -87.63 -12.40
CA SER A 35 -32.70 -88.97 -12.82
C SER A 35 -32.77 -89.14 -14.33
N TRP A 36 -32.58 -90.37 -14.79
CA TRP A 36 -32.67 -90.65 -16.22
C TRP A 36 -32.86 -92.15 -16.44
N VAL A 37 -33.11 -92.52 -17.68
CA VAL A 37 -33.33 -93.91 -17.99
C VAL A 37 -32.54 -94.28 -19.22
N GLU A 38 -31.71 -95.31 -19.09
CA GLU A 38 -30.90 -95.79 -20.18
C GLU A 38 -31.62 -97.01 -20.69
N ASN A 39 -31.36 -97.40 -21.94
CA ASN A 39 -32.01 -98.58 -22.48
C ASN A 39 -31.14 -99.78 -22.13
N ALA A 40 -31.54 -100.95 -22.63
CA ALA A 40 -30.83 -102.18 -22.35
C ALA A 40 -29.36 -102.10 -22.66
N ASP A 41 -29.00 -101.42 -23.73
CA ASP A 41 -27.60 -101.31 -24.06
C ASP A 41 -26.83 -100.28 -23.26
N GLY A 42 -27.52 -99.61 -22.34
CA GLY A 42 -26.83 -98.64 -21.52
C GLY A 42 -26.80 -97.25 -22.11
N VAL A 43 -27.40 -97.07 -23.28
CA VAL A 43 -27.39 -95.73 -23.86
C VAL A 43 -28.61 -94.89 -23.48
N LYS A 44 -28.36 -93.61 -23.24
CA LYS A 44 -29.42 -92.70 -22.87
C LYS A 44 -30.24 -92.26 -24.06
N ASP A 45 -31.16 -93.09 -24.52
CA ASP A 45 -32.03 -92.64 -25.61
C ASP A 45 -33.12 -91.93 -24.84
N GLY A 46 -34.14 -91.45 -25.52
CA GLY A 46 -35.16 -90.74 -24.77
C GLY A 46 -36.42 -91.53 -24.60
N ARG A 47 -36.32 -92.85 -24.69
CA ARG A 47 -37.48 -93.69 -24.57
C ARG A 47 -38.32 -93.35 -23.35
N PHE A 48 -37.65 -93.00 -22.25
CA PHE A 48 -38.38 -92.65 -21.05
C PHE A 48 -37.80 -91.39 -20.45
N ILE A 49 -38.65 -90.56 -19.86
CA ILE A 49 -38.20 -89.31 -19.27
C ILE A 49 -38.73 -89.21 -17.85
N VAL A 50 -37.87 -88.74 -16.96
CA VAL A 50 -38.23 -88.64 -15.55
C VAL A 50 -38.34 -87.18 -15.16
N THR A 51 -39.29 -86.86 -14.31
CA THR A 51 -39.46 -85.48 -13.85
C THR A 51 -39.71 -85.50 -12.36
N PRO A 52 -39.21 -84.48 -11.65
CA PRO A 52 -38.43 -83.42 -12.30
C PRO A 52 -37.05 -83.92 -12.64
N PRO A 53 -36.53 -83.56 -13.80
CA PRO A 53 -35.20 -84.00 -14.19
C PRO A 53 -34.08 -83.58 -13.22
N LEU A 54 -34.34 -82.55 -12.42
CA LEU A 54 -33.35 -82.04 -11.47
C LEU A 54 -34.00 -81.22 -10.38
N PHE A 55 -33.79 -81.61 -9.12
CA PHE A 55 -34.39 -80.89 -8.01
C PHE A 55 -33.67 -81.15 -6.72
N ALA A 56 -33.95 -80.31 -5.71
CA ALA A 56 -33.29 -80.44 -4.43
C ALA A 56 -34.12 -81.09 -3.32
N MET A 57 -33.44 -81.83 -2.45
CA MET A 57 -34.08 -82.46 -1.32
C MET A 57 -33.25 -82.00 -0.13
N LYS A 58 -33.85 -81.12 0.66
CA LYS A 58 -33.16 -80.58 1.82
C LYS A 58 -33.55 -81.32 3.10
N GLY A 59 -32.55 -81.92 3.73
CA GLY A 59 -32.81 -82.65 4.97
C GLY A 59 -33.78 -83.78 4.74
N LYS A 60 -34.26 -84.40 5.83
CA LYS A 60 -35.20 -85.50 5.72
C LYS A 60 -36.44 -85.03 4.99
N LYS A 61 -36.59 -85.49 3.76
CA LYS A 61 -37.72 -85.11 2.93
C LYS A 61 -38.15 -86.32 2.11
N GLU A 62 -39.27 -86.20 1.42
CA GLU A 62 -39.77 -87.30 0.60
C GLU A 62 -40.44 -86.65 -0.61
N ASN A 63 -40.14 -87.12 -1.80
CA ASN A 63 -40.75 -86.54 -2.98
C ASN A 63 -41.04 -87.64 -3.94
N THR A 64 -41.72 -87.29 -5.03
CA THR A 64 -42.07 -88.28 -6.02
C THR A 64 -41.50 -88.06 -7.41
N LEU A 65 -40.91 -89.10 -7.95
CA LEU A 65 -40.37 -89.06 -9.29
C LEU A 65 -41.45 -89.65 -10.20
N ARG A 66 -41.67 -89.05 -11.37
CA ARG A 66 -42.67 -89.54 -12.30
C ARG A 66 -41.98 -89.92 -13.60
N ILE A 67 -42.16 -91.16 -14.03
CA ILE A 67 -41.55 -91.66 -15.26
C ILE A 67 -42.53 -91.55 -16.43
N LEU A 68 -42.12 -90.80 -17.44
CA LEU A 68 -42.96 -90.60 -18.60
C LEU A 68 -42.52 -91.39 -19.81
N ASP A 69 -43.51 -91.98 -20.47
CA ASP A 69 -43.33 -92.79 -21.66
C ASP A 69 -43.13 -91.86 -22.86
N ALA A 70 -41.93 -91.85 -23.42
CA ALA A 70 -41.67 -91.02 -24.58
C ALA A 70 -41.75 -91.91 -25.81
N THR A 71 -41.46 -93.19 -25.60
CA THR A 71 -41.50 -94.17 -26.68
C THR A 71 -42.90 -94.35 -27.22
N ASN A 72 -43.17 -93.72 -28.36
CA ASN A 72 -44.47 -93.80 -29.00
C ASN A 72 -44.79 -95.22 -29.45
N ASN A 73 -45.01 -96.12 -28.48
CA ASN A 73 -45.32 -97.51 -28.78
C ASN A 73 -44.41 -98.06 -29.90
N GLN A 74 -43.16 -97.62 -29.90
CA GLN A 74 -42.20 -98.05 -30.92
C GLN A 74 -41.41 -99.26 -30.43
N LEU A 75 -41.89 -99.84 -29.33
CA LEU A 75 -41.24 -101.01 -28.73
C LEU A 75 -42.02 -102.28 -29.03
N PRO A 76 -41.36 -103.44 -28.91
CA PRO A 76 -42.02 -104.72 -29.17
C PRO A 76 -43.27 -104.81 -28.28
N GLN A 77 -44.37 -105.34 -28.83
CA GLN A 77 -45.61 -105.45 -28.06
C GLN A 77 -45.96 -106.85 -27.56
N ASP A 78 -45.10 -107.82 -27.82
CA ASP A 78 -45.34 -109.19 -27.38
C ASP A 78 -44.56 -109.55 -26.11
N ARG A 79 -43.58 -108.72 -25.76
CA ARG A 79 -42.74 -109.00 -24.60
C ARG A 79 -42.36 -107.71 -23.92
N GLU A 80 -41.78 -107.83 -22.72
CA GLU A 80 -41.34 -106.65 -21.99
C GLU A 80 -40.00 -106.21 -22.59
N SER A 81 -39.69 -104.93 -22.44
CA SER A 81 -38.43 -104.42 -22.93
C SER A 81 -37.68 -103.96 -21.70
N LEU A 82 -36.39 -104.32 -21.61
CA LEU A 82 -35.58 -103.96 -20.45
C LEU A 82 -34.99 -102.56 -20.54
N PHE A 83 -35.13 -101.82 -19.44
CA PHE A 83 -34.58 -100.47 -19.33
C PHE A 83 -33.98 -100.27 -17.96
N TRP A 84 -33.17 -99.23 -17.80
CA TRP A 84 -32.55 -98.97 -16.52
C TRP A 84 -32.81 -97.56 -16.03
N MET A 85 -33.36 -97.50 -14.83
CA MET A 85 -33.72 -96.28 -14.14
C MET A 85 -32.55 -95.88 -13.22
N ASN A 86 -32.10 -94.64 -13.34
CA ASN A 86 -30.98 -94.12 -12.54
C ASN A 86 -31.37 -92.85 -11.80
N VAL A 87 -31.05 -92.80 -10.51
CA VAL A 87 -31.35 -91.64 -9.66
C VAL A 87 -30.04 -91.34 -8.93
N LYS A 88 -29.49 -90.19 -9.29
CA LYS A 88 -28.23 -89.69 -8.76
C LYS A 88 -28.44 -88.67 -7.67
N ALA A 89 -27.66 -88.77 -6.60
CA ALA A 89 -27.76 -87.81 -5.51
C ALA A 89 -26.52 -86.94 -5.52
N ILE A 90 -26.69 -85.72 -5.99
CA ILE A 90 -25.57 -84.79 -6.07
C ILE A 90 -25.40 -83.97 -4.79
N PRO A 91 -24.24 -84.10 -4.14
CA PRO A 91 -24.04 -83.32 -2.92
C PRO A 91 -23.82 -81.86 -3.29
N SER A 92 -23.07 -81.14 -2.46
CA SER A 92 -22.81 -79.73 -2.70
C SER A 92 -21.35 -79.48 -2.35
N MET A 93 -20.72 -78.52 -3.03
CA MET A 93 -19.31 -78.21 -2.78
C MET A 93 -19.08 -77.44 -1.49
N ASP A 94 -18.24 -77.99 -0.61
CA ASP A 94 -17.92 -77.33 0.65
C ASP A 94 -17.01 -76.16 0.32
N LYS A 95 -17.43 -74.96 0.67
CA LYS A 95 -16.60 -73.80 0.41
C LYS A 95 -15.56 -73.83 1.54
N SER A 96 -15.68 -74.87 2.36
CA SER A 96 -14.82 -75.10 3.51
C SER A 96 -13.54 -75.90 3.23
N LYS A 97 -13.62 -76.85 2.30
CA LYS A 97 -12.45 -77.67 1.96
C LYS A 97 -11.90 -77.25 0.61
N LEU A 98 -12.33 -76.08 0.17
CA LEU A 98 -11.94 -75.50 -1.13
C LEU A 98 -10.45 -75.51 -1.50
N THR A 99 -9.57 -75.17 -0.56
CA THR A 99 -8.12 -75.16 -0.83
C THR A 99 -7.49 -76.45 -0.33
N GLU A 100 -8.28 -77.52 -0.35
CA GLU A 100 -7.83 -78.82 0.09
C GLU A 100 -7.96 -79.87 -0.99
N ASN A 101 -7.25 -80.97 -0.80
CA ASN A 101 -7.31 -82.08 -1.74
C ASN A 101 -8.51 -82.88 -1.27
N THR A 102 -9.54 -82.93 -2.10
CA THR A 102 -10.76 -83.62 -1.74
C THR A 102 -11.30 -84.64 -2.73
N LEU A 103 -12.15 -85.51 -2.20
CA LEU A 103 -12.83 -86.53 -3.02
C LEU A 103 -14.29 -86.54 -2.64
N GLN A 104 -15.14 -86.35 -3.64
CA GLN A 104 -16.57 -86.39 -3.38
C GLN A 104 -17.21 -87.53 -4.13
N LEU A 105 -18.15 -88.20 -3.49
CA LEU A 105 -18.85 -89.28 -4.12
C LEU A 105 -20.27 -88.84 -4.41
N ALA A 106 -20.87 -89.43 -5.43
CA ALA A 106 -22.23 -89.15 -5.82
C ALA A 106 -22.89 -90.52 -5.92
N ILE A 107 -23.75 -90.83 -4.97
CA ILE A 107 -24.40 -92.12 -4.96
C ILE A 107 -25.52 -92.12 -5.98
N ILE A 108 -25.67 -93.24 -6.67
CA ILE A 108 -26.71 -93.38 -7.67
C ILE A 108 -27.42 -94.71 -7.44
N SER A 109 -28.74 -94.72 -7.63
CA SER A 109 -29.48 -95.98 -7.49
C SER A 109 -29.90 -96.29 -8.92
N ARG A 110 -29.62 -97.50 -9.38
CA ARG A 110 -29.96 -97.91 -10.73
C ARG A 110 -30.80 -99.19 -10.62
N ILE A 111 -32.05 -99.08 -11.08
CA ILE A 111 -32.96 -100.21 -11.02
C ILE A 111 -33.60 -100.53 -12.35
N LYS A 112 -34.03 -101.78 -12.51
CA LYS A 112 -34.66 -102.18 -13.74
C LYS A 112 -36.04 -101.53 -13.91
N LEU A 113 -36.38 -101.24 -15.15
CA LEU A 113 -37.65 -100.66 -15.47
C LEU A 113 -38.14 -101.50 -16.63
N TYR A 114 -39.27 -102.19 -16.46
CA TYR A 114 -39.77 -103.00 -17.56
C TYR A 114 -40.96 -102.31 -18.22
N TYR A 115 -40.94 -102.30 -19.55
CA TYR A 115 -42.03 -101.76 -20.31
C TYR A 115 -42.84 -103.05 -20.53
N ARG A 116 -44.00 -103.16 -19.91
CA ARG A 116 -44.81 -104.37 -20.06
C ARG A 116 -46.01 -104.15 -20.95
N PRO A 117 -45.93 -104.62 -22.21
CA PRO A 117 -47.05 -104.46 -23.14
C PRO A 117 -48.31 -104.95 -22.48
N ALA A 118 -49.18 -104.04 -22.07
CA ALA A 118 -50.42 -104.44 -21.41
C ALA A 118 -51.33 -105.08 -22.44
N LYS A 119 -51.25 -106.41 -22.57
CA LYS A 119 -52.05 -107.16 -23.54
C LYS A 119 -51.52 -108.59 -23.70
N LEU A 120 -50.73 -109.04 -22.72
CA LEU A 120 -50.16 -110.37 -22.78
C LEU A 120 -51.04 -111.41 -22.09
N ALA A 121 -50.97 -112.65 -22.58
CA ALA A 121 -51.78 -113.74 -22.04
C ALA A 121 -51.27 -114.24 -20.69
N LEU A 122 -50.15 -114.93 -20.72
CA LEU A 122 -49.57 -115.48 -19.51
C LEU A 122 -49.38 -114.44 -18.41
N PRO A 123 -50.17 -114.51 -17.35
CA PRO A 123 -50.07 -113.56 -16.24
C PRO A 123 -48.76 -113.73 -15.45
N PRO A 124 -48.04 -112.61 -15.20
CA PRO A 124 -46.77 -112.57 -14.48
C PRO A 124 -46.59 -113.58 -13.36
N ASP A 125 -47.63 -113.80 -12.56
CA ASP A 125 -47.56 -114.76 -11.47
C ASP A 125 -47.21 -116.15 -11.99
N GLN A 126 -47.73 -116.46 -13.18
CA GLN A 126 -47.57 -117.74 -13.83
C GLN A 126 -46.35 -117.82 -14.76
N ALA A 127 -45.26 -117.14 -14.42
CA ALA A 127 -44.07 -117.14 -15.27
C ALA A 127 -42.88 -117.98 -14.77
N ALA A 128 -42.55 -117.87 -13.49
CA ALA A 128 -41.42 -118.63 -12.95
C ALA A 128 -41.50 -120.13 -13.26
N GLU A 129 -42.70 -120.68 -13.16
CA GLU A 129 -42.93 -122.11 -13.42
C GLU A 129 -42.49 -122.50 -14.82
N LYS A 130 -42.81 -121.65 -15.80
CA LYS A 130 -42.48 -121.91 -17.20
C LYS A 130 -40.99 -122.02 -17.45
N LEU A 131 -40.18 -121.83 -16.41
CA LEU A 131 -38.74 -121.89 -16.55
C LEU A 131 -38.18 -123.30 -16.68
N ARG A 132 -37.74 -123.66 -17.87
CA ARG A 132 -37.17 -124.98 -18.09
C ARG A 132 -35.65 -124.88 -18.04
N PHE A 133 -34.95 -125.96 -18.33
CA PHE A 133 -33.50 -125.96 -18.31
C PHE A 133 -32.81 -126.78 -19.41
N ARG A 134 -31.53 -127.06 -19.18
CA ARG A 134 -30.69 -127.82 -20.09
C ARG A 134 -29.34 -127.88 -19.40
N ARG A 135 -29.17 -128.92 -18.58
CA ARG A 135 -27.94 -129.06 -17.80
C ARG A 135 -26.89 -130.05 -18.31
N SER A 136 -25.73 -129.52 -18.68
CA SER A 136 -24.62 -130.35 -19.15
C SER A 136 -23.71 -130.61 -17.94
N ALA A 137 -22.41 -130.59 -18.15
CA ALA A 137 -21.45 -130.81 -17.07
C ALA A 137 -20.66 -129.52 -16.89
N ASN A 138 -21.15 -128.46 -17.52
CA ASN A 138 -20.51 -127.15 -17.47
C ASN A 138 -21.37 -126.03 -18.03
N SER A 139 -22.38 -126.39 -18.82
CA SER A 139 -23.23 -125.37 -19.43
C SER A 139 -24.74 -125.50 -19.20
N LEU A 140 -25.20 -125.15 -18.00
CA LEU A 140 -26.62 -125.19 -17.68
C LEU A 140 -27.23 -123.95 -18.35
N THR A 141 -28.26 -124.15 -19.15
CA THR A 141 -28.86 -123.04 -19.88
C THR A 141 -30.29 -122.67 -19.51
N LEU A 142 -30.45 -121.72 -18.59
CA LEU A 142 -31.77 -121.25 -18.18
C LEU A 142 -32.54 -120.91 -19.47
N ILE A 143 -33.78 -121.36 -19.56
CA ILE A 143 -34.58 -121.10 -20.75
C ILE A 143 -35.95 -120.55 -20.39
N ASN A 144 -36.23 -119.32 -20.83
CA ASN A 144 -37.49 -118.65 -20.55
C ASN A 144 -38.28 -118.37 -21.82
N PRO A 145 -39.44 -119.04 -21.99
CA PRO A 145 -40.33 -118.91 -23.14
C PRO A 145 -41.45 -117.89 -22.95
N THR A 146 -41.61 -117.39 -21.74
CA THR A 146 -42.64 -116.41 -21.43
C THR A 146 -42.27 -115.07 -22.03
N PRO A 147 -43.06 -114.01 -21.76
CA PRO A 147 -42.69 -112.71 -22.33
C PRO A 147 -42.22 -111.75 -21.23
N TYR A 148 -41.73 -112.29 -20.13
CA TYR A 148 -41.24 -111.46 -19.03
C TYR A 148 -39.79 -111.75 -18.69
N TYR A 149 -39.09 -110.75 -18.18
CA TYR A 149 -37.71 -110.96 -17.79
C TYR A 149 -37.71 -111.77 -16.49
N LEU A 150 -36.99 -112.88 -16.47
CA LEU A 150 -36.96 -113.68 -15.28
C LEU A 150 -35.69 -113.41 -14.50
N THR A 151 -35.85 -112.90 -13.29
CA THR A 151 -34.71 -112.65 -12.45
C THR A 151 -34.52 -113.88 -11.57
N VAL A 152 -33.84 -114.87 -12.12
CA VAL A 152 -33.56 -116.11 -11.41
C VAL A 152 -32.49 -115.91 -10.36
N THR A 153 -32.81 -116.21 -9.12
CA THR A 153 -31.87 -116.07 -8.02
C THR A 153 -31.93 -117.36 -7.17
N GLU A 154 -30.98 -117.51 -6.26
CA GLU A 154 -30.88 -118.69 -5.39
C GLU A 154 -30.96 -119.99 -6.20
N LEU A 155 -30.26 -120.02 -7.32
CA LEU A 155 -30.24 -121.18 -8.19
C LEU A 155 -29.28 -122.20 -7.60
N ASN A 156 -29.60 -123.49 -7.76
CA ASN A 156 -28.74 -124.54 -7.22
C ASN A 156 -28.81 -125.82 -8.04
N ALA A 157 -27.64 -126.41 -8.27
CA ALA A 157 -27.54 -127.66 -9.03
C ALA A 157 -27.91 -128.80 -8.09
N GLY A 158 -28.83 -128.49 -7.18
CA GLY A 158 -29.28 -129.46 -6.20
C GLY A 158 -28.72 -129.12 -4.84
N THR A 159 -27.39 -129.10 -4.75
CA THR A 159 -26.68 -128.79 -3.52
C THR A 159 -25.79 -127.60 -3.76
N ARG A 160 -25.08 -127.64 -4.89
CA ARG A 160 -24.17 -126.57 -5.27
C ARG A 160 -24.97 -125.30 -5.53
N VAL A 161 -24.45 -124.17 -5.05
CA VAL A 161 -25.10 -122.88 -5.25
C VAL A 161 -24.46 -122.18 -6.44
N LEU A 162 -25.28 -121.68 -7.35
CA LEU A 162 -24.76 -121.00 -8.54
C LEU A 162 -24.84 -119.48 -8.49
N GLU A 163 -24.69 -118.88 -9.66
CA GLU A 163 -24.73 -117.43 -9.80
C GLU A 163 -26.05 -117.00 -10.43
N ASN A 164 -26.66 -115.97 -9.85
CA ASN A 164 -27.94 -115.45 -10.32
C ASN A 164 -27.99 -115.21 -11.81
N ALA A 165 -29.19 -115.21 -12.38
CA ALA A 165 -29.31 -115.00 -13.81
C ALA A 165 -30.53 -114.17 -14.12
N LEU A 166 -30.48 -113.50 -15.27
CA LEU A 166 -31.55 -112.67 -15.75
C LEU A 166 -31.91 -113.25 -17.09
N VAL A 167 -33.03 -113.96 -17.17
CA VAL A 167 -33.39 -114.58 -18.42
C VAL A 167 -34.42 -113.81 -19.20
N PRO A 168 -34.01 -113.28 -20.35
CA PRO A 168 -34.82 -112.48 -21.27
C PRO A 168 -36.05 -113.19 -21.80
N PRO A 169 -37.10 -112.43 -22.14
CA PRO A 169 -38.37 -112.93 -22.68
C PRO A 169 -38.14 -113.78 -23.92
N MET A 170 -38.85 -114.89 -24.04
CA MET A 170 -38.70 -115.76 -25.19
C MET A 170 -37.23 -115.89 -25.58
N GLY A 171 -36.38 -115.95 -24.56
CA GLY A 171 -34.95 -116.09 -24.79
C GLY A 171 -34.35 -117.05 -23.78
N GLU A 172 -33.04 -116.99 -23.62
CA GLU A 172 -32.36 -117.88 -22.69
C GLU A 172 -30.97 -117.39 -22.29
N SER A 173 -30.45 -117.96 -21.21
CA SER A 173 -29.15 -117.59 -20.69
C SER A 173 -28.47 -118.85 -20.15
N THR A 174 -27.16 -118.92 -20.27
CA THR A 174 -26.43 -120.08 -19.77
C THR A 174 -25.51 -119.72 -18.61
N VAL A 175 -25.78 -120.30 -17.44
CA VAL A 175 -24.95 -120.08 -16.27
C VAL A 175 -23.95 -121.22 -16.22
N LYS A 176 -22.69 -120.89 -15.97
CA LYS A 176 -21.63 -121.91 -15.91
C LYS A 176 -22.01 -123.02 -14.94
N LEU A 177 -22.19 -124.23 -15.47
CA LEU A 177 -22.55 -125.42 -14.70
C LEU A 177 -21.26 -126.02 -14.10
N PRO A 178 -21.10 -125.93 -12.77
CA PRO A 178 -19.95 -126.40 -11.98
C PRO A 178 -19.61 -127.89 -11.99
N SER A 179 -20.58 -128.74 -12.35
CA SER A 179 -20.39 -130.19 -12.36
C SER A 179 -20.51 -130.86 -10.98
N ASP A 180 -20.43 -130.04 -9.92
CA ASP A 180 -20.61 -130.52 -8.54
C ASP A 180 -22.13 -130.62 -8.48
N ALA A 181 -22.64 -130.90 -9.68
CA ALA A 181 -24.03 -131.03 -10.08
C ALA A 181 -25.01 -131.79 -9.20
N GLY A 182 -26.01 -132.29 -9.92
CA GLY A 182 -27.12 -133.07 -9.38
C GLY A 182 -28.10 -133.18 -10.54
N SER A 183 -29.13 -132.35 -10.48
CA SER A 183 -30.18 -132.28 -11.49
C SER A 183 -31.34 -131.79 -10.67
N ASN A 184 -31.11 -131.77 -9.36
CA ASN A 184 -32.08 -131.29 -8.40
C ASN A 184 -32.04 -129.77 -8.50
N ILE A 185 -32.00 -129.30 -9.74
CA ILE A 185 -31.95 -127.87 -9.99
C ILE A 185 -33.05 -127.17 -9.19
N THR A 186 -32.64 -126.16 -8.42
CA THR A 186 -33.56 -125.42 -7.57
C THR A 186 -33.40 -123.91 -7.73
N TYR A 187 -34.52 -123.20 -7.72
CA TYR A 187 -34.46 -121.75 -7.90
C TYR A 187 -35.69 -121.02 -7.43
N ARG A 188 -35.50 -119.75 -7.10
CA ARG A 188 -36.58 -118.86 -6.69
C ARG A 188 -36.41 -117.67 -7.64
N THR A 189 -37.37 -116.77 -7.73
CA THR A 189 -37.16 -115.61 -8.60
C THR A 189 -37.57 -114.32 -7.91
N ILE A 190 -37.51 -113.21 -8.64
CA ILE A 190 -37.87 -111.94 -8.06
C ILE A 190 -39.04 -111.34 -8.82
N ASN A 191 -40.15 -111.19 -8.12
CA ASN A 191 -41.36 -110.65 -8.73
C ASN A 191 -41.44 -109.13 -8.72
N ASP A 192 -42.45 -108.65 -9.44
CA ASP A 192 -42.73 -107.24 -9.60
C ASP A 192 -42.61 -106.43 -8.33
N TYR A 193 -42.61 -107.08 -7.17
CA TYR A 193 -42.54 -106.34 -5.93
C TYR A 193 -41.19 -106.52 -5.29
N GLY A 194 -40.27 -107.04 -6.08
CA GLY A 194 -38.92 -107.25 -5.62
C GLY A 194 -38.96 -108.24 -4.49
N ALA A 195 -39.94 -109.15 -4.60
CA ALA A 195 -40.14 -110.20 -3.60
C ALA A 195 -39.76 -111.55 -4.18
N LEU A 196 -39.18 -112.41 -3.34
CA LEU A 196 -38.76 -113.75 -3.74
C LEU A 196 -39.95 -114.65 -3.92
N THR A 197 -40.07 -115.27 -5.08
CA THR A 197 -41.18 -116.18 -5.30
C THR A 197 -40.81 -117.45 -4.54
N PRO A 198 -41.75 -118.39 -4.41
CA PRO A 198 -41.45 -119.63 -3.69
C PRO A 198 -40.53 -120.55 -4.48
N LYS A 199 -39.63 -121.23 -3.76
CA LYS A 199 -38.67 -122.16 -4.34
C LYS A 199 -39.37 -123.20 -5.22
N MET A 200 -38.87 -123.40 -6.43
CA MET A 200 -39.45 -124.37 -7.34
C MET A 200 -38.36 -125.31 -7.80
N THR A 201 -38.76 -126.45 -8.37
CA THR A 201 -37.80 -127.44 -8.82
C THR A 201 -37.46 -127.36 -10.30
N GLY A 202 -36.17 -127.44 -10.60
CA GLY A 202 -35.71 -127.38 -11.97
C GLY A 202 -36.36 -128.47 -12.81
N VAL A 203 -36.82 -128.08 -14.00
CA VAL A 203 -37.49 -129.01 -14.90
C VAL A 203 -36.88 -128.98 -16.30
N MET A 204 -35.70 -129.57 -16.45
CA MET A 204 -34.98 -129.61 -17.73
C MET A 204 -35.90 -129.87 -18.92
N GLU A 205 -35.76 -129.08 -19.97
CA GLU A 205 -36.58 -129.26 -21.17
C GLU A 205 -35.89 -130.25 -22.08
N PHE B 1 -81.46 -105.11 19.94
CA PHE B 1 -80.21 -104.66 19.27
C PHE B 1 -79.60 -105.86 18.56
N ALA B 2 -79.40 -105.71 17.25
CA ALA B 2 -78.82 -106.78 16.45
C ALA B 2 -77.97 -106.18 15.33
N CYS B 3 -77.02 -106.96 14.80
CA CYS B 3 -76.18 -106.45 13.74
C CYS B 3 -76.11 -107.44 12.59
N LYS B 4 -75.70 -106.98 11.42
CA LYS B 4 -75.58 -107.85 10.26
C LYS B 4 -74.37 -107.45 9.43
N THR B 5 -73.94 -108.40 8.63
CA THR B 5 -72.79 -108.23 7.78
C THR B 5 -73.29 -107.97 6.37
N ALA B 6 -72.66 -107.00 5.71
CA ALA B 6 -73.03 -106.63 4.34
C ALA B 6 -73.01 -107.83 3.44
N ASN B 7 -72.21 -108.83 3.82
CA ASN B 7 -72.09 -110.04 3.02
C ASN B 7 -73.33 -110.89 3.16
N GLY B 8 -73.89 -110.90 4.37
CA GLY B 8 -75.09 -111.66 4.63
C GLY B 8 -75.32 -111.98 6.11
N THR B 9 -74.29 -112.51 6.78
CA THR B 9 -74.36 -112.93 8.18
C THR B 9 -74.81 -111.96 9.27
N ALA B 10 -75.52 -112.49 10.26
CA ALA B 10 -76.06 -111.71 11.37
C ALA B 10 -75.70 -112.27 12.72
N ILE B 11 -75.76 -111.41 13.73
CA ILE B 11 -75.53 -111.81 15.10
C ILE B 11 -76.78 -111.27 15.75
N PRO B 12 -77.58 -112.15 16.32
CA PRO B 12 -78.84 -111.75 16.95
C PRO B 12 -78.76 -111.11 18.32
N ILE B 13 -79.95 -110.73 18.82
CA ILE B 13 -80.16 -110.13 20.14
C ILE B 13 -79.48 -111.04 21.16
N GLY B 14 -78.67 -110.48 22.05
CA GLY B 14 -77.99 -111.29 23.04
C GLY B 14 -76.52 -111.51 22.70
N GLY B 15 -76.14 -111.11 21.49
CA GLY B 15 -74.74 -111.25 21.09
C GLY B 15 -74.38 -112.56 20.42
N GLY B 16 -73.11 -112.66 20.04
CA GLY B 16 -72.62 -113.84 19.36
C GLY B 16 -71.44 -113.43 18.50
N SER B 17 -71.18 -114.14 17.43
CA SER B 17 -70.03 -113.76 16.63
C SER B 17 -70.20 -114.03 15.16
N ALA B 18 -69.45 -113.30 14.34
CA ALA B 18 -69.52 -113.52 12.90
C ALA B 18 -68.24 -113.18 12.20
N ASN B 19 -68.08 -113.75 11.02
CA ASN B 19 -66.92 -113.53 10.18
C ASN B 19 -67.18 -112.34 9.29
N VAL B 20 -66.16 -111.52 9.07
CA VAL B 20 -66.30 -110.41 8.14
C VAL B 20 -65.16 -110.53 7.13
N TYR B 21 -65.51 -110.83 5.88
CA TYR B 21 -64.53 -111.01 4.80
C TYR B 21 -64.21 -109.73 3.99
N VAL B 22 -62.95 -109.30 4.04
CA VAL B 22 -62.53 -108.06 3.37
C VAL B 22 -61.49 -108.15 2.28
N ASN B 23 -61.73 -107.46 1.17
CA ASN B 23 -60.77 -107.39 0.07
C ASN B 23 -59.93 -106.15 0.37
N LEU B 24 -58.62 -106.31 0.46
CA LEU B 24 -57.73 -105.20 0.77
C LEU B 24 -56.88 -104.74 -0.41
N ALA B 25 -56.37 -103.50 -0.36
CA ALA B 25 -55.50 -102.99 -1.42
C ALA B 25 -54.40 -104.04 -1.63
N PRO B 26 -54.19 -104.50 -2.85
CA PRO B 26 -53.18 -105.52 -3.13
C PRO B 26 -51.71 -105.17 -2.80
N VAL B 27 -51.41 -103.89 -2.85
CA VAL B 27 -50.07 -103.37 -2.62
C VAL B 27 -50.08 -102.16 -1.72
N VAL B 28 -49.15 -102.12 -0.78
CA VAL B 28 -49.05 -100.99 0.13
C VAL B 28 -47.55 -100.82 0.38
N ASN B 29 -47.09 -99.58 0.40
CA ASN B 29 -45.67 -99.32 0.59
C ASN B 29 -45.38 -98.96 2.02
N VAL B 30 -44.13 -99.18 2.40
CA VAL B 30 -43.71 -98.84 3.74
C VAL B 30 -44.07 -97.37 3.82
N GLY B 31 -44.51 -96.93 5.00
CA GLY B 31 -44.87 -95.52 5.16
C GLY B 31 -46.33 -95.20 4.87
N GLN B 32 -46.95 -95.93 3.94
CA GLN B 32 -48.34 -95.69 3.60
C GLN B 32 -49.35 -96.32 4.57
N ASN B 33 -50.63 -96.07 4.29
CA ASN B 33 -51.72 -96.60 5.11
C ASN B 33 -52.57 -97.64 4.38
N LEU B 34 -52.80 -98.75 5.05
CA LEU B 34 -53.68 -99.77 4.53
C LEU B 34 -54.94 -99.45 5.33
N VAL B 35 -56.06 -99.31 4.65
CA VAL B 35 -57.27 -98.98 5.36
C VAL B 35 -58.33 -100.06 5.26
N VAL B 36 -58.77 -100.53 6.42
CA VAL B 36 -59.82 -101.54 6.46
C VAL B 36 -61.00 -100.84 7.08
N ASP B 37 -61.96 -100.49 6.24
CA ASP B 37 -63.14 -99.78 6.74
C ASP B 37 -64.31 -100.72 6.96
N LEU B 38 -64.60 -101.02 8.21
CA LEU B 38 -65.70 -101.94 8.52
C LEU B 38 -67.08 -101.30 8.53
N SER B 39 -67.10 -99.98 8.67
CA SER B 39 -68.34 -99.19 8.66
C SER B 39 -69.03 -99.46 7.34
N THR B 40 -68.30 -100.07 6.44
CA THR B 40 -68.87 -100.39 5.16
C THR B 40 -69.37 -101.82 5.17
N GLN B 41 -69.02 -102.57 6.20
CA GLN B 41 -69.42 -103.97 6.24
C GLN B 41 -70.17 -104.46 7.47
N ILE B 42 -70.27 -103.61 8.50
CA ILE B 42 -70.96 -104.01 9.72
C ILE B 42 -72.03 -102.99 10.13
N PHE B 43 -73.28 -103.46 10.18
CA PHE B 43 -74.42 -102.62 10.54
C PHE B 43 -75.23 -103.11 11.71
N CYS B 44 -75.70 -102.17 12.52
CA CYS B 44 -76.52 -102.52 13.67
C CYS B 44 -77.77 -101.61 13.71
N HIS B 45 -78.72 -101.95 14.57
CA HIS B 45 -79.93 -101.17 14.70
C HIS B 45 -80.49 -101.42 16.07
N ASN B 46 -81.31 -100.48 16.53
CA ASN B 46 -81.98 -100.54 17.84
C ASN B 46 -83.29 -101.26 17.54
N ASP B 47 -83.74 -102.16 18.41
CA ASP B 47 -85.00 -102.86 18.13
C ASP B 47 -86.22 -102.15 18.72
N TYR B 48 -85.99 -101.37 19.76
CA TYR B 48 -87.07 -100.64 20.40
C TYR B 48 -86.60 -99.22 20.69
N PRO B 49 -86.35 -98.44 19.63
CA PRO B 49 -85.87 -97.06 19.71
C PRO B 49 -86.68 -96.14 20.62
N GLU B 50 -87.99 -96.01 20.34
CA GLU B 50 -88.89 -95.14 21.11
C GLU B 50 -88.83 -95.23 22.64
N THR B 51 -88.35 -96.33 23.19
CA THR B 51 -88.32 -96.45 24.65
C THR B 51 -86.96 -96.90 25.17
N ILE B 52 -86.10 -97.36 24.27
CA ILE B 52 -84.80 -97.81 24.69
C ILE B 52 -83.70 -97.19 23.86
N THR B 53 -82.64 -96.77 24.54
CA THR B 53 -81.49 -96.18 23.86
C THR B 53 -80.31 -97.13 24.00
N ASP B 54 -79.75 -97.53 22.85
CA ASP B 54 -78.62 -98.45 22.83
C ASP B 54 -77.26 -97.75 22.75
N TYR B 55 -76.30 -98.31 23.49
CA TYR B 55 -74.91 -97.81 23.56
C TYR B 55 -73.92 -98.83 23.00
N VAL B 56 -73.31 -98.50 21.86
CA VAL B 56 -72.34 -99.36 21.23
C VAL B 56 -70.91 -98.88 21.46
N THR B 57 -70.03 -99.79 21.83
CA THR B 57 -68.66 -99.45 22.16
C THR B 57 -67.66 -100.44 21.52
N LEU B 58 -66.42 -99.99 21.26
CA LEU B 58 -65.41 -100.90 20.72
C LEU B 58 -64.63 -101.46 21.92
N GLN B 59 -65.20 -102.49 22.55
CA GLN B 59 -64.66 -103.16 23.73
C GLN B 59 -63.18 -103.52 23.63
N ARG B 60 -62.79 -104.14 22.52
CA ARG B 60 -61.42 -104.57 22.29
C ARG B 60 -61.15 -104.73 20.79
N GLY B 61 -59.88 -104.59 20.41
CA GLY B 61 -59.49 -104.71 19.01
C GLY B 61 -58.18 -105.46 19.05
N SER B 62 -58.09 -106.56 18.31
CA SER B 62 -56.87 -107.35 18.33
C SER B 62 -56.39 -107.73 16.96
N ALA B 63 -55.06 -107.77 16.82
CA ALA B 63 -54.42 -108.09 15.55
C ALA B 63 -53.93 -109.54 15.49
N TYR B 64 -53.88 -110.08 14.28
CA TYR B 64 -53.44 -111.45 14.05
C TYR B 64 -52.60 -111.59 12.78
N GLY B 65 -51.82 -112.66 12.73
CA GLY B 65 -50.98 -112.92 11.58
C GLY B 65 -50.15 -111.72 11.17
N GLY B 66 -50.11 -111.48 9.86
CA GLY B 66 -49.34 -110.38 9.33
C GLY B 66 -49.63 -109.05 9.99
N VAL B 67 -50.90 -108.73 10.14
CA VAL B 67 -51.25 -107.46 10.75
C VAL B 67 -50.48 -107.23 12.03
N LEU B 68 -50.30 -108.30 12.78
CA LEU B 68 -49.62 -108.25 14.08
C LEU B 68 -48.10 -108.11 13.99
N SER B 69 -47.50 -108.70 12.98
CA SER B 69 -46.06 -108.65 12.86
C SER B 69 -45.50 -107.62 11.90
N ASN B 70 -46.30 -107.21 10.92
CA ASN B 70 -45.83 -106.26 9.91
C ASN B 70 -46.42 -104.86 9.94
N PHE B 71 -47.29 -104.57 10.89
CA PHE B 71 -47.89 -103.25 10.88
C PHE B 71 -47.93 -102.59 12.24
N SER B 72 -48.15 -101.28 12.21
CA SER B 72 -48.30 -100.47 13.40
C SER B 72 -49.55 -99.71 13.02
N GLY B 73 -50.48 -99.54 13.94
CA GLY B 73 -51.66 -98.84 13.49
C GLY B 73 -52.61 -98.30 14.51
N THR B 74 -53.63 -97.62 13.99
CA THR B 74 -54.63 -97.04 14.85
C THR B 74 -55.99 -97.53 14.43
N VAL B 75 -56.96 -97.31 15.32
CA VAL B 75 -58.34 -97.68 15.05
C VAL B 75 -59.14 -96.40 15.17
N LYS B 76 -59.86 -96.05 14.13
CA LYS B 76 -60.69 -94.86 14.16
C LYS B 76 -62.13 -95.26 14.47
N TYR B 77 -62.58 -94.97 15.69
CA TYR B 77 -63.93 -95.30 16.09
C TYR B 77 -64.83 -94.09 16.28
N SER B 78 -65.70 -93.83 15.30
CA SER B 78 -66.63 -92.72 15.43
C SER B 78 -65.90 -91.38 15.51
N GLY B 79 -65.05 -91.09 14.54
CA GLY B 79 -64.36 -89.81 14.57
C GLY B 79 -63.04 -89.72 15.32
N SER B 80 -62.85 -90.53 16.36
CA SER B 80 -61.61 -90.52 17.13
C SER B 80 -60.69 -91.71 16.83
N SER B 81 -59.41 -91.58 17.17
CA SER B 81 -58.45 -92.66 16.92
C SER B 81 -57.82 -93.20 18.19
N TYR B 82 -57.46 -94.46 18.14
CA TYR B 82 -56.86 -95.11 19.28
C TYR B 82 -55.84 -96.13 18.79
N PRO B 83 -54.93 -96.51 19.68
CA PRO B 83 -53.87 -97.48 19.38
C PRO B 83 -54.45 -98.85 19.07
N PHE B 84 -54.00 -99.45 17.98
CA PHE B 84 -54.46 -100.78 17.59
C PHE B 84 -53.24 -101.68 17.37
N PRO B 85 -53.19 -102.86 18.03
CA PRO B 85 -54.15 -103.44 18.99
C PRO B 85 -54.64 -102.42 20.01
N THR B 86 -55.88 -102.55 20.43
CA THR B 86 -56.43 -101.60 21.40
C THR B 86 -55.93 -101.86 22.80
N THR B 87 -56.03 -100.84 23.64
CA THR B 87 -55.55 -100.93 25.03
C THR B 87 -56.61 -100.56 26.07
N SER B 88 -57.74 -100.03 25.62
CA SER B 88 -58.81 -99.63 26.52
C SER B 88 -60.16 -99.71 25.82
N GLU B 89 -61.23 -99.85 26.58
CA GLU B 89 -62.55 -99.88 25.98
C GLU B 89 -62.85 -98.46 25.57
N THR B 90 -63.23 -98.32 24.31
CA THR B 90 -63.53 -97.05 23.69
C THR B 90 -64.76 -96.37 24.26
N PRO B 91 -64.98 -95.08 23.91
CA PRO B 91 -66.15 -94.33 24.38
C PRO B 91 -67.39 -94.90 23.69
N ARG B 92 -68.58 -94.63 24.23
CA ARG B 92 -69.81 -95.18 23.65
C ARG B 92 -70.59 -94.33 22.66
N VAL B 93 -70.98 -94.96 21.54
CA VAL B 93 -71.77 -94.33 20.48
C VAL B 93 -73.21 -94.80 20.70
N VAL B 94 -74.20 -94.00 20.31
CA VAL B 94 -75.58 -94.43 20.51
C VAL B 94 -76.32 -94.78 19.24
N TYR B 95 -77.13 -95.82 19.37
CA TYR B 95 -77.97 -96.31 18.29
C TYR B 95 -79.41 -96.14 18.75
N ASN B 96 -80.19 -95.41 17.94
CA ASN B 96 -81.58 -95.15 18.23
C ASN B 96 -82.44 -95.17 16.98
N SER B 97 -82.49 -96.31 16.32
CA SER B 97 -83.30 -96.41 15.14
C SER B 97 -83.33 -97.86 14.69
N ARG B 98 -84.48 -98.30 14.19
CA ARG B 98 -84.61 -99.66 13.72
C ARG B 98 -83.86 -99.72 12.40
N THR B 99 -83.49 -98.56 11.89
CA THR B 99 -82.77 -98.51 10.63
C THR B 99 -81.29 -98.87 10.82
N ASP B 100 -80.80 -99.78 9.99
CA ASP B 100 -79.41 -100.21 10.07
C ASP B 100 -78.43 -99.07 9.85
N LYS B 101 -77.73 -98.71 10.91
CA LYS B 101 -76.72 -97.67 10.89
C LYS B 101 -75.38 -98.40 10.87
N PRO B 102 -74.31 -97.76 10.35
CA PRO B 102 -73.01 -98.43 10.32
C PRO B 102 -72.33 -98.41 11.68
N TRP B 103 -71.35 -99.27 11.85
CA TRP B 103 -70.57 -99.31 13.08
C TRP B 103 -69.26 -98.67 12.56
N PRO B 104 -69.07 -97.37 12.84
CA PRO B 104 -67.95 -96.54 12.45
C PRO B 104 -66.61 -96.98 13.02
N VAL B 105 -66.03 -98.00 12.39
CA VAL B 105 -64.76 -98.55 12.80
C VAL B 105 -63.94 -98.73 11.56
N ALA B 106 -62.68 -98.29 11.64
CA ALA B 106 -61.76 -98.45 10.52
C ALA B 106 -60.37 -98.65 11.08
N LEU B 107 -59.64 -99.56 10.42
CA LEU B 107 -58.27 -99.89 10.78
C LEU B 107 -57.36 -99.13 9.83
N TYR B 108 -56.39 -98.43 10.40
CA TYR B 108 -55.40 -97.68 9.62
C TYR B 108 -54.07 -98.37 9.90
N LEU B 109 -53.61 -99.13 8.93
CA LEU B 109 -52.39 -99.91 9.09
C LEU B 109 -51.25 -99.51 8.17
N THR B 110 -50.08 -99.26 8.75
CA THR B 110 -48.88 -98.89 7.99
C THR B 110 -47.79 -99.94 8.15
N PRO B 111 -47.33 -100.50 7.01
CA PRO B 111 -46.29 -101.53 7.03
C PRO B 111 -45.01 -101.01 7.64
N VAL B 112 -44.27 -101.90 8.28
CA VAL B 112 -43.00 -101.52 8.88
C VAL B 112 -41.92 -101.72 7.83
N SER B 113 -40.81 -101.00 7.99
CA SER B 113 -39.72 -101.09 7.03
C SER B 113 -39.28 -102.54 6.81
N SER B 114 -39.45 -103.37 7.82
CA SER B 114 -39.03 -104.76 7.73
C SER B 114 -40.06 -105.67 7.06
N ALA B 115 -41.21 -105.11 6.71
CA ALA B 115 -42.25 -105.89 6.08
C ALA B 115 -41.77 -106.58 4.79
N GLY B 116 -41.94 -107.91 4.75
CA GLY B 116 -41.52 -108.71 3.60
C GLY B 116 -42.10 -108.31 2.25
N GLY B 117 -42.76 -109.27 1.62
CA GLY B 117 -43.39 -109.02 0.33
C GLY B 117 -44.87 -109.16 0.65
N VAL B 118 -45.26 -110.38 1.02
CA VAL B 118 -46.63 -110.68 1.41
C VAL B 118 -46.76 -110.42 2.92
N ALA B 119 -47.25 -109.26 3.31
CA ALA B 119 -47.39 -108.94 4.73
C ALA B 119 -48.70 -109.45 5.34
N ILE B 120 -49.64 -109.91 4.51
CA ILE B 120 -50.91 -110.45 4.96
C ILE B 120 -51.38 -111.56 4.00
N LYS B 121 -51.53 -112.78 4.50
CA LYS B 121 -51.96 -113.86 3.64
C LYS B 121 -53.46 -113.88 3.28
N ALA B 122 -53.72 -114.27 2.05
CA ALA B 122 -55.07 -114.39 1.57
C ALA B 122 -55.72 -115.47 2.46
N GLY B 123 -56.89 -115.16 3.00
CA GLY B 123 -57.61 -116.11 3.84
C GLY B 123 -57.25 -116.10 5.31
N SER B 124 -56.35 -115.22 5.72
CA SER B 124 -55.93 -115.18 7.11
C SER B 124 -56.76 -114.32 8.07
N LEU B 125 -56.72 -114.71 9.35
CA LEU B 125 -57.42 -113.94 10.35
C LEU B 125 -56.56 -112.72 10.50
N ILE B 126 -57.13 -111.59 10.17
CA ILE B 126 -56.41 -110.34 10.24
C ILE B 126 -56.69 -109.58 11.52
N ALA B 127 -57.92 -109.71 12.04
CA ALA B 127 -58.30 -109.01 13.27
C ALA B 127 -59.58 -109.52 13.91
N VAL B 128 -59.71 -109.28 15.20
CA VAL B 128 -60.92 -109.65 15.91
C VAL B 128 -61.40 -108.38 16.62
N LEU B 129 -62.63 -107.94 16.33
CA LEU B 129 -63.17 -106.73 16.93
C LEU B 129 -64.38 -107.03 17.78
N ILE B 130 -64.33 -106.59 19.04
CA ILE B 130 -65.42 -106.83 19.95
C ILE B 130 -66.29 -105.61 20.19
N LEU B 131 -67.54 -105.75 19.77
CA LEU B 131 -68.55 -104.72 19.89
C LEU B 131 -69.31 -105.00 21.16
N ARG B 132 -69.36 -104.03 22.07
CA ARG B 132 -70.07 -104.18 23.33
C ARG B 132 -71.26 -103.24 23.38
N GLN B 133 -72.45 -103.82 23.55
CA GLN B 133 -73.69 -103.07 23.56
C GLN B 133 -74.48 -103.19 24.85
N THR B 134 -74.82 -102.04 25.41
CA THR B 134 -75.62 -101.93 26.62
C THR B 134 -76.78 -100.99 26.31
N ASN B 135 -77.48 -100.51 27.34
CA ASN B 135 -78.60 -99.62 27.09
C ASN B 135 -79.01 -98.86 28.33
N ASN B 136 -79.92 -97.92 28.17
CA ASN B 136 -80.44 -97.13 29.27
C ASN B 136 -81.74 -97.73 29.73
N TYR B 137 -81.84 -99.05 29.67
CA TYR B 137 -83.06 -99.74 30.06
C TYR B 137 -82.86 -100.81 31.11
N ASN B 138 -81.81 -101.60 31.00
CA ASN B 138 -81.56 -102.65 31.99
C ASN B 138 -80.10 -103.07 32.07
N SER B 139 -79.85 -104.24 32.66
CA SER B 139 -78.48 -104.71 32.80
C SER B 139 -77.90 -105.47 31.60
N ASP B 140 -78.50 -105.29 30.43
CA ASP B 140 -78.04 -105.95 29.21
C ASP B 140 -76.62 -105.48 28.81
N ASP B 141 -75.71 -106.45 28.75
CA ASP B 141 -74.32 -106.18 28.38
C ASP B 141 -73.92 -107.34 27.46
N PHE B 142 -74.12 -107.17 26.16
CA PHE B 142 -73.83 -108.23 25.20
C PHE B 142 -72.62 -107.92 24.34
N GLN B 143 -71.97 -108.97 23.86
CA GLN B 143 -70.79 -108.79 23.03
C GLN B 143 -70.98 -109.37 21.65
N PHE B 144 -70.67 -108.57 20.64
CA PHE B 144 -70.78 -108.98 19.26
C PHE B 144 -69.35 -109.07 18.75
N VAL B 145 -68.90 -110.30 18.51
CA VAL B 145 -67.55 -110.52 18.06
C VAL B 145 -67.41 -110.63 16.56
N TRP B 146 -66.57 -109.79 15.99
CA TRP B 146 -66.34 -109.80 14.54
C TRP B 146 -64.94 -110.34 14.22
N ASN B 147 -64.89 -111.41 13.44
CA ASN B 147 -63.61 -112.01 13.05
C ASN B 147 -63.33 -111.55 11.64
N ILE B 148 -62.35 -110.66 11.51
CA ILE B 148 -62.00 -110.10 10.20
C ILE B 148 -60.98 -110.92 9.42
N TYR B 149 -61.39 -111.49 8.30
CA TYR B 149 -60.47 -112.26 7.46
C TYR B 149 -60.13 -111.48 6.18
N ALA B 150 -58.90 -111.60 5.70
CA ALA B 150 -58.52 -110.94 4.45
C ALA B 150 -58.70 -111.94 3.31
N ASN B 151 -59.33 -111.50 2.23
CA ASN B 151 -59.58 -112.39 1.10
C ASN B 151 -58.41 -112.53 0.18
N ASN B 152 -57.48 -111.60 0.28
CA ASN B 152 -56.34 -111.61 -0.61
C ASN B 152 -55.03 -111.21 0.07
N ASP B 153 -53.92 -111.44 -0.64
CA ASP B 153 -52.61 -111.07 -0.11
C ASP B 153 -52.43 -109.56 -0.22
N VAL B 154 -51.83 -108.96 0.79
CA VAL B 154 -51.48 -107.56 0.77
C VAL B 154 -49.94 -107.51 0.73
N VAL B 155 -49.40 -107.24 -0.45
CA VAL B 155 -47.96 -107.15 -0.64
C VAL B 155 -47.39 -105.77 -0.34
N VAL B 156 -46.25 -105.74 0.34
CA VAL B 156 -45.55 -104.49 0.63
C VAL B 156 -44.25 -104.58 -0.16
N PRO B 157 -44.13 -103.81 -1.25
CA PRO B 157 -42.92 -103.83 -2.09
C PRO B 157 -41.63 -103.60 -1.33
N THR B 158 -40.58 -104.30 -1.75
CA THR B 158 -39.30 -104.13 -1.10
C THR B 158 -38.67 -102.80 -1.55
N GLY B 159 -38.12 -102.05 -0.58
CA GLY B 159 -37.51 -100.77 -0.88
C GLY B 159 -36.03 -100.80 -1.28
N GLY B 160 -35.46 -99.64 -1.55
CA GLY B 160 -34.06 -99.62 -1.92
C GLY B 160 -33.26 -99.57 -0.65
N CYS B 161 -31.95 -99.82 -0.72
CA CYS B 161 -31.12 -99.78 0.47
C CYS B 161 -30.58 -98.38 0.80
N ASP B 162 -29.96 -98.22 1.97
CA ASP B 162 -29.43 -96.92 2.32
C ASP B 162 -27.92 -96.96 2.30
N VAL B 163 -27.33 -96.00 1.61
CA VAL B 163 -25.90 -95.94 1.49
C VAL B 163 -25.34 -94.91 2.45
N SER B 164 -25.14 -95.37 3.68
CA SER B 164 -24.61 -94.55 4.76
C SER B 164 -23.20 -94.07 4.43
N ALA B 165 -23.08 -92.77 4.17
CA ALA B 165 -21.79 -92.16 3.85
C ALA B 165 -21.59 -90.90 4.68
N ARG B 166 -20.42 -90.74 5.29
CA ARG B 166 -20.14 -89.58 6.11
C ARG B 166 -20.28 -88.26 5.33
N ASP B 167 -19.41 -88.03 4.34
CA ASP B 167 -19.48 -86.82 3.48
C ASP B 167 -18.30 -86.65 2.53
N VAL B 168 -18.04 -85.40 2.15
CA VAL B 168 -16.96 -85.02 1.25
C VAL B 168 -15.59 -85.28 1.88
N THR B 169 -15.08 -86.48 1.66
CA THR B 169 -13.80 -86.91 2.20
C THR B 169 -12.64 -86.06 1.78
N VAL B 170 -11.87 -85.60 2.77
CA VAL B 170 -10.69 -84.79 2.53
C VAL B 170 -9.54 -85.74 2.23
N THR B 171 -9.30 -85.95 0.94
CA THR B 171 -8.22 -86.81 0.48
C THR B 171 -6.94 -86.02 0.69
N LEU B 172 -6.86 -85.35 1.83
CA LEU B 172 -5.72 -84.51 2.15
C LEU B 172 -4.38 -85.25 2.33
N PRO B 173 -4.39 -86.53 2.77
CA PRO B 173 -3.08 -87.18 2.94
C PRO B 173 -2.17 -86.80 1.77
N ASP B 174 -1.43 -85.70 1.96
CA ASP B 174 -0.54 -85.13 0.95
C ASP B 174 -0.06 -86.11 -0.11
N TYR B 175 -0.04 -85.61 -1.34
CA TYR B 175 0.31 -86.39 -2.52
C TYR B 175 0.55 -87.89 -2.39
N PRO B 176 1.47 -88.34 -1.53
CA PRO B 176 1.58 -89.80 -1.54
C PRO B 176 0.53 -90.55 -0.71
N GLY B 177 -0.02 -89.86 0.30
CA GLY B 177 -1.00 -90.46 1.20
C GLY B 177 -2.28 -91.08 0.66
N SER B 178 -2.88 -91.96 1.47
CA SER B 178 -4.10 -92.64 1.10
C SER B 178 -4.98 -92.83 2.33
N VAL B 179 -6.27 -92.52 2.21
CA VAL B 179 -7.17 -92.70 3.35
C VAL B 179 -8.20 -93.76 3.05
N PRO B 180 -8.89 -94.24 4.10
CA PRO B 180 -9.94 -95.25 3.95
C PRO B 180 -11.19 -94.42 3.70
N ILE B 181 -12.15 -94.99 2.97
CA ILE B 181 -13.37 -94.29 2.64
C ILE B 181 -14.56 -94.94 3.30
N PRO B 182 -15.10 -94.26 4.31
CA PRO B 182 -16.25 -94.77 5.05
C PRO B 182 -17.45 -94.80 4.13
N LEU B 183 -17.95 -95.99 3.87
CA LEU B 183 -19.12 -96.14 3.01
C LEU B 183 -19.67 -97.54 3.24
N THR B 184 -20.86 -97.59 3.82
CA THR B 184 -21.52 -98.85 4.12
C THR B 184 -22.94 -98.77 3.55
N VAL B 185 -23.59 -99.92 3.47
CA VAL B 185 -24.94 -99.99 2.98
C VAL B 185 -25.70 -101.03 3.78
N TYR B 186 -26.95 -100.70 4.09
CA TYR B 186 -27.80 -101.65 4.79
C TYR B 186 -29.12 -101.64 4.07
N CYS B 187 -29.83 -102.75 4.17
CA CYS B 187 -31.14 -102.90 3.53
C CYS B 187 -32.15 -103.41 4.54
N ALA B 188 -33.31 -102.75 4.61
CA ALA B 188 -34.38 -103.17 5.52
C ALA B 188 -34.74 -104.63 5.21
N LYS B 189 -34.58 -105.02 3.95
CA LYS B 189 -34.86 -106.38 3.53
C LYS B 189 -33.60 -106.87 2.80
N SER B 190 -33.03 -107.97 3.25
CA SER B 190 -31.83 -108.48 2.60
C SER B 190 -32.03 -108.67 1.11
N GLN B 191 -30.98 -108.38 0.35
CA GLN B 191 -31.00 -108.50 -1.12
C GLN B 191 -29.60 -108.36 -1.71
N ASN B 192 -29.41 -108.90 -2.90
CA ASN B 192 -28.11 -108.81 -3.54
C ASN B 192 -27.86 -107.46 -4.20
N LEU B 193 -26.73 -106.88 -3.87
CA LEU B 193 -26.34 -105.60 -4.42
C LEU B 193 -25.01 -105.75 -5.13
N GLY B 194 -24.77 -104.81 -6.03
CA GLY B 194 -23.53 -104.79 -6.77
C GLY B 194 -23.31 -103.33 -7.03
N TYR B 195 -22.07 -102.93 -7.28
CA TYR B 195 -21.82 -101.53 -7.57
C TYR B 195 -20.71 -101.34 -8.58
N TYR B 196 -20.66 -100.15 -9.16
CA TYR B 196 -19.61 -99.80 -10.12
C TYR B 196 -19.40 -98.31 -10.07
N LEU B 197 -18.17 -97.92 -10.39
CA LEU B 197 -17.76 -96.52 -10.39
C LEU B 197 -17.93 -95.93 -11.78
N SER B 198 -18.01 -94.61 -11.83
CA SER B 198 -18.21 -93.92 -13.08
C SER B 198 -17.64 -92.51 -12.97
N GLY B 199 -17.03 -92.06 -14.07
CA GLY B 199 -16.45 -90.74 -14.08
C GLY B 199 -15.35 -90.63 -15.11
N THR B 200 -14.85 -89.42 -15.31
CA THR B 200 -13.80 -89.17 -16.29
C THR B 200 -12.50 -89.81 -15.84
N THR B 201 -11.89 -90.57 -16.73
CA THR B 201 -10.67 -91.28 -16.42
C THR B 201 -9.45 -90.75 -17.14
N ALA B 202 -8.26 -90.99 -16.59
CA ALA B 202 -7.06 -90.46 -17.21
C ALA B 202 -6.09 -91.51 -17.70
N ASP B 203 -6.48 -92.77 -17.69
CA ASP B 203 -5.56 -93.84 -18.08
C ASP B 203 -6.20 -94.90 -18.93
N ALA B 204 -5.38 -95.66 -19.64
CA ALA B 204 -5.86 -96.73 -20.51
C ALA B 204 -6.54 -97.84 -19.68
N GLY B 205 -6.12 -97.99 -18.43
CA GLY B 205 -6.73 -99.01 -17.60
C GLY B 205 -8.05 -98.48 -17.04
N ASN B 206 -8.34 -97.25 -17.42
CA ASN B 206 -9.59 -96.61 -17.02
C ASN B 206 -9.89 -96.68 -15.52
N SER B 207 -8.86 -96.56 -14.68
CA SER B 207 -9.10 -96.62 -13.24
C SER B 207 -8.50 -95.50 -12.41
N ILE B 208 -8.00 -94.45 -13.04
CA ILE B 208 -7.42 -93.29 -12.33
C ILE B 208 -8.29 -92.10 -12.68
N PHE B 209 -9.08 -91.65 -11.71
CA PHE B 209 -9.98 -90.55 -11.96
C PHE B 209 -9.33 -89.20 -12.06
N THR B 210 -9.54 -88.59 -13.22
CA THR B 210 -9.02 -87.27 -13.57
C THR B 210 -9.11 -86.23 -12.48
N ASN B 211 -8.06 -85.41 -12.36
CA ASN B 211 -8.04 -84.37 -11.35
C ASN B 211 -8.92 -83.22 -11.79
N THR B 212 -9.94 -82.97 -11.00
CA THR B 212 -10.88 -81.90 -11.28
C THR B 212 -10.80 -80.84 -10.17
N ALA B 213 -10.20 -79.71 -10.49
CA ALA B 213 -10.05 -78.63 -9.53
C ALA B 213 -9.43 -77.44 -10.22
N SER B 214 -9.69 -76.25 -9.67
CA SER B 214 -9.13 -75.03 -10.25
C SER B 214 -7.84 -74.58 -9.56
N PHE B 215 -7.93 -74.24 -8.26
CA PHE B 215 -6.75 -73.77 -7.51
C PHE B 215 -5.45 -74.50 -7.87
N SER B 216 -4.68 -73.90 -8.77
CA SER B 216 -3.42 -74.47 -9.24
C SER B 216 -3.52 -75.99 -9.22
N PRO B 217 -4.00 -76.56 -10.32
CA PRO B 217 -4.16 -78.01 -10.45
C PRO B 217 -2.88 -78.81 -10.31
N ALA B 218 -2.66 -79.38 -9.13
CA ALA B 218 -1.49 -80.20 -8.91
C ALA B 218 -1.51 -81.20 -10.05
N GLN B 219 -0.90 -80.84 -11.18
CA GLN B 219 -0.89 -81.70 -12.35
C GLN B 219 -0.12 -83.01 -12.21
N GLY B 220 -0.50 -84.00 -13.01
CA GLY B 220 0.18 -85.28 -13.01
C GLY B 220 -0.28 -86.40 -12.10
N VAL B 221 -1.22 -86.11 -11.20
CA VAL B 221 -1.69 -87.13 -10.29
C VAL B 221 -3.07 -87.71 -10.66
N GLY B 222 -4.02 -87.65 -9.74
CA GLY B 222 -5.33 -88.23 -9.99
C GLY B 222 -5.69 -89.21 -8.89
N VAL B 223 -6.97 -89.35 -8.60
CA VAL B 223 -7.47 -90.25 -7.56
C VAL B 223 -7.88 -91.65 -8.05
N GLN B 224 -7.45 -92.68 -7.32
CA GLN B 224 -7.77 -94.07 -7.68
C GLN B 224 -8.36 -94.74 -6.44
N LEU B 225 -9.45 -95.48 -6.62
CA LEU B 225 -10.07 -96.13 -5.49
C LEU B 225 -9.73 -97.60 -5.43
N THR B 226 -9.57 -98.07 -4.20
CA THR B 226 -9.20 -99.44 -4.00
C THR B 226 -10.11 -100.07 -2.93
N ARG B 227 -10.33 -101.38 -3.03
CA ARG B 227 -11.17 -102.12 -2.07
C ARG B 227 -10.31 -103.25 -1.50
N ASN B 228 -9.79 -103.01 -0.29
CA ASN B 228 -8.88 -103.95 0.37
C ASN B 228 -7.74 -104.33 -0.58
N GLY B 229 -7.10 -103.32 -1.15
CA GLY B 229 -6.00 -103.58 -2.05
C GLY B 229 -6.31 -103.74 -3.51
N THR B 230 -7.53 -104.18 -3.84
CA THR B 230 -7.91 -104.37 -5.24
C THR B 230 -8.37 -103.07 -5.86
N ILE B 231 -7.86 -102.80 -7.05
CA ILE B 231 -8.20 -101.58 -7.77
C ILE B 231 -9.57 -101.71 -8.37
N ILE B 232 -10.32 -100.61 -8.35
CA ILE B 232 -11.66 -100.61 -8.91
C ILE B 232 -11.73 -99.72 -10.15
N PRO B 233 -11.62 -100.30 -11.35
CA PRO B 233 -11.70 -99.44 -12.54
C PRO B 233 -13.16 -99.05 -12.78
N ALA B 234 -13.38 -97.91 -13.40
CA ALA B 234 -14.73 -97.42 -13.71
C ALA B 234 -15.52 -98.43 -14.50
N ASN B 235 -16.81 -98.59 -14.17
CA ASN B 235 -17.68 -99.51 -14.89
C ASN B 235 -17.29 -100.99 -14.83
N ASN B 236 -16.85 -101.42 -13.65
CA ASN B 236 -16.47 -102.79 -13.38
C ASN B 236 -17.35 -103.14 -12.19
N THR B 237 -18.42 -103.90 -12.41
CA THR B 237 -19.32 -104.18 -11.32
C THR B 237 -18.74 -105.06 -10.21
N VAL B 238 -18.76 -104.53 -9.00
CA VAL B 238 -18.27 -105.27 -7.85
C VAL B 238 -19.48 -105.83 -7.12
N SER B 239 -19.51 -107.14 -6.99
CA SER B 239 -20.61 -107.79 -6.32
C SER B 239 -20.48 -107.83 -4.82
N LEU B 240 -21.42 -107.20 -4.14
CA LEU B 240 -21.44 -107.16 -2.68
C LEU B 240 -22.09 -108.38 -2.02
N GLY B 241 -22.74 -109.22 -2.81
CA GLY B 241 -23.42 -110.38 -2.25
C GLY B 241 -24.73 -109.96 -1.61
N ALA B 242 -25.13 -110.63 -0.54
CA ALA B 242 -26.36 -110.27 0.15
C ALA B 242 -26.08 -109.24 1.22
N VAL B 243 -26.84 -108.16 1.18
CA VAL B 243 -26.69 -107.09 2.16
C VAL B 243 -28.01 -107.00 2.93
N GLY B 244 -27.91 -107.02 4.25
CA GLY B 244 -29.11 -106.97 5.06
C GLY B 244 -29.18 -105.82 6.05
N THR B 245 -29.69 -106.13 7.24
CA THR B 245 -29.88 -105.14 8.29
C THR B 245 -28.59 -104.63 8.89
N SER B 246 -27.55 -105.44 8.83
CA SER B 246 -26.24 -105.04 9.34
C SER B 246 -25.50 -104.40 8.18
N ALA B 247 -25.05 -103.16 8.36
CA ALA B 247 -24.32 -102.44 7.34
C ALA B 247 -23.11 -103.22 6.81
N VAL B 248 -22.80 -103.02 5.55
CA VAL B 248 -21.67 -103.69 4.93
C VAL B 248 -20.76 -102.60 4.40
N SER B 249 -19.50 -102.64 4.83
CA SER B 249 -18.51 -101.67 4.40
C SER B 249 -17.98 -102.10 3.05
N LEU B 250 -17.89 -101.18 2.10
CA LEU B 250 -17.36 -101.53 0.77
C LEU B 250 -15.83 -101.68 0.89
N GLY B 251 -15.29 -101.19 2.00
CA GLY B 251 -13.86 -101.26 2.23
C GLY B 251 -13.10 -100.48 1.19
N LEU B 252 -13.50 -99.24 1.00
CA LEU B 252 -12.89 -98.37 0.02
C LEU B 252 -11.77 -97.51 0.59
N THR B 253 -10.78 -97.22 -0.25
CA THR B 253 -9.68 -96.35 0.13
C THR B 253 -9.36 -95.50 -1.09
N ALA B 254 -9.18 -94.22 -0.86
CA ALA B 254 -8.81 -93.30 -1.93
C ALA B 254 -7.27 -93.33 -2.02
N ASN B 255 -6.76 -93.43 -3.24
CA ASN B 255 -5.33 -93.48 -3.46
C ASN B 255 -4.94 -92.51 -4.56
N TYR B 256 -3.74 -91.95 -4.48
CA TYR B 256 -3.28 -91.09 -5.55
C TYR B 256 -2.56 -92.04 -6.54
N ALA B 257 -2.76 -91.83 -7.83
CA ALA B 257 -2.09 -92.63 -8.84
C ALA B 257 -1.51 -91.61 -9.80
N ARG B 258 -0.49 -91.99 -10.55
CA ARG B 258 0.11 -91.04 -11.48
C ARG B 258 -0.45 -91.26 -12.88
N THR B 259 -0.81 -90.16 -13.51
CA THR B 259 -1.37 -90.20 -14.86
C THR B 259 -0.29 -90.04 -15.89
N GLY B 260 0.08 -88.80 -16.16
CA GLY B 260 1.10 -88.48 -17.13
C GLY B 260 2.51 -88.82 -16.68
N GLY B 261 3.34 -87.80 -16.48
CA GLY B 261 4.71 -88.05 -16.05
C GLY B 261 5.16 -87.20 -14.87
N GLN B 262 5.55 -85.96 -15.15
CA GLN B 262 6.00 -85.05 -14.12
C GLN B 262 4.85 -84.65 -13.20
N VAL B 263 4.98 -84.99 -11.92
CA VAL B 263 3.95 -84.62 -10.96
C VAL B 263 4.22 -83.17 -10.58
N THR B 264 3.18 -82.43 -10.22
CA THR B 264 3.38 -81.03 -9.89
C THR B 264 2.54 -80.56 -8.73
N ALA B 265 3.09 -79.64 -7.93
CA ALA B 265 2.38 -79.11 -6.76
C ALA B 265 1.05 -78.49 -7.10
N GLY B 266 0.16 -78.44 -6.11
CA GLY B 266 -1.16 -77.86 -6.29
C GLY B 266 -2.25 -78.73 -5.70
N ASN B 267 -3.50 -78.34 -5.95
CA ASN B 267 -4.64 -79.10 -5.43
C ASN B 267 -5.06 -80.24 -6.35
N VAL B 268 -5.64 -81.26 -5.73
CA VAL B 268 -6.13 -82.43 -6.44
C VAL B 268 -7.53 -82.72 -5.92
N GLN B 269 -8.51 -82.46 -6.76
CA GLN B 269 -9.91 -82.70 -6.39
C GLN B 269 -10.57 -83.62 -7.40
N SER B 270 -11.59 -84.36 -6.95
CA SER B 270 -12.27 -85.27 -7.86
C SER B 270 -13.66 -85.72 -7.41
N ILE B 271 -14.51 -85.97 -8.39
CA ILE B 271 -15.88 -86.40 -8.18
C ILE B 271 -16.10 -87.73 -8.88
N ILE B 272 -16.51 -88.72 -8.10
CA ILE B 272 -16.74 -90.07 -8.58
C ILE B 272 -18.16 -90.53 -8.33
N GLY B 273 -18.73 -91.25 -9.27
CA GLY B 273 -20.06 -91.74 -9.07
C GLY B 273 -20.00 -93.18 -8.64
N VAL B 274 -20.79 -93.51 -7.62
CA VAL B 274 -20.85 -94.89 -7.15
C VAL B 274 -22.29 -95.30 -7.42
N THR B 275 -22.46 -96.28 -8.31
CA THR B 275 -23.77 -96.76 -8.70
C THR B 275 -24.10 -98.15 -8.19
N PHE B 276 -25.04 -98.22 -7.25
CA PHE B 276 -25.48 -99.49 -6.70
C PHE B 276 -26.54 -100.11 -7.60
N VAL B 277 -26.27 -101.32 -8.08
CA VAL B 277 -27.20 -101.99 -8.95
C VAL B 277 -28.04 -103.00 -8.20
N TYR B 278 -29.37 -102.87 -8.35
CA TYR B 278 -30.33 -103.73 -7.69
C TYR B 278 -30.77 -104.90 -8.53
N GLN B 279 -30.81 -106.07 -7.90
CA GLN B 279 -31.24 -107.27 -8.60
C GLN B 279 -32.78 -107.32 -8.74
N GLY C 1 19.14 84.10 -34.45
CA GLY C 1 19.96 82.95 -34.02
C GLY C 1 20.51 82.30 -35.27
N VAL C 2 21.69 82.71 -35.69
CA VAL C 2 22.30 82.12 -36.87
C VAL C 2 23.45 81.23 -36.44
N ALA C 3 23.44 79.98 -36.90
CA ALA C 3 24.50 79.03 -36.52
C ALA C 3 25.16 78.28 -37.65
N LEU C 4 26.46 78.05 -37.51
CA LEU C 4 27.21 77.32 -38.50
C LEU C 4 27.00 75.83 -38.23
N GLY C 5 27.08 75.04 -39.30
CA GLY C 5 26.89 73.59 -39.18
C GLY C 5 28.12 72.81 -38.79
N ALA C 6 29.23 73.48 -38.53
CA ALA C 6 30.45 72.81 -38.11
C ALA C 6 31.23 73.74 -37.19
N THR C 7 32.11 73.19 -36.37
CA THR C 7 32.89 74.02 -35.47
C THR C 7 34.30 74.15 -36.01
N ARG C 8 34.48 73.71 -37.25
CA ARG C 8 35.78 73.78 -37.93
C ARG C 8 35.62 73.27 -39.37
N VAL C 9 36.62 73.53 -40.19
CA VAL C 9 36.58 73.13 -41.56
C VAL C 9 37.96 72.65 -41.98
N ILE C 10 37.96 71.54 -42.71
CA ILE C 10 39.19 70.97 -43.22
C ILE C 10 39.18 71.22 -44.70
N TYR C 11 40.15 71.99 -45.17
CA TYR C 11 40.25 72.27 -46.59
C TYR C 11 41.33 71.39 -47.18
N PRO C 12 40.92 70.36 -47.96
CA PRO C 12 41.84 69.41 -48.62
C PRO C 12 42.57 70.11 -49.73
N ALA C 13 43.90 70.17 -49.65
CA ALA C 13 44.67 70.81 -50.71
C ALA C 13 44.27 70.18 -52.05
N GLY C 14 43.90 71.04 -53.00
CA GLY C 14 43.52 70.55 -54.30
C GLY C 14 42.05 70.78 -54.58
N GLN C 15 41.20 70.50 -53.60
CA GLN C 15 39.75 70.69 -53.76
C GLN C 15 39.49 72.06 -54.33
N LYS C 16 38.58 72.14 -55.29
CA LYS C 16 38.26 73.43 -55.88
C LYS C 16 37.51 74.26 -54.87
N GLN C 17 36.79 73.59 -53.96
CA GLN C 17 36.01 74.30 -52.95
C GLN C 17 35.40 73.38 -51.89
N VAL C 18 35.26 73.90 -50.68
CA VAL C 18 34.67 73.15 -49.59
C VAL C 18 33.45 73.94 -49.17
N GLN C 19 32.43 73.26 -48.66
CA GLN C 19 31.24 73.98 -48.27
C GLN C 19 30.88 73.81 -46.82
N LEU C 20 30.27 74.85 -46.26
CA LEU C 20 29.83 74.91 -44.88
C LEU C 20 28.35 75.31 -44.83
N ALA C 21 27.62 74.79 -43.86
CA ALA C 21 26.20 75.10 -43.75
C ALA C 21 25.95 76.19 -42.74
N VAL C 22 24.92 76.97 -43.03
CA VAL C 22 24.52 78.05 -42.15
C VAL C 22 23.04 77.92 -42.06
N THR C 23 22.53 78.08 -40.86
CA THR C 23 21.11 77.97 -40.64
C THR C 23 20.70 79.09 -39.69
N ASN C 24 19.55 79.71 -40.01
CA ASN C 24 18.98 80.79 -39.24
C ASN C 24 17.73 80.31 -38.53
N ASN C 25 17.80 80.24 -37.20
CA ASN C 25 16.70 79.79 -36.33
C ASN C 25 15.54 80.76 -36.25
N ASP C 26 15.86 81.99 -35.87
CA ASP C 26 14.87 83.03 -35.71
C ASP C 26 13.77 83.04 -36.75
N GLU C 27 12.66 82.42 -36.39
CA GLU C 27 11.50 82.32 -37.26
C GLU C 27 11.13 83.63 -37.92
N ASN C 28 11.56 84.75 -37.36
CA ASN C 28 11.21 86.03 -37.97
C ASN C 28 12.17 87.15 -37.67
N SER C 29 13.05 87.40 -38.64
CA SER C 29 14.08 88.42 -38.55
C SER C 29 15.09 88.10 -39.65
N THR C 30 15.23 88.99 -40.62
CA THR C 30 16.16 88.74 -41.71
C THR C 30 17.57 89.04 -41.26
N TYR C 31 18.54 88.48 -41.97
CA TYR C 31 19.95 88.71 -41.66
C TYR C 31 20.79 88.81 -42.92
N LEU C 32 21.88 89.56 -42.83
CA LEU C 32 22.80 89.67 -43.94
C LEU C 32 24.01 88.86 -43.51
N ILE C 33 24.32 87.86 -44.31
CA ILE C 33 25.44 87.00 -44.00
C ILE C 33 26.63 87.53 -44.76
N GLN C 34 27.68 87.82 -44.02
CA GLN C 34 28.92 88.32 -44.60
C GLN C 34 30.02 87.42 -44.05
N SER C 35 30.71 86.71 -44.94
CA SER C 35 31.76 85.80 -44.51
C SER C 35 33.14 86.10 -45.07
N TRP C 36 34.18 85.74 -44.34
CA TRP C 36 35.54 85.95 -44.80
C TRP C 36 36.50 85.04 -44.04
N VAL C 37 37.74 85.02 -44.48
CA VAL C 37 38.72 84.18 -43.85
C VAL C 37 39.98 84.96 -43.61
N GLU C 38 40.42 84.98 -42.36
CA GLU C 38 41.64 85.68 -41.99
C GLU C 38 42.69 84.61 -41.87
N ASN C 39 43.95 84.98 -41.98
CA ASN C 39 45.01 84.00 -41.84
C ASN C 39 45.37 83.91 -40.36
N ALA C 40 46.38 83.10 -40.06
CA ALA C 40 46.81 82.87 -38.70
C ALA C 40 47.06 84.15 -37.95
N ASP C 41 47.63 85.14 -38.61
CA ASP C 41 47.92 86.39 -37.93
C ASP C 41 46.71 87.30 -37.76
N GLY C 42 45.55 86.86 -38.24
CA GLY C 42 44.37 87.67 -38.10
C GLY C 42 44.16 88.64 -39.23
N VAL C 43 45.03 88.64 -40.23
CA VAL C 43 44.85 89.58 -41.33
C VAL C 43 44.05 88.99 -42.50
N LYS C 44 43.18 89.82 -43.07
CA LYS C 44 42.36 89.39 -44.18
C LYS C 44 43.14 89.38 -45.48
N ASP C 45 43.92 88.34 -45.72
CA ASP C 45 44.60 88.27 -47.01
C ASP C 45 43.55 87.58 -47.84
N GLY C 46 43.85 87.27 -49.09
CA GLY C 46 42.82 86.65 -49.89
C GLY C 46 43.04 85.19 -50.11
N ARG C 47 43.82 84.57 -49.24
CA ARG C 47 44.11 83.15 -49.38
C ARG C 47 42.86 82.33 -49.62
N PHE C 48 41.76 82.69 -48.96
CA PHE C 48 40.52 81.95 -49.15
C PHE C 48 39.38 82.90 -49.35
N ILE C 49 38.42 82.52 -50.21
CA ILE C 49 37.28 83.37 -50.47
C ILE C 49 36.00 82.58 -50.27
N VAL C 50 35.02 83.23 -49.66
CA VAL C 50 33.76 82.57 -49.37
C VAL C 50 32.66 83.16 -50.21
N THR C 51 31.75 82.33 -50.68
CA THR C 51 30.62 82.83 -51.48
C THR C 51 29.35 82.17 -51.00
N PRO C 52 28.24 82.91 -51.04
CA PRO C 52 28.26 84.29 -51.52
C PRO C 52 28.85 85.19 -50.44
N PRO C 53 29.67 86.16 -50.85
CA PRO C 53 30.28 87.06 -49.87
C PRO C 53 29.26 87.84 -49.05
N LEU C 54 28.03 87.97 -49.55
CA LEU C 54 26.98 88.71 -48.85
C LEU C 54 25.61 88.32 -49.34
N PHE C 55 24.74 87.88 -48.43
CA PHE C 55 23.39 87.46 -48.82
C PHE C 55 22.44 87.48 -47.64
N ALA C 56 21.14 87.42 -47.94
CA ALA C 56 20.13 87.45 -46.89
C ALA C 56 19.50 86.10 -46.54
N MET C 57 19.18 85.95 -45.27
CA MET C 57 18.52 84.75 -44.79
C MET C 57 17.28 85.26 -44.08
N LYS C 58 16.14 85.05 -44.70
CA LYS C 58 14.88 85.51 -44.14
C LYS C 58 14.17 84.41 -43.36
N GLY C 59 13.96 84.64 -42.07
CA GLY C 59 13.28 83.65 -41.24
C GLY C 59 14.04 82.35 -41.22
N LYS C 60 13.41 81.30 -40.67
CA LYS C 60 14.05 79.99 -40.59
C LYS C 60 14.39 79.53 -42.00
N LYS C 61 15.67 79.53 -42.32
CA LYS C 61 16.15 79.14 -43.63
C LYS C 61 17.46 78.39 -43.45
N GLU C 62 17.96 77.82 -44.54
CA GLU C 62 19.21 77.08 -44.49
C GLU C 62 19.89 77.30 -45.84
N ASN C 63 21.17 77.64 -45.83
CA ASN C 63 21.86 77.87 -47.09
C ASN C 63 23.25 77.33 -46.96
N THR C 64 23.97 77.35 -48.07
CA THR C 64 25.33 76.83 -48.07
C THR C 64 26.41 77.82 -48.44
N LEU C 65 27.43 77.86 -47.61
CA LEU C 65 28.57 78.73 -47.85
C LEU C 65 29.62 77.84 -48.52
N ARG C 66 30.30 78.37 -49.54
CA ARG C 66 31.33 77.62 -50.25
C ARG C 66 32.66 78.35 -50.11
N ILE C 67 33.67 77.65 -49.59
CA ILE C 67 34.99 78.23 -49.39
C ILE C 67 35.91 77.91 -50.56
N LEU C 68 36.38 78.95 -51.22
CA LEU C 68 37.24 78.77 -52.37
C LEU C 68 38.71 79.05 -52.08
N ASP C 69 39.54 78.17 -52.60
CA ASP C 69 40.99 78.24 -52.47
C ASP C 69 41.53 79.28 -53.43
N ALA C 70 42.04 80.38 -52.91
CA ALA C 70 42.61 81.41 -53.78
C ALA C 70 44.11 81.23 -53.76
N THR C 71 44.61 80.68 -52.66
CA THR C 71 46.04 80.45 -52.49
C THR C 71 46.55 79.44 -53.49
N ASN C 72 47.20 79.94 -54.55
CA ASN C 72 47.74 79.09 -55.59
C ASN C 72 48.86 78.19 -55.06
N ASN C 73 48.49 77.23 -54.21
CA ASN C 73 49.46 76.30 -53.63
C ASN C 73 50.71 77.06 -53.17
N GLN C 74 50.53 78.27 -52.65
CA GLN C 74 51.65 79.09 -52.19
C GLN C 74 51.88 78.87 -50.70
N LEU C 75 51.24 77.85 -50.15
CA LEU C 75 51.36 77.50 -48.74
C LEU C 75 52.25 76.29 -48.52
N PRO C 76 52.77 76.12 -47.31
CA PRO C 76 53.62 74.98 -47.00
C PRO C 76 52.89 73.68 -47.37
N GLN C 77 53.61 72.72 -47.97
CA GLN C 77 52.98 71.46 -48.37
C GLN C 77 53.26 70.25 -47.48
N ASP C 78 54.02 70.46 -46.41
CA ASP C 78 54.34 69.38 -45.49
C ASP C 78 53.47 69.38 -44.23
N ARG C 79 52.77 70.49 -44.00
CA ARG C 79 51.95 70.61 -42.80
C ARG C 79 50.70 71.42 -43.10
N GLU C 80 49.77 71.43 -42.16
CA GLU C 80 48.54 72.19 -42.33
C GLU C 80 48.86 73.65 -42.02
N SER C 81 48.08 74.55 -42.59
CA SER C 81 48.27 75.96 -42.32
C SER C 81 47.00 76.41 -41.62
N LEU C 82 47.15 77.16 -40.54
CA LEU C 82 45.99 77.63 -39.77
C LEU C 82 45.35 78.89 -40.33
N PHE C 83 44.02 78.86 -40.45
CA PHE C 83 43.24 79.99 -40.93
C PHE C 83 41.98 80.15 -40.09
N TRP C 84 41.33 81.30 -40.20
CA TRP C 84 40.12 81.52 -39.45
C TRP C 84 38.96 81.94 -40.31
N MET C 85 37.89 81.17 -40.21
CA MET C 85 36.65 81.36 -40.94
C MET C 85 35.68 82.19 -40.08
N ASN C 86 35.16 83.27 -40.66
CA ASN C 86 34.24 84.16 -39.96
C ASN C 86 32.93 84.34 -40.71
N VAL C 87 31.81 84.20 -40.00
CA VAL C 87 30.49 84.35 -40.58
C VAL C 87 29.74 85.30 -39.65
N LYS C 88 29.46 86.47 -40.18
CA LYS C 88 28.80 87.55 -39.48
C LYS C 88 27.33 87.61 -39.82
N ALA C 89 26.49 87.83 -38.81
CA ALA C 89 25.06 87.94 -39.04
C ALA C 89 24.63 89.39 -38.82
N ILE C 90 24.41 90.09 -39.92
CA ILE C 90 24.02 91.49 -39.85
C ILE C 90 22.51 91.68 -39.74
N PRO C 91 22.05 92.31 -38.65
CA PRO C 91 20.61 92.51 -38.53
C PRO C 91 20.17 93.60 -39.49
N SER C 92 19.12 94.33 -39.13
CA SER C 92 18.60 95.39 -39.98
C SER C 92 18.22 96.54 -39.06
N MET C 93 18.30 97.77 -39.57
CA MET C 93 17.98 98.95 -38.76
C MET C 93 16.48 99.15 -38.58
N ASP C 94 16.03 99.21 -37.32
CA ASP C 94 14.62 99.42 -37.02
C ASP C 94 14.33 100.88 -37.34
N LYS C 95 13.39 101.13 -38.25
CA LYS C 95 13.03 102.50 -38.57
C LYS C 95 12.11 102.92 -37.43
N SER C 96 11.95 101.99 -36.49
CA SER C 96 11.10 102.18 -35.31
C SER C 96 11.81 102.80 -34.10
N LYS C 97 13.08 102.49 -33.91
CA LYS C 97 13.83 103.05 -32.78
C LYS C 97 14.79 104.13 -33.27
N LEU C 98 14.54 104.59 -34.49
CA LEU C 98 15.35 105.61 -35.15
C LEU C 98 15.72 106.87 -34.34
N THR C 99 14.76 107.45 -33.61
CA THR C 99 15.04 108.66 -32.82
C THR C 99 15.30 108.27 -31.37
N GLU C 100 15.84 107.07 -31.19
CA GLU C 100 16.15 106.55 -29.87
C GLU C 100 17.62 106.22 -29.72
N ASN C 101 18.06 106.09 -28.48
CA ASN C 101 19.42 105.72 -28.19
C ASN C 101 19.41 104.21 -28.24
N THR C 102 20.12 103.65 -29.22
CA THR C 102 20.13 102.20 -29.38
C THR C 102 21.49 101.53 -29.47
N LEU C 103 21.48 100.22 -29.22
CA LEU C 103 22.68 99.40 -29.33
C LEU C 103 22.33 98.15 -30.12
N GLN C 104 23.07 97.90 -31.18
CA GLN C 104 22.81 96.70 -31.96
C GLN C 104 24.04 95.81 -31.94
N LEU C 105 23.79 94.50 -31.84
CA LEU C 105 24.88 93.57 -31.85
C LEU C 105 24.85 92.81 -33.16
N ALA C 106 26.02 92.35 -33.59
CA ALA C 106 26.16 91.57 -34.81
C ALA C 106 26.95 90.34 -34.36
N ILE C 107 26.27 89.20 -34.32
CA ILE C 107 26.92 87.99 -33.89
C ILE C 107 27.76 87.44 -35.04
N ILE C 108 28.93 86.91 -34.69
CA ILE C 108 29.82 86.35 -35.68
C ILE C 108 30.29 84.99 -35.18
N SER C 109 30.43 84.02 -36.08
CA SER C 109 30.95 82.72 -35.67
C SER C 109 32.32 82.66 -36.34
N ARG C 110 33.35 82.36 -35.55
CA ARG C 110 34.70 82.28 -36.06
C ARG C 110 35.24 80.89 -35.74
N ILE C 111 35.55 80.13 -36.78
CA ILE C 111 36.06 78.79 -36.62
C ILE C 111 37.35 78.53 -37.37
N LYS C 112 38.11 77.55 -36.91
CA LYS C 112 39.36 77.23 -37.56
C LYS C 112 39.12 76.60 -38.92
N LEU C 113 40.01 76.88 -39.84
CA LEU C 113 39.94 76.32 -41.17
C LEU C 113 41.36 75.83 -41.42
N TYR C 114 41.54 74.53 -41.60
CA TYR C 114 42.88 74.03 -41.86
C TYR C 114 43.06 73.70 -43.33
N TYR C 115 44.18 74.13 -43.87
CA TYR C 115 44.53 73.83 -45.24
C TYR C 115 45.38 72.57 -45.02
N ARG C 116 44.87 71.42 -45.43
CA ARG C 116 45.60 70.18 -45.23
C ARG C 116 46.22 69.65 -46.51
N PRO C 117 47.53 69.85 -46.67
CA PRO C 117 48.21 69.37 -47.88
C PRO C 117 47.87 67.90 -48.08
N ALA C 118 47.02 67.61 -49.05
CA ALA C 118 46.63 66.24 -49.31
C ALA C 118 47.82 65.49 -49.90
N LYS C 119 48.64 64.87 -49.04
CA LYS C 119 49.82 64.12 -49.47
C LYS C 119 50.71 63.79 -48.26
N LEU C 120 50.13 63.84 -47.08
CA LEU C 120 50.89 63.56 -45.86
C LEU C 120 50.82 62.10 -45.46
N ALA C 121 51.88 61.61 -44.81
CA ALA C 121 51.96 60.22 -44.40
C ALA C 121 51.09 59.91 -43.19
N LEU C 122 51.51 60.41 -42.04
CA LEU C 122 50.77 60.17 -40.82
C LEU C 122 49.30 60.55 -40.92
N PRO C 123 48.40 59.56 -40.91
CA PRO C 123 46.96 59.82 -41.00
C PRO C 123 46.42 60.50 -39.73
N PRO C 124 45.65 61.58 -39.91
CA PRO C 124 45.04 62.36 -38.83
C PRO C 124 44.63 61.59 -37.58
N ASP C 125 44.03 60.42 -37.77
CA ASP C 125 43.60 59.60 -36.64
C ASP C 125 44.78 59.26 -35.74
N GLN C 126 45.93 59.05 -36.37
CA GLN C 126 47.16 58.67 -35.70
C GLN C 126 48.04 59.86 -35.26
N ALA C 127 47.42 60.97 -34.86
CA ALA C 127 48.18 62.15 -34.45
C ALA C 127 48.21 62.44 -32.95
N ALA C 128 47.07 62.37 -32.27
CA ALA C 128 47.04 62.65 -30.85
C ALA C 128 48.09 61.85 -30.07
N GLU C 129 48.26 60.59 -30.41
CA GLU C 129 49.22 59.70 -29.74
C GLU C 129 50.63 60.25 -29.79
N LYS C 130 51.01 60.79 -30.95
CA LYS C 130 52.34 61.33 -31.16
C LYS C 130 52.67 62.50 -30.25
N LEU C 131 51.70 62.90 -29.42
CA LEU C 131 51.89 64.03 -28.52
C LEU C 131 52.74 63.71 -27.31
N ARG C 132 53.96 64.22 -27.29
CA ARG C 132 54.85 64.00 -26.15
C ARG C 132 54.80 65.21 -25.23
N PHE C 133 55.65 65.23 -24.21
CA PHE C 133 55.66 66.36 -23.28
C PHE C 133 57.04 66.78 -22.76
N ARG C 134 57.04 67.53 -21.68
CA ARG C 134 58.24 68.04 -21.03
C ARG C 134 57.71 68.83 -19.84
N ARG C 135 57.55 68.14 -18.71
CA ARG C 135 56.99 68.77 -17.52
C ARG C 135 57.97 69.18 -16.43
N SER C 136 58.05 70.50 -16.18
CA SER C 136 58.91 71.03 -15.13
C SER C 136 58.05 71.20 -13.88
N ALA C 137 58.25 72.29 -13.15
CA ALA C 137 57.46 72.56 -11.96
C ALA C 137 56.66 73.83 -12.20
N ASN C 138 56.64 74.24 -13.47
CA ASN C 138 55.93 75.44 -13.89
C ASN C 138 55.80 75.58 -15.41
N SER C 139 56.63 74.84 -16.15
CA SER C 139 56.60 74.95 -17.60
C SER C 139 56.43 73.65 -18.38
N LEU C 140 55.20 73.12 -18.39
CA LEU C 140 54.91 71.90 -19.14
C LEU C 140 54.83 72.32 -20.61
N THR C 141 55.59 71.67 -21.48
CA THR C 141 55.61 72.06 -22.88
C THR C 141 55.07 71.03 -23.88
N LEU C 142 53.78 71.16 -24.21
CA LEU C 142 53.15 70.27 -25.18
C LEU C 142 54.04 70.27 -26.43
N ILE C 143 54.32 69.09 -26.97
CA ILE C 143 55.18 68.99 -28.14
C ILE C 143 54.55 68.13 -29.22
N ASN C 144 54.29 68.73 -30.37
CA ASN C 144 53.66 68.04 -31.50
C ASN C 144 54.58 67.99 -32.71
N PRO C 145 55.03 66.77 -33.08
CA PRO C 145 55.92 66.51 -34.21
C PRO C 145 55.20 66.16 -35.51
N THR C 146 53.89 65.93 -35.43
CA THR C 146 53.10 65.58 -36.60
C THR C 146 52.93 66.80 -37.48
N PRO C 147 52.12 66.70 -38.56
CA PRO C 147 51.92 67.88 -39.41
C PRO C 147 50.51 68.44 -39.28
N TYR C 148 49.86 68.16 -38.15
CA TYR C 148 48.50 68.65 -37.90
C TYR C 148 48.41 69.50 -36.66
N TYR C 149 47.49 70.46 -36.66
CA TYR C 149 47.30 71.28 -35.47
C TYR C 149 46.61 70.42 -34.42
N LEU C 150 47.20 70.35 -33.23
CA LEU C 150 46.59 69.55 -32.18
C LEU C 150 45.83 70.44 -31.24
N THR C 151 44.52 70.21 -31.16
CA THR C 151 43.70 70.98 -30.25
C THR C 151 43.59 70.17 -28.97
N VAL C 152 44.60 70.32 -28.12
CA VAL C 152 44.64 69.62 -26.84
C VAL C 152 43.68 70.24 -25.84
N THR C 153 42.75 69.43 -25.35
CA THR C 153 41.77 69.88 -24.37
C THR C 153 41.72 68.86 -23.23
N GLU C 154 41.04 69.23 -22.14
CA GLU C 154 40.93 68.38 -20.95
C GLU C 154 42.28 67.84 -20.50
N LEU C 155 43.28 68.72 -20.50
CA LEU C 155 44.63 68.37 -20.09
C LEU C 155 44.68 68.35 -18.57
N ASN C 156 45.48 67.45 -18.00
CA ASN C 156 45.59 67.35 -16.55
C ASN C 156 46.96 66.85 -16.11
N ALA C 157 47.50 67.48 -15.07
CA ALA C 157 48.79 67.10 -14.52
C ALA C 157 48.57 65.89 -13.62
N GLY C 158 47.62 65.07 -14.03
CA GLY C 158 47.27 63.88 -13.28
C GLY C 158 45.94 64.08 -12.57
N THR C 159 45.90 65.08 -11.70
CA THR C 159 44.70 65.42 -10.93
C THR C 159 44.31 66.85 -11.25
N ARG C 160 45.31 67.73 -11.24
CA ARG C 160 45.11 69.14 -11.52
C ARG C 160 44.65 69.31 -12.96
N VAL C 161 43.67 70.18 -13.15
CA VAL C 161 43.16 70.45 -14.49
C VAL C 161 43.82 71.71 -15.03
N LEU C 162 44.31 71.64 -16.26
CA LEU C 162 44.98 72.79 -16.86
C LEU C 162 44.15 73.56 -17.88
N GLU C 163 44.84 74.38 -18.67
CA GLU C 163 44.20 75.19 -19.69
C GLU C 163 44.48 74.60 -21.07
N ASN C 164 43.43 74.54 -21.89
CA ASN C 164 43.53 73.98 -23.24
C ASN C 164 44.69 74.54 -24.04
N ALA C 165 45.12 73.79 -25.04
CA ALA C 165 46.24 74.26 -25.85
C ALA C 165 46.03 73.89 -27.30
N LEU C 166 46.66 74.66 -28.17
CA LEU C 166 46.61 74.44 -29.60
C LEU C 166 48.05 74.26 -30.00
N VAL C 167 48.45 73.02 -30.30
CA VAL C 167 49.83 72.79 -30.66
C VAL C 167 50.07 72.68 -32.13
N PRO C 168 50.78 73.65 -32.68
CA PRO C 168 51.13 73.75 -34.10
C PRO C 168 51.93 72.57 -34.65
N PRO C 169 51.79 72.29 -35.95
CA PRO C 169 52.47 71.20 -36.65
C PRO C 169 53.98 71.30 -36.48
N MET C 170 54.63 70.17 -36.25
CA MET C 170 56.08 70.16 -36.08
C MET C 170 56.52 71.35 -35.22
N GLY C 171 55.71 71.64 -34.20
CA GLY C 171 56.01 72.73 -33.31
C GLY C 171 55.67 72.36 -31.89
N GLU C 172 55.54 73.36 -31.02
CA GLU C 172 55.23 73.09 -29.63
C GLU C 172 54.68 74.31 -28.89
N SER C 173 54.06 74.06 -27.75
CA SER C 173 53.45 75.10 -26.94
C SER C 173 53.68 74.75 -25.46
N THR C 174 53.85 75.77 -24.63
CA THR C 174 54.05 75.53 -23.21
C THR C 174 52.90 76.07 -22.37
N VAL C 175 52.19 75.17 -21.68
CA VAL C 175 51.10 75.57 -20.81
C VAL C 175 51.68 75.69 -19.40
N LYS C 176 51.33 76.78 -18.72
CA LYS C 176 51.84 77.01 -17.36
C LYS C 176 51.57 75.78 -16.48
N LEU C 177 52.66 75.15 -16.03
CA LEU C 177 52.60 73.97 -15.15
C LEU C 177 52.44 74.44 -13.70
N PRO C 178 51.26 74.20 -13.10
CA PRO C 178 50.87 74.57 -11.74
C PRO C 178 51.66 74.01 -10.56
N SER C 179 52.37 72.91 -10.77
CA SER C 179 53.15 72.25 -9.72
C SER C 179 52.32 71.36 -8.77
N ASP C 180 51.00 71.54 -8.82
CA ASP C 180 50.06 70.71 -8.04
C ASP C 180 50.03 69.46 -8.93
N ALA C 181 51.16 69.29 -9.57
CA ALA C 181 51.53 68.28 -10.54
C ALA C 181 51.15 66.82 -10.30
N GLY C 182 51.99 65.99 -10.92
CA GLY C 182 51.91 64.55 -10.89
C GLY C 182 52.93 64.08 -11.92
N SER C 183 52.43 63.74 -13.09
CA SER C 183 53.22 63.27 -14.22
C SER C 183 52.24 62.40 -14.94
N ASN C 184 51.11 62.19 -14.26
CA ASN C 184 50.00 61.40 -14.79
C ASN C 184 49.31 62.30 -15.78
N ILE C 185 50.12 62.98 -16.59
CA ILE C 185 49.59 63.89 -17.60
C ILE C 185 48.51 63.19 -18.41
N THR C 186 47.34 63.81 -18.48
CA THR C 186 46.21 63.24 -19.19
C THR C 186 45.56 64.26 -20.14
N TYR C 187 45.15 63.80 -21.31
CA TYR C 187 44.56 64.69 -22.29
C TYR C 187 43.74 64.01 -23.35
N ARG C 188 42.80 64.75 -23.92
CA ARG C 188 41.96 64.28 -25.01
C ARG C 188 42.15 65.38 -26.06
N THR C 189 41.73 65.17 -27.30
CA THR C 189 41.89 66.24 -28.29
C THR C 189 40.62 66.42 -29.09
N ILE C 190 40.67 67.32 -30.07
CA ILE C 190 39.50 67.57 -30.88
C ILE C 190 39.80 67.25 -32.33
N ASN C 191 39.09 66.25 -32.86
CA ASN C 191 39.31 65.80 -34.23
C ASN C 191 38.51 66.59 -35.25
N ASP C 192 38.82 66.30 -36.51
CA ASP C 192 38.23 66.90 -37.67
C ASP C 192 36.72 67.05 -37.60
N TYR C 193 36.08 66.34 -36.68
CA TYR C 193 34.63 66.41 -36.59
C TYR C 193 34.22 67.16 -35.36
N GLY C 194 35.19 67.82 -34.77
CA GLY C 194 34.93 68.59 -33.58
C GLY C 194 34.49 67.66 -32.49
N ALA C 195 35.02 66.44 -32.57
CA ALA C 195 34.71 65.40 -31.61
C ALA C 195 35.93 65.11 -30.73
N LEU C 196 35.67 64.83 -29.44
CA LEU C 196 36.73 64.54 -28.48
C LEU C 196 37.31 63.16 -28.73
N THR C 197 38.63 63.09 -28.87
CA THR C 197 39.24 61.80 -29.09
C THR C 197 39.27 61.14 -27.72
N PRO C 198 39.62 59.86 -27.66
CA PRO C 198 39.66 59.18 -26.36
C PRO C 198 40.85 59.61 -25.51
N LYS C 199 40.61 59.71 -24.21
CA LYS C 199 41.62 60.11 -23.22
C LYS C 199 42.89 59.28 -23.35
N MET C 200 44.04 59.94 -23.42
CA MET C 200 45.30 59.22 -23.54
C MET C 200 46.22 59.69 -22.43
N THR C 201 47.28 58.92 -22.17
CA THR C 201 48.22 59.26 -21.10
C THR C 201 49.45 60.02 -21.56
N GLY C 202 49.77 61.08 -20.81
CA GLY C 202 50.92 61.89 -21.12
C GLY C 202 52.18 61.04 -21.19
N VAL C 203 53.00 61.27 -22.21
CA VAL C 203 54.23 60.52 -22.42
C VAL C 203 55.42 61.44 -22.63
N MET C 204 55.89 62.06 -21.56
CA MET C 204 57.02 63.00 -21.61
C MET C 204 58.15 62.51 -22.53
N GLU C 205 58.64 63.40 -23.39
CA GLU C 205 59.72 63.04 -24.30
C GLU C 205 61.04 63.31 -23.60
N PHE D 1 10.81 29.00 -51.36
CA PHE D 1 11.17 30.43 -51.17
C PHE D 1 12.42 30.47 -50.29
N ALA D 2 13.47 31.10 -50.79
CA ALA D 2 14.73 31.21 -50.07
C ALA D 2 15.39 32.55 -50.38
N CYS D 3 16.29 33.00 -49.51
CA CYS D 3 16.94 34.27 -49.74
C CYS D 3 18.45 34.14 -49.52
N LYS D 4 19.22 35.06 -50.08
CA LYS D 4 20.67 35.03 -49.91
C LYS D 4 21.19 36.45 -49.75
N THR D 5 22.40 36.51 -49.21
CA THR D 5 23.05 37.76 -48.95
C THR D 5 24.11 37.96 -50.01
N ALA D 6 24.19 39.19 -50.50
CA ALA D 6 25.14 39.55 -51.54
C ALA D 6 26.54 39.17 -51.13
N ASN D 7 26.76 39.12 -49.82
CA ASN D 7 28.08 38.78 -49.29
C ASN D 7 28.36 37.31 -49.48
N GLY D 8 27.30 36.51 -49.32
CA GLY D 8 27.42 35.09 -49.48
C GLY D 8 26.33 34.27 -48.80
N THR D 9 26.08 34.56 -47.51
CA THR D 9 25.10 33.82 -46.70
C THR D 9 23.66 33.68 -47.16
N ALA D 10 23.07 32.51 -46.87
CA ALA D 10 21.69 32.18 -47.24
C ALA D 10 20.84 31.73 -46.09
N ILE D 11 19.54 31.86 -46.27
CA ILE D 11 18.58 31.38 -45.29
C ILE D 11 17.71 30.51 -46.17
N PRO D 12 17.66 29.21 -45.89
CA PRO D 12 16.87 28.27 -46.67
C PRO D 12 15.38 28.25 -46.46
N ILE D 13 14.72 27.39 -47.25
CA ILE D 13 13.28 27.15 -47.22
C ILE D 13 12.90 26.85 -45.78
N GLY D 14 11.87 27.52 -45.26
CA GLY D 14 11.46 27.29 -43.89
C GLY D 14 11.91 28.39 -42.94
N GLY D 15 12.73 29.30 -43.46
CA GLY D 15 13.19 30.41 -42.65
C GLY D 15 14.47 30.18 -41.86
N GLY D 16 14.87 31.21 -41.13
CA GLY D 16 16.09 31.17 -40.34
C GLY D 16 16.64 32.56 -40.22
N SER D 17 17.94 32.71 -40.01
CA SER D 17 18.45 34.06 -39.87
C SER D 17 19.85 34.23 -40.42
N ALA D 18 20.19 35.47 -40.75
CA ALA D 18 21.53 35.75 -41.28
C ALA D 18 21.97 37.15 -40.98
N ASN D 19 23.29 37.32 -40.99
CA ASN D 19 23.91 38.61 -40.74
C ASN D 19 24.05 39.34 -42.05
N VAL D 20 23.87 40.65 -42.01
CA VAL D 20 24.06 41.44 -43.21
C VAL D 20 25.01 42.57 -42.84
N TYR D 21 26.22 42.52 -43.38
CA TYR D 21 27.26 43.52 -43.08
C TYR D 21 27.28 44.71 -44.06
N VAL D 22 27.04 45.91 -43.53
CA VAL D 22 27.00 47.13 -44.35
C VAL D 22 28.00 48.23 -44.09
N ASN D 23 28.59 48.76 -45.15
CA ASN D 23 29.53 49.88 -45.05
C ASN D 23 28.65 51.13 -45.19
N LEU D 24 28.69 52.02 -44.20
CA LEU D 24 27.87 53.23 -44.22
C LEU D 24 28.68 54.52 -44.45
N ALA D 25 28.01 55.57 -44.92
CA ALA D 25 28.65 56.87 -45.13
C ALA D 25 29.41 57.18 -43.85
N PRO D 26 30.70 57.47 -43.93
CA PRO D 26 31.50 57.77 -42.73
C PRO D 26 31.10 59.00 -41.89
N VAL D 27 30.48 59.98 -42.56
CA VAL D 27 30.06 61.22 -41.94
C VAL D 27 28.65 61.62 -42.37
N VAL D 28 27.85 62.04 -41.40
CA VAL D 28 26.50 62.46 -41.69
C VAL D 28 26.22 63.64 -40.75
N ASN D 29 25.60 64.69 -41.27
CA ASN D 29 25.33 65.86 -40.45
C ASN D 29 23.93 65.83 -39.89
N VAL D 30 23.76 66.55 -38.79
CA VAL D 30 22.45 66.65 -38.19
C VAL D 30 21.59 67.15 -39.34
N GLY D 31 20.34 66.71 -39.40
CA GLY D 31 19.47 67.16 -40.48
C GLY D 31 19.51 66.31 -41.74
N GLN D 32 20.66 65.70 -42.04
CA GLN D 32 20.79 64.87 -43.24
C GLN D 32 20.26 63.42 -43.08
N ASN D 33 20.33 62.66 -44.17
CA ASN D 33 19.88 61.29 -44.17
C ASN D 33 21.01 60.28 -44.34
N LEU D 34 21.00 59.27 -43.49
CA LEU D 34 21.98 58.20 -43.60
C LEU D 34 21.09 57.14 -44.27
N VAL D 35 21.56 56.59 -45.37
CA VAL D 35 20.75 55.61 -46.06
C VAL D 35 21.36 54.23 -46.07
N VAL D 36 20.59 53.27 -45.56
CA VAL D 36 21.05 51.88 -45.56
C VAL D 36 20.13 51.17 -46.51
N ASP D 37 20.63 50.88 -47.70
CA ASP D 37 19.82 50.22 -48.70
C ASP D 37 20.08 48.72 -48.74
N LEU D 38 19.15 47.95 -48.21
CA LEU D 38 19.34 46.49 -48.18
C LEU D 38 18.97 45.77 -49.47
N SER D 39 18.16 46.45 -50.30
CA SER D 39 17.72 45.92 -51.59
C SER D 39 18.97 45.66 -52.40
N THR D 40 20.08 46.14 -51.90
CA THR D 40 21.32 45.95 -52.59
C THR D 40 22.03 44.77 -52.00
N GLN D 41 21.56 44.30 -50.84
CA GLN D 41 22.24 43.20 -50.19
C GLN D 41 21.43 41.96 -49.85
N ILE D 42 20.11 42.04 -50.01
CA ILE D 42 19.27 40.90 -49.70
C ILE D 42 18.35 40.53 -50.87
N PHE D 43 18.51 39.28 -51.33
CA PHE D 43 17.75 38.75 -52.44
C PHE D 43 16.97 37.48 -52.15
N CYS D 44 15.78 37.39 -52.73
CA CYS D 44 14.96 36.20 -52.54
C CYS D 44 14.40 35.74 -53.91
N HIS D 45 13.81 34.55 -53.93
CA HIS D 45 13.27 34.01 -55.16
C HIS D 45 12.20 33.01 -54.77
N ASN D 46 11.29 32.77 -55.71
CA ASN D 46 10.20 31.81 -55.57
C ASN D 46 10.80 30.48 -56.05
N ASP D 47 10.50 29.37 -55.39
CA ASP D 47 11.07 28.09 -55.85
C ASP D 47 10.16 27.36 -56.86
N TYR D 48 8.87 27.64 -56.79
CA TYR D 48 7.92 27.01 -57.69
C TYR D 48 6.95 28.07 -58.18
N PRO D 49 7.46 29.03 -58.96
CA PRO D 49 6.68 30.13 -59.52
C PRO D 49 5.40 29.75 -60.25
N GLU D 50 5.53 28.91 -61.28
CA GLU D 50 4.39 28.45 -62.10
C GLU D 50 3.14 27.96 -61.37
N THR D 51 3.25 27.55 -60.12
CA THR D 51 2.09 27.05 -59.41
C THR D 51 1.90 27.68 -58.03
N ILE D 52 2.93 28.39 -57.57
CA ILE D 52 2.84 29.01 -56.26
C ILE D 52 3.26 30.45 -56.33
N THR D 53 2.50 31.29 -55.65
CA THR D 53 2.81 32.71 -55.58
C THR D 53 3.22 33.06 -54.15
N ASP D 54 4.42 33.62 -54.01
CA ASP D 54 4.95 33.99 -52.70
C ASP D 54 4.70 35.45 -52.31
N TYR D 55 4.38 35.65 -51.03
CA TYR D 55 4.10 36.97 -50.45
C TYR D 55 5.14 37.35 -49.39
N VAL D 56 5.93 38.37 -49.68
CA VAL D 56 6.97 38.84 -48.77
C VAL D 56 6.55 40.13 -48.09
N THR D 57 6.74 40.18 -46.78
CA THR D 57 6.32 41.32 -45.99
C THR D 57 7.40 41.75 -44.99
N LEU D 58 7.44 43.02 -44.59
CA LEU D 58 8.39 43.47 -43.58
C LEU D 58 7.69 43.38 -42.22
N GLN D 59 7.66 42.17 -41.67
CA GLN D 59 7.02 41.85 -40.39
C GLN D 59 7.34 42.83 -39.25
N ARG D 60 8.62 43.13 -39.07
CA ARG D 60 9.08 44.02 -38.02
C ARG D 60 10.44 44.62 -38.36
N GLY D 61 10.73 45.80 -37.82
CA GLY D 61 12.00 46.45 -38.06
C GLY D 61 12.40 47.04 -36.73
N SER D 62 13.61 46.72 -36.26
CA SER D 62 14.04 47.20 -34.97
C SER D 62 15.42 47.80 -34.98
N ALA D 63 15.61 48.83 -34.18
CA ALA D 63 16.88 49.55 -34.08
C ALA D 63 17.69 49.15 -32.86
N TYR D 64 19.01 49.28 -32.97
CA TYR D 64 19.92 48.93 -31.89
C TYR D 64 21.08 49.89 -31.80
N GLY D 65 21.72 49.91 -30.64
CA GLY D 65 22.86 50.78 -30.40
C GLY D 65 22.60 52.21 -30.84
N GLY D 66 23.60 52.78 -31.51
CA GLY D 66 23.51 54.15 -31.94
C GLY D 66 22.26 54.44 -32.72
N VAL D 67 21.91 53.60 -33.68
CA VAL D 67 20.73 53.84 -34.47
C VAL D 67 19.52 54.17 -33.59
N LEU D 68 19.44 53.48 -32.47
CA LEU D 68 18.34 53.64 -31.54
C LEU D 68 18.38 54.92 -30.70
N SER D 69 19.57 55.35 -30.35
CA SER D 69 19.69 56.53 -29.52
C SER D 69 19.99 57.84 -30.23
N ASN D 70 20.59 57.77 -31.41
CA ASN D 70 20.97 58.96 -32.15
C ASN D 70 20.20 59.29 -33.43
N PHE D 71 19.22 58.48 -33.78
CA PHE D 71 18.52 58.76 -35.02
C PHE D 71 17.02 58.67 -34.91
N SER D 72 16.37 59.24 -35.91
CA SER D 72 14.92 59.18 -36.03
C SER D 72 14.82 58.76 -37.49
N GLY D 73 13.92 57.85 -37.81
CA GLY D 73 13.90 57.47 -39.20
C GLY D 73 12.72 56.73 -39.72
N THR D 74 12.78 56.49 -41.03
CA THR D 74 11.72 55.77 -41.69
C THR D 74 12.29 54.57 -42.41
N VAL D 75 11.38 53.68 -42.79
CA VAL D 75 11.76 52.48 -43.54
C VAL D 75 10.96 52.54 -44.83
N LYS D 76 11.66 52.50 -45.95
CA LYS D 76 10.99 52.51 -47.24
C LYS D 76 10.90 51.09 -47.77
N TYR D 77 9.69 50.51 -47.72
CA TYR D 77 9.48 49.16 -48.20
C TYR D 77 8.66 49.10 -49.48
N SER D 78 9.34 48.88 -50.60
CA SER D 78 8.63 48.74 -51.87
C SER D 78 7.88 50.00 -52.25
N GLY D 79 8.59 51.13 -52.30
CA GLY D 79 7.92 52.36 -52.68
C GLY D 79 7.27 53.20 -51.58
N SER D 80 6.79 52.56 -50.51
CA SER D 80 6.17 53.29 -49.40
C SER D 80 7.07 53.42 -48.17
N SER D 81 6.76 54.38 -47.30
CA SER D 81 7.55 54.60 -46.09
C SER D 81 6.77 54.39 -44.81
N TYR D 82 7.48 53.98 -43.78
CA TYR D 82 6.84 53.72 -42.50
C TYR D 82 7.83 54.10 -41.40
N PRO D 83 7.30 54.32 -40.20
CA PRO D 83 8.09 54.68 -39.04
C PRO D 83 9.05 53.57 -38.64
N PHE D 84 10.32 53.93 -38.42
CA PHE D 84 11.31 52.94 -38.00
C PHE D 84 12.01 53.46 -36.73
N PRO D 85 12.05 52.63 -35.66
CA PRO D 85 11.51 51.28 -35.48
C PRO D 85 10.10 51.15 -36.03
N THR D 86 9.77 49.99 -36.58
CA THR D 86 8.44 49.79 -37.15
C THR D 86 7.39 49.61 -36.07
N THR D 87 6.14 49.84 -36.45
CA THR D 87 5.02 49.71 -35.50
C THR D 87 3.90 48.78 -35.97
N SER D 88 3.98 48.34 -37.22
CA SER D 88 2.98 47.44 -37.79
C SER D 88 3.58 46.59 -38.90
N GLU D 89 2.97 45.44 -39.16
CA GLU D 89 3.46 44.58 -40.23
C GLU D 89 3.07 45.28 -41.53
N THR D 90 4.06 45.45 -42.39
CA THR D 90 3.92 46.12 -43.65
C THR D 90 3.03 45.39 -44.65
N PRO D 91 2.67 46.04 -45.76
CA PRO D 91 1.84 45.41 -46.80
C PRO D 91 2.69 44.35 -47.50
N ARG D 92 2.05 43.41 -48.20
CA ARG D 92 2.79 42.33 -48.87
C ARG D 92 3.18 42.51 -50.33
N VAL D 93 4.46 42.23 -50.64
CA VAL D 93 5.00 42.29 -52.00
C VAL D 93 5.03 40.86 -52.51
N VAL D 94 4.92 40.66 -53.82
CA VAL D 94 4.93 39.29 -54.33
C VAL D 94 6.17 38.93 -55.12
N TYR D 95 6.59 37.69 -54.91
CA TYR D 95 7.73 37.10 -55.57
C TYR D 95 7.21 35.94 -56.42
N ASN D 96 7.50 36.01 -57.72
CA ASN D 96 7.08 34.99 -58.66
C ASN D 96 8.13 34.70 -59.70
N SER D 97 9.28 34.24 -59.26
CA SER D 97 10.32 33.92 -60.21
C SER D 97 11.46 33.24 -59.48
N ARG D 98 12.07 32.26 -60.14
CA ARG D 98 13.18 31.56 -59.53
C ARG D 98 14.36 32.49 -59.57
N THR D 99 14.21 33.59 -60.30
CA THR D 99 15.27 34.58 -60.40
C THR D 99 15.34 35.45 -59.14
N ASP D 100 16.54 35.58 -58.58
CA ASP D 100 16.73 36.39 -57.38
C ASP D 100 16.35 37.85 -57.59
N LYS D 101 15.27 38.26 -56.93
CA LYS D 101 14.78 39.62 -56.98
C LYS D 101 15.22 40.25 -55.65
N PRO D 102 15.36 41.59 -55.61
CA PRO D 102 15.77 42.22 -54.35
C PRO D 102 14.61 42.33 -53.37
N TRP D 103 14.95 42.57 -52.12
CA TRP D 103 13.96 42.77 -51.08
C TRP D 103 14.09 44.29 -50.87
N PRO D 104 13.18 45.07 -51.48
CA PRO D 104 13.12 46.53 -51.47
C PRO D 104 12.90 47.13 -50.09
N VAL D 105 13.98 47.20 -49.33
CA VAL D 105 13.94 47.75 -47.99
C VAL D 105 15.13 48.68 -47.86
N ALA D 106 14.87 49.87 -47.33
CA ALA D 106 15.93 50.85 -47.10
C ALA D 106 15.61 51.64 -45.86
N LEU D 107 16.65 51.89 -45.09
CA LEU D 107 16.57 52.65 -43.85
C LEU D 107 17.00 54.07 -44.16
N TYR D 108 16.18 55.03 -43.76
CA TYR D 108 16.48 56.45 -43.93
C TYR D 108 16.64 57.00 -42.52
N LEU D 109 17.88 57.22 -42.13
CA LEU D 109 18.18 57.68 -40.79
C LEU D 109 18.80 59.08 -40.71
N THR D 110 18.20 59.93 -39.88
CA THR D 110 18.69 61.31 -39.67
C THR D 110 19.13 61.51 -38.23
N PRO D 111 20.40 61.91 -38.05
CA PRO D 111 20.95 62.13 -36.72
C PRO D 111 20.21 63.23 -36.00
N VAL D 112 20.13 63.11 -34.68
CA VAL D 112 19.46 64.11 -33.86
C VAL D 112 20.49 65.16 -33.49
N SER D 113 20.01 66.37 -33.18
CA SER D 113 20.91 67.45 -32.82
C SER D 113 21.86 67.05 -31.69
N SER D 114 21.41 66.15 -30.83
CA SER D 114 22.24 65.71 -29.71
C SER D 114 23.25 64.63 -30.05
N ALA D 115 23.24 64.17 -31.29
CA ALA D 115 24.16 63.12 -31.72
C ALA D 115 25.63 63.50 -31.50
N GLY D 116 26.34 62.66 -30.75
CA GLY D 116 27.75 62.91 -30.45
C GLY D 116 28.67 63.10 -31.64
N GLY D 117 29.69 62.26 -31.71
CA GLY D 117 30.64 62.30 -32.80
C GLY D 117 30.41 60.99 -33.52
N VAL D 118 30.70 59.90 -32.83
CA VAL D 118 30.50 58.55 -33.34
C VAL D 118 29.08 58.11 -32.96
N ALA D 119 28.13 58.26 -33.88
CA ALA D 119 26.75 57.89 -33.58
C ALA D 119 26.45 56.41 -33.80
N ILE D 120 27.37 55.70 -34.46
CA ILE D 120 27.24 54.27 -34.72
C ILE D 120 28.61 53.60 -34.70
N LYS D 121 28.81 52.65 -33.79
CA LYS D 121 30.11 51.98 -33.73
C LYS D 121 30.38 50.94 -34.81
N ALA D 122 31.62 50.91 -35.25
CA ALA D 122 32.05 49.94 -36.23
C ALA D 122 31.84 48.55 -35.57
N GLY D 123 31.18 47.66 -36.28
CA GLY D 123 30.94 46.31 -35.78
C GLY D 123 29.69 46.14 -34.94
N SER D 124 28.90 47.19 -34.78
CA SER D 124 27.70 47.09 -33.96
C SER D 124 26.42 46.63 -34.64
N LEU D 125 25.52 46.07 -33.83
CA LEU D 125 24.26 45.62 -34.35
C LEU D 125 23.53 46.92 -34.53
N ILE D 126 23.19 47.21 -35.76
CA ILE D 126 22.51 48.45 -36.08
C ILE D 126 21.02 48.26 -36.23
N ALA D 127 20.60 47.08 -36.70
CA ALA D 127 19.18 46.80 -36.89
C ALA D 127 18.86 45.32 -37.12
N VAL D 128 17.62 44.93 -36.81
CA VAL D 128 17.18 43.58 -37.04
C VAL D 128 15.91 43.68 -37.87
N LEU D 129 15.91 43.10 -39.07
CA LEU D 129 14.75 43.15 -39.95
C LEU D 129 14.12 41.77 -40.17
N ILE D 130 12.82 41.67 -39.90
CA ILE D 130 12.14 40.40 -40.06
C ILE D 130 11.27 40.36 -41.31
N LEU D 131 11.68 39.46 -42.20
CA LEU D 131 11.00 39.23 -43.45
C LEU D 131 10.05 38.07 -43.21
N ARG D 132 8.77 38.28 -43.51
CA ARG D 132 7.74 37.25 -43.33
C ARG D 132 7.17 36.83 -44.68
N GLN D 133 7.32 35.54 -45.00
CA GLN D 133 6.87 35.00 -46.27
C GLN D 133 5.82 33.92 -46.16
N THR D 134 4.73 34.12 -46.90
CA THR D 134 3.61 33.20 -46.95
C THR D 134 3.35 32.90 -48.44
N ASN D 135 2.21 32.31 -48.76
CA ASN D 135 1.92 32.02 -50.15
C ASN D 135 0.45 31.73 -50.39
N ASN D 136 0.09 31.62 -51.66
CA ASN D 136 -1.29 31.31 -52.03
C ASN D 136 -1.40 29.82 -52.28
N TYR D 137 -0.64 29.03 -51.52
CA TYR D 137 -0.66 27.60 -51.69
C TYR D 137 -1.02 26.82 -50.44
N ASN D 138 -0.48 27.23 -49.29
CA ASN D 138 -0.78 26.53 -48.04
C ASN D 138 -0.59 27.40 -46.80
N SER D 139 -0.48 26.76 -45.64
CA SER D 139 -0.31 27.51 -44.40
C SER D 139 1.13 27.91 -44.05
N ASP D 140 2.02 27.92 -45.05
CA ASP D 140 3.41 28.29 -44.83
C ASP D 140 3.55 29.75 -44.37
N ASP D 141 4.13 29.94 -43.20
CA ASP D 141 4.34 31.27 -42.63
C ASP D 141 5.75 31.23 -42.01
N PHE D 142 6.77 31.56 -42.79
CA PHE D 142 8.15 31.51 -42.33
C PHE D 142 8.75 32.90 -42.12
N GLN D 143 9.73 32.97 -41.22
CA GLN D 143 10.37 34.23 -40.94
C GLN D 143 11.85 34.18 -41.27
N PHE D 144 12.31 35.19 -41.99
CA PHE D 144 13.70 35.30 -42.37
C PHE D 144 14.22 36.50 -41.62
N VAL D 145 15.08 36.25 -40.64
CA VAL D 145 15.61 37.31 -39.82
C VAL D 145 16.94 37.83 -40.28
N TRP D 146 17.01 39.13 -40.52
CA TRP D 146 18.26 39.74 -40.97
C TRP D 146 18.86 40.63 -39.87
N ASN D 147 20.09 40.30 -39.47
CA ASN D 147 20.77 41.08 -38.44
C ASN D 147 21.74 42.00 -39.15
N ILE D 148 21.43 43.29 -39.15
CA ILE D 148 22.26 44.28 -39.83
C ILE D 148 23.39 44.86 -38.96
N TYR D 149 24.62 44.57 -39.31
CA TYR D 149 25.76 45.12 -38.58
C TYR D 149 26.46 46.21 -39.42
N ALA D 150 26.99 47.23 -38.76
CA ALA D 150 27.71 48.30 -39.47
C ALA D 150 29.19 47.97 -39.41
N ASN D 151 29.87 48.05 -40.55
CA ASN D 151 31.28 47.71 -40.60
C ASN D 151 32.17 48.83 -40.13
N ASN D 152 31.64 50.03 -40.12
CA ASN D 152 32.43 51.19 -39.75
C ASN D 152 31.68 52.21 -38.91
N ASP D 153 32.44 53.17 -38.35
CA ASP D 153 31.83 54.21 -37.54
C ASP D 153 31.15 55.21 -38.45
N VAL D 154 29.99 55.69 -38.01
CA VAL D 154 29.28 56.74 -38.71
C VAL D 154 29.33 57.97 -37.77
N VAL D 155 30.21 58.91 -38.10
CA VAL D 155 30.38 60.13 -37.32
C VAL D 155 29.42 61.23 -37.75
N VAL D 156 28.86 61.92 -36.76
CA VAL D 156 27.98 63.06 -36.99
C VAL D 156 28.74 64.26 -36.43
N PRO D 157 29.29 65.11 -37.30
CA PRO D 157 30.05 66.29 -36.89
C PRO D 157 29.32 67.19 -35.89
N THR D 158 30.07 67.74 -34.94
CA THR D 158 29.47 68.63 -33.97
C THR D 158 29.16 69.98 -34.63
N GLY D 159 27.97 70.52 -34.35
CA GLY D 159 27.58 71.80 -34.92
C GLY D 159 27.98 73.04 -34.13
N GLY D 160 27.60 74.21 -34.63
CA GLY D 160 27.94 75.43 -33.92
C GLY D 160 26.84 75.69 -32.91
N CYS D 161 27.08 76.56 -31.94
CA CYS D 161 26.07 76.85 -30.93
C CYS D 161 25.08 77.95 -31.36
N ASP D 162 24.01 78.14 -30.58
CA ASP D 162 23.05 79.17 -30.94
C ASP D 162 23.13 80.30 -29.95
N VAL D 163 23.24 81.51 -30.48
CA VAL D 163 23.35 82.69 -29.66
C VAL D 163 22.02 83.39 -29.57
N SER D 164 21.22 82.90 -28.64
CA SER D 164 19.88 83.42 -28.39
C SER D 164 19.95 84.88 -27.94
N ALA D 165 19.50 85.78 -28.82
CA ALA D 165 19.49 87.22 -28.53
C ALA D 165 18.12 87.81 -28.88
N ARG D 166 17.56 88.61 -27.98
CA ARG D 166 16.26 89.22 -28.22
C ARG D 166 16.24 90.08 -29.49
N ASP D 167 17.00 91.19 -29.50
CA ASP D 167 17.09 92.08 -30.68
C ASP D 167 17.86 93.38 -30.44
N VAL D 168 17.54 94.40 -31.24
CA VAL D 168 18.13 95.72 -31.18
C VAL D 168 17.77 96.44 -29.87
N THR D 169 18.60 96.23 -28.86
CA THR D 169 18.40 96.80 -27.54
C THR D 169 18.35 98.31 -27.53
N VAL D 170 17.28 98.84 -26.92
CA VAL D 170 17.09 100.27 -26.80
C VAL D 170 17.89 100.73 -25.58
N THR D 171 19.10 101.21 -25.83
CA THR D 171 19.98 101.70 -24.78
C THR D 171 19.42 103.07 -24.39
N LEU D 172 18.10 103.14 -24.30
CA LEU D 172 17.42 104.38 -23.97
C LEU D 172 17.69 104.95 -22.57
N PRO D 173 17.98 104.10 -21.55
CA PRO D 173 18.21 104.69 -20.23
C PRO D 173 19.04 105.97 -20.38
N ASP D 174 18.32 107.08 -20.54
CA ASP D 174 18.92 108.40 -20.76
C ASP D 174 20.35 108.55 -20.27
N TYR D 175 21.14 109.23 -21.09
CA TYR D 175 22.56 109.43 -20.87
C TYR D 175 23.24 108.74 -19.69
N PRO D 176 22.76 108.95 -18.45
CA PRO D 176 23.53 108.23 -17.43
C PRO D 176 23.18 106.73 -17.26
N GLY D 177 21.96 106.38 -17.65
CA GLY D 177 21.47 105.02 -17.51
C GLY D 177 22.21 103.86 -18.14
N SER D 178 21.96 102.66 -17.62
CA SER D 178 22.59 101.45 -18.12
C SER D 178 21.63 100.28 -18.04
N VAL D 179 21.53 99.48 -19.11
CA VAL D 179 20.62 98.34 -19.09
C VAL D 179 21.39 97.04 -19.18
N PRO D 180 20.74 95.93 -18.86
CA PRO D 180 21.36 94.60 -18.94
C PRO D 180 21.11 94.18 -20.37
N ILE D 181 22.00 93.37 -20.92
CA ILE D 181 21.88 92.91 -22.29
C ILE D 181 21.61 91.43 -22.36
N PRO D 182 20.38 91.06 -22.71
CA PRO D 182 19.99 89.66 -22.81
C PRO D 182 20.76 89.02 -23.94
N LEU D 183 21.59 88.05 -23.60
CA LEU D 183 22.36 87.33 -24.60
C LEU D 183 22.87 86.05 -23.94
N THR D 184 22.37 84.93 -24.43
CA THR D 184 22.75 83.63 -23.91
C THR D 184 23.16 82.76 -25.09
N VAL D 185 23.81 81.64 -24.78
CA VAL D 185 24.22 80.72 -25.80
C VAL D 185 24.06 79.31 -25.30
N TYR D 186 23.59 78.43 -26.17
CA TYR D 186 23.46 77.03 -25.80
C TYR D 186 24.03 76.24 -26.95
N CYS D 187 24.50 75.03 -26.65
CA CYS D 187 25.09 74.16 -27.65
C CYS D 187 24.45 72.77 -27.54
N ALA D 188 24.03 72.23 -28.68
CA ALA D 188 23.44 70.88 -28.70
C ALA D 188 24.45 69.89 -28.11
N LYS D 189 25.73 70.18 -28.28
CA LYS D 189 26.80 69.36 -27.74
C LYS D 189 27.69 70.28 -26.93
N SER D 190 27.91 69.97 -25.66
CA SER D 190 28.77 70.81 -24.84
C SER D 190 30.13 71.01 -25.47
N GLN D 191 30.66 72.22 -25.31
CA GLN D 191 31.97 72.59 -25.85
C GLN D 191 32.44 73.93 -25.29
N ASN D 192 33.74 74.16 -25.32
CA ASN D 192 34.29 75.41 -24.83
C ASN D 192 34.16 76.56 -25.81
N LEU D 193 33.61 77.66 -25.33
CA LEU D 193 33.43 78.84 -26.15
C LEU D 193 34.16 80.00 -25.51
N GLY D 194 34.44 80.99 -26.33
CA GLY D 194 35.09 82.19 -25.88
C GLY D 194 34.54 83.26 -26.80
N TYR D 195 34.59 84.52 -26.37
CA TYR D 195 34.11 85.57 -27.24
C TYR D 195 34.91 86.86 -27.06
N TYR D 196 34.78 87.74 -28.04
CA TYR D 196 35.45 89.03 -28.00
C TYR D 196 34.64 90.00 -28.83
N LEU D 197 34.72 91.27 -28.43
CA LEU D 197 34.03 92.36 -29.07
C LEU D 197 34.90 92.99 -30.14
N SER D 198 34.25 93.67 -31.08
CA SER D 198 34.96 94.28 -32.18
C SER D 198 34.16 95.48 -32.69
N GLY D 199 34.86 96.54 -33.05
CA GLY D 199 34.21 97.72 -33.55
C GLY D 199 35.06 98.94 -33.32
N THR D 200 34.64 100.05 -33.89
CA THR D 200 35.36 101.33 -33.77
C THR D 200 35.35 101.82 -32.35
N THR D 201 36.53 102.14 -31.83
CA THR D 201 36.66 102.60 -30.46
C THR D 201 37.03 104.07 -30.34
N ALA D 202 36.73 104.68 -29.19
CA ALA D 202 37.01 106.09 -29.03
C ALA D 202 38.01 106.42 -27.94
N ASP D 203 38.64 105.40 -27.36
CA ASP D 203 39.56 105.65 -26.26
C ASP D 203 40.82 104.83 -26.33
N ALA D 204 41.84 105.27 -25.61
CA ALA D 204 43.12 104.58 -25.58
C ALA D 204 42.97 103.18 -24.95
N GLY D 205 42.00 103.03 -24.07
CA GLY D 205 41.79 101.73 -23.44
C GLY D 205 41.00 100.84 -24.38
N ASN D 206 40.68 101.40 -25.53
CA ASN D 206 39.97 100.68 -26.56
C ASN D 206 38.72 99.94 -26.08
N SER D 207 37.96 100.54 -25.17
CA SER D 207 36.76 99.87 -24.68
C SER D 207 35.48 100.70 -24.66
N ILE D 208 35.51 101.86 -25.31
CA ILE D 208 34.31 102.72 -25.40
C ILE D 208 33.95 102.83 -26.87
N PHE D 209 32.88 102.15 -27.27
CA PHE D 209 32.49 102.15 -28.66
C PHE D 209 31.88 103.43 -29.17
N THR D 210 32.56 103.98 -30.17
CA THR D 210 32.19 105.22 -30.85
C THR D 210 30.70 105.39 -31.12
N ASN D 211 30.21 106.62 -30.93
CA ASN D 211 28.81 106.91 -31.18
C ASN D 211 28.56 107.01 -32.66
N THR D 212 27.73 106.10 -33.15
CA THR D 212 27.38 106.05 -34.55
C THR D 212 25.90 106.35 -34.73
N ALA D 213 25.59 107.54 -35.22
CA ALA D 213 24.21 107.95 -35.42
C ALA D 213 24.20 109.31 -36.08
N SER D 214 23.11 109.61 -36.79
CA SER D 214 22.99 110.90 -37.46
C SER D 214 22.19 111.92 -36.64
N PHE D 215 20.90 111.64 -36.39
CA PHE D 215 20.05 112.57 -35.63
C PHE D 215 20.78 113.27 -34.48
N SER D 216 21.26 114.49 -34.75
CA SER D 216 21.99 115.28 -33.78
C SER D 216 22.76 114.37 -32.85
N PRO D 217 23.98 114.01 -33.24
CA PRO D 217 24.85 113.13 -32.46
C PRO D 217 25.17 113.63 -31.06
N ALA D 218 24.47 113.11 -30.06
CA ALA D 218 24.75 113.50 -28.70
C ALA D 218 26.25 113.28 -28.54
N GLN D 219 27.03 114.30 -28.84
CA GLN D 219 28.47 114.20 -28.77
C GLN D 219 29.06 114.01 -27.37
N GLY D 220 30.25 113.43 -27.31
CA GLY D 220 30.94 113.24 -26.04
C GLY D 220 30.73 111.97 -25.24
N VAL D 221 29.78 111.13 -25.65
CA VAL D 221 29.51 109.92 -24.90
C VAL D 221 30.10 108.65 -25.54
N GLY D 222 29.25 107.67 -25.81
CA GLY D 222 29.72 106.41 -26.38
C GLY D 222 29.29 105.25 -25.50
N VAL D 223 29.07 104.09 -26.12
CA VAL D 223 28.64 102.88 -25.42
C VAL D 223 29.76 101.95 -24.97
N GLN D 224 29.69 101.48 -23.72
CA GLN D 224 30.72 100.57 -23.18
C GLN D 224 30.00 99.36 -22.59
N LEU D 225 30.52 98.16 -22.88
CA LEU D 225 29.88 96.96 -22.39
C LEU D 225 30.60 96.39 -21.19
N THR D 226 29.81 95.86 -20.29
CA THR D 226 30.35 95.33 -19.06
C THR D 226 29.74 93.94 -18.79
N ARG D 227 30.51 93.07 -18.14
CA ARG D 227 30.04 91.72 -17.79
C ARG D 227 30.15 91.58 -16.26
N ASN D 228 29.01 91.75 -15.59
CA ASN D 228 28.96 91.72 -14.12
C ASN D 228 30.00 92.68 -13.54
N GLY D 229 29.99 93.91 -14.02
CA GLY D 229 30.92 94.89 -13.52
C GLY D 229 32.26 95.00 -14.22
N THR D 230 32.70 93.93 -14.88
CA THR D 230 34.00 93.97 -15.57
C THR D 230 33.84 94.54 -16.96
N ILE D 231 34.73 95.45 -17.30
CA ILE D 231 34.70 96.10 -18.60
C ILE D 231 35.24 95.16 -19.66
N ILE D 232 34.62 95.19 -20.83
CA ILE D 232 35.07 94.35 -21.91
C ILE D 232 35.65 95.18 -23.05
N PRO D 233 36.98 95.31 -23.11
CA PRO D 233 37.55 96.08 -24.21
C PRO D 233 37.51 95.24 -25.50
N ALA D 234 37.46 95.91 -26.65
CA ALA D 234 37.42 95.23 -27.93
C ALA D 234 38.60 94.30 -28.12
N ASN D 235 38.36 93.13 -28.71
CA ASN D 235 39.43 92.16 -28.96
C ASN D 235 40.16 91.62 -27.72
N ASN D 236 39.39 91.35 -26.68
CA ASN D 236 39.88 90.80 -25.42
C ASN D 236 39.03 89.56 -25.26
N THR D 237 39.58 88.39 -25.55
CA THR D 237 38.77 87.19 -25.48
C THR D 237 38.30 86.81 -24.08
N VAL D 238 36.99 86.70 -23.93
CA VAL D 238 36.39 86.32 -22.66
C VAL D 238 36.03 84.85 -22.75
N SER D 239 36.62 84.06 -21.88
CA SER D 239 36.36 82.64 -21.87
C SER D 239 35.09 82.24 -21.13
N LEU D 240 34.16 81.66 -21.86
CA LEU D 240 32.89 81.21 -21.29
C LEU D 240 32.93 79.82 -20.63
N GLY D 241 34.02 79.09 -20.85
CA GLY D 241 34.14 77.75 -20.29
C GLY D 241 33.35 76.76 -21.13
N ALA D 242 32.75 75.76 -20.48
CA ALA D 242 31.95 74.78 -21.21
C ALA D 242 30.51 75.25 -21.26
N VAL D 243 29.95 75.26 -22.46
CA VAL D 243 28.57 75.67 -22.66
C VAL D 243 27.84 74.46 -23.23
N GLY D 244 26.71 74.11 -22.62
CA GLY D 244 25.96 72.97 -23.07
C GLY D 244 24.52 73.25 -23.44
N THR D 245 23.65 72.31 -23.08
CA THR D 245 22.23 72.39 -23.40
C THR D 245 21.49 73.48 -22.66
N SER D 246 22.00 73.86 -21.49
CA SER D 246 21.39 74.92 -20.71
C SER D 246 22.07 76.22 -21.15
N ALA D 247 21.27 77.19 -21.57
CA ALA D 247 21.80 78.47 -22.01
C ALA D 247 22.67 79.13 -20.94
N VAL D 248 23.67 79.88 -21.40
CA VAL D 248 24.57 80.58 -20.52
C VAL D 248 24.48 82.04 -20.86
N SER D 249 24.18 82.86 -19.85
CA SER D 249 24.07 84.29 -20.03
C SER D 249 25.47 84.90 -19.98
N LEU D 250 25.80 85.76 -20.92
CA LEU D 250 27.13 86.39 -20.90
C LEU D 250 27.14 87.44 -19.79
N GLY D 251 25.96 87.80 -19.31
CA GLY D 251 25.84 88.78 -18.25
C GLY D 251 26.33 90.13 -18.70
N LEU D 252 25.85 90.56 -19.84
CA LEU D 252 26.25 91.83 -20.41
C LEU D 252 25.35 92.99 -20.03
N THR D 253 25.95 94.17 -19.94
CA THR D 253 25.20 95.38 -19.65
C THR D 253 25.80 96.49 -20.51
N ALA D 254 24.93 97.28 -21.13
CA ALA D 254 25.39 98.40 -21.94
C ALA D 254 25.52 99.60 -20.98
N ASN D 255 26.64 100.31 -21.08
CA ASN D 255 26.91 101.47 -20.25
C ASN D 255 27.35 102.64 -21.09
N TYR D 256 27.03 103.84 -20.65
CA TYR D 256 27.50 105.02 -21.37
C TYR D 256 28.84 105.37 -20.70
N ALA D 257 29.82 105.73 -21.51
CA ALA D 257 31.12 106.13 -20.99
C ALA D 257 31.44 107.44 -21.68
N ARG D 258 32.29 108.24 -21.09
CA ARG D 258 32.63 109.51 -21.71
C ARG D 258 33.92 109.39 -22.50
N THR D 259 33.88 109.92 -23.71
CA THR D 259 35.03 109.90 -24.62
C THR D 259 35.86 111.14 -24.45
N GLY D 260 35.44 112.20 -25.14
CA GLY D 260 36.13 113.48 -25.09
C GLY D 260 35.97 114.22 -23.78
N GLY D 261 35.30 115.37 -23.84
CA GLY D 261 35.10 116.14 -22.63
C GLY D 261 33.67 116.60 -22.41
N GLN D 262 33.27 117.67 -23.09
CA GLN D 262 31.92 118.20 -22.96
C GLN D 262 30.90 117.24 -23.56
N VAL D 263 29.98 116.76 -22.73
CA VAL D 263 28.94 115.88 -23.21
C VAL D 263 27.87 116.77 -23.82
N THR D 264 27.15 116.28 -24.81
CA THR D 264 26.15 117.10 -25.47
C THR D 264 24.88 116.35 -25.81
N ALA D 265 23.74 117.03 -25.73
CA ALA D 265 22.46 116.41 -26.02
C ALA D 265 22.38 115.83 -27.44
N GLY D 266 21.48 114.87 -27.61
CA GLY D 266 21.30 114.24 -28.90
C GLY D 266 21.21 112.73 -28.80
N ASN D 267 21.18 112.05 -29.94
CA ASN D 267 21.11 110.60 -29.96
C ASN D 267 22.47 109.92 -29.87
N VAL D 268 22.45 108.71 -29.32
CA VAL D 268 23.65 107.91 -29.16
C VAL D 268 23.31 106.50 -29.65
N GLN D 269 23.88 106.15 -30.80
CA GLN D 269 23.65 104.84 -31.38
C GLN D 269 24.97 104.12 -31.62
N SER D 270 24.95 102.80 -31.61
CA SER D 270 26.17 102.05 -31.83
C SER D 270 25.98 100.59 -32.24
N ILE D 271 26.93 100.10 -33.03
CA ILE D 271 26.94 98.73 -33.52
C ILE D 271 28.22 98.05 -33.08
N ILE D 272 28.06 96.93 -32.39
CA ILE D 272 29.17 96.16 -31.87
C ILE D 272 29.15 94.73 -32.37
N GLY D 273 30.32 94.19 -32.66
CA GLY D 273 30.35 92.83 -33.10
C GLY D 273 30.73 91.94 -31.95
N VAL D 274 30.01 90.84 -31.80
CA VAL D 274 30.33 89.87 -30.75
C VAL D 274 30.73 88.61 -31.51
N THR D 275 32.00 88.23 -31.36
CA THR D 275 32.54 87.07 -32.05
C THR D 275 32.81 85.88 -31.13
N PHE D 276 32.03 84.82 -31.30
CA PHE D 276 32.20 83.61 -30.52
C PHE D 276 33.28 82.74 -31.16
N VAL D 277 34.32 82.42 -30.40
CA VAL D 277 35.39 81.60 -30.94
C VAL D 277 35.26 80.14 -30.52
N TYR D 278 35.27 79.25 -31.51
CA TYR D 278 35.15 77.82 -31.28
C TYR D 278 36.43 77.08 -31.15
N GLN D 279 36.51 76.22 -30.14
CA GLN D 279 37.71 75.42 -29.93
C GLN D 279 37.83 74.25 -30.92
N GLY E 1 -7.56 -33.02 -9.81
CA GLY E 1 -8.72 -33.36 -8.96
C GLY E 1 -9.14 -32.10 -8.24
N VAL E 2 -10.07 -31.34 -8.81
CA VAL E 2 -10.53 -30.11 -8.18
C VAL E 2 -11.94 -30.35 -7.64
N ALA E 3 -12.15 -30.01 -6.37
CA ALA E 3 -13.46 -30.23 -5.75
C ALA E 3 -14.02 -29.05 -4.99
N LEU E 4 -15.34 -28.91 -5.07
CA LEU E 4 -16.02 -27.84 -4.37
C LEU E 4 -16.25 -28.32 -2.95
N GLY E 5 -16.30 -27.35 -2.02
CA GLY E 5 -16.50 -27.66 -0.62
C GLY E 5 -17.94 -27.82 -0.19
N ALA E 6 -18.88 -27.73 -1.12
CA ALA E 6 -20.30 -27.91 -0.81
C ALA E 6 -20.99 -28.51 -2.03
N THR E 7 -22.15 -29.11 -1.82
CA THR E 7 -22.87 -29.69 -2.93
C THR E 7 -24.05 -28.81 -3.28
N ARG E 8 -24.07 -27.61 -2.70
CA ARG E 8 -25.12 -26.63 -2.93
C ARG E 8 -24.79 -25.36 -2.17
N VAL E 9 -25.51 -24.29 -2.49
CA VAL E 9 -25.26 -23.02 -1.87
C VAL E 9 -26.58 -22.33 -1.63
N ILE E 10 -26.70 -21.74 -0.44
CA ILE E 10 -27.89 -21.01 -0.08
C ILE E 10 -27.50 -19.56 -0.07
N TYR E 11 -28.13 -18.78 -0.95
CA TYR E 11 -27.83 -17.36 -0.99
C TYR E 11 -28.95 -16.63 -0.28
N PRO E 12 -28.65 -16.08 0.92
CA PRO E 12 -29.62 -15.33 1.74
C PRO E 12 -29.89 -13.99 1.10
N ALA E 13 -31.15 -13.74 0.74
CA ALA E 13 -31.47 -12.46 0.12
C ALA E 13 -30.97 -11.33 1.02
N GLY E 14 -30.21 -10.42 0.44
CA GLY E 14 -29.68 -9.31 1.21
C GLY E 14 -28.17 -9.39 1.34
N GLN E 15 -27.65 -10.58 1.65
CA GLN E 15 -26.21 -10.76 1.81
C GLN E 15 -25.49 -10.13 0.65
N LYS E 16 -24.41 -9.42 0.93
CA LYS E 16 -23.66 -8.79 -0.14
C LYS E 16 -22.96 -9.86 -0.95
N GLN E 17 -22.65 -10.98 -0.30
CA GLN E 17 -21.95 -12.07 -0.97
C GLN E 17 -21.83 -13.34 -0.14
N VAL E 18 -21.85 -14.50 -0.82
CA VAL E 18 -21.70 -15.77 -0.14
C VAL E 18 -20.44 -16.39 -0.71
N GLN E 19 -19.77 -17.21 0.08
CA GLN E 19 -18.55 -17.81 -0.40
C GLN E 19 -18.55 -19.32 -0.40
N LEU E 20 -17.84 -19.90 -1.37
CA LEU E 20 -17.73 -21.33 -1.56
C LEU E 20 -16.24 -21.69 -1.63
N ALA E 21 -15.89 -22.87 -1.15
CA ALA E 21 -14.50 -23.31 -1.15
C ALA E 21 -14.20 -24.22 -2.30
N VAL E 22 -12.98 -24.11 -2.79
CA VAL E 22 -12.52 -24.93 -3.88
C VAL E 22 -11.16 -25.40 -3.44
N THR E 23 -10.90 -26.66 -3.69
CA THR E 23 -9.64 -27.23 -3.32
C THR E 23 -9.17 -28.13 -4.45
N ASN E 24 -7.87 -28.05 -4.75
CA ASN E 24 -7.22 -28.82 -5.81
C ASN E 24 -6.32 -29.86 -5.18
N ASN E 25 -6.70 -31.14 -5.35
CA ASN E 25 -5.96 -32.29 -4.83
C ASN E 25 -4.64 -32.56 -5.52
N ASP E 26 -4.71 -32.71 -6.84
CA ASP E 26 -3.55 -32.99 -7.64
C ASP E 26 -2.29 -32.27 -7.24
N GLU E 27 -1.46 -32.95 -6.46
CA GLU E 27 -0.21 -32.43 -5.97
C GLU E 27 0.62 -31.73 -7.05
N ASN E 28 0.37 -32.05 -8.32
CA ASN E 28 1.15 -31.41 -9.36
C ASN E 28 0.45 -31.33 -10.70
N SER E 29 -0.10 -30.16 -10.98
CA SER E 29 -0.84 -29.87 -12.20
C SER E 29 -1.63 -28.60 -11.92
N THR E 30 -1.33 -27.53 -12.65
CA THR E 30 -2.04 -26.28 -12.42
C THR E 30 -3.40 -26.32 -13.10
N TYR E 31 -4.30 -25.46 -12.66
CA TYR E 31 -5.64 -25.37 -13.23
C TYR E 31 -6.13 -23.94 -13.29
N LEU E 32 -7.00 -23.67 -14.24
CA LEU E 32 -7.58 -22.36 -14.37
C LEU E 32 -9.01 -22.57 -13.92
N ILE E 33 -9.39 -21.83 -12.89
CA ILE E 33 -10.73 -21.94 -12.37
C ILE E 33 -11.56 -20.85 -13.02
N GLN E 34 -12.65 -21.27 -13.64
CA GLN E 34 -13.56 -20.35 -14.31
C GLN E 34 -14.95 -20.70 -13.79
N SER E 35 -15.58 -19.77 -13.10
CA SER E 35 -16.89 -20.02 -12.52
C SER E 35 -17.98 -19.09 -13.04
N TRP E 36 -19.21 -19.58 -13.04
CA TRP E 36 -20.35 -18.77 -13.46
C TRP E 36 -21.65 -19.36 -12.91
N VAL E 37 -22.73 -18.63 -13.09
CA VAL E 37 -23.99 -19.09 -12.59
C VAL E 37 -25.04 -18.91 -13.67
N GLU E 38 -25.73 -20.00 -13.98
CA GLU E 38 -26.78 -19.97 -14.97
C GLU E 38 -28.07 -19.94 -14.19
N ASN E 39 -29.15 -19.48 -14.80
CA ASN E 39 -30.42 -19.45 -14.11
C ASN E 39 -31.09 -20.79 -14.34
N ALA E 40 -32.31 -20.93 -13.83
CA ALA E 40 -33.07 -22.16 -13.93
C ALA E 40 -33.16 -22.68 -15.36
N ASP E 41 -33.30 -21.78 -16.33
CA ASP E 41 -33.40 -22.22 -17.70
C ASP E 41 -32.07 -22.57 -18.33
N GLY E 42 -30.99 -22.46 -17.57
CA GLY E 42 -29.70 -22.80 -18.11
C GLY E 42 -29.01 -21.65 -18.82
N VAL E 43 -29.62 -20.47 -18.85
CA VAL E 43 -28.98 -19.36 -19.53
C VAL E 43 -28.12 -18.51 -18.59
N LYS E 44 -26.96 -18.09 -19.10
CA LYS E 44 -26.05 -17.28 -18.33
C LYS E 44 -26.50 -15.82 -18.27
N ASP E 45 -27.47 -15.51 -17.41
CA ASP E 45 -27.84 -14.11 -17.27
C ASP E 45 -26.85 -13.64 -16.24
N GLY E 46 -26.94 -12.41 -15.81
CA GLY E 46 -25.94 -11.97 -14.85
C GLY E 46 -26.46 -11.86 -13.45
N ARG E 47 -27.54 -12.56 -13.17
CA ARG E 47 -28.14 -12.52 -11.85
C ARG E 47 -27.12 -12.70 -10.74
N PHE E 48 -26.14 -13.56 -10.96
CA PHE E 48 -25.11 -13.77 -9.95
C PHE E 48 -23.74 -13.76 -10.59
N ILE E 49 -22.76 -13.21 -9.88
CA ILE E 49 -21.41 -13.15 -10.39
C ILE E 49 -20.44 -13.75 -9.38
N VAL E 50 -19.48 -14.51 -9.89
CA VAL E 50 -18.53 -15.17 -9.03
C VAL E 50 -17.16 -14.57 -9.23
N THR E 51 -16.39 -14.45 -8.16
CA THR E 51 -15.04 -13.90 -8.27
C THR E 51 -14.12 -14.74 -7.43
N PRO E 52 -12.87 -14.89 -7.88
CA PRO E 52 -12.44 -14.30 -9.15
C PRO E 52 -13.00 -15.09 -10.32
N PRO E 53 -13.46 -14.39 -11.35
CA PRO E 53 -14.00 -15.09 -12.52
C PRO E 53 -13.02 -16.04 -13.20
N LEU E 54 -11.73 -15.85 -12.95
CA LEU E 54 -10.71 -16.71 -13.56
C LEU E 54 -9.40 -16.63 -12.80
N PHE E 55 -8.89 -17.77 -12.34
CA PHE E 55 -7.64 -17.77 -11.59
C PHE E 55 -7.00 -19.14 -11.60
N ALA E 56 -5.73 -19.18 -11.20
CA ALA E 56 -4.98 -20.44 -11.18
C ALA E 56 -4.81 -21.08 -9.80
N MET E 57 -4.81 -22.39 -9.79
CA MET E 57 -4.61 -23.15 -8.58
C MET E 57 -3.46 -24.09 -8.93
N LYS E 58 -2.29 -23.80 -8.37
CA LYS E 58 -1.12 -24.62 -8.63
C LYS E 58 -0.89 -25.67 -7.55
N GLY E 59 -0.91 -26.94 -7.94
CA GLY E 59 -0.71 -28.01 -6.98
C GLY E 59 -1.74 -27.98 -5.89
N LYS E 60 -1.54 -28.78 -4.84
CA LYS E 60 -2.49 -28.84 -3.73
C LYS E 60 -2.62 -27.46 -3.12
N LYS E 61 -3.76 -26.82 -3.36
CA LYS E 61 -4.02 -25.49 -2.86
C LYS E 61 -5.48 -25.41 -2.46
N GLU E 62 -5.86 -24.30 -1.85
CA GLU E 62 -7.24 -24.11 -1.41
C GLU E 62 -7.53 -22.62 -1.55
N ASN E 63 -8.65 -22.28 -2.16
CA ASN E 63 -8.98 -20.86 -2.32
C ASN E 63 -10.44 -20.70 -2.12
N THR E 64 -10.88 -19.45 -2.10
CA THR E 64 -12.29 -19.16 -1.90
C THR E 64 -12.98 -18.44 -3.03
N LEU E 65 -14.12 -18.98 -3.44
CA LEU E 65 -14.93 -18.37 -4.47
C LEU E 65 -15.98 -17.55 -3.74
N ARG E 66 -16.28 -16.35 -4.24
CA ARG E 66 -17.27 -15.48 -3.62
C ARG E 66 -18.38 -15.21 -4.63
N ILE E 67 -19.62 -15.52 -4.25
CA ILE E 67 -20.76 -15.33 -5.13
C ILE E 67 -21.46 -13.99 -4.82
N LEU E 68 -21.50 -13.14 -5.83
CA LEU E 68 -22.11 -11.84 -5.65
C LEU E 68 -23.48 -11.72 -6.29
N ASP E 69 -24.38 -11.09 -5.53
CA ASP E 69 -25.75 -10.85 -5.93
C ASP E 69 -25.81 -9.69 -6.89
N ALA E 70 -26.11 -9.94 -8.14
CA ALA E 70 -26.21 -8.85 -9.12
C ALA E 70 -27.67 -8.50 -9.27
N THR E 71 -28.52 -9.50 -9.04
CA THR E 71 -29.97 -9.34 -9.15
C THR E 71 -30.49 -8.35 -8.12
N ASN E 72 -30.73 -7.12 -8.58
CA ASN E 72 -31.24 -6.07 -7.70
C ASN E 72 -32.64 -6.42 -7.18
N ASN E 73 -32.71 -7.42 -6.31
CA ASN E 73 -33.98 -7.85 -5.73
C ASN E 73 -35.08 -7.89 -6.79
N GLN E 74 -34.72 -8.29 -8.01
CA GLN E 74 -35.67 -8.38 -9.12
C GLN E 74 -36.27 -9.77 -9.21
N LEU E 75 -36.04 -10.57 -8.16
CA LEU E 75 -36.53 -11.93 -8.10
C LEU E 75 -37.72 -12.04 -7.16
N PRO E 76 -38.53 -13.10 -7.30
CA PRO E 76 -39.70 -13.30 -6.45
C PRO E 76 -39.24 -13.28 -4.98
N GLN E 77 -40.02 -12.64 -4.11
CA GLN E 77 -39.66 -12.55 -2.70
C GLN E 77 -40.43 -13.47 -1.75
N ASP E 78 -41.31 -14.30 -2.30
CA ASP E 78 -42.09 -15.21 -1.48
C ASP E 78 -41.54 -16.64 -1.50
N ARG E 79 -40.64 -16.91 -2.45
CA ARG E 79 -40.10 -18.26 -2.59
C ARG E 79 -38.67 -18.20 -3.04
N GLU E 80 -37.99 -19.33 -2.99
CA GLU E 80 -36.60 -19.38 -3.44
C GLU E 80 -36.60 -19.44 -4.97
N SER E 81 -35.51 -18.99 -5.57
CA SER E 81 -35.39 -19.05 -7.02
C SER E 81 -34.24 -19.99 -7.28
N LEU E 82 -34.42 -20.93 -8.21
CA LEU E 82 -33.38 -21.90 -8.53
C LEU E 82 -32.34 -21.38 -9.51
N PHE E 83 -31.07 -21.60 -9.17
CA PHE E 83 -29.95 -21.20 -10.01
C PHE E 83 -28.90 -22.30 -10.02
N TRP E 84 -27.98 -22.24 -10.97
CA TRP E 84 -26.94 -23.24 -11.04
C TRP E 84 -25.56 -22.65 -11.06
N MET E 85 -24.76 -23.11 -10.12
CA MET E 85 -23.38 -22.70 -9.90
C MET E 85 -22.45 -23.68 -10.64
N ASN E 86 -21.56 -23.13 -11.46
CA ASN E 86 -20.63 -23.95 -12.25
C ASN E 86 -19.18 -23.53 -12.00
N VAL E 87 -18.32 -24.51 -11.76
CA VAL E 87 -16.90 -24.26 -11.50
C VAL E 87 -16.17 -25.24 -12.40
N LYS E 88 -15.49 -24.67 -13.38
CA LYS E 88 -14.73 -25.38 -14.40
C LYS E 88 -13.26 -25.41 -14.09
N ALA E 89 -12.63 -26.57 -14.28
CA ALA E 89 -11.20 -26.71 -14.03
C ALA E 89 -10.49 -26.87 -15.36
N ILE E 90 -9.87 -25.79 -15.82
CA ILE E 90 -9.17 -25.80 -17.09
C ILE E 90 -7.72 -26.26 -16.96
N PRO E 91 -7.36 -27.35 -17.65
CA PRO E 91 -5.98 -27.81 -17.55
C PRO E 91 -5.08 -26.88 -18.35
N SER E 92 -3.98 -27.41 -18.86
CA SER E 92 -3.04 -26.62 -19.63
C SER E 92 -2.58 -27.45 -20.82
N MET E 93 -2.26 -26.81 -21.93
CA MET E 93 -1.83 -27.53 -23.13
C MET E 93 -0.39 -28.06 -23.03
N ASP E 94 -0.24 -29.38 -23.19
CA ASP E 94 1.08 -30.00 -23.16
C ASP E 94 1.79 -29.60 -24.43
N LYS E 95 2.93 -28.94 -24.31
CA LYS E 95 3.69 -28.57 -25.49
C LYS E 95 4.41 -29.85 -25.88
N SER E 96 4.13 -30.90 -25.13
CA SER E 96 4.72 -32.22 -25.31
C SER E 96 3.95 -33.14 -26.27
N LYS E 97 2.62 -33.04 -26.28
CA LYS E 97 1.81 -33.88 -27.17
C LYS E 97 1.29 -33.05 -28.33
N LEU E 98 1.90 -31.89 -28.52
CA LEU E 98 1.53 -30.93 -29.56
C LEU E 98 1.32 -31.49 -30.98
N THR E 99 2.21 -32.37 -31.45
CA THR E 99 2.09 -32.93 -32.80
C THR E 99 1.43 -34.30 -32.72
N GLU E 100 0.58 -34.46 -31.73
CA GLU E 100 -0.13 -35.71 -31.52
C GLU E 100 -1.63 -35.53 -31.55
N ASN E 101 -2.35 -36.63 -31.73
CA ASN E 101 -3.79 -36.61 -31.72
C ASN E 101 -4.16 -36.73 -30.25
N THR E 102 -4.75 -35.68 -29.70
CA THR E 102 -5.09 -35.67 -28.28
C THR E 102 -6.51 -35.31 -27.92
N LEU E 103 -6.88 -35.68 -26.70
CA LEU E 103 -8.20 -35.38 -26.14
C LEU E 103 -8.02 -34.86 -24.74
N GLN E 104 -8.53 -33.66 -24.49
CA GLN E 104 -8.43 -33.13 -23.14
C GLN E 104 -9.81 -32.93 -22.55
N LEU E 105 -9.93 -33.24 -21.27
CA LEU E 105 -11.20 -33.06 -20.60
C LEU E 105 -11.07 -31.88 -19.65
N ALA E 106 -12.19 -31.22 -19.39
CA ALA E 106 -12.27 -30.10 -18.47
C ALA E 106 -13.41 -30.46 -17.53
N ILE E 107 -13.06 -30.80 -16.30
CA ILE E 107 -14.07 -31.18 -15.34
C ILE E 107 -14.75 -29.94 -14.81
N ILE E 108 -16.05 -30.04 -14.61
CA ILE E 108 -16.83 -28.92 -14.09
C ILE E 108 -17.72 -29.44 -12.97
N SER E 109 -17.91 -28.65 -11.93
CA SER E 109 -18.81 -29.06 -10.84
C SER E 109 -19.97 -28.07 -10.98
N ARG E 110 -21.18 -28.59 -11.05
CA ARG E 110 -22.38 -27.77 -11.18
C ARG E 110 -23.31 -28.09 -10.03
N ILE E 111 -23.54 -27.10 -9.18
CA ILE E 111 -24.41 -27.28 -8.03
C ILE E 111 -25.53 -26.26 -7.94
N LYS E 112 -26.60 -26.62 -7.25
CA LYS E 112 -27.72 -25.73 -7.08
C LYS E 112 -27.36 -24.55 -6.20
N LEU E 113 -27.93 -23.40 -6.51
CA LEU E 113 -27.72 -22.21 -5.74
C LEU E 113 -29.12 -21.67 -5.53
N TYR E 114 -29.57 -21.58 -4.28
CA TYR E 114 -30.91 -21.05 -4.06
C TYR E 114 -30.83 -19.63 -3.54
N TYR E 115 -31.67 -18.78 -4.10
CA TYR E 115 -31.78 -17.40 -3.66
C TYR E 115 -32.93 -17.55 -2.67
N ARG E 116 -32.65 -17.41 -1.38
CA ARG E 116 -33.69 -17.56 -0.38
C ARG E 116 -34.13 -16.23 0.21
N PRO E 117 -35.29 -15.72 -0.24
CA PRO E 117 -35.79 -14.45 0.27
C PRO E 117 -35.79 -14.50 1.79
N ALA E 118 -34.85 -13.81 2.41
CA ALA E 118 -34.78 -13.82 3.86
C ALA E 118 -35.96 -13.02 4.41
N LYS E 119 -37.06 -13.71 4.69
CA LYS E 119 -38.28 -13.08 5.22
C LYS E 119 -39.46 -14.06 5.15
N LEU E 120 -39.17 -15.34 5.03
CA LEU E 120 -40.22 -16.35 4.93
C LEU E 120 -40.60 -16.91 6.29
N ALA E 121 -41.86 -17.32 6.41
CA ALA E 121 -42.38 -17.86 7.67
C ALA E 121 -41.90 -19.26 7.96
N LEU E 122 -42.42 -20.22 7.21
CA LEU E 122 -42.05 -21.61 7.39
C LEU E 122 -40.55 -21.83 7.36
N PRO E 123 -39.95 -22.16 8.51
CA PRO E 123 -38.50 -22.41 8.59
C PRO E 123 -38.09 -23.70 7.85
N PRO E 124 -37.06 -23.60 6.99
CA PRO E 124 -36.54 -24.71 6.20
C PRO E 124 -36.60 -26.11 6.82
N ASP E 125 -36.29 -26.20 8.10
CA ASP E 125 -36.33 -27.48 8.81
C ASP E 125 -37.72 -28.09 8.73
N GLN E 126 -38.73 -27.22 8.77
CA GLN E 126 -40.13 -27.60 8.76
C GLN E 126 -40.75 -27.67 7.35
N ALA E 127 -39.97 -28.10 6.36
CA ALA E 127 -40.48 -28.16 4.99
C ALA E 127 -40.77 -29.56 4.44
N ALA E 128 -39.86 -30.50 4.66
CA ALA E 128 -40.06 -31.86 4.15
C ALA E 128 -41.42 -32.44 4.56
N GLU E 129 -41.83 -32.19 5.80
CA GLU E 129 -43.10 -32.69 6.34
C GLU E 129 -44.29 -32.24 5.50
N LYS E 130 -44.26 -30.96 5.10
CA LYS E 130 -45.33 -30.37 4.33
C LYS E 130 -45.54 -31.03 2.98
N LEU E 131 -44.71 -32.03 2.67
CA LEU E 131 -44.81 -32.73 1.39
C LEU E 131 -45.95 -33.71 1.32
N ARG E 132 -46.98 -33.38 0.55
CA ARG E 132 -48.12 -34.26 0.38
C ARG E 132 -47.97 -35.03 -0.93
N PHE E 133 -48.98 -35.80 -1.31
CA PHE E 133 -48.92 -36.57 -2.54
C PHE E 133 -50.23 -36.67 -3.33
N ARG E 134 -50.26 -37.64 -4.23
CA ARG E 134 -51.41 -37.91 -5.10
C ARG E 134 -50.97 -39.10 -5.93
N ARG E 135 -51.24 -40.30 -5.43
CA ARG E 135 -50.82 -41.52 -6.11
C ARG E 135 -51.88 -42.27 -6.90
N SER E 136 -51.67 -42.35 -8.21
CA SER E 136 -52.57 -43.08 -9.10
C SER E 136 -51.99 -44.49 -9.28
N ALA E 137 -52.06 -45.01 -10.50
CA ALA E 137 -51.52 -46.33 -10.79
C ALA E 137 -50.38 -46.16 -11.80
N ASN E 138 -49.98 -44.89 -11.97
CA ASN E 138 -48.92 -44.54 -12.91
C ASN E 138 -48.44 -43.10 -12.75
N SER E 139 -49.24 -42.26 -12.10
CA SER E 139 -48.88 -40.86 -11.95
C SER E 139 -48.87 -40.28 -10.54
N LEU E 140 -47.86 -40.65 -9.76
CA LEU E 140 -47.71 -40.13 -8.39
C LEU E 140 -47.21 -38.70 -8.54
N THR E 141 -47.91 -37.74 -7.93
CA THR E 141 -47.52 -36.35 -8.07
C THR E 141 -47.05 -35.63 -6.80
N LEU E 142 -45.73 -35.63 -6.60
CA LEU E 142 -45.15 -34.94 -5.43
C LEU E 142 -45.72 -33.53 -5.42
N ILE E 143 -46.16 -33.05 -4.27
CA ILE E 143 -46.74 -31.72 -4.16
C ILE E 143 -46.13 -30.94 -3.01
N ASN E 144 -45.47 -29.84 -3.35
CA ASN E 144 -44.81 -28.98 -2.36
C ASN E 144 -45.43 -27.60 -2.30
N PRO E 145 -46.08 -27.26 -1.17
CA PRO E 145 -46.74 -25.97 -0.92
C PRO E 145 -45.87 -24.94 -0.22
N THR E 146 -44.71 -25.37 0.27
CA THR E 146 -43.80 -24.48 0.98
C THR E 146 -43.13 -23.53 -0.02
N PRO E 147 -42.17 -22.74 0.44
CA PRO E 147 -41.51 -21.83 -0.51
C PRO E 147 -40.06 -22.25 -0.76
N TYR E 148 -39.76 -23.52 -0.55
CA TYR E 148 -38.41 -24.05 -0.76
C TYR E 148 -38.38 -25.19 -1.77
N TYR E 149 -37.27 -25.31 -2.49
CA TYR E 149 -37.14 -26.40 -3.43
C TYR E 149 -36.93 -27.69 -2.64
N LEU E 150 -37.76 -28.69 -2.88
CA LEU E 150 -37.61 -29.93 -2.16
C LEU E 150 -36.88 -30.95 -3.01
N THR E 151 -35.73 -31.36 -2.52
CA THR E 151 -34.95 -32.35 -3.23
C THR E 151 -35.33 -33.70 -2.65
N VAL E 152 -36.44 -34.25 -3.13
CA VAL E 152 -36.93 -35.55 -2.69
C VAL E 152 -36.07 -36.68 -3.25
N THR E 153 -35.51 -37.47 -2.34
CA THR E 153 -34.68 -38.61 -2.72
C THR E 153 -35.14 -39.84 -1.93
N GLU E 154 -34.66 -41.01 -2.31
CA GLU E 154 -35.02 -42.28 -1.67
C GLU E 154 -36.53 -42.43 -1.52
N LEU E 155 -37.25 -42.08 -2.59
CA LEU E 155 -38.70 -42.18 -2.60
C LEU E 155 -39.08 -43.64 -2.86
N ASN E 156 -40.18 -44.08 -2.26
CA ASN E 156 -40.62 -45.45 -2.43
C ASN E 156 -42.13 -45.59 -2.31
N ALA E 157 -42.71 -46.38 -3.21
CA ALA E 157 -44.15 -46.64 -3.23
C ALA E 157 -44.43 -47.69 -2.16
N GLY E 158 -43.64 -47.64 -1.09
CA GLY E 158 -43.79 -48.58 0.00
C GLY E 158 -42.64 -49.57 -0.02
N THR E 159 -42.54 -50.30 -1.13
CA THR E 159 -41.48 -51.30 -1.31
C THR E 159 -40.69 -50.94 -2.55
N ARG E 160 -41.42 -50.60 -3.60
CA ARG E 160 -40.81 -50.23 -4.87
C ARG E 160 -40.02 -48.93 -4.70
N VAL E 161 -38.83 -48.89 -5.29
CA VAL E 161 -37.99 -47.70 -5.22
C VAL E 161 -38.19 -46.88 -6.49
N LEU E 162 -38.41 -45.58 -6.32
CA LEU E 162 -38.63 -44.71 -7.48
C LEU E 162 -37.42 -43.86 -7.87
N GLU E 163 -37.70 -42.84 -8.67
CA GLU E 163 -36.67 -41.92 -9.14
C GLU E 163 -36.77 -40.59 -8.42
N ASN E 164 -35.62 -40.07 -7.99
CA ASN E 164 -35.55 -38.81 -7.25
C ASN E 164 -36.34 -37.69 -7.90
N ALA E 165 -36.72 -36.70 -7.12
CA ALA E 165 -37.47 -35.59 -7.67
C ALA E 165 -37.07 -34.29 -7.03
N LEU E 166 -37.29 -33.21 -7.75
CA LEU E 166 -36.98 -31.88 -7.29
C LEU E 166 -38.30 -31.15 -7.36
N VAL E 167 -38.92 -30.90 -6.22
CA VAL E 167 -40.21 -30.24 -6.25
C VAL E 167 -40.13 -28.78 -5.94
N PRO E 168 -40.43 -27.94 -6.93
CA PRO E 168 -40.43 -26.48 -6.88
C PRO E 168 -41.36 -25.89 -5.82
N PRO E 169 -41.01 -24.70 -5.31
CA PRO E 169 -41.79 -23.98 -4.29
C PRO E 169 -43.22 -23.75 -4.74
N MET E 170 -44.17 -23.93 -3.83
CA MET E 170 -45.58 -23.74 -4.16
C MET E 170 -45.89 -24.32 -5.54
N GLY E 171 -45.28 -25.47 -5.82
CA GLY E 171 -45.49 -26.13 -7.09
C GLY E 171 -45.55 -27.63 -6.88
N GLU E 172 -45.37 -28.39 -7.96
CA GLU E 172 -45.44 -29.84 -7.87
C GLU E 172 -44.77 -30.55 -9.04
N SER E 173 -44.49 -31.84 -8.85
CA SER E 173 -43.85 -32.65 -9.87
C SER E 173 -44.45 -34.04 -9.83
N THR E 174 -44.55 -34.69 -10.99
CA THR E 174 -45.10 -36.03 -11.03
C THR E 174 -44.06 -37.07 -11.44
N VAL E 175 -43.77 -38.00 -10.54
CA VAL E 175 -42.84 -39.08 -10.83
C VAL E 175 -43.65 -40.28 -11.31
N LYS E 176 -43.20 -40.91 -12.39
CA LYS E 176 -43.92 -42.06 -12.94
C LYS E 176 -44.17 -43.11 -11.86
N LEU E 177 -45.45 -43.34 -11.55
CA LEU E 177 -45.88 -44.32 -10.55
C LEU E 177 -45.93 -45.71 -11.22
N PRO E 178 -45.00 -46.60 -10.82
CA PRO E 178 -44.83 -47.97 -11.33
C PRO E 178 -45.98 -48.98 -11.14
N SER E 179 -46.88 -48.71 -10.20
CA SER E 179 -48.01 -49.60 -9.92
C SER E 179 -47.65 -50.81 -9.04
N ASP E 180 -46.34 -51.08 -8.92
CA ASP E 180 -45.84 -52.15 -8.04
C ASP E 180 -45.93 -51.45 -6.69
N ALA E 181 -46.91 -50.56 -6.67
CA ALA E 181 -47.29 -49.65 -5.60
C ALA E 181 -47.36 -50.13 -4.16
N GLY E 182 -48.23 -49.42 -3.44
CA GLY E 182 -48.52 -49.62 -2.05
C GLY E 182 -49.37 -48.43 -1.65
N SER E 183 -48.72 -47.47 -1.01
CA SER E 183 -49.35 -46.23 -0.56
C SER E 183 -48.48 -45.89 0.63
N ASN E 184 -47.62 -46.84 0.96
CA ASN E 184 -46.66 -46.70 2.06
C ASN E 184 -45.57 -45.81 1.50
N ILE E 185 -45.98 -44.77 0.79
CA ILE E 185 -45.04 -43.84 0.21
C ILE E 185 -44.02 -43.40 1.26
N THR E 186 -42.74 -43.55 0.92
CA THR E 186 -41.66 -43.20 1.82
C THR E 186 -40.60 -42.35 1.15
N TYR E 187 -40.06 -41.38 1.88
CA TYR E 187 -39.07 -40.48 1.30
C TYR E 187 -38.23 -39.75 2.32
N ARG E 188 -37.04 -39.35 1.90
CA ARG E 188 -36.13 -38.56 2.72
C ARG E 188 -35.82 -37.38 1.79
N THR E 189 -35.20 -36.32 2.29
CA THR E 189 -34.87 -35.22 1.39
C THR E 189 -33.45 -34.74 1.62
N ILE E 190 -33.06 -33.69 0.91
CA ILE E 190 -31.72 -33.17 1.06
C ILE E 190 -31.77 -31.72 1.56
N ASN E 191 -31.23 -31.50 2.75
CA ASN E 191 -31.24 -30.19 3.37
C ASN E 191 -30.08 -29.31 2.96
N ASP E 192 -30.19 -28.05 3.37
CA ASP E 192 -29.21 -27.02 3.11
C ASP E 192 -27.77 -27.46 3.28
N TYR E 193 -27.55 -28.57 3.97
CA TYR E 193 -26.18 -29.02 4.19
C TYR E 193 -25.87 -30.23 3.37
N GLY E 194 -26.76 -30.49 2.42
CA GLY E 194 -26.57 -31.61 1.52
C GLY E 194 -26.62 -32.87 2.33
N ALA E 195 -27.40 -32.79 3.41
CA ALA E 195 -27.59 -33.91 4.32
C ALA E 195 -28.99 -34.49 4.18
N LEU E 196 -29.10 -35.81 4.30
CA LEU E 196 -30.38 -36.50 4.19
C LEU E 196 -31.22 -36.27 5.43
N THR E 197 -32.45 -35.81 5.24
CA THR E 197 -33.31 -35.60 6.38
C THR E 197 -33.79 -36.98 6.78
N PRO E 198 -34.46 -37.09 7.93
CA PRO E 198 -34.94 -38.40 8.35
C PRO E 198 -36.14 -38.87 7.53
N LYS E 199 -36.18 -40.18 7.28
CA LYS E 199 -37.24 -40.83 6.52
C LYS E 199 -38.62 -40.47 7.05
N MET E 200 -39.52 -40.06 6.18
CA MET E 200 -40.87 -39.70 6.61
C MET E 200 -41.86 -40.49 5.77
N THR E 201 -43.11 -40.56 6.24
CA THR E 201 -44.15 -41.31 5.54
C THR E 201 -45.02 -40.48 4.62
N GLY E 202 -45.22 -41.00 3.42
CA GLY E 202 -46.04 -40.32 2.43
C GLY E 202 -47.42 -40.03 2.98
N VAL E 203 -47.90 -38.82 2.75
CA VAL E 203 -49.21 -38.41 3.25
C VAL E 203 -50.05 -37.79 2.12
N MET E 204 -50.58 -38.65 1.25
CA MET E 204 -51.40 -38.20 0.11
C MET E 204 -52.39 -37.10 0.49
N GLU E 205 -52.44 -36.04 -0.32
CA GLU E 205 -53.35 -34.94 -0.06
C GLU E 205 -54.68 -35.25 -0.72
N PHE F 1 -9.85 -24.83 47.80
CA PHE F 1 -9.90 -24.80 46.32
C PHE F 1 -11.26 -25.32 45.88
N ALA F 2 -11.98 -24.51 45.10
CA ALA F 2 -13.30 -24.88 44.61
C ALA F 2 -13.52 -24.27 43.23
N CYS F 3 -14.42 -24.85 42.45
CA CYS F 3 -14.69 -24.31 41.12
C CYS F 3 -16.20 -24.17 40.90
N LYS F 4 -16.57 -23.35 39.92
CA LYS F 4 -17.97 -23.15 39.60
C LYS F 4 -18.15 -23.00 38.11
N THR F 5 -19.38 -23.23 37.69
CA THR F 5 -19.76 -23.18 36.31
C THR F 5 -20.48 -21.87 36.06
N ALA F 6 -20.14 -21.24 34.95
CA ALA F 6 -20.73 -19.96 34.57
C ALA F 6 -22.23 -20.05 34.55
N ASN F 7 -22.73 -21.25 34.35
CA ASN F 7 -24.17 -21.48 34.30
C ASN F 7 -24.76 -21.39 35.68
N GLY F 8 -24.00 -21.88 36.65
CA GLY F 8 -24.43 -21.85 38.03
C GLY F 8 -23.76 -22.88 38.94
N THR F 9 -23.73 -24.14 38.51
CA THR F 9 -23.17 -25.25 39.30
C THR F 9 -21.74 -25.18 39.82
N ALA F 10 -21.54 -25.75 41.01
CA ALA F 10 -20.24 -25.75 41.69
C ALA F 10 -19.79 -27.13 42.12
N ILE F 11 -18.49 -27.27 42.31
CA ILE F 11 -17.93 -28.51 42.81
C ILE F 11 -17.13 -27.99 44.00
N PRO F 12 -17.47 -28.41 45.20
CA PRO F 12 -16.79 -27.96 46.40
C PRO F 12 -15.42 -28.53 46.71
N ILE F 13 -14.85 -28.02 47.81
CA ILE F 13 -13.56 -28.44 48.36
C ILE F 13 -13.59 -29.96 48.47
N GLY F 14 -12.56 -30.63 48.00
CA GLY F 14 -12.53 -32.08 48.07
C GLY F 14 -12.88 -32.75 46.75
N GLY F 15 -13.35 -31.96 45.79
CA GLY F 15 -13.68 -32.51 44.48
C GLY F 15 -15.10 -32.97 44.29
N GLY F 16 -15.37 -33.47 43.09
CA GLY F 16 -16.70 -33.91 42.74
C GLY F 16 -16.89 -33.73 41.24
N SER F 17 -18.12 -33.59 40.79
CA SER F 17 -18.31 -33.45 39.36
C SER F 17 -19.45 -32.56 38.98
N ALA F 18 -19.41 -32.01 37.77
CA ALA F 18 -20.48 -31.15 37.31
C ALA F 18 -20.63 -31.18 35.82
N ASN F 19 -21.82 -30.81 35.37
CA ASN F 19 -22.13 -30.76 33.95
C ASN F 19 -21.81 -29.37 33.43
N VAL F 20 -21.29 -29.31 32.21
CA VAL F 20 -21.02 -28.02 31.61
C VAL F 20 -21.73 -28.02 30.26
N TYR F 21 -22.76 -27.20 30.13
CA TYR F 21 -23.56 -27.12 28.88
C TYR F 21 -23.08 -26.06 27.89
N VAL F 22 -22.67 -26.50 26.70
CA VAL F 22 -22.13 -25.59 25.67
C VAL F 22 -22.86 -25.48 24.36
N ASN F 23 -23.05 -24.24 23.89
CA ASN F 23 -23.67 -23.99 22.59
C ASN F 23 -22.50 -23.94 21.61
N LEU F 24 -22.52 -24.77 20.58
CA LEU F 24 -21.43 -24.81 19.60
C LEU F 24 -21.82 -24.24 18.22
N ALA F 25 -20.82 -23.83 17.44
CA ALA F 25 -21.07 -23.33 16.08
C ALA F 25 -21.98 -24.36 15.40
N PRO F 26 -23.11 -23.93 14.85
CA PRO F 26 -24.05 -24.84 14.19
C PRO F 26 -23.54 -25.61 12.96
N VAL F 27 -22.55 -25.02 12.28
CA VAL F 27 -21.98 -25.60 11.07
C VAL F 27 -20.47 -25.51 11.07
N VAL F 28 -19.82 -26.56 10.65
CA VAL F 28 -18.37 -26.59 10.61
C VAL F 28 -18.04 -27.43 9.38
N ASN F 29 -17.07 -26.98 8.59
CA ASN F 29 -16.70 -27.71 7.38
C ASN F 29 -15.52 -28.60 7.62
N VAL F 30 -15.40 -29.60 6.77
CA VAL F 30 -14.27 -30.50 6.86
C VAL F 30 -13.09 -29.56 6.76
N GLY F 31 -12.02 -29.85 7.49
CA GLY F 31 -10.85 -28.99 7.42
C GLY F 31 -10.82 -27.86 8.43
N GLN F 32 -11.98 -27.35 8.82
CA GLN F 32 -12.06 -26.26 9.79
C GLN F 32 -11.96 -26.70 11.26
N ASN F 33 -11.98 -25.72 12.15
CA ASN F 33 -11.90 -25.98 13.58
C ASN F 33 -13.18 -25.64 14.32
N LEU F 34 -13.60 -26.56 15.17
CA LEU F 34 -14.77 -26.34 16.01
C LEU F 34 -14.05 -26.04 17.32
N VAL F 35 -14.40 -24.92 17.94
CA VAL F 35 -13.72 -24.58 19.17
C VAL F 35 -14.65 -24.56 20.36
N VAL F 36 -14.28 -25.33 21.37
CA VAL F 36 -15.07 -25.38 22.60
C VAL F 36 -14.17 -24.77 23.65
N ASP F 37 -14.47 -23.54 24.02
CA ASP F 37 -13.65 -22.85 25.00
C ASP F 37 -14.26 -22.90 26.39
N LEU F 38 -13.69 -23.74 27.26
CA LEU F 38 -14.24 -23.87 28.60
C LEU F 38 -13.79 -22.82 29.58
N SER F 39 -12.68 -22.15 29.26
CA SER F 39 -12.10 -21.07 30.07
C SER F 39 -13.17 -20.00 30.17
N THR F 40 -14.20 -20.15 29.39
CA THR F 40 -15.27 -19.19 29.43
C THR F 40 -16.38 -19.72 30.31
N GLN F 41 -16.31 -20.99 30.67
CA GLN F 41 -17.36 -21.60 31.47
C GLN F 41 -16.98 -22.27 32.77
N ILE F 42 -15.68 -22.43 33.01
CA ILE F 42 -15.22 -23.07 34.23
C ILE F 42 -14.21 -22.22 35.00
N PHE F 43 -14.58 -21.87 36.23
CA PHE F 43 -13.74 -21.04 37.10
C PHE F 43 -13.38 -21.66 38.43
N CYS F 44 -12.17 -21.39 38.88
CA CYS F 44 -11.72 -21.91 40.17
C CYS F 44 -11.03 -20.78 40.96
N HIS F 45 -10.75 -21.04 42.24
CA HIS F 45 -10.11 -20.05 43.08
C HIS F 45 -9.45 -20.78 44.21
N ASN F 46 -8.45 -20.15 44.80
CA ASN F 46 -7.69 -20.67 45.93
C ASN F 46 -8.47 -20.20 47.15
N ASP F 47 -8.61 -21.03 48.19
CA ASP F 47 -9.36 -20.60 49.36
C ASP F 47 -8.48 -19.93 50.43
N TYR F 48 -7.21 -20.30 50.44
CA TYR F 48 -6.28 -19.73 51.40
C TYR F 48 -4.98 -19.39 50.67
N PRO F 49 -5.05 -18.40 49.76
CA PRO F 49 -3.92 -17.93 48.96
C PRO F 49 -2.66 -17.58 49.74
N GLU F 50 -2.77 -16.65 50.69
CA GLU F 50 -1.63 -16.20 51.51
C GLU F 50 -0.73 -17.27 52.13
N THR F 51 -1.21 -18.51 52.29
CA THR F 51 -0.37 -19.52 52.92
C THR F 51 -0.36 -20.83 52.12
N ILE F 52 -1.25 -20.93 51.14
CA ILE F 52 -1.30 -22.13 50.34
C ILE F 52 -1.32 -21.82 48.87
N THR F 53 -0.54 -22.58 48.11
CA THR F 53 -0.49 -22.41 46.67
C THR F 53 -1.10 -23.64 46.02
N ASP F 54 -2.10 -23.41 45.19
CA ASP F 54 -2.80 -24.51 44.50
C ASP F 54 -2.28 -24.79 43.09
N TYR F 55 -2.20 -26.08 42.75
CA TYR F 55 -1.74 -26.55 41.44
C TYR F 55 -2.86 -27.27 40.68
N VAL F 56 -3.29 -26.67 39.57
CA VAL F 56 -4.34 -27.24 38.76
C VAL F 56 -3.78 -27.87 37.48
N THR F 57 -4.23 -29.06 37.18
CA THR F 57 -3.72 -29.80 36.04
C THR F 57 -4.85 -30.46 35.22
N LEU F 58 -4.63 -30.69 33.93
CA LEU F 58 -5.65 -31.38 33.12
C LEU F 58 -5.31 -32.88 33.12
N GLN F 59 -5.71 -33.53 34.21
CA GLN F 59 -5.47 -34.96 34.44
C GLN F 59 -5.76 -35.87 33.25
N ARG F 60 -6.94 -35.70 32.66
CA ARG F 60 -7.36 -36.51 31.52
C ARG F 60 -8.44 -35.78 30.71
N GLY F 61 -8.53 -36.09 29.42
CA GLY F 61 -9.51 -35.47 28.55
C GLY F 61 -10.03 -36.59 27.68
N SER F 62 -11.34 -36.78 27.64
CA SER F 62 -11.91 -37.85 26.86
C SER F 62 -13.05 -37.42 25.99
N ALA F 63 -13.15 -38.04 24.82
CA ALA F 63 -14.19 -37.72 23.83
C ALA F 63 -15.31 -38.74 23.85
N TYR F 64 -16.51 -38.29 23.48
CA TYR F 64 -17.69 -39.12 23.44
C TYR F 64 -18.58 -38.81 22.23
N GLY F 65 -19.43 -39.77 21.88
CA GLY F 65 -20.33 -39.61 20.76
C GLY F 65 -19.63 -39.12 19.51
N GLY F 66 -20.28 -38.17 18.86
CA GLY F 66 -19.74 -37.61 17.63
C GLY F 66 -18.32 -37.14 17.74
N VAL F 67 -18.01 -36.41 18.79
CA VAL F 67 -16.66 -35.92 18.95
C VAL F 67 -15.64 -37.02 18.74
N LEU F 68 -15.98 -38.20 19.24
CA LEU F 68 -15.11 -39.36 19.18
C LEU F 68 -15.00 -40.01 17.80
N SER F 69 -16.09 -40.00 17.05
CA SER F 69 -16.08 -40.65 15.76
C SER F 69 -15.90 -39.75 14.56
N ASN F 70 -16.21 -38.47 14.70
CA ASN F 70 -16.12 -37.53 13.58
C ASN F 70 -15.03 -36.46 13.65
N PHE F 71 -14.23 -36.46 14.70
CA PHE F 71 -13.24 -35.41 14.79
C PHE F 71 -11.85 -35.89 15.19
N SER F 72 -10.88 -35.02 14.95
CA SER F 72 -9.51 -35.28 15.34
C SER F 72 -9.19 -33.95 16.00
N GLY F 73 -8.51 -33.96 17.12
CA GLY F 73 -8.30 -32.67 17.72
C GLY F 73 -7.25 -32.55 18.79
N THR F 74 -7.09 -31.31 19.22
CA THR F 74 -6.12 -31.03 20.26
C THR F 74 -6.80 -30.32 21.41
N VAL F 75 -6.09 -30.28 22.53
CA VAL F 75 -6.58 -29.59 23.71
C VAL F 75 -5.53 -28.54 24.06
N LYS F 76 -5.96 -27.29 24.12
CA LYS F 76 -5.05 -26.22 24.47
C LYS F 76 -5.21 -25.89 25.95
N TYR F 77 -4.23 -26.30 26.75
CA TYR F 77 -4.24 -26.03 28.18
C TYR F 77 -3.22 -25.01 28.63
N SER F 78 -3.66 -23.78 28.89
CA SER F 78 -2.76 -22.76 29.39
C SER F 78 -1.66 -22.45 28.39
N GLY F 79 -2.03 -22.11 27.16
CA GLY F 79 -1.01 -21.78 26.18
C GLY F 79 -0.42 -22.89 25.34
N SER F 80 -0.37 -24.12 25.87
CA SER F 80 0.17 -25.26 25.12
C SER F 80 -0.91 -26.20 24.60
N SER F 81 -0.56 -27.01 23.60
CA SER F 81 -1.53 -27.95 23.02
C SER F 81 -1.11 -29.39 23.18
N TYR F 82 -2.11 -30.27 23.24
CA TYR F 82 -1.85 -31.68 23.41
C TYR F 82 -2.92 -32.46 22.66
N PRO F 83 -2.64 -33.72 22.37
CA PRO F 83 -3.53 -34.62 21.65
C PRO F 83 -4.82 -34.87 22.43
N PHE F 84 -5.96 -34.74 21.78
CA PHE F 84 -7.25 -34.98 22.45
C PHE F 84 -8.04 -35.97 21.60
N PRO F 85 -8.52 -37.08 22.20
CA PRO F 85 -8.39 -37.54 23.59
C PRO F 85 -6.98 -37.37 24.11
N THR F 86 -6.84 -37.07 25.40
CA THR F 86 -5.52 -36.87 25.96
C THR F 86 -4.80 -38.17 26.18
N THR F 87 -3.48 -38.10 26.31
CA THR F 87 -2.66 -39.31 26.51
C THR F 87 -1.73 -39.24 27.73
N SER F 88 -1.65 -38.08 28.35
CA SER F 88 -0.80 -37.89 29.52
C SER F 88 -1.35 -36.76 30.40
N GLU F 89 -1.00 -36.77 31.68
CA GLU F 89 -1.45 -35.71 32.56
C GLU F 89 -0.62 -34.49 32.19
N THR F 90 -1.32 -33.40 31.95
CA THR F 90 -0.75 -32.14 31.55
C THR F 90 0.11 -31.48 32.62
N PRO F 91 0.86 -30.42 32.26
CA PRO F 91 1.71 -29.71 33.21
C PRO F 91 0.79 -28.93 34.17
N ARG F 92 1.31 -28.52 35.32
CA ARG F 92 0.49 -27.81 36.30
C ARG F 92 0.48 -26.28 36.28
N VAL F 93 -0.72 -25.71 36.34
CA VAL F 93 -0.93 -24.27 36.39
C VAL F 93 -1.20 -23.91 37.86
N VAL F 94 -0.86 -22.70 38.29
CA VAL F 94 -1.10 -22.36 39.68
C VAL F 94 -2.20 -21.33 39.91
N TYR F 95 -2.95 -21.57 40.97
CA TYR F 95 -4.03 -20.70 41.38
C TYR F 95 -3.65 -20.15 42.75
N ASN F 96 -3.62 -18.82 42.84
CA ASN F 96 -3.27 -18.14 44.07
C ASN F 96 -4.11 -16.90 44.30
N SER F 97 -5.41 -17.08 44.42
CA SER F 97 -6.26 -15.94 44.66
C SER F 97 -7.66 -16.43 44.94
N ARG F 98 -8.35 -15.75 45.85
CA ARG F 98 -9.70 -16.14 46.19
C ARG F 98 -10.57 -15.71 45.04
N THR F 99 -10.00 -14.92 44.13
CA THR F 99 -10.74 -14.45 42.97
C THR F 99 -10.85 -15.54 41.91
N ASP F 100 -12.07 -15.77 41.43
CA ASP F 100 -12.31 -16.79 40.41
C ASP F 100 -11.53 -16.52 39.13
N LYS F 101 -10.55 -17.37 38.86
CA LYS F 101 -9.74 -17.30 37.65
C LYS F 101 -10.28 -18.41 36.74
N PRO F 102 -10.09 -18.27 35.42
CA PRO F 102 -10.58 -19.30 34.49
C PRO F 102 -9.68 -20.52 34.48
N TRP F 103 -10.20 -21.62 33.97
CA TRP F 103 -9.44 -22.85 33.83
C TRP F 103 -9.24 -22.84 32.30
N PRO F 104 -8.05 -22.40 31.86
CA PRO F 104 -7.63 -22.27 30.47
C PRO F 104 -7.58 -23.59 29.70
N VAL F 105 -8.75 -24.04 29.28
CA VAL F 105 -8.88 -25.27 28.53
C VAL F 105 -9.78 -25.00 27.36
N ALA F 106 -9.35 -25.47 26.19
CA ALA F 106 -10.15 -25.30 24.98
C ALA F 106 -9.92 -26.49 24.09
N LEU F 107 -11.00 -26.95 23.48
CA LEU F 107 -10.99 -28.07 22.56
C LEU F 107 -10.98 -27.51 21.15
N TYR F 108 -10.05 -27.99 20.34
CA TYR F 108 -9.95 -27.59 18.94
C TYR F 108 -10.26 -28.84 18.14
N LEU F 109 -11.47 -28.89 17.59
CA LEU F 109 -11.93 -30.05 16.85
C LEU F 109 -12.18 -29.82 15.36
N THR F 110 -11.59 -30.68 14.53
CA THR F 110 -11.74 -30.60 13.07
C THR F 110 -12.42 -31.85 12.54
N PRO F 111 -13.57 -31.67 11.87
CA PRO F 111 -14.31 -32.79 11.30
C PRO F 111 -13.48 -33.55 10.29
N VAL F 112 -13.74 -34.85 10.20
CA VAL F 112 -13.03 -35.70 9.26
C VAL F 112 -13.82 -35.68 7.95
N SER F 113 -13.14 -35.96 6.85
CA SER F 113 -13.79 -35.97 5.54
C SER F 113 -15.03 -36.85 5.52
N SER F 114 -15.03 -37.90 6.36
CA SER F 114 -16.15 -38.81 6.40
C SER F 114 -17.30 -38.34 7.29
N ALA F 115 -17.13 -37.21 7.94
CA ALA F 115 -18.17 -36.69 8.82
C ALA F 115 -19.51 -36.49 8.10
N GLY F 116 -20.56 -37.12 8.64
CA GLY F 116 -21.89 -37.03 8.04
C GLY F 116 -22.46 -35.63 7.85
N GLY F 117 -23.63 -35.42 8.44
CA GLY F 117 -24.26 -34.11 8.38
C GLY F 117 -24.22 -33.63 9.80
N VAL F 118 -24.93 -34.34 10.68
CA VAL F 118 -24.95 -34.05 12.11
C VAL F 118 -23.81 -34.80 12.77
N ALA F 119 -22.66 -34.15 12.97
CA ALA F 119 -21.53 -34.83 13.60
C ALA F 119 -21.57 -34.84 15.13
N ILE F 120 -22.47 -34.07 15.72
CA ILE F 120 -22.64 -33.98 17.17
C ILE F 120 -24.11 -33.73 17.51
N LYS F 121 -24.75 -34.67 18.22
CA LYS F 121 -26.15 -34.48 18.57
C LYS F 121 -26.42 -33.48 19.70
N ALA F 122 -27.52 -32.76 19.54
CA ALA F 122 -27.94 -31.81 20.54
C ALA F 122 -28.24 -32.64 21.80
N GLY F 123 -27.67 -32.23 22.92
CA GLY F 123 -27.89 -32.91 24.18
C GLY F 123 -26.94 -34.05 24.50
N SER F 124 -25.98 -34.30 23.62
CA SER F 124 -25.06 -35.41 23.83
C SER F 124 -23.80 -35.13 24.66
N LEU F 125 -23.28 -36.18 25.27
CA LEU F 125 -22.08 -36.05 26.06
C LEU F 125 -21.03 -35.92 25.01
N ILE F 126 -20.37 -34.78 25.01
CA ILE F 126 -19.35 -34.49 24.03
C ILE F 126 -17.97 -34.75 24.55
N ALA F 127 -17.75 -34.53 25.85
CA ALA F 127 -16.44 -34.76 26.46
C ALA F 127 -16.47 -34.77 27.99
N VAL F 128 -15.46 -35.40 28.57
CA VAL F 128 -15.33 -35.44 30.02
C VAL F 128 -13.91 -34.95 30.34
N LEU F 129 -13.81 -33.87 31.11
CA LEU F 129 -12.51 -33.31 31.47
C LEU F 129 -12.21 -33.41 32.95
N ILE F 130 -11.07 -34.00 33.28
CA ILE F 130 -10.70 -34.15 34.67
C ILE F 130 -9.64 -33.18 35.11
N LEU F 131 -10.06 -32.31 36.04
CA LEU F 131 -9.22 -31.29 36.62
C LEU F 131 -8.65 -31.88 37.91
N ARG F 132 -7.32 -31.91 38.02
CA ARG F 132 -6.65 -32.44 39.20
C ARG F 132 -5.94 -31.33 39.95
N GLN F 133 -6.32 -31.16 41.22
CA GLN F 133 -5.77 -30.10 42.05
C GLN F 133 -5.06 -30.60 43.29
N THR F 134 -3.83 -30.13 43.46
CA THR F 134 -2.98 -30.46 44.61
C THR F 134 -2.48 -29.12 45.18
N ASN F 135 -1.50 -29.16 46.05
CA ASN F 135 -0.99 -27.91 46.63
C ASN F 135 0.38 -28.09 47.27
N ASN F 136 0.96 -26.98 47.66
CA ASN F 136 2.26 -27.00 48.32
C ASN F 136 2.05 -26.96 49.82
N TYR F 137 0.97 -27.58 50.28
CA TYR F 137 0.67 -27.60 51.71
C TYR F 137 0.52 -28.97 52.32
N ASN F 138 -0.12 -29.89 51.63
CA ASN F 138 -0.29 -31.24 52.15
C ASN F 138 -0.51 -32.29 51.08
N SER F 139 -1.04 -33.45 51.47
CA SER F 139 -1.27 -34.52 50.51
C SER F 139 -2.61 -34.45 49.76
N ASP F 140 -3.22 -33.27 49.71
CA ASP F 140 -4.50 -33.09 49.02
C ASP F 140 -4.37 -33.33 47.50
N ASP F 141 -5.11 -34.31 47.01
CA ASP F 141 -5.10 -34.65 45.58
C ASP F 141 -6.58 -34.90 45.21
N PHE F 142 -7.28 -33.85 44.80
CA PHE F 142 -8.69 -33.96 44.48
C PHE F 142 -8.97 -33.86 42.97
N GLN F 143 -10.07 -34.47 42.54
CA GLN F 143 -10.43 -34.45 41.14
C GLN F 143 -11.76 -33.77 40.92
N PHE F 144 -11.78 -32.85 39.96
CA PHE F 144 -12.98 -32.12 39.62
C PHE F 144 -13.31 -32.58 38.22
N VAL F 145 -14.40 -33.33 38.12
CA VAL F 145 -14.82 -33.87 36.86
C VAL F 145 -15.86 -33.03 36.13
N TRP F 146 -15.54 -32.64 34.91
CA TRP F 146 -16.47 -31.82 34.12
C TRP F 146 -17.05 -32.63 32.96
N ASN F 147 -18.37 -32.75 32.94
CA ASN F 147 -19.04 -33.48 31.87
C ASN F 147 -19.59 -32.46 30.89
N ILE F 148 -18.96 -32.39 29.72
CA ILE F 148 -19.34 -31.42 28.69
C ILE F 148 -20.45 -31.89 27.76
N TYR F 149 -21.62 -31.28 27.82
CA TYR F 149 -22.73 -31.64 26.93
C TYR F 149 -22.93 -30.55 25.87
N ALA F 150 -23.30 -30.94 24.65
CA ALA F 150 -23.56 -29.97 23.59
C ALA F 150 -25.05 -29.69 23.56
N ASN F 151 -25.42 -28.41 23.53
CA ASN F 151 -26.83 -28.04 23.56
C ASN F 151 -27.49 -28.15 22.22
N ASN F 152 -26.69 -28.17 21.18
CA ASN F 152 -27.23 -28.20 19.83
C ASN F 152 -26.45 -29.10 18.88
N ASP F 153 -27.04 -29.34 17.71
CA ASP F 153 -26.38 -30.17 16.70
C ASP F 153 -25.29 -29.36 16.03
N VAL F 154 -24.17 -30.00 15.75
CA VAL F 154 -23.09 -29.37 15.00
C VAL F 154 -23.03 -30.14 13.65
N VAL F 155 -23.55 -29.50 12.61
CA VAL F 155 -23.57 -30.08 11.27
C VAL F 155 -22.30 -29.78 10.51
N VAL F 156 -21.82 -30.79 9.79
CA VAL F 156 -20.65 -30.67 8.92
C VAL F 156 -21.18 -30.88 7.52
N PRO F 157 -21.28 -29.81 6.71
CA PRO F 157 -21.79 -29.90 5.34
C PRO F 157 -21.10 -30.94 4.48
N THR F 158 -21.88 -31.61 3.63
CA THR F 158 -21.31 -32.61 2.75
C THR F 158 -20.55 -31.91 1.61
N GLY F 159 -19.34 -32.41 1.31
CA GLY F 159 -18.52 -31.82 0.27
C GLY F 159 -18.76 -32.35 -1.15
N GLY F 160 -18.01 -31.82 -2.12
CA GLY F 160 -18.19 -32.28 -3.48
C GLY F 160 -17.31 -33.50 -3.65
N CYS F 161 -17.53 -34.28 -4.72
CA CYS F 161 -16.71 -35.47 -4.94
C CYS F 161 -15.40 -35.19 -5.70
N ASP F 162 -14.52 -36.18 -5.78
CA ASP F 162 -13.27 -35.97 -6.49
C ASP F 162 -13.27 -36.76 -7.77
N VAL F 163 -12.96 -36.08 -8.87
CA VAL F 163 -12.95 -36.72 -10.16
C VAL F 163 -11.53 -37.06 -10.56
N SER F 164 -11.09 -38.21 -10.07
CA SER F 164 -9.76 -38.74 -10.33
C SER F 164 -9.57 -38.99 -11.82
N ALA F 165 -8.72 -38.17 -12.45
CA ALA F 165 -8.42 -38.29 -13.87
C ALA F 165 -6.91 -38.22 -14.08
N ARG F 166 -6.38 -39.15 -14.89
CA ARG F 166 -4.95 -39.17 -15.15
C ARG F 166 -4.44 -37.86 -15.77
N ASP F 167 -4.86 -37.54 -17.00
CA ASP F 167 -4.48 -36.29 -17.67
C ASP F 167 -4.92 -36.20 -19.12
N VAL F 168 -4.19 -35.39 -19.90
CA VAL F 168 -4.44 -35.16 -21.32
C VAL F 168 -4.20 -36.42 -22.14
N THR F 169 -5.25 -37.21 -22.29
CA THR F 169 -5.20 -38.47 -23.02
C THR F 169 -4.77 -38.33 -24.46
N VAL F 170 -3.77 -39.12 -24.83
CA VAL F 170 -3.25 -39.12 -26.19
C VAL F 170 -4.15 -40.05 -27.01
N THR F 171 -5.13 -39.45 -27.70
CA THR F 171 -6.06 -40.19 -28.54
C THR F 171 -5.28 -40.55 -29.78
N LEU F 172 -4.03 -40.96 -29.58
CA LEU F 172 -3.15 -41.31 -30.69
C LEU F 172 -3.56 -42.53 -31.51
N PRO F 173 -4.27 -43.51 -30.93
CA PRO F 173 -4.64 -44.66 -31.78
C PRO F 173 -5.06 -44.18 -33.16
N ASP F 174 -4.07 -44.07 -34.05
CA ASP F 174 -4.25 -43.58 -35.42
C ASP F 174 -5.67 -43.69 -35.96
N TYR F 175 -6.06 -42.62 -36.66
CA TYR F 175 -7.40 -42.47 -37.19
C TYR F 175 -8.47 -43.50 -36.87
N PRO F 176 -8.23 -44.78 -37.17
CA PRO F 176 -9.36 -45.64 -36.81
C PRO F 176 -9.44 -46.06 -35.32
N GLY F 177 -8.29 -46.03 -34.65
CA GLY F 177 -8.20 -46.44 -33.26
C GLY F 177 -9.05 -45.78 -32.19
N SER F 178 -9.25 -46.48 -31.08
CA SER F 178 -10.03 -45.97 -29.97
C SER F 178 -9.42 -46.42 -28.64
N VAL F 179 -9.31 -45.50 -27.68
CA VAL F 179 -8.75 -45.87 -26.38
C VAL F 179 -9.78 -45.73 -25.29
N PRO F 180 -9.50 -46.32 -24.12
CA PRO F 180 -10.41 -46.24 -22.98
C PRO F 180 -9.98 -44.96 -22.27
N ILE F 181 -10.90 -44.30 -21.59
CA ILE F 181 -10.60 -43.06 -20.89
C ILE F 181 -10.71 -43.23 -19.39
N PRO F 182 -9.56 -43.24 -18.73
CA PRO F 182 -9.51 -43.41 -17.27
C PRO F 182 -10.14 -42.18 -16.63
N LEU F 183 -11.25 -42.41 -15.93
CA LEU F 183 -11.94 -41.34 -15.25
C LEU F 183 -12.89 -41.98 -14.25
N THR F 184 -12.59 -41.76 -12.97
CA THR F 184 -13.39 -42.30 -11.89
C THR F 184 -13.74 -41.17 -10.95
N VAL F 185 -14.69 -41.41 -10.07
CA VAL F 185 -15.10 -40.42 -9.09
C VAL F 185 -15.41 -41.11 -7.78
N TYR F 186 -15.01 -40.49 -6.69
CA TYR F 186 -15.31 -41.04 -5.39
C TYR F 186 -15.79 -39.88 -4.57
N CYS F 187 -16.61 -40.17 -3.56
CA CYS F 187 -17.17 -39.17 -2.68
C CYS F 187 -16.94 -39.58 -1.22
N ALA F 188 -16.43 -38.66 -0.41
CA ALA F 188 -16.21 -38.93 1.01
C ALA F 188 -17.54 -39.36 1.65
N LYS F 189 -18.63 -38.85 1.12
CA LYS F 189 -19.96 -39.19 1.58
C LYS F 189 -20.73 -39.64 0.37
N SER F 190 -21.29 -40.83 0.40
CA SER F 190 -22.08 -41.33 -0.73
C SER F 190 -23.18 -40.35 -1.11
N GLN F 191 -23.41 -40.24 -2.42
CA GLN F 191 -24.43 -39.35 -2.96
C GLN F 191 -24.67 -39.62 -4.44
N ASN F 192 -25.83 -39.23 -4.95
CA ASN F 192 -26.14 -39.44 -6.35
C ASN F 192 -25.51 -38.39 -7.26
N LEU F 193 -24.83 -38.87 -8.28
CA LEU F 193 -24.18 -38.00 -9.23
C LEU F 193 -24.71 -38.31 -10.61
N GLY F 194 -24.55 -37.34 -11.49
CA GLY F 194 -24.97 -37.48 -12.86
C GLY F 194 -23.99 -36.63 -13.62
N TYR F 195 -23.81 -36.89 -14.91
CA TYR F 195 -22.90 -36.05 -15.68
C TYR F 195 -23.37 -35.88 -17.10
N TYR F 196 -22.83 -34.87 -17.76
CA TYR F 196 -23.14 -34.61 -19.16
C TYR F 196 -21.95 -33.91 -19.78
N LEU F 197 -21.80 -34.13 -21.09
CA LEU F 197 -20.71 -33.57 -21.87
C LEU F 197 -21.15 -32.25 -22.49
N SER F 198 -20.18 -31.44 -22.86
CA SER F 198 -20.45 -30.14 -23.42
C SER F 198 -19.28 -29.71 -24.32
N GLY F 199 -19.61 -29.09 -25.43
CA GLY F 199 -18.58 -28.65 -26.35
C GLY F 199 -19.13 -28.49 -27.74
N THR F 200 -18.32 -27.93 -28.63
CA THR F 200 -18.72 -27.72 -30.01
C THR F 200 -18.89 -29.04 -30.74
N THR F 201 -20.03 -29.21 -31.38
CA THR F 201 -20.34 -30.44 -32.06
C THR F 201 -20.35 -30.31 -33.60
N ALA F 202 -20.15 -31.42 -34.30
CA ALA F 202 -20.11 -31.34 -35.75
C ALA F 202 -21.20 -32.11 -36.47
N ASP F 203 -22.18 -32.62 -35.72
CA ASP F 203 -23.22 -33.43 -36.34
C ASP F 203 -24.60 -33.14 -35.81
N ALA F 204 -25.61 -33.52 -36.59
CA ALA F 204 -27.00 -33.31 -36.19
C ALA F 204 -27.34 -34.10 -34.92
N GLY F 205 -26.67 -35.22 -34.71
CA GLY F 205 -26.92 -36.02 -33.52
C GLY F 205 -26.20 -35.41 -32.34
N ASN F 206 -25.52 -34.31 -32.61
CA ASN F 206 -24.80 -33.57 -31.59
C ASN F 206 -23.91 -34.44 -30.68
N SER F 207 -23.24 -35.44 -31.24
CA SER F 207 -22.38 -36.28 -30.42
C SER F 207 -20.97 -36.52 -30.95
N ILE F 208 -20.55 -35.77 -31.96
CA ILE F 208 -19.20 -35.89 -32.53
C ILE F 208 -18.51 -34.54 -32.31
N PHE F 209 -17.58 -34.51 -31.36
CA PHE F 209 -16.91 -33.27 -31.04
C PHE F 209 -15.91 -32.80 -32.06
N THR F 210 -16.17 -31.60 -32.56
CA THR F 210 -15.38 -30.91 -33.55
C THR F 210 -13.87 -31.01 -33.36
N ASN F 211 -13.14 -31.17 -34.45
CA ASN F 211 -11.70 -31.26 -34.39
C ASN F 211 -11.11 -29.88 -34.19
N THR F 212 -10.45 -29.72 -33.05
CA THR F 212 -9.83 -28.45 -32.70
C THR F 212 -8.32 -28.63 -32.63
N ALA F 213 -7.62 -28.11 -33.64
CA ALA F 213 -6.17 -28.22 -33.70
C ALA F 213 -5.67 -27.43 -34.89
N SER F 214 -4.42 -26.98 -34.82
CA SER F 214 -3.84 -26.23 -35.92
C SER F 214 -3.01 -27.10 -36.87
N PHE F 215 -1.93 -27.70 -36.37
CA PHE F 215 -1.06 -28.54 -37.20
C PHE F 215 -1.82 -29.39 -38.22
N SER F 216 -1.90 -28.87 -39.44
CA SER F 216 -2.59 -29.54 -40.54
C SER F 216 -3.76 -30.35 -39.98
N PRO F 217 -4.92 -29.70 -39.84
CA PRO F 217 -6.13 -30.33 -39.30
C PRO F 217 -6.61 -31.54 -40.09
N ALA F 218 -6.29 -32.73 -39.60
CA ALA F 218 -6.74 -33.93 -40.26
C ALA F 218 -8.26 -33.74 -40.40
N GLN F 219 -8.67 -33.14 -41.51
CA GLN F 219 -10.08 -32.85 -41.74
C GLN F 219 -10.97 -34.07 -41.92
N GLY F 220 -12.26 -33.90 -41.62
CA GLY F 220 -13.24 -34.97 -41.80
C GLY F 220 -13.53 -35.94 -40.67
N VAL F 221 -12.76 -35.87 -39.59
CA VAL F 221 -12.97 -36.79 -38.49
C VAL F 221 -13.70 -36.16 -37.29
N GLY F 222 -13.10 -36.23 -36.11
CA GLY F 222 -13.72 -35.69 -34.91
C GLY F 222 -13.81 -36.76 -33.84
N VAL F 223 -13.77 -36.35 -32.58
CA VAL F 223 -13.81 -37.27 -31.44
C VAL F 223 -15.21 -37.53 -30.88
N GLN F 224 -15.52 -38.79 -30.60
CA GLN F 224 -16.82 -39.16 -30.04
C GLN F 224 -16.58 -40.04 -28.82
N LEU F 225 -17.30 -39.76 -27.73
CA LEU F 225 -17.11 -40.53 -26.51
C LEU F 225 -18.20 -41.56 -26.32
N THR F 226 -17.77 -42.70 -25.80
CA THR F 226 -18.70 -43.78 -25.60
C THR F 226 -18.52 -44.34 -24.18
N ARG F 227 -19.61 -44.89 -23.63
CA ARG F 227 -19.57 -45.48 -22.28
C ARG F 227 -20.04 -46.94 -22.43
N ASN F 228 -19.07 -47.86 -22.44
CA ASN F 228 -19.35 -49.28 -22.64
C ASN F 228 -20.20 -49.48 -23.90
N GLY F 229 -19.77 -48.90 -25.00
CA GLY F 229 -20.53 -49.03 -26.23
C GLY F 229 -21.61 -48.00 -26.51
N THR F 230 -22.16 -47.38 -25.47
CA THR F 230 -23.22 -46.39 -25.67
C THR F 230 -22.62 -45.03 -25.96
N ILE F 231 -23.17 -44.36 -26.96
CA ILE F 231 -22.70 -43.04 -27.36
C ILE F 231 -23.21 -42.00 -26.40
N ILE F 232 -22.36 -41.04 -26.10
CA ILE F 232 -22.75 -39.96 -25.20
C ILE F 232 -22.86 -38.62 -25.94
N PRO F 233 -24.07 -38.22 -26.32
CA PRO F 233 -24.17 -36.94 -27.02
C PRO F 233 -24.06 -35.81 -26.00
N ALA F 234 -23.60 -34.64 -26.43
CA ALA F 234 -23.44 -33.49 -25.56
C ALA F 234 -24.76 -33.11 -24.91
N ASN F 235 -24.71 -32.76 -23.63
CA ASN F 235 -25.90 -32.35 -22.89
C ASN F 235 -26.99 -33.42 -22.73
N ASN F 236 -26.56 -34.64 -22.47
CA ASN F 236 -27.43 -35.77 -22.26
C ASN F 236 -26.96 -36.27 -20.91
N THR F 237 -27.72 -36.01 -19.85
CA THR F 237 -27.28 -36.41 -18.53
C THR F 237 -27.24 -37.91 -18.30
N VAL F 238 -26.07 -38.40 -17.92
CA VAL F 238 -25.88 -39.82 -17.65
C VAL F 238 -25.87 -39.97 -16.15
N SER F 239 -26.80 -40.77 -15.66
CA SER F 239 -26.92 -40.99 -14.24
C SER F 239 -25.99 -42.04 -13.71
N LEU F 240 -25.10 -41.64 -12.82
CA LEU F 240 -24.14 -42.56 -12.21
C LEU F 240 -24.68 -43.33 -11.00
N GLY F 241 -25.84 -42.94 -10.50
CA GLY F 241 -26.39 -43.60 -9.32
C GLY F 241 -25.70 -43.10 -8.05
N ALA F 242 -25.54 -43.97 -7.07
CA ALA F 242 -24.87 -43.57 -5.84
C ALA F 242 -23.38 -43.83 -5.97
N VAL F 243 -22.59 -42.82 -5.65
CA VAL F 243 -21.15 -42.93 -5.71
C VAL F 243 -20.63 -42.69 -4.30
N GLY F 244 -19.80 -43.60 -3.81
CA GLY F 244 -19.28 -43.47 -2.48
C GLY F 244 -17.78 -43.45 -2.37
N THR F 245 -17.27 -44.12 -1.34
CA THR F 245 -15.83 -44.15 -1.06
C THR F 245 -15.03 -44.92 -2.08
N SER F 246 -15.67 -45.89 -2.73
CA SER F 246 -14.99 -46.68 -3.75
C SER F 246 -15.21 -45.95 -5.08
N ALA F 247 -14.12 -45.62 -5.76
CA ALA F 247 -14.20 -44.94 -7.04
C ALA F 247 -15.10 -45.67 -8.04
N VAL F 248 -15.74 -44.89 -8.91
CA VAL F 248 -16.61 -45.45 -9.92
C VAL F 248 -16.09 -44.98 -11.25
N SER F 249 -15.81 -45.93 -12.13
CA SER F 249 -15.30 -45.63 -13.47
C SER F 249 -16.49 -45.27 -14.35
N LEU F 250 -16.38 -44.18 -15.11
CA LEU F 250 -17.48 -43.80 -16.01
C LEU F 250 -17.47 -44.76 -17.21
N GLY F 251 -16.37 -45.48 -17.37
CA GLY F 251 -16.24 -46.43 -18.46
C GLY F 251 -16.28 -45.72 -19.79
N LEU F 252 -15.45 -44.70 -19.92
CA LEU F 252 -15.40 -43.90 -21.12
C LEU F 252 -14.34 -44.36 -22.12
N THR F 253 -14.64 -44.18 -23.39
CA THR F 253 -13.70 -44.51 -24.46
C THR F 253 -13.81 -43.41 -25.50
N ALA F 254 -12.65 -42.95 -25.96
CA ALA F 254 -12.61 -41.93 -27.00
C ALA F 254 -12.65 -42.68 -28.34
N ASN F 255 -13.49 -42.21 -29.25
CA ASN F 255 -13.63 -42.84 -30.56
C ASN F 255 -13.57 -41.79 -31.64
N TYR F 256 -13.06 -42.16 -32.81
CA TYR F 256 -13.05 -41.22 -33.92
C TYR F 256 -14.38 -41.49 -34.65
N ALA F 257 -15.04 -40.43 -35.09
CA ALA F 257 -16.29 -40.56 -35.83
C ALA F 257 -16.11 -39.67 -37.04
N ARG F 258 -16.84 -39.94 -38.10
CA ARG F 258 -16.70 -39.12 -39.30
C ARG F 258 -17.77 -38.05 -39.33
N THR F 259 -17.34 -36.83 -39.64
CA THR F 259 -18.23 -35.68 -39.71
C THR F 259 -18.75 -35.50 -41.13
N GLY F 260 -17.94 -34.82 -41.93
CA GLY F 260 -18.29 -34.55 -43.31
C GLY F 260 -18.23 -35.76 -44.22
N GLY F 261 -17.29 -35.76 -45.15
CA GLY F 261 -17.17 -36.89 -46.06
C GLY F 261 -15.75 -37.41 -46.23
N GLN F 262 -14.96 -36.74 -47.05
CA GLN F 262 -13.59 -37.14 -47.30
C GLN F 262 -12.72 -36.92 -46.06
N VAL F 263 -12.16 -38.00 -45.53
CA VAL F 263 -11.30 -37.91 -44.36
C VAL F 263 -9.92 -37.49 -44.90
N THR F 264 -9.16 -36.76 -44.09
CA THR F 264 -7.87 -36.30 -44.57
C THR F 264 -6.78 -36.35 -43.51
N ALA F 265 -5.56 -36.64 -43.94
CA ALA F 265 -4.43 -36.75 -43.01
C ALA F 265 -4.21 -35.48 -42.21
N GLY F 266 -3.57 -35.64 -41.05
CA GLY F 266 -3.29 -34.51 -40.19
C GLY F 266 -3.60 -34.80 -38.73
N ASN F 267 -3.48 -33.78 -37.90
CA ASN F 267 -3.78 -33.94 -36.48
C ASN F 267 -5.26 -33.78 -36.13
N VAL F 268 -5.67 -34.44 -35.06
CA VAL F 268 -7.03 -34.38 -34.57
C VAL F 268 -6.97 -34.14 -33.07
N GLN F 269 -7.33 -32.93 -32.66
CA GLN F 269 -7.31 -32.58 -31.25
C GLN F 269 -8.69 -32.08 -30.81
N SER F 270 -8.99 -32.25 -29.53
CA SER F 270 -10.29 -31.82 -29.03
C SER F 270 -10.39 -31.64 -27.52
N ILE F 271 -11.23 -30.69 -27.13
CA ILE F 271 -11.47 -30.35 -25.73
C ILE F 271 -12.95 -30.54 -25.41
N ILE F 272 -13.23 -31.38 -24.43
CA ILE F 272 -14.59 -31.69 -24.01
C ILE F 272 -14.82 -31.37 -22.55
N GLY F 273 -16.00 -30.86 -22.25
CA GLY F 273 -16.27 -30.57 -20.86
C GLY F 273 -17.10 -31.68 -20.29
N VAL F 274 -16.73 -32.13 -19.10
CA VAL F 274 -17.50 -33.16 -18.41
C VAL F 274 -18.04 -32.47 -17.17
N THR F 275 -19.35 -32.34 -17.09
CA THR F 275 -20.01 -31.67 -15.98
C THR F 275 -20.76 -32.60 -15.05
N PHE F 276 -20.25 -32.75 -13.83
CA PHE F 276 -20.89 -33.58 -12.83
C PHE F 276 -21.98 -32.80 -12.10
N VAL F 277 -23.21 -33.31 -12.17
CA VAL F 277 -24.31 -32.62 -11.52
C VAL F 277 -24.64 -33.22 -10.17
N TYR F 278 -24.66 -32.37 -9.14
CA TYR F 278 -24.93 -32.79 -7.77
C TYR F 278 -26.36 -32.65 -7.37
N GLN F 279 -26.87 -33.69 -6.73
CA GLN F 279 -28.26 -33.67 -6.27
C GLN F 279 -28.44 -32.80 -5.01
N GLY G 1 21.40 60.72 22.57
CA GLY G 1 21.64 60.60 24.02
C GLY G 1 23.06 61.05 24.29
N VAL G 2 23.24 62.32 24.61
CA VAL G 2 24.57 62.83 24.89
C VAL G 2 24.70 63.08 26.37
N ALA G 3 25.74 62.55 26.99
CA ALA G 3 25.94 62.71 28.43
C ALA G 3 27.32 63.15 28.87
N LEU G 4 27.35 63.99 29.89
CA LEU G 4 28.59 64.47 30.44
C LEU G 4 29.14 63.40 31.37
N GLY G 5 30.45 63.35 31.50
CA GLY G 5 31.12 62.38 32.36
C GLY G 5 31.22 62.76 33.83
N ALA G 6 30.67 63.90 34.21
CA ALA G 6 30.69 64.34 35.61
C ALA G 6 29.45 65.16 35.87
N THR G 7 29.07 65.30 37.13
CA THR G 7 27.88 66.09 37.46
C THR G 7 28.32 67.40 38.05
N ARG G 8 29.61 67.70 37.93
CA ARG G 8 30.18 68.95 38.43
C ARG G 8 31.66 68.98 38.06
N VAL G 9 32.26 70.15 38.21
CA VAL G 9 33.64 70.32 37.86
C VAL G 9 34.30 71.25 38.86
N ILE G 10 35.49 70.86 39.28
CA ILE G 10 36.26 71.65 40.21
C ILE G 10 37.40 72.25 39.43
N TYR G 11 37.42 73.57 39.35
CA TYR G 11 38.49 74.24 38.64
C TYR G 11 39.48 74.77 39.66
N PRO G 12 40.67 74.13 39.75
CA PRO G 12 41.75 74.51 40.68
C PRO G 12 42.37 75.82 40.23
N ALA G 13 42.30 76.84 41.07
CA ALA G 13 42.88 78.13 40.69
C ALA G 13 44.34 77.91 40.29
N GLY G 14 44.70 78.39 39.10
CA GLY G 14 46.06 78.23 38.63
C GLY G 14 46.14 77.31 37.43
N GLN G 15 45.42 76.18 37.48
CA GLN G 15 45.41 75.23 36.38
C GLN G 15 45.18 75.96 35.07
N LYS G 16 45.94 75.60 34.05
CA LYS G 16 45.77 76.25 32.76
C LYS G 16 44.45 75.83 32.16
N GLN G 17 44.00 74.63 32.51
CA GLN G 17 42.75 74.11 31.98
C GLN G 17 42.29 72.79 32.63
N VAL G 18 40.97 72.59 32.72
CA VAL G 18 40.44 71.37 33.28
C VAL G 18 39.63 70.74 32.16
N GLN G 19 39.51 69.42 32.16
CA GLN G 19 38.78 68.78 31.10
C GLN G 19 37.62 67.95 31.60
N LEU G 20 36.59 67.86 30.75
CA LEU G 20 35.37 67.15 31.03
C LEU G 20 35.08 66.21 29.84
N ALA G 21 34.50 65.06 30.11
CA ALA G 21 34.21 64.10 29.07
C ALA G 21 32.76 64.18 28.62
N VAL G 22 32.56 63.94 27.33
CA VAL G 22 31.24 63.94 26.73
C VAL G 22 31.20 62.69 25.91
N THR G 23 30.08 62.01 25.98
CA THR G 23 29.91 60.80 25.24
C THR G 23 28.51 60.80 24.65
N ASN G 24 28.42 60.37 23.39
CA ASN G 24 27.17 60.29 22.65
C ASN G 24 26.79 58.83 22.46
N ASN G 25 25.69 58.43 23.11
CA ASN G 25 25.16 57.07 23.05
C ASN G 25 24.55 56.68 21.72
N ASP G 26 23.60 57.48 21.28
CA ASP G 26 22.88 57.24 20.04
C ASP G 26 23.75 56.73 18.91
N GLU G 27 23.73 55.42 18.75
CA GLU G 27 24.49 54.74 17.72
C GLU G 27 24.36 55.40 16.35
N ASN G 28 23.30 56.16 16.12
CA ASN G 28 23.16 56.79 14.83
C ASN G 28 22.34 58.07 14.85
N SER G 29 23.05 59.19 14.83
CA SER G 29 22.48 60.53 14.85
C SER G 29 23.62 61.47 15.25
N THR G 30 23.99 62.37 14.36
CA THR G 30 25.07 63.28 14.67
C THR G 30 24.57 64.40 15.56
N TYR G 31 25.50 65.07 16.24
CA TYR G 31 25.16 66.19 17.11
C TYR G 31 26.22 67.28 17.06
N LEU G 32 25.79 68.50 17.31
CA LEU G 32 26.70 69.61 17.34
C LEU G 32 26.78 69.94 18.81
N ILE G 33 28.00 69.90 19.34
CA ILE G 33 28.20 70.19 20.73
C ILE G 33 28.61 71.65 20.83
N GLN G 34 27.86 72.39 21.63
CA GLN G 34 28.12 73.81 21.84
C GLN G 34 28.15 73.99 23.36
N SER G 35 29.30 74.39 23.89
CA SER G 35 29.43 74.55 25.33
C SER G 35 29.78 75.97 25.77
N TRP G 36 29.40 76.32 26.98
CA TRP G 36 29.71 77.64 27.51
C TRP G 36 29.57 77.64 29.03
N VAL G 37 29.98 78.73 29.65
CA VAL G 37 29.90 78.82 31.08
C VAL G 37 29.32 80.16 31.48
N GLU G 38 28.26 80.11 32.27
CA GLU G 38 27.62 81.31 32.74
C GLU G 38 28.10 81.50 34.16
N ASN G 39 28.05 82.72 34.67
CA ASN G 39 28.47 82.95 36.03
C ASN G 39 27.26 82.71 36.95
N ALA G 40 27.46 82.96 38.24
CA ALA G 40 26.41 82.73 39.22
C ALA G 40 25.11 83.39 38.87
N ASP G 41 25.18 84.60 38.33
CA ASP G 41 23.95 85.29 37.97
C ASP G 41 23.31 84.80 36.67
N GLY G 42 23.93 83.83 36.02
CA GLY G 42 23.36 83.32 34.80
C GLY G 42 23.81 84.05 33.56
N VAL G 43 24.68 85.04 33.71
CA VAL G 43 25.12 85.75 32.52
C VAL G 43 26.40 85.17 31.91
N LYS G 44 26.43 85.14 30.58
CA LYS G 44 27.58 84.62 29.87
C LYS G 44 28.72 85.63 29.84
N ASP G 45 29.49 85.73 30.91
CA ASP G 45 30.64 86.61 30.85
C ASP G 45 31.69 85.68 30.28
N GLY G 46 32.93 86.13 30.16
CA GLY G 46 33.89 85.23 29.57
C GLY G 46 34.85 84.65 30.57
N ARG G 47 34.45 84.65 31.83
CA ARG G 47 35.31 84.13 32.88
C ARG G 47 35.91 82.78 32.52
N PHE G 48 35.13 81.94 31.85
CA PHE G 48 35.65 80.63 31.47
C PHE G 48 35.29 80.33 30.03
N ILE G 49 36.18 79.66 29.32
CA ILE G 49 35.94 79.32 27.94
C ILE G 49 36.14 77.83 27.71
N VAL G 50 35.26 77.24 26.94
CA VAL G 50 35.32 75.81 26.67
C VAL G 50 35.68 75.57 25.23
N THR G 51 36.50 74.55 24.99
CA THR G 51 36.88 74.22 23.62
C THR G 51 36.81 72.72 23.44
N PRO G 52 36.43 72.29 22.24
CA PRO G 52 36.10 73.21 21.16
C PRO G 52 34.74 73.84 21.39
N PRO G 53 34.62 75.13 21.12
CA PRO G 53 33.33 75.78 21.33
C PRO G 53 32.18 75.18 20.52
N LEU G 54 32.51 74.45 19.45
CA LEU G 54 31.49 73.85 18.59
C LEU G 54 32.07 72.72 17.76
N PHE G 55 31.50 71.52 17.88
CA PHE G 55 32.02 70.38 17.12
C PHE G 55 30.98 69.29 17.00
N ALA G 56 31.23 68.34 16.10
CA ALA G 56 30.29 67.26 15.88
C ALA G 56 30.67 65.92 16.49
N MET G 57 29.66 65.18 16.92
CA MET G 57 29.86 63.86 17.48
C MET G 57 28.94 62.98 16.65
N LYS G 58 29.54 62.16 15.79
CA LYS G 58 28.78 61.28 14.93
C LYS G 58 28.69 59.88 15.52
N GLY G 59 27.45 59.43 15.76
CA GLY G 59 27.25 58.11 16.32
C GLY G 59 27.93 57.95 17.66
N LYS G 60 27.98 56.72 18.17
CA LYS G 60 28.62 56.46 19.46
C LYS G 60 30.07 56.89 19.39
N LYS G 61 30.37 57.99 20.08
CA LYS G 61 31.70 58.56 20.10
C LYS G 61 31.99 59.08 21.49
N GLU G 62 33.22 59.49 21.72
CA GLU G 62 33.61 60.05 23.01
C GLU G 62 34.66 61.10 22.73
N ASN G 63 34.51 62.28 23.33
CA ASN G 63 35.48 63.33 23.11
C ASN G 63 35.70 64.06 24.39
N THR G 64 36.67 64.97 24.38
CA THR G 64 36.97 65.73 25.58
C THR G 64 36.79 67.23 25.47
N LEU G 65 36.09 67.79 26.43
CA LEU G 65 35.88 69.22 26.49
C LEU G 65 36.96 69.75 27.44
N ARG G 66 37.55 70.89 27.12
CA ARG G 66 38.57 71.49 27.96
C ARG G 66 38.11 72.87 28.39
N ILE G 67 38.07 73.09 29.70
CA ILE G 67 37.63 74.38 30.25
C ILE G 67 38.84 75.28 30.57
N LEU G 68 38.86 76.44 29.91
CA LEU G 68 39.95 77.36 30.10
C LEU G 68 39.60 78.56 30.97
N ASP G 69 40.54 78.86 31.86
CA ASP G 69 40.43 79.97 32.79
C ASP G 69 40.72 81.27 32.06
N ALA G 70 39.72 82.11 31.88
CA ALA G 70 39.94 83.38 31.22
C ALA G 70 40.06 84.44 32.29
N THR G 71 39.42 84.17 33.42
CA THR G 71 39.42 85.10 34.56
C THR G 71 40.83 85.24 35.12
N ASN G 72 41.48 86.35 34.76
CA ASN G 72 42.84 86.63 35.22
C ASN G 72 42.88 86.82 36.74
N ASN G 73 42.65 85.74 37.48
CA ASN G 73 42.66 85.78 38.95
C ASN G 73 41.91 87.03 39.46
N GLN G 74 40.83 87.41 38.76
CA GLN G 74 40.04 88.57 39.14
C GLN G 74 38.88 88.16 40.05
N LEU G 75 38.95 86.94 40.55
CA LEU G 75 37.92 86.38 41.42
C LEU G 75 38.40 86.33 42.87
N PRO G 76 37.46 86.27 43.82
CA PRO G 76 37.81 86.20 45.23
C PRO G 76 38.77 85.02 45.45
N GLN G 77 39.80 85.22 46.28
CA GLN G 77 40.79 84.16 46.53
C GLN G 77 40.66 83.43 47.87
N ASP G 78 39.67 83.80 48.66
CA ASP G 78 39.44 83.17 49.95
C ASP G 78 38.34 82.11 49.92
N ARG G 79 37.55 82.10 48.85
CA ARG G 79 36.44 81.16 48.74
C ARG G 79 36.24 80.75 47.30
N GLU G 80 35.40 79.73 47.09
CA GLU G 80 35.12 79.26 45.75
C GLU G 80 34.11 80.23 45.13
N SER G 81 34.09 80.29 43.81
CA SER G 81 33.14 81.15 43.13
C SER G 81 32.28 80.19 42.33
N LEU G 82 30.98 80.37 42.39
CA LEU G 82 30.04 79.51 41.66
C LEU G 82 29.85 79.89 40.20
N PHE G 83 29.92 78.88 39.33
CA PHE G 83 29.72 79.07 37.89
C PHE G 83 28.91 77.92 37.35
N TRP G 84 28.37 78.09 36.15
CA TRP G 84 27.58 77.04 35.55
C TRP G 84 28.08 76.67 34.16
N MET G 85 28.35 75.37 34.01
CA MET G 85 28.85 74.74 32.81
C MET G 85 27.64 74.20 32.02
N ASN G 86 27.55 74.58 30.75
CA ASN G 86 26.45 74.16 29.87
C ASN G 86 26.98 73.47 28.60
N VAL G 87 26.41 72.32 28.27
CA VAL G 87 26.79 71.55 27.09
C VAL G 87 25.48 71.21 26.39
N LYS G 88 25.32 71.81 25.22
CA LYS G 88 24.14 71.67 24.40
C LYS G 88 24.36 70.69 23.27
N ALA G 89 23.37 69.85 23.00
CA ALA G 89 23.46 68.86 21.94
C ALA G 89 22.51 69.28 20.83
N ILE G 90 23.07 69.85 19.77
CA ILE G 90 22.27 70.31 18.65
C ILE G 90 22.04 69.20 17.61
N PRO G 91 20.77 68.86 17.36
CA PRO G 91 20.52 67.82 16.37
C PRO G 91 20.76 68.39 14.97
N SER G 92 20.05 67.86 13.99
CA SER G 92 20.21 68.31 12.62
C SER G 92 18.82 68.38 12.00
N MET G 93 18.62 69.29 11.05
CA MET G 93 17.31 69.44 10.40
C MET G 93 17.00 68.33 9.40
N ASP G 94 15.89 67.63 9.60
CA ASP G 94 15.48 66.56 8.68
C ASP G 94 14.98 67.25 7.42
N LYS G 95 15.60 66.94 6.29
CA LYS G 95 15.15 67.52 5.04
C LYS G 95 13.93 66.70 4.66
N SER G 96 13.60 65.76 5.55
CA SER G 96 12.49 64.84 5.39
C SER G 96 11.14 65.36 5.93
N LYS G 97 11.17 66.11 7.02
CA LYS G 97 9.94 66.64 7.60
C LYS G 97 9.82 68.14 7.30
N LEU G 98 10.61 68.58 6.35
CA LEU G 98 10.69 69.98 5.92
C LEU G 98 9.35 70.70 5.68
N THR G 99 8.40 70.06 5.00
CA THR G 99 7.10 70.69 4.72
C THR G 99 6.08 70.23 5.74
N GLU G 100 6.56 69.93 6.94
CA GLU G 100 5.70 69.47 8.02
C GLU G 100 5.80 70.36 9.24
N ASN G 101 4.81 70.25 10.12
CA ASN G 101 4.80 71.01 11.35
C ASN G 101 5.62 70.17 12.30
N THR G 102 6.77 70.71 12.71
CA THR G 102 7.66 69.97 13.58
C THR G 102 8.12 70.67 14.85
N LEU G 103 8.61 69.86 15.78
CA LEU G 103 9.16 70.36 17.04
C LEU G 103 10.47 69.65 17.30
N GLN G 104 11.52 70.41 17.48
CA GLN G 104 12.80 69.79 17.78
C GLN G 104 13.30 70.22 19.14
N LEU G 105 13.87 69.28 19.87
CA LEU G 105 14.40 69.60 21.18
C LEU G 105 15.91 69.57 21.10
N ALA G 106 16.54 70.34 21.97
CA ALA G 106 17.99 70.40 22.06
C ALA G 106 18.27 70.19 23.55
N ILE G 107 18.81 69.03 23.87
CA ILE G 107 19.09 68.72 25.27
C ILE G 107 20.37 69.41 25.67
N ILE G 108 20.38 69.92 26.89
CA ILE G 108 21.55 70.61 27.42
C ILE G 108 21.84 70.06 28.82
N SER G 109 23.12 69.91 29.15
CA SER G 109 23.46 69.46 30.49
C SER G 109 24.11 70.69 31.11
N ARG G 110 23.62 71.08 32.29
CA ARG G 110 24.15 72.24 32.99
C ARG G 110 24.60 71.79 34.37
N ILE G 111 25.90 71.93 34.62
CA ILE G 111 26.46 71.52 35.88
C ILE G 111 27.27 72.61 36.56
N LYS G 112 27.41 72.50 37.87
CA LYS G 112 28.17 73.50 38.62
C LYS G 112 29.65 73.39 38.30
N LEU G 113 30.32 74.52 38.32
CA LEU G 113 31.74 74.57 38.09
C LEU G 113 32.25 75.46 39.20
N TYR G 114 33.09 74.94 40.09
CA TYR G 114 33.61 75.78 41.15
C TYR G 114 35.05 76.19 40.87
N TYR G 115 35.32 77.48 41.08
CA TYR G 115 36.65 78.00 40.92
C TYR G 115 37.14 77.88 42.36
N ARG G 116 38.07 76.98 42.61
CA ARG G 116 38.57 76.78 43.98
C ARG G 116 39.95 77.37 44.17
N PRO G 117 40.03 78.54 44.83
CA PRO G 117 41.33 79.18 45.06
C PRO G 117 42.24 78.16 45.70
N ALA G 118 43.20 77.65 44.95
CA ALA G 118 44.13 76.68 45.49
C ALA G 118 45.06 77.37 46.48
N LYS G 119 44.67 77.38 47.76
CA LYS G 119 45.45 78.01 48.81
C LYS G 119 44.63 78.14 50.11
N LEU G 120 43.56 77.35 50.20
CA LEU G 120 42.69 77.40 51.37
C LEU G 120 43.12 76.41 52.45
N ALA G 121 42.85 76.76 53.70
CA ALA G 121 43.21 75.91 54.83
C ALA G 121 42.32 74.68 54.97
N LEU G 122 41.09 74.92 55.41
CA LEU G 122 40.15 73.84 55.60
C LEU G 122 40.00 72.95 54.38
N PRO G 123 40.49 71.71 54.45
CA PRO G 123 40.39 70.77 53.33
C PRO G 123 38.94 70.33 53.06
N PRO G 124 38.50 70.40 51.80
CA PRO G 124 37.15 70.02 51.37
C PRO G 124 36.47 68.88 52.12
N ASP G 125 37.23 67.84 52.42
CA ASP G 125 36.68 66.70 53.15
C ASP G 125 36.12 67.14 54.49
N GLN G 126 36.80 68.10 55.10
CA GLN G 126 36.46 68.63 56.41
C GLN G 126 35.49 69.82 56.38
N ALA G 127 34.55 69.83 55.43
CA ALA G 127 33.62 70.95 55.31
C ALA G 127 32.18 70.68 55.78
N ALA G 128 31.61 69.55 55.37
CA ALA G 128 30.25 69.22 55.77
C ALA G 128 30.02 69.35 57.28
N GLU G 129 30.99 68.88 58.07
CA GLU G 129 30.89 68.92 59.53
C GLU G 129 30.70 70.34 60.05
N LYS G 130 31.42 71.29 59.45
CA LYS G 130 31.35 72.68 59.87
C LYS G 130 29.97 73.30 59.69
N LEU G 131 29.04 72.51 59.16
CA LEU G 131 27.68 73.00 58.93
C LEU G 131 26.83 73.10 60.18
N ARG G 132 26.58 74.32 60.63
CA ARG G 132 25.76 74.54 61.82
C ARG G 132 24.33 74.88 61.38
N PHE G 133 23.48 75.23 62.33
CA PHE G 133 22.09 75.57 62.00
C PHE G 133 21.48 76.70 62.82
N ARG G 134 20.16 76.77 62.78
CA ARG G 134 19.37 77.77 63.48
C ARG G 134 17.94 77.43 63.14
N ARG G 135 17.32 76.58 63.96
CA ARG G 135 15.97 76.13 63.68
C ARG G 135 14.85 76.77 64.49
N SER G 136 13.96 77.47 63.79
CA SER G 136 12.80 78.12 64.43
C SER G 136 11.62 77.15 64.30
N ALA G 137 10.44 77.68 64.02
CA ALA G 137 9.26 76.85 63.84
C ALA G 137 8.78 77.02 62.40
N ASN G 138 9.65 77.62 61.59
CA ASN G 138 9.36 77.88 60.19
C ASN G 138 10.59 78.33 59.38
N SER G 139 11.62 78.79 60.08
CA SER G 139 12.80 79.28 59.40
C SER G 139 14.15 78.67 59.80
N LEU G 140 14.40 77.44 59.37
CA LEU G 140 15.66 76.75 59.65
C LEU G 140 16.70 77.40 58.71
N THR G 141 17.80 77.88 59.26
CA THR G 141 18.79 78.55 58.43
C THR G 141 20.16 77.89 58.34
N LEU G 142 20.35 77.07 57.30
CA LEU G 142 21.62 76.39 57.06
C LEU G 142 22.71 77.46 57.12
N ILE G 143 23.79 77.19 57.83
CA ILE G 143 24.87 78.17 57.96
C ILE G 143 26.23 77.54 57.67
N ASN G 144 26.89 78.02 56.63
CA ASN G 144 28.19 77.52 56.21
C ASN G 144 29.27 78.57 56.33
N PRO G 145 30.23 78.36 57.25
CA PRO G 145 31.37 79.26 57.51
C PRO G 145 32.64 78.91 56.74
N THR G 146 32.64 77.76 56.08
CA THR G 146 33.81 77.32 55.33
C THR G 146 33.92 78.13 54.05
N PRO G 147 34.86 77.79 53.17
CA PRO G 147 34.97 78.56 51.92
C PRO G 147 34.52 77.74 50.72
N TYR G 148 33.68 76.74 50.95
CA TYR G 148 33.18 75.89 49.87
C TYR G 148 31.67 75.89 49.78
N TYR G 149 31.15 75.71 48.57
CA TYR G 149 29.71 75.66 48.41
C TYR G 149 29.23 74.33 48.96
N LEU G 150 28.29 74.37 49.89
CA LEU G 150 27.78 73.13 50.44
C LEU G 150 26.48 72.72 49.78
N THR G 151 26.50 71.57 49.12
CA THR G 151 25.30 71.08 48.48
C THR G 151 24.62 70.15 49.48
N VAL G 152 23.85 70.73 50.38
CA VAL G 152 23.13 69.99 51.41
C VAL G 152 21.93 69.28 50.79
N THR G 153 21.89 67.97 50.94
CA THR G 153 20.80 67.16 50.42
C THR G 153 20.35 66.19 51.54
N GLU G 154 19.21 65.54 51.32
CA GLU G 154 18.64 64.60 52.29
C GLU G 154 18.57 65.20 53.68
N LEU G 155 18.13 66.46 53.74
CA LEU G 155 18.01 67.17 55.02
C LEU G 155 16.73 66.72 55.68
N ASN G 156 16.74 66.66 57.01
CA ASN G 156 15.56 66.24 57.75
C ASN G 156 15.48 66.88 59.13
N ALA G 157 14.28 67.32 59.49
CA ALA G 157 14.03 67.93 60.79
C ALA G 157 13.90 66.82 61.81
N GLY G 158 14.65 65.75 61.57
CA GLY G 158 14.62 64.59 62.44
C GLY G 158 13.88 63.46 61.76
N THR G 159 12.60 63.71 61.44
CA THR G 159 11.74 62.73 60.78
C THR G 159 11.24 63.32 59.48
N ARG G 160 10.82 64.58 59.55
CA ARG G 160 10.32 65.30 58.39
C ARG G 160 11.45 65.48 57.38
N VAL G 161 11.13 65.27 56.11
CA VAL G 161 12.12 65.44 55.05
C VAL G 161 11.94 66.83 54.43
N LEU G 162 13.04 67.55 54.28
CA LEU G 162 12.97 68.90 53.71
C LEU G 162 13.42 69.01 52.25
N GLU G 163 13.69 70.24 51.84
CA GLU G 163 14.12 70.51 50.48
C GLU G 163 15.61 70.83 50.46
N ASN G 164 16.32 70.25 49.49
CA ASN G 164 17.76 70.42 49.34
C ASN G 164 18.19 71.88 49.39
N ALA G 165 19.43 72.12 49.74
CA ALA G 165 19.91 73.47 49.80
C ALA G 165 21.34 73.56 49.32
N LEU G 166 21.70 74.76 48.85
CA LEU G 166 23.04 75.03 48.37
C LEU G 166 23.53 76.18 49.22
N VAL G 167 24.42 75.88 50.16
CA VAL G 167 24.88 76.94 51.05
C VAL G 167 26.21 77.52 50.64
N PRO G 168 26.20 78.78 50.23
CA PRO G 168 27.37 79.56 49.80
C PRO G 168 28.47 79.70 50.85
N PRO G 169 29.73 79.83 50.40
CA PRO G 169 30.91 79.98 51.25
C PRO G 169 30.75 81.14 52.22
N MET G 170 31.15 80.94 53.47
CA MET G 170 31.06 81.99 54.47
C MET G 170 29.72 82.72 54.34
N GLY G 171 28.67 81.94 54.07
CA GLY G 171 27.36 82.51 53.92
C GLY G 171 26.33 81.59 54.54
N GLU G 172 25.07 81.78 54.16
CA GLU G 172 24.00 80.95 54.71
C GLU G 172 22.73 80.97 53.87
N SER G 173 21.86 80.00 54.12
CA SER G 173 20.61 79.86 53.41
C SER G 173 19.55 79.37 54.37
N THR G 174 18.30 79.81 54.18
CA THR G 174 17.23 79.38 55.05
C THR G 174 16.20 78.53 54.31
N VAL G 175 16.06 77.28 54.73
CA VAL G 175 15.07 76.39 54.15
C VAL G 175 13.83 76.47 55.01
N LYS G 176 12.66 76.58 54.38
CA LYS G 176 11.40 76.68 55.12
C LYS G 176 11.27 75.52 56.12
N LEU G 177 11.25 75.85 57.41
CA LEU G 177 11.12 74.88 58.49
C LEU G 177 9.62 74.57 58.70
N PRO G 178 9.21 73.34 58.35
CA PRO G 178 7.83 72.82 58.44
C PRO G 178 7.14 72.75 59.79
N SER G 179 7.93 72.74 60.87
CA SER G 179 7.39 72.65 62.24
C SER G 179 7.02 71.23 62.67
N ASP G 180 6.93 70.32 61.69
CA ASP G 180 6.68 68.89 61.96
C ASP G 180 8.08 68.45 62.38
N ALA G 181 8.75 69.44 62.95
CA ALA G 181 10.11 69.46 63.43
C ALA G 181 10.65 68.30 64.25
N GLY G 182 11.64 68.67 65.06
CA GLY G 182 12.36 67.80 65.96
C GLY G 182 13.51 68.64 66.47
N SER G 183 14.68 68.43 65.90
CA SER G 183 15.90 69.14 66.23
C SER G 183 16.94 68.11 65.87
N ASN G 184 16.44 66.92 65.57
CA ASN G 184 17.27 65.78 65.17
C ASN G 184 17.64 66.07 63.72
N ILE G 185 17.98 67.33 63.46
CA ILE G 185 18.35 67.73 62.12
C ILE G 185 19.39 66.77 61.54
N THR G 186 19.09 66.23 60.36
CA THR G 186 19.97 65.26 59.71
C THR G 186 20.22 65.64 58.25
N TYR G 187 21.45 65.42 57.80
CA TYR G 187 21.80 65.76 56.42
C TYR G 187 23.04 65.07 55.90
N ARG G 188 23.11 64.96 54.59
CA ARG G 188 24.28 64.38 53.91
C ARG G 188 24.60 65.48 52.89
N THR G 189 25.76 65.42 52.23
CA THR G 189 26.04 66.44 51.23
C THR G 189 26.60 65.81 49.97
N ILE G 190 26.98 66.65 49.01
CA ILE G 190 27.50 66.15 47.76
C ILE G 190 28.92 66.66 47.56
N ASN G 191 29.86 65.73 47.53
CA ASN G 191 31.27 66.07 47.38
C ASN G 191 31.73 66.21 45.95
N ASP G 192 32.97 66.69 45.82
CA ASP G 192 33.63 66.92 44.56
C ASP G 192 33.43 65.81 43.54
N TYR G 193 33.00 64.63 43.98
CA TYR G 193 32.85 63.54 43.04
C TYR G 193 31.40 63.24 42.81
N GLY G 194 30.58 64.19 43.25
CA GLY G 194 29.14 64.05 43.07
C GLY G 194 28.69 62.85 43.86
N ALA G 195 29.40 62.60 44.95
CA ALA G 195 29.12 61.48 45.83
C ALA G 195 28.55 61.99 47.15
N LEU G 196 27.60 61.23 47.70
CA LEU G 196 26.95 61.58 48.97
C LEU G 196 27.89 61.35 50.13
N THR G 197 28.10 62.37 50.94
CA THR G 197 28.96 62.20 52.09
C THR G 197 28.14 61.42 53.11
N PRO G 198 28.77 60.95 54.19
CA PRO G 198 28.01 60.20 55.19
C PRO G 198 27.09 61.09 56.02
N LYS G 199 25.92 60.56 56.36
CA LYS G 199 24.90 61.25 57.15
C LYS G 199 25.49 61.81 58.43
N MET G 200 25.22 63.08 58.72
CA MET G 200 25.73 63.69 59.93
C MET G 200 24.56 64.30 60.68
N THR G 201 24.78 64.63 61.96
CA THR G 201 23.72 65.20 62.78
C THR G 201 23.75 66.71 62.89
N GLY G 202 22.58 67.31 62.72
CA GLY G 202 22.44 68.76 62.81
C GLY G 202 22.98 69.28 64.12
N VAL G 203 23.76 70.36 64.05
CA VAL G 203 24.37 70.95 65.23
C VAL G 203 24.10 72.45 65.30
N MET G 204 22.87 72.82 65.65
CA MET G 204 22.47 74.23 65.73
C MET G 204 23.52 75.12 66.39
N GLU G 205 23.82 76.25 65.77
CA GLU G 205 24.80 77.17 66.31
C GLU G 205 24.11 78.12 67.27
N PHE H 1 64.26 29.05 46.01
CA PHE H 1 63.34 30.07 45.40
C PHE H 1 62.62 30.76 46.54
N ALA H 2 62.74 32.09 46.59
CA ALA H 2 62.09 32.88 47.62
C ALA H 2 61.69 34.24 47.03
N CYS H 3 60.73 34.90 47.67
CA CYS H 3 60.28 36.19 47.18
C CYS H 3 60.21 37.21 48.31
N LYS H 4 60.23 38.49 47.97
CA LYS H 4 60.15 39.54 48.98
C LYS H 4 59.28 40.68 48.47
N THR H 5 58.82 41.47 49.42
CA THR H 5 57.96 42.58 49.13
C THR H 5 58.78 43.84 49.24
N ALA H 6 58.58 44.74 48.28
CA ALA H 6 59.31 46.00 48.23
C ALA H 6 59.19 46.74 49.53
N ASN H 7 58.12 46.47 50.25
CA ASN H 7 57.87 47.13 51.52
C ASN H 7 58.80 46.59 52.58
N GLY H 8 59.07 45.30 52.49
CA GLY H 8 59.94 44.63 53.43
C GLY H 8 59.74 43.13 53.54
N THR H 9 58.50 42.69 53.72
CA THR H 9 58.17 41.28 53.92
C THR H 9 58.59 40.23 52.91
N ALA H 10 58.92 39.04 53.41
CA ALA H 10 59.37 37.91 52.60
C ALA H 10 58.60 36.64 52.83
N ILE H 11 58.64 35.75 51.84
CA ILE H 11 58.03 34.45 51.94
C ILE H 11 59.20 33.57 51.59
N PRO H 12 59.64 32.74 52.53
CA PRO H 12 60.78 31.86 52.30
C PRO H 12 60.58 30.62 51.44
N ILE H 13 61.67 29.89 51.26
CA ILE H 13 61.73 28.62 50.51
C ILE H 13 60.64 27.73 51.05
N GLY H 14 59.84 27.13 50.19
CA GLY H 14 58.78 26.26 50.65
C GLY H 14 57.41 26.93 50.60
N GLY H 15 57.41 28.23 50.35
CA GLY H 15 56.14 28.95 50.25
C GLY H 15 55.63 29.56 51.53
N GLY H 16 54.47 30.22 51.43
CA GLY H 16 53.87 30.87 52.57
C GLY H 16 53.05 32.04 52.04
N SER H 17 52.84 33.06 52.84
CA SER H 17 52.02 34.15 52.37
C SER H 17 52.44 35.48 52.91
N ALA H 18 52.08 36.54 52.20
CA ALA H 18 52.42 37.89 52.65
C ALA H 18 51.45 38.93 52.16
N ASN H 19 51.41 40.03 52.88
CA ASN H 19 50.54 41.14 52.53
C ASN H 19 51.28 42.09 51.61
N VAL H 20 50.58 42.65 50.64
CA VAL H 20 51.20 43.61 49.77
C VAL H 20 50.32 44.86 49.79
N TYR H 21 50.83 45.94 50.37
CA TYR H 21 50.08 47.20 50.50
C TYR H 21 50.30 48.19 49.34
N VAL H 22 49.21 48.51 48.64
CA VAL H 22 49.28 49.40 47.47
C VAL H 22 48.50 50.70 47.52
N ASN H 23 49.15 51.78 47.09
CA ASN H 23 48.50 53.08 47.00
C ASN H 23 47.95 53.13 45.58
N LEU H 24 46.65 53.35 45.43
CA LEU H 24 46.02 53.41 44.12
C LEU H 24 45.58 54.82 43.69
N ALA H 25 45.41 55.03 42.39
CA ALA H 25 44.94 56.33 41.87
C ALA H 25 43.68 56.68 42.67
N PRO H 26 43.65 57.85 43.28
CA PRO H 26 42.49 58.26 44.09
C PRO H 26 41.13 58.37 43.37
N VAL H 27 41.16 58.62 42.08
CA VAL H 27 39.97 58.80 41.26
C VAL H 27 40.09 58.07 39.94
N VAL H 28 39.04 57.38 39.55
CA VAL H 28 39.02 56.66 38.30
C VAL H 28 37.59 56.82 37.77
N ASN H 29 37.48 57.07 36.47
CA ASN H 29 36.16 57.26 35.88
C ASN H 29 35.66 56.00 35.25
N VAL H 30 34.33 55.93 35.12
CA VAL H 30 33.73 54.78 34.47
C VAL H 30 34.43 54.75 33.12
N GLY H 31 34.69 53.56 32.60
CA GLY H 31 35.35 53.47 31.31
C GLY H 31 36.86 53.44 31.35
N GLN H 32 37.48 54.08 32.34
CA GLN H 32 38.93 54.10 32.47
C GLN H 32 39.52 52.84 33.12
N ASN H 33 40.84 52.81 33.21
CA ASN H 33 41.56 51.70 33.82
C ASN H 33 42.25 52.07 35.12
N LEU H 34 42.07 51.24 36.12
CA LEU H 34 42.74 51.43 37.38
C LEU H 34 43.83 50.37 37.24
N VAL H 35 45.07 50.77 37.43
CA VAL H 35 46.15 49.81 37.28
C VAL H 35 46.90 49.53 38.56
N VAL H 36 46.95 48.25 38.92
CA VAL H 36 47.68 47.84 40.11
C VAL H 36 48.83 47.03 39.58
N ASP H 37 50.02 47.62 39.59
CA ASP H 37 51.19 46.93 39.07
C ASP H 37 52.02 46.31 40.20
N LEU H 38 51.93 45.00 40.34
CA LEU H 38 52.66 44.33 41.41
C LEU H 38 54.13 44.04 41.11
N SER H 39 54.46 44.05 39.82
CA SER H 39 55.82 43.83 39.32
C SER H 39 56.69 44.90 39.95
N THR H 40 56.04 45.88 40.54
CA THR H 40 56.78 46.94 41.18
C THR H 40 56.91 46.64 42.66
N GLN H 41 56.15 45.67 43.14
CA GLN H 41 56.17 45.36 44.56
C GLN H 41 56.50 43.95 45.00
N ILE H 42 56.57 43.02 44.04
CA ILE H 42 56.86 41.63 44.36
C ILE H 42 58.04 41.08 43.54
N PHE H 43 59.08 40.67 44.25
CA PHE H 43 60.29 40.13 43.65
C PHE H 43 60.67 38.73 44.09
N CYS H 44 61.19 37.95 43.16
CA CYS H 44 61.62 36.60 43.48
C CYS H 44 63.02 36.34 42.87
N HIS H 45 63.64 35.25 43.27
CA HIS H 45 64.95 34.90 42.75
C HIS H 45 65.11 33.41 42.88
N ASN H 46 66.02 32.87 42.08
CA ASN H 46 66.36 31.45 42.06
C ASN H 46 67.48 31.32 43.08
N ASP H 47 67.49 30.27 43.90
CA ASP H 47 68.55 30.16 44.90
C ASP H 47 69.76 29.35 44.38
N TYR H 48 69.52 28.48 43.41
CA TYR H 48 70.59 27.69 42.83
C TYR H 48 70.43 27.68 41.32
N PRO H 49 70.61 28.86 40.70
CA PRO H 49 70.50 29.04 39.26
C PRO H 49 71.29 28.07 38.39
N GLU H 50 72.61 28.03 38.59
CA GLU H 50 73.51 27.15 37.82
C GLU H 50 73.11 25.69 37.65
N THR H 51 72.26 25.15 38.51
CA THR H 51 71.89 23.74 38.37
C THR H 51 70.37 23.53 38.43
N ILE H 52 69.65 24.57 38.82
CA ILE H 52 68.21 24.44 38.90
C ILE H 52 67.52 25.60 38.21
N THR H 53 66.48 25.26 37.45
CA THR H 53 65.69 26.27 36.76
C THR H 53 64.30 26.31 37.40
N ASP H 54 63.92 27.51 37.83
CA ASP H 54 62.62 27.70 38.49
C ASP H 54 61.53 28.19 37.53
N TYR H 55 60.32 27.66 37.74
CA TYR H 55 59.13 28.00 36.95
C TYR H 55 58.06 28.68 37.81
N VAL H 56 57.80 29.95 37.52
CA VAL H 56 56.81 30.71 38.26
C VAL H 56 55.54 30.90 37.46
N THR H 57 54.41 30.66 38.09
CA THR H 57 53.13 30.73 37.41
C THR H 57 52.07 31.50 38.24
N LEU H 58 51.07 32.10 37.58
CA LEU H 58 50.00 32.77 38.33
C LEU H 58 48.86 31.76 38.50
N GLN H 59 49.02 30.89 39.51
CA GLN H 59 48.08 29.82 39.84
C GLN H 59 46.61 30.25 39.89
N ARG H 60 46.34 31.34 40.58
CA ARG H 60 44.98 31.86 40.73
C ARG H 60 45.01 33.36 41.08
N GLY H 61 43.95 34.06 40.73
CA GLY H 61 43.85 35.49 41.00
C GLY H 61 42.41 35.70 41.43
N SER H 62 42.21 36.31 42.58
CA SER H 62 40.87 36.51 43.10
C SER H 62 40.61 37.91 43.57
N ALA H 63 39.38 38.37 43.35
CA ALA H 63 38.96 39.72 43.72
C ALA H 63 38.16 39.74 45.02
N TYR H 64 38.21 40.85 45.73
CA TYR H 64 37.51 41.03 46.99
C TYR H 64 36.95 42.43 47.14
N GLY H 65 35.96 42.56 48.02
CA GLY H 65 35.34 43.85 48.26
C GLY H 65 34.97 44.58 46.99
N GLY H 66 35.25 45.88 47.00
CA GLY H 66 34.94 46.72 45.85
C GLY H 66 35.41 46.17 44.53
N VAL H 67 36.65 45.72 44.47
CA VAL H 67 37.17 45.19 43.23
C VAL H 67 36.22 44.19 42.62
N LEU H 68 35.63 43.38 43.48
CA LEU H 68 34.71 42.32 43.09
C LEU H 68 33.35 42.79 42.62
N SER H 69 32.85 43.85 43.24
CA SER H 69 31.52 44.33 42.88
C SER H 69 31.46 45.50 41.94
N ASN H 70 32.52 46.29 41.88
CA ASN H 70 32.55 47.49 41.04
C ASN H 70 33.44 47.47 39.81
N PHE H 71 34.14 46.38 39.56
CA PHE H 71 35.02 46.38 38.42
C PHE H 71 34.94 45.14 37.55
N SER H 72 35.47 45.28 36.35
CA SER H 72 35.56 44.17 35.41
C SER H 72 37.02 44.31 35.02
N GLY H 73 37.75 43.20 34.91
CA GLY H 73 39.13 43.40 34.57
C GLY H 73 39.93 42.24 34.09
N THR H 74 41.17 42.56 33.75
CA THR H 74 42.08 41.56 33.26
C THR H 74 43.34 41.57 34.09
N VAL H 75 44.11 40.49 33.95
CA VAL H 75 45.37 40.36 34.63
C VAL H 75 46.43 40.17 33.55
N LYS H 76 47.42 41.05 33.54
CA LYS H 76 48.49 40.94 32.57
C LYS H 76 49.68 40.24 33.23
N TYR H 77 49.91 38.98 32.85
CA TYR H 77 51.03 38.22 33.40
C TYR H 77 52.13 37.96 32.39
N SER H 78 53.23 38.69 32.51
CA SER H 78 54.35 38.47 31.61
C SER H 78 53.98 38.71 30.15
N GLY H 79 53.46 39.90 29.85
CA GLY H 79 53.13 40.18 28.46
C GLY H 79 51.74 39.80 27.96
N SER H 80 51.13 38.75 28.52
CA SER H 80 49.80 38.33 28.11
C SER H 80 48.71 38.71 29.11
N SER H 81 47.45 38.72 28.65
CA SER H 81 46.33 39.08 29.51
C SER H 81 45.32 37.97 29.68
N TYR H 82 44.68 37.95 30.85
CA TYR H 82 43.70 36.93 31.13
C TYR H 82 42.60 37.55 31.98
N PRO H 83 41.45 36.89 32.01
CA PRO H 83 40.27 37.32 32.76
C PRO H 83 40.54 37.34 34.26
N PHE H 84 40.20 38.43 34.93
CA PHE H 84 40.38 38.52 36.38
C PHE H 84 39.06 38.96 37.01
N PRO H 85 38.57 38.19 38.01
CA PRO H 85 39.12 36.97 38.62
C PRO H 85 39.61 35.98 37.58
N THR H 86 40.66 35.24 37.90
CA THR H 86 41.22 34.30 36.95
C THR H 86 40.37 33.05 36.84
N THR H 87 40.54 32.32 35.75
CA THR H 87 39.77 31.10 35.51
C THR H 87 40.63 29.87 35.20
N SER H 88 41.93 30.07 35.02
CA SER H 88 42.84 28.98 34.72
C SER H 88 44.25 29.32 35.21
N GLU H 89 45.06 28.30 35.45
CA GLU H 89 46.43 28.54 35.87
C GLU H 89 47.17 29.03 34.63
N THR H 90 47.83 30.16 34.79
CA THR H 90 48.56 30.81 33.73
C THR H 90 49.77 30.04 33.25
N PRO H 91 50.37 30.46 32.11
CA PRO H 91 51.56 29.81 31.56
C PRO H 91 52.73 30.08 32.49
N ARG H 92 53.80 29.30 32.41
CA ARG H 92 54.95 29.49 33.30
C ARG H 92 56.11 30.35 32.81
N VAL H 93 56.56 31.25 33.69
CA VAL H 93 57.70 32.14 33.43
C VAL H 93 58.89 31.52 34.16
N VAL H 94 60.12 31.73 33.67
CA VAL H 94 61.26 31.13 34.35
C VAL H 94 62.16 32.14 35.06
N TYR H 95 62.63 31.70 36.22
CA TYR H 95 63.54 32.48 37.04
C TYR H 95 64.84 31.70 37.12
N ASN H 96 65.92 32.36 36.71
CA ASN H 96 67.24 31.77 36.72
C ASN H 96 68.31 32.75 37.12
N SER H 97 68.22 33.25 38.34
CA SER H 97 69.21 34.18 38.82
C SER H 97 68.97 34.45 40.29
N ARG H 98 70.07 34.57 41.05
CA ARG H 98 69.95 34.83 42.47
C ARG H 98 69.52 36.28 42.58
N THR H 99 69.58 36.99 41.47
CA THR H 99 69.19 38.40 41.47
C THR H 99 67.66 38.54 41.47
N ASP H 100 67.14 39.37 42.38
CA ASP H 100 65.70 39.59 42.47
C ASP H 100 65.12 40.17 41.19
N LYS H 101 64.30 39.36 40.52
CA LYS H 101 63.63 39.77 39.31
C LYS H 101 62.18 40.02 39.73
N PRO H 102 61.44 40.86 38.97
CA PRO H 102 60.05 41.15 39.33
C PRO H 102 59.13 40.01 38.94
N TRP H 103 57.94 40.02 39.52
CA TRP H 103 56.93 39.02 39.19
C TRP H 103 55.96 39.91 38.37
N PRO H 104 56.07 39.83 37.04
CA PRO H 104 55.29 40.59 36.05
C PRO H 104 53.79 40.32 36.10
N VAL H 105 53.12 40.95 37.07
CA VAL H 105 51.70 40.81 37.24
C VAL H 105 51.14 42.19 37.45
N ALA H 106 50.05 42.47 36.73
CA ALA H 106 49.39 43.76 36.87
C ALA H 106 47.90 43.57 36.67
N LEU H 107 47.13 44.27 37.49
CA LEU H 107 45.70 44.24 37.45
C LEU H 107 45.22 45.46 36.69
N TYR H 108 44.37 45.23 35.70
CA TYR H 108 43.79 46.30 34.90
C TYR H 108 42.30 46.30 35.23
N LEU H 109 41.89 47.27 36.05
CA LEU H 109 40.51 47.34 36.50
C LEU H 109 39.73 48.56 36.03
N THR H 110 38.56 48.31 35.42
CA THR H 110 37.68 49.38 34.92
C THR H 110 36.36 49.40 35.68
N PRO H 111 36.04 50.54 36.30
CA PRO H 111 34.79 50.67 37.05
C PRO H 111 33.58 50.47 36.17
N VAL H 112 32.52 49.94 36.75
CA VAL H 112 31.27 49.72 36.03
C VAL H 112 30.43 50.97 36.16
N SER H 113 29.54 51.19 35.20
CA SER H 113 28.69 52.36 35.22
C SER H 113 27.97 52.53 36.55
N SER H 114 27.68 51.42 37.21
CA SER H 114 26.99 51.46 38.48
C SER H 114 27.87 51.73 39.68
N ALA H 115 29.17 51.84 39.45
CA ALA H 115 30.11 52.11 40.53
C ALA H 115 29.75 53.39 41.32
N GLY H 116 29.58 53.24 42.64
CA GLY H 116 29.24 54.36 43.50
C GLY H 116 30.19 55.56 43.46
N GLY H 117 30.69 55.91 44.63
CA GLY H 117 31.63 57.01 44.75
C GLY H 117 32.92 56.32 45.16
N VAL H 118 32.90 55.73 46.35
CA VAL H 118 34.04 54.98 46.87
C VAL H 118 33.90 53.54 46.40
N ALA H 119 34.57 53.16 45.32
CA ALA H 119 34.48 51.79 44.82
C ALA H 119 35.44 50.81 45.49
N ILE H 120 36.38 51.34 46.28
CA ILE H 120 37.36 50.53 47.00
C ILE H 120 37.73 51.22 48.32
N LYS H 121 37.46 50.56 49.44
CA LYS H 121 37.78 51.16 50.73
C LYS H 121 39.26 51.12 51.12
N ALA H 122 39.69 52.20 51.75
CA ALA H 122 41.04 52.30 52.24
C ALA H 122 41.19 51.16 53.27
N GLY H 123 42.25 50.39 53.13
CA GLY H 123 42.52 49.30 54.05
C GLY H 123 41.86 47.97 53.71
N SER H 124 41.14 47.90 52.62
CA SER H 124 40.45 46.67 52.27
C SER H 124 41.23 45.63 51.46
N LEU H 125 40.83 44.38 51.60
CA LEU H 125 41.47 43.31 50.86
C LEU H 125 40.92 43.52 49.49
N ILE H 126 41.82 43.83 48.57
CA ILE H 126 41.42 44.08 47.20
C ILE H 126 41.61 42.86 46.32
N ALA H 127 42.62 42.05 46.61
CA ALA H 127 42.88 40.85 45.81
C ALA H 127 43.83 39.85 46.48
N VAL H 128 43.72 38.59 46.08
CA VAL H 128 44.61 37.57 46.57
C VAL H 128 45.24 36.91 45.34
N LEU H 129 46.57 36.95 45.24
CA LEU H 129 47.26 36.35 44.09
C LEU H 129 48.15 35.18 44.49
N ILE H 130 47.93 34.04 43.85
CA ILE H 130 48.70 32.86 44.15
C ILE H 130 49.77 32.57 43.13
N LEU H 131 51.01 32.65 43.60
CA LEU H 131 52.20 32.39 42.81
C LEU H 131 52.58 30.93 43.04
N ARG H 132 52.66 30.16 41.97
CA ARG H 132 53.02 28.75 42.04
C ARG H 132 54.37 28.50 41.40
N GLN H 133 55.31 27.99 42.20
CA GLN H 133 56.67 27.75 41.75
C GLN H 133 57.09 26.29 41.81
N THR H 134 57.60 25.80 40.69
CA THR H 134 58.10 24.43 40.55
C THR H 134 59.52 24.55 39.96
N ASN H 135 60.06 23.43 39.47
CA ASN H 135 61.40 23.49 38.90
C ASN H 135 61.71 22.27 38.06
N ASN H 136 62.83 22.32 37.37
CA ASN H 136 63.27 21.21 36.54
C ASN H 136 64.25 20.37 37.33
N TYR H 137 64.03 20.27 38.64
CA TYR H 137 64.92 19.51 39.50
C TYR H 137 64.24 18.42 40.30
N ASN H 138 63.07 18.70 40.85
CA ASN H 138 62.36 17.69 41.64
C ASN H 138 60.87 17.94 41.71
N SER H 139 60.20 17.30 42.68
CA SER H 139 58.75 17.46 42.81
C SER H 139 58.30 18.68 43.62
N ASP H 140 59.17 19.69 43.76
CA ASP H 140 58.82 20.90 44.49
C ASP H 140 57.68 21.68 43.82
N ASP H 141 56.59 21.85 44.56
CA ASP H 141 55.42 22.58 44.07
C ASP H 141 54.94 23.44 45.25
N PHE H 142 55.48 24.65 45.36
CA PHE H 142 55.14 25.55 46.47
C PHE H 142 54.27 26.71 46.04
N GLN H 143 53.49 27.23 46.99
CA GLN H 143 52.60 28.35 46.70
C GLN H 143 52.95 29.56 47.53
N PHE H 144 53.05 30.69 46.85
CA PHE H 144 53.36 31.96 47.50
C PHE H 144 52.11 32.78 47.36
N VAL H 145 51.44 33.01 48.48
CA VAL H 145 50.19 33.75 48.48
C VAL H 145 50.35 35.21 48.81
N TRP H 146 49.91 36.07 47.90
CA TRP H 146 50.00 37.51 48.11
C TRP H 146 48.62 38.10 48.37
N ASN H 147 48.47 38.76 49.52
CA ASN H 147 47.20 39.39 49.89
C ASN H 147 47.36 40.89 49.63
N ILE H 148 46.70 41.36 48.57
CA ILE H 148 46.78 42.76 48.18
C ILE H 148 45.78 43.68 48.87
N TYR H 149 46.25 44.58 49.71
CA TYR H 149 45.38 45.52 50.38
C TYR H 149 45.53 46.92 49.78
N ALA H 150 44.45 47.69 49.72
CA ALA H 150 44.53 49.06 49.19
C ALA H 150 44.68 50.00 50.37
N ASN H 151 45.64 50.92 50.28
CA ASN H 151 45.90 51.84 51.39
C ASN H 151 44.95 53.00 51.42
N ASN H 152 44.29 53.25 50.30
CA ASN H 152 43.39 54.39 50.21
C ASN H 152 42.12 54.11 49.43
N ASP H 153 41.16 55.04 49.52
CA ASP H 153 39.91 54.90 48.79
C ASP H 153 40.14 55.22 47.32
N VAL H 154 39.49 54.46 46.45
CA VAL H 154 39.53 54.72 45.03
C VAL H 154 38.09 55.16 44.66
N VAL H 155 37.91 56.46 44.47
CA VAL H 155 36.61 57.02 44.10
C VAL H 155 36.37 57.03 42.60
N VAL H 156 35.15 56.66 42.22
CA VAL H 156 34.74 56.68 40.82
C VAL H 156 33.66 57.75 40.75
N PRO H 157 33.97 58.93 40.17
CA PRO H 157 33.01 60.04 40.06
C PRO H 157 31.68 59.65 39.44
N THR H 158 30.61 60.23 39.96
CA THR H 158 29.29 59.96 39.41
C THR H 158 29.14 60.69 38.07
N GLY H 159 28.60 59.98 37.07
CA GLY H 159 28.41 60.57 35.75
C GLY H 159 27.10 61.30 35.54
N GLY H 160 26.90 61.83 34.33
CA GLY H 160 25.66 62.53 34.06
C GLY H 160 24.65 61.52 33.62
N CYS H 161 23.37 61.88 33.60
CA CYS H 161 22.33 60.95 33.18
C CYS H 161 22.11 60.93 31.66
N ASP H 162 21.31 59.98 31.18
CA ASP H 162 21.05 59.91 29.74
C ASP H 162 19.63 60.31 29.47
N VAL H 163 19.45 61.23 28.53
CA VAL H 163 18.14 61.71 28.18
C VAL H 163 17.67 61.03 26.92
N SER H 164 17.10 59.86 27.10
CA SER H 164 16.58 59.04 26.02
C SER H 164 15.44 59.77 25.31
N ALA H 165 15.70 60.20 24.08
CA ALA H 165 14.71 60.90 23.26
C ALA H 165 14.66 60.29 21.86
N ARG H 166 13.46 60.02 21.36
CA ARG H 166 13.32 59.43 20.04
C ARG H 166 13.94 60.29 18.94
N ASP H 167 13.40 61.49 18.69
CA ASP H 167 13.96 62.42 17.69
C ASP H 167 13.08 63.65 17.43
N VAL H 168 13.25 64.22 16.24
CA VAL H 168 12.51 65.40 15.78
C VAL H 168 11.01 65.10 15.62
N THR H 169 10.28 65.31 16.72
CA THR H 169 8.84 65.06 16.75
C THR H 169 8.05 65.85 15.74
N VAL H 170 7.23 65.13 14.97
CA VAL H 170 6.38 65.75 13.98
C VAL H 170 5.11 66.23 14.70
N THR H 171 5.11 67.51 15.05
CA THR H 171 3.98 68.13 15.73
C THR H 171 2.93 68.33 14.65
N LEU H 172 2.77 67.32 13.80
CA LEU H 172 1.82 67.40 12.70
C LEU H 172 0.35 67.47 13.08
N PRO H 173 -0.07 66.91 14.23
CA PRO H 173 -1.49 67.02 14.55
C PRO H 173 -2.02 68.40 14.19
N ASP H 174 -2.47 68.52 12.93
CA ASP H 174 -2.95 69.78 12.38
C ASP H 174 -3.41 70.81 13.38
N TYR H 175 -3.05 72.06 13.10
CA TYR H 175 -3.32 73.19 13.98
C TYR H 175 -3.94 72.97 15.34
N PRO H 176 -5.10 72.31 15.43
CA PRO H 176 -5.57 72.19 16.81
C PRO H 176 -4.95 71.05 17.62
N GLY H 177 -4.48 70.02 16.91
CA GLY H 177 -3.91 68.84 17.54
C GLY H 177 -2.74 68.96 18.50
N SER H 178 -2.57 67.95 19.34
CA SER H 178 -1.49 67.92 20.32
C SER H 178 -0.98 66.50 20.50
N VAL H 179 0.34 66.32 20.51
CA VAL H 179 0.90 64.98 20.68
C VAL H 179 1.67 64.90 21.99
N PRO H 180 1.96 63.66 22.42
CA PRO H 180 2.73 63.43 23.65
C PRO H 180 4.17 63.47 23.16
N ILE H 181 5.09 63.86 24.04
CA ILE H 181 6.50 63.95 23.69
C ILE H 181 7.31 62.93 24.45
N PRO H 182 7.77 61.90 23.75
CA PRO H 182 8.57 60.84 24.36
C PRO H 182 9.90 61.43 24.80
N LEU H 183 10.14 61.41 26.10
CA LEU H 183 11.38 61.93 26.65
C LEU H 183 11.50 61.42 28.08
N THR H 184 12.47 60.56 28.28
CA THR H 184 12.73 59.98 29.59
C THR H 184 14.20 60.17 29.91
N VAL H 185 14.54 59.96 31.18
CA VAL H 185 15.91 60.09 31.62
C VAL H 185 16.20 59.02 32.65
N TYR H 186 17.39 58.43 32.56
CA TYR H 186 17.79 57.45 33.54
C TYR H 186 19.21 57.81 33.91
N CYS H 187 19.58 57.42 35.13
CA CYS H 187 20.91 57.69 35.66
C CYS H 187 21.54 56.40 36.21
N ALA H 188 22.77 56.11 35.81
CA ALA H 188 23.47 54.93 36.30
C ALA H 188 23.50 54.96 37.84
N LYS H 189 23.54 56.17 38.39
CA LYS H 189 23.53 56.37 39.82
C LYS H 189 22.39 57.32 40.13
N SER H 190 21.47 56.91 41.00
CA SER H 190 20.35 57.78 41.35
C SER H 190 20.82 59.16 41.81
N GLN H 191 20.06 60.19 41.43
CA GLN H 191 20.37 61.56 41.80
C GLN H 191 19.22 62.50 41.46
N ASN H 192 19.16 63.63 42.14
CA ASN H 192 18.11 64.59 41.88
C ASN H 192 18.35 65.44 40.65
N LEU H 193 17.35 65.46 39.77
CA LEU H 193 17.42 66.24 38.56
C LEU H 193 16.30 67.25 38.53
N GLY H 194 16.48 68.26 37.72
CA GLY H 194 15.49 69.29 37.55
C GLY H 194 15.71 69.75 36.13
N TYR H 195 14.69 70.34 35.52
CA TYR H 195 14.88 70.84 34.16
C TYR H 195 14.09 72.10 33.92
N TYR H 196 14.46 72.81 32.86
CA TYR H 196 13.78 74.03 32.47
C TYR H 196 13.92 74.20 30.97
N LEU H 197 12.92 74.85 30.38
CA LEU H 197 12.90 75.11 28.95
C LEU H 197 13.51 76.48 28.64
N SER H 198 13.95 76.64 27.41
CA SER H 198 14.58 77.88 26.99
C SER H 198 14.39 78.09 25.49
N GLY H 199 14.15 79.33 25.10
CA GLY H 199 13.94 79.63 23.70
C GLY H 199 13.15 80.91 23.56
N THR H 200 13.02 81.37 22.32
CA THR H 200 12.29 82.60 22.00
C THR H 200 10.81 82.42 22.26
N THR H 201 10.25 83.35 23.03
CA THR H 201 8.85 83.27 23.40
C THR H 201 7.98 84.34 22.73
N ALA H 202 6.68 84.06 22.62
CA ALA H 202 5.82 85.03 21.95
C ALA H 202 4.75 85.64 22.81
N ASP H 203 4.80 85.38 24.11
CA ASP H 203 3.76 85.87 25.01
C ASP H 203 4.27 86.40 26.31
N ALA H 204 3.45 87.22 26.96
CA ALA H 204 3.82 87.81 28.24
C ALA H 204 4.01 86.73 29.32
N GLY H 205 3.29 85.62 29.18
CA GLY H 205 3.43 84.55 30.15
C GLY H 205 4.69 83.74 29.84
N ASN H 206 5.37 84.16 28.78
CA ASN H 206 6.61 83.53 28.36
C ASN H 206 6.55 82.00 28.24
N SER H 207 5.45 81.46 27.77
CA SER H 207 5.34 80.02 27.64
C SER H 207 4.86 79.50 26.30
N ILE H 208 4.82 80.35 25.28
CA ILE H 208 4.40 79.94 23.94
C ILE H 208 5.59 80.18 23.01
N PHE H 209 6.25 79.10 22.61
CA PHE H 209 7.43 79.24 21.78
C PHE H 209 7.18 79.64 20.35
N THR H 210 7.78 80.78 20.01
CA THR H 210 7.70 81.38 18.69
C THR H 210 7.79 80.42 17.51
N ASN H 211 6.96 80.66 16.49
CA ASN H 211 6.99 79.82 15.31
C ASN H 211 8.19 80.14 14.47
N THR H 212 9.06 79.16 14.32
CA THR H 212 10.27 79.30 13.55
C THR H 212 10.22 78.38 12.33
N ALA H 213 10.02 78.96 11.15
CA ALA H 213 9.93 78.19 9.93
C ALA H 213 9.80 79.13 8.76
N SER H 214 10.21 78.68 7.58
CA SER H 214 10.12 79.51 6.38
C SER H 214 8.87 79.21 5.54
N PHE H 215 8.75 77.99 5.02
CA PHE H 215 7.59 77.61 4.19
C PHE H 215 6.27 78.20 4.68
N SER H 216 5.89 79.33 4.09
CA SER H 216 4.66 80.03 4.43
C SER H 216 4.37 79.82 5.91
N PRO H 217 4.91 80.69 6.76
CA PRO H 217 4.74 80.63 8.21
C PRO H 217 3.29 80.72 8.67
N ALA H 218 2.70 79.57 8.98
CA ALA H 218 1.34 79.57 9.47
C ALA H 218 1.36 80.56 10.63
N GLN H 219 1.10 81.83 10.34
CA GLN H 219 1.13 82.86 11.35
C GLN H 219 0.05 82.78 12.42
N GLY H 220 0.33 83.35 13.59
CA GLY H 220 -0.63 83.38 14.68
C GLY H 220 -0.67 82.27 15.71
N VAL H 221 0.08 81.19 15.48
CA VAL H 221 0.07 80.08 16.42
C VAL H 221 1.32 80.03 17.32
N GLY H 222 2.02 78.90 17.32
CA GLY H 222 3.18 78.75 18.17
C GLY H 222 3.03 77.51 19.04
N VAL H 223 4.14 76.89 19.41
CA VAL H 223 4.17 75.66 20.21
C VAL H 223 4.30 75.88 21.72
N GLN H 224 3.49 75.17 22.50
CA GLN H 224 3.53 75.29 23.97
C GLN H 224 3.64 73.87 24.53
N LEU H 225 4.52 73.69 25.51
CA LEU H 225 4.70 72.38 26.09
C LEU H 225 3.99 72.25 27.42
N THR H 226 3.46 71.06 27.64
CA THR H 226 2.72 70.81 28.85
C THR H 226 3.19 69.49 29.47
N ARG H 227 3.10 69.39 30.80
CA ARG H 227 3.51 68.16 31.52
C ARG H 227 2.27 67.69 32.33
N ASN H 228 1.58 66.69 31.79
CA ASN H 228 0.35 66.18 32.38
C ASN H 228 -0.62 67.33 32.65
N GLY H 229 -0.86 68.15 31.63
CA GLY H 229 -1.78 69.27 31.79
C GLY H 229 -1.20 70.58 32.28
N THR H 230 -0.07 70.54 32.99
CA THR H 230 0.54 71.76 33.49
C THR H 230 1.43 72.40 32.45
N ILE H 231 1.29 73.71 32.29
CA ILE H 231 2.06 74.44 31.32
C ILE H 231 3.46 74.66 31.83
N ILE H 232 4.42 74.57 30.93
CA ILE H 232 5.81 74.78 31.30
C ILE H 232 6.37 76.06 30.67
N PRO H 233 6.38 77.18 31.41
CA PRO H 233 6.93 78.39 30.80
C PRO H 233 8.46 78.30 30.78
N ALA H 234 9.08 78.98 29.83
CA ALA H 234 10.55 78.97 29.71
C ALA H 234 11.21 79.45 30.98
N ASN H 235 12.31 78.78 31.36
CA ASN H 235 13.07 79.15 32.57
C ASN H 235 12.32 79.02 33.88
N ASN H 236 11.54 77.95 34.00
CA ASN H 236 10.78 77.63 35.19
C ASN H 236 11.26 76.23 35.52
N THR H 237 12.13 76.10 36.51
CA THR H 237 12.67 74.78 36.82
C THR H 237 11.66 73.78 37.34
N VAL H 238 11.55 72.64 36.64
CA VAL H 238 10.65 71.59 37.05
C VAL H 238 11.48 70.53 37.73
N SER H 239 11.15 70.25 38.98
CA SER H 239 11.89 69.26 39.73
C SER H 239 11.42 67.85 39.50
N LEU H 240 12.32 67.02 38.98
CA LEU H 240 12.04 65.62 38.70
C LEU H 240 12.20 64.68 39.91
N GLY H 241 12.79 65.20 40.99
CA GLY H 241 13.02 64.36 42.17
C GLY H 241 14.21 63.46 41.93
N ALA H 242 14.18 62.25 42.48
CA ALA H 242 15.29 61.32 42.29
C ALA H 242 15.05 60.48 41.05
N VAL H 243 16.06 60.44 40.19
CA VAL H 243 15.97 59.66 38.97
C VAL H 243 17.07 58.61 39.03
N GLY H 244 16.69 57.35 38.83
CA GLY H 244 17.64 56.28 38.89
C GLY H 244 17.77 55.43 37.64
N THR H 245 17.93 54.12 37.86
CA THR H 245 18.13 53.17 36.77
C THR H 245 16.91 52.98 35.89
N SER H 246 15.73 53.21 36.46
CA SER H 246 14.49 53.08 35.70
C SER H 246 14.21 54.47 35.12
N ALA H 247 14.05 54.52 33.80
CA ALA H 247 13.76 55.78 33.11
C ALA H 247 12.54 56.49 33.69
N VAL H 248 12.56 57.81 33.64
CA VAL H 248 11.47 58.61 34.14
C VAL H 248 11.01 59.48 32.98
N SER H 249 9.72 59.38 32.68
CA SER H 249 9.11 60.14 31.60
C SER H 249 8.79 61.53 32.13
N LEU H 250 9.16 62.58 31.38
CA LEU H 250 8.84 63.93 31.83
C LEU H 250 7.34 64.19 31.62
N GLY H 251 6.71 63.30 30.85
CA GLY H 251 5.30 63.43 30.56
C GLY H 251 4.99 64.71 29.81
N LEU H 252 5.72 64.94 28.74
CA LEU H 252 5.57 66.13 27.93
C LEU H 252 4.62 65.96 26.77
N THR H 253 3.94 67.04 26.43
CA THR H 253 3.03 67.06 25.29
C THR H 253 3.22 68.39 24.60
N ALA H 254 3.30 68.35 23.28
CA ALA H 254 3.43 69.58 22.50
C ALA H 254 1.99 70.04 22.21
N ASN H 255 1.75 71.34 22.40
CA ASN H 255 0.43 71.92 22.16
C ASN H 255 0.57 73.17 21.33
N TYR H 256 -0.45 73.46 20.52
CA TYR H 256 -0.44 74.70 19.78
C TYR H 256 -1.15 75.71 20.68
N ALA H 257 -0.62 76.93 20.74
CA ALA H 257 -1.24 77.98 21.53
C ALA H 257 -1.31 79.17 20.59
N ARG H 258 -2.22 80.10 20.84
CA ARG H 258 -2.34 81.25 19.98
C ARG H 258 -1.57 82.43 20.54
N THR H 259 -0.81 83.08 19.68
CA THR H 259 0.01 84.23 20.05
C THR H 259 -0.76 85.51 19.85
N GLY H 260 -0.73 86.00 18.61
CA GLY H 260 -1.41 87.22 18.23
C GLY H 260 -2.91 87.10 18.19
N GLY H 261 -3.49 87.23 17.00
CA GLY H 261 -4.94 87.13 16.87
C GLY H 261 -5.40 86.21 15.75
N GLN H 262 -5.40 86.71 14.53
CA GLN H 262 -5.82 85.92 13.38
C GLN H 262 -4.84 84.79 13.09
N VAL H 263 -5.33 83.55 13.18
CA VAL H 263 -4.48 82.41 12.88
C VAL H 263 -4.45 82.26 11.37
N THR H 264 -3.35 81.76 10.82
CA THR H 264 -3.26 81.65 9.37
C THR H 264 -2.59 80.36 8.91
N ALA H 265 -3.06 79.84 7.78
CA ALA H 265 -2.52 78.60 7.23
C ALA H 265 -1.02 78.66 6.96
N GLY H 266 -0.39 77.49 6.95
CA GLY H 266 1.03 77.40 6.71
C GLY H 266 1.73 76.46 7.67
N ASN H 267 3.06 76.42 7.61
CA ASN H 267 3.82 75.56 8.51
C ASN H 267 4.13 76.20 9.86
N VAL H 268 4.29 75.36 10.86
CA VAL H 268 4.61 75.78 12.21
C VAL H 268 5.75 74.91 12.69
N GLN H 269 6.92 75.50 12.82
CA GLN H 269 8.09 74.78 13.27
C GLN H 269 8.71 75.47 14.49
N SER H 270 9.39 74.70 15.34
CA SER H 270 10.01 75.30 16.52
C SER H 270 11.10 74.47 17.17
N ILE H 271 12.06 75.19 17.76
CA ILE H 271 13.20 74.58 18.44
C ILE H 271 13.22 75.04 19.89
N ILE H 272 13.20 74.07 20.80
CA ILE H 272 13.17 74.35 22.22
C ILE H 272 14.35 73.69 22.94
N GLY H 273 14.90 74.38 23.91
CA GLY H 273 15.99 73.80 24.63
C GLY H 273 15.47 73.24 25.93
N VAL H 274 15.90 72.03 26.26
CA VAL H 274 15.52 71.41 27.51
C VAL H 274 16.84 71.27 28.28
N THR H 275 16.94 71.97 29.40
CA THR H 275 18.15 71.96 30.20
C THR H 275 18.00 71.22 31.52
N PHE H 276 18.67 70.09 31.65
CA PHE H 276 18.65 69.31 32.86
C PHE H 276 19.69 69.86 33.85
N VAL H 277 19.24 70.24 35.04
CA VAL H 277 20.14 70.78 36.02
C VAL H 277 20.53 69.75 37.05
N TYR H 278 21.84 69.57 37.24
CA TYR H 278 22.38 68.60 38.17
C TYR H 278 22.70 69.14 39.52
N GLN H 279 22.29 68.41 40.56
CA GLN H 279 22.56 68.84 41.92
C GLN H 279 24.01 68.58 42.36
N GLY I 1 104.41 53.69 -46.66
CA GLY I 1 103.76 53.16 -45.43
C GLY I 1 103.11 54.24 -44.59
N VAL I 2 102.73 55.35 -45.24
CA VAL I 2 102.10 56.47 -44.56
C VAL I 2 100.75 56.05 -43.94
N ALA I 3 100.34 56.74 -42.88
CA ALA I 3 99.09 56.45 -42.19
C ALA I 3 98.63 57.63 -41.34
N LEU I 4 97.37 58.03 -41.50
CA LEU I 4 96.83 59.16 -40.75
C LEU I 4 96.58 58.84 -39.29
N GLY I 5 96.78 59.86 -38.46
CA GLY I 5 96.57 59.68 -37.03
C GLY I 5 95.12 59.49 -36.67
N ALA I 6 94.22 59.82 -37.60
CA ALA I 6 92.79 59.67 -37.33
C ALA I 6 91.98 59.09 -38.47
N THR I 7 90.86 58.48 -38.12
CA THR I 7 89.95 57.87 -39.07
C THR I 7 88.84 58.85 -39.45
N ARG I 8 88.77 59.97 -38.73
CA ARG I 8 87.76 60.99 -38.98
C ARG I 8 88.15 62.27 -38.27
N VAL I 9 87.58 63.39 -38.72
CA VAL I 9 87.86 64.70 -38.14
C VAL I 9 86.57 65.49 -37.89
N ILE I 10 86.49 66.14 -36.73
CA ILE I 10 85.33 66.94 -36.37
C ILE I 10 85.78 68.40 -36.36
N TYR I 11 85.22 69.19 -37.27
CA TYR I 11 85.58 70.60 -37.36
C TYR I 11 84.58 71.50 -36.63
N PRO I 12 84.87 71.83 -35.36
CA PRO I 12 83.95 72.69 -34.60
C PRO I 12 83.73 74.00 -35.33
N ALA I 13 82.46 74.38 -35.51
CA ALA I 13 82.13 75.62 -36.19
C ALA I 13 82.68 76.78 -35.36
N GLY I 14 83.58 77.55 -35.97
CA GLY I 14 84.18 78.67 -35.27
C GLY I 14 85.68 78.49 -35.12
N GLN I 15 86.12 77.23 -35.04
CA GLN I 15 87.54 76.91 -34.90
C GLN I 15 88.34 77.49 -36.06
N LYS I 16 89.44 78.18 -35.75
CA LYS I 16 90.27 78.78 -36.77
C LYS I 16 90.93 77.67 -37.58
N GLN I 17 91.27 76.57 -36.92
CA GLN I 17 91.92 75.45 -37.57
C GLN I 17 91.98 74.19 -36.73
N VAL I 18 91.83 73.04 -37.38
CA VAL I 18 91.89 71.73 -36.73
C VAL I 18 93.08 71.01 -37.36
N GLN I 19 93.90 70.33 -36.55
CA GLN I 19 95.07 69.66 -37.09
C GLN I 19 95.12 68.15 -36.90
N LEU I 20 95.50 67.45 -37.96
CA LEU I 20 95.61 66.00 -37.97
C LEU I 20 97.10 65.61 -37.95
N ALA I 21 97.38 64.32 -37.72
CA ALA I 21 98.75 63.84 -37.67
C ALA I 21 99.11 62.87 -38.79
N VAL I 22 100.26 63.10 -39.43
CA VAL I 22 100.73 62.25 -40.52
C VAL I 22 102.02 61.55 -40.11
N THR I 23 102.05 60.23 -40.26
CA THR I 23 103.23 59.45 -39.89
C THR I 23 103.71 58.51 -40.98
N ASN I 24 104.92 58.74 -41.48
CA ASN I 24 105.51 57.90 -42.52
C ASN I 24 106.28 56.74 -41.91
N ASN I 25 105.75 55.53 -42.08
CA ASN I 25 106.38 54.33 -41.54
C ASN I 25 107.65 53.90 -42.27
N ASP I 26 107.53 53.63 -43.56
CA ASP I 26 108.67 53.20 -44.35
C ASP I 26 109.94 53.94 -43.95
N GLU I 27 110.76 53.28 -43.14
CA GLU I 27 112.01 53.84 -42.65
C GLU I 27 112.87 54.49 -43.72
N ASN I 28 112.61 54.15 -44.98
CA ASN I 28 113.41 54.72 -46.06
C ASN I 28 112.64 54.87 -47.37
N SER I 29 112.27 56.11 -47.68
CA SER I 29 111.54 56.45 -48.90
C SER I 29 110.81 57.77 -48.65
N THR I 30 111.13 58.78 -49.45
CA THR I 30 110.51 60.09 -49.30
C THR I 30 109.15 60.11 -50.00
N TYR I 31 108.22 60.89 -49.45
CA TYR I 31 106.87 61.00 -50.01
C TYR I 31 106.36 62.44 -50.08
N LEU I 32 105.64 62.76 -51.14
CA LEU I 32 105.06 64.09 -51.32
C LEU I 32 103.62 64.08 -50.83
N ILE I 33 103.42 64.54 -49.60
CA ILE I 33 102.08 64.59 -49.03
C ILE I 33 101.27 65.70 -49.65
N GLN I 34 100.18 65.33 -50.32
CA GLN I 34 99.31 66.31 -50.97
C GLN I 34 97.90 66.10 -50.44
N SER I 35 97.42 67.06 -49.66
CA SER I 35 96.07 66.97 -49.08
C SER I 35 95.09 67.96 -49.70
N TRP I 36 93.81 67.74 -49.40
CA TRP I 36 92.74 68.60 -49.92
C TRP I 36 91.40 68.11 -49.37
N VAL I 37 90.42 69.02 -49.31
CA VAL I 37 89.10 68.68 -48.81
C VAL I 37 87.96 68.89 -49.81
N GLU I 38 87.35 67.78 -50.19
CA GLU I 38 86.22 67.79 -51.12
C GLU I 38 84.94 67.85 -50.29
N ASN I 39 83.83 68.23 -50.90
CA ASN I 39 82.58 68.31 -50.17
C ASN I 39 81.81 66.99 -50.25
N ALA I 40 80.56 67.02 -49.79
CA ALA I 40 79.71 65.84 -49.80
C ALA I 40 79.64 65.21 -51.18
N ASP I 41 79.48 66.03 -52.21
CA ASP I 41 79.40 65.55 -53.59
C ASP I 41 80.78 65.27 -54.15
N GLY I 42 81.74 65.01 -53.29
CA GLY I 42 83.09 64.72 -53.73
C GLY I 42 83.74 65.84 -54.53
N VAL I 43 82.98 66.87 -54.86
CA VAL I 43 83.52 68.00 -55.62
C VAL I 43 84.43 68.89 -54.77
N LYS I 44 85.66 69.08 -55.22
CA LYS I 44 86.60 69.93 -54.50
C LYS I 44 86.12 71.37 -54.53
N ASP I 45 86.17 72.01 -53.36
CA ASP I 45 85.75 73.40 -53.22
C ASP I 45 86.64 74.10 -52.22
N GLY I 46 86.54 75.43 -52.19
CA GLY I 46 87.37 76.18 -51.27
C GLY I 46 86.96 76.00 -49.83
N ARG I 47 85.77 75.41 -49.62
CA ARG I 47 85.23 75.17 -48.28
C ARG I 47 86.25 74.89 -47.17
N PHE I 48 87.11 73.89 -47.36
CA PHE I 48 88.13 73.56 -46.37
C PHE I 48 89.51 73.47 -46.99
N ILE I 49 90.48 74.17 -46.38
CA ILE I 49 91.85 74.18 -46.88
C ILE I 49 92.84 73.61 -45.87
N VAL I 50 93.50 72.51 -46.25
CA VAL I 50 94.49 71.86 -45.39
C VAL I 50 95.86 72.48 -45.63
N THR I 51 96.73 72.39 -44.62
CA THR I 51 98.08 72.95 -44.72
C THR I 51 99.10 72.16 -43.88
N PRO I 52 100.32 71.97 -44.42
CA PRO I 52 100.80 72.43 -45.74
C PRO I 52 100.20 71.62 -46.90
N PRO I 53 99.90 72.31 -48.02
CA PRO I 53 99.32 71.71 -49.23
C PRO I 53 100.26 70.77 -50.00
N LEU I 54 101.55 70.86 -49.67
CA LEU I 54 102.55 70.02 -50.32
C LEU I 54 103.87 70.07 -49.54
N PHE I 55 104.39 68.90 -49.19
CA PHE I 55 105.63 68.81 -48.45
C PHE I 55 106.12 67.36 -48.49
N ALA I 56 107.33 67.13 -47.98
CA ALA I 56 107.89 65.78 -48.01
C ALA I 56 108.25 65.21 -46.64
N MET I 57 107.96 63.93 -46.45
CA MET I 57 108.27 63.23 -45.21
C MET I 57 109.32 62.16 -45.49
N LYS I 58 110.59 62.51 -45.25
CA LYS I 58 111.69 61.60 -45.49
C LYS I 58 111.82 60.57 -44.37
N GLY I 59 112.02 59.30 -44.74
CA GLY I 59 112.17 58.24 -43.76
C GLY I 59 111.12 58.30 -42.66
N LYS I 60 111.40 57.66 -41.53
CA LYS I 60 110.46 57.66 -40.42
C LYS I 60 110.36 59.03 -39.77
N LYS I 61 109.33 59.78 -40.13
CA LYS I 61 109.13 61.11 -39.58
C LYS I 61 107.75 61.17 -38.94
N GLU I 62 107.18 62.38 -38.89
CA GLU I 62 105.86 62.58 -38.29
C GLU I 62 105.54 64.08 -38.26
N ASN I 63 104.72 64.52 -39.20
CA ASN I 63 104.33 65.93 -39.29
C ASN I 63 102.85 66.13 -38.96
N THR I 64 102.44 67.40 -38.87
CA THR I 64 101.06 67.73 -38.55
C THR I 64 100.40 68.54 -39.66
N LEU I 65 99.18 68.15 -40.05
CA LEU I 65 98.42 68.85 -41.08
C LEU I 65 97.46 69.80 -40.39
N ARG I 66 97.17 70.94 -41.02
CA ARG I 66 96.27 71.93 -40.43
C ARG I 66 95.09 72.28 -41.32
N ILE I 67 93.90 71.87 -40.90
CA ILE I 67 92.66 72.13 -41.63
C ILE I 67 92.15 73.54 -41.33
N LEU I 68 92.16 74.40 -42.35
CA LEU I 68 91.71 75.77 -42.18
C LEU I 68 90.29 75.96 -42.71
N ASP I 69 89.48 76.69 -41.94
CA ASP I 69 88.10 76.95 -42.30
C ASP I 69 87.99 78.13 -43.27
N ALA I 70 87.80 77.83 -44.55
CA ALA I 70 87.69 78.85 -45.59
C ALA I 70 86.22 79.24 -45.76
N THR I 71 85.32 78.27 -45.59
CA THR I 71 83.89 78.53 -45.72
C THR I 71 83.50 79.53 -44.63
N ASN I 72 83.20 80.76 -45.03
CA ASN I 72 82.83 81.81 -44.10
C ASN I 72 81.49 81.59 -43.41
N ASN I 73 81.35 80.44 -42.74
CA ASN I 73 80.13 80.11 -42.03
C ASN I 73 78.95 80.07 -43.01
N GLN I 74 79.24 79.63 -44.23
CA GLN I 74 78.23 79.54 -45.29
C GLN I 74 77.52 78.21 -45.30
N LEU I 75 77.81 77.38 -44.28
CA LEU I 75 77.20 76.06 -44.16
C LEU I 75 76.07 76.04 -43.14
N PRO I 76 75.18 75.03 -43.24
CA PRO I 76 74.05 74.88 -42.33
C PRO I 76 74.53 74.90 -40.88
N GLN I 77 73.82 75.62 -40.02
CA GLN I 77 74.19 75.72 -38.62
C GLN I 77 73.20 75.01 -37.71
N ASP I 78 72.50 74.02 -38.27
CA ASP I 78 71.52 73.23 -37.52
C ASP I 78 71.85 71.73 -37.55
N ARG I 79 72.93 71.38 -38.23
CA ARG I 79 73.36 69.99 -38.36
C ARG I 79 74.80 69.96 -38.86
N GLU I 80 75.34 68.75 -39.07
CA GLU I 80 76.71 68.64 -39.55
C GLU I 80 76.72 68.56 -41.07
N SER I 81 77.70 69.20 -41.70
CA SER I 81 77.85 69.17 -43.15
C SER I 81 79.00 68.22 -43.42
N LEU I 82 78.70 67.11 -44.09
CA LEU I 82 79.71 66.12 -44.39
C LEU I 82 80.64 66.51 -45.53
N PHE I 83 81.93 66.39 -45.28
CA PHE I 83 83.00 66.67 -46.24
C PHE I 83 83.93 65.47 -46.20
N TRP I 84 85.02 65.53 -46.94
CA TRP I 84 85.97 64.42 -46.95
C TRP I 84 87.41 64.89 -47.00
N MET I 85 88.22 64.33 -46.10
CA MET I 85 89.64 64.67 -46.03
C MET I 85 90.47 63.63 -46.77
N ASN I 86 91.29 64.09 -47.72
CA ASN I 86 92.15 63.19 -48.49
C ASN I 86 93.61 63.58 -48.37
N VAL I 87 94.45 62.58 -48.12
CA VAL I 87 95.89 62.76 -47.99
C VAL I 87 96.58 61.82 -48.98
N LYS I 88 97.20 62.39 -49.99
CA LYS I 88 97.88 61.62 -51.02
C LYS I 88 99.37 61.44 -50.78
N ALA I 89 99.82 60.18 -50.82
CA ALA I 89 101.22 59.86 -50.62
C ALA I 89 101.90 59.63 -51.96
N ILE I 90 102.69 60.60 -52.40
CA ILE I 90 103.39 60.51 -53.68
C ILE I 90 104.84 60.05 -53.51
N PRO I 91 105.19 58.90 -54.12
CA PRO I 91 106.56 58.39 -54.02
C PRO I 91 107.53 59.19 -54.87
N SER I 92 108.56 58.52 -55.39
CA SER I 92 109.56 59.18 -56.23
C SER I 92 109.74 58.42 -57.53
N MET I 93 110.12 59.14 -58.59
CA MET I 93 110.33 58.52 -59.89
C MET I 93 111.67 57.78 -59.85
N ASP I 94 111.65 56.49 -60.19
CA ASP I 94 112.87 55.68 -60.18
C ASP I 94 113.72 55.92 -61.41
N LYS I 95 114.89 56.54 -61.20
CA LYS I 95 115.80 56.81 -62.31
C LYS I 95 116.52 55.49 -62.65
N SER I 96 116.15 54.43 -61.92
CA SER I 96 116.74 53.10 -62.11
C SER I 96 115.81 52.20 -62.93
N LYS I 97 114.56 52.61 -63.09
CA LYS I 97 113.59 51.85 -63.85
C LYS I 97 113.08 52.71 -65.02
N LEU I 98 113.76 53.84 -65.22
CA LEU I 98 113.40 54.78 -66.29
C LEU I 98 113.28 54.12 -67.65
N THR I 99 114.16 53.15 -67.92
CA THR I 99 114.13 52.45 -69.21
C THR I 99 113.33 51.15 -69.12
N GLU I 100 112.24 51.18 -68.36
CA GLU I 100 111.42 49.99 -68.20
C GLU I 100 109.92 50.24 -68.07
N ASN I 101 109.16 49.15 -67.98
CA ASN I 101 107.71 49.15 -67.85
C ASN I 101 107.33 48.97 -66.39
N THR I 102 107.16 50.07 -65.67
CA THR I 102 106.82 50.00 -64.26
C THR I 102 105.43 50.53 -63.94
N LEU I 103 105.00 50.24 -62.71
CA LEU I 103 103.70 50.66 -62.20
C LEU I 103 103.83 51.23 -60.79
N GLN I 104 103.59 52.54 -60.65
CA GLN I 104 103.67 53.19 -59.34
C GLN I 104 102.31 53.57 -58.78
N LEU I 105 102.13 53.31 -57.49
CA LEU I 105 100.88 53.60 -56.81
C LEU I 105 101.03 54.74 -55.80
N ALA I 106 100.01 55.58 -55.72
CA ALA I 106 100.01 56.69 -54.78
C ALA I 106 98.87 56.48 -53.80
N ILE I 107 99.13 55.68 -52.76
CA ILE I 107 98.11 55.38 -51.76
C ILE I 107 97.55 56.66 -51.13
N ILE I 108 96.23 56.74 -51.07
CA ILE I 108 95.56 57.92 -50.51
C ILE I 108 94.61 57.50 -49.40
N SER I 109 94.46 58.37 -48.40
CA SER I 109 93.56 58.08 -47.29
C SER I 109 92.42 59.09 -47.25
N ARG I 110 91.20 58.58 -47.17
CA ARG I 110 90.01 59.42 -47.11
C ARG I 110 89.21 59.13 -45.86
N ILE I 111 89.00 60.17 -45.05
CA ILE I 111 88.24 60.05 -43.81
C ILE I 111 87.22 61.17 -43.68
N LYS I 112 86.11 60.86 -43.02
CA LYS I 112 85.03 61.82 -42.82
C LYS I 112 85.44 63.02 -41.98
N LEU I 113 84.95 64.19 -42.38
CA LEU I 113 85.21 65.44 -41.69
C LEU I 113 83.87 66.15 -41.49
N TYR I 114 83.42 66.19 -40.25
CA TYR I 114 82.13 66.80 -39.94
C TYR I 114 82.16 68.24 -39.45
N TYR I 115 81.43 69.10 -40.17
CA TYR I 115 81.34 70.51 -39.79
C TYR I 115 80.19 70.55 -38.78
N ARG I 116 80.51 70.27 -37.53
CA ARG I 116 79.52 70.26 -36.46
C ARG I 116 79.35 71.64 -35.81
N PRO I 117 78.26 72.34 -36.13
CA PRO I 117 77.98 73.67 -35.60
C PRO I 117 78.05 73.71 -34.07
N ALA I 118 79.09 74.35 -33.55
CA ALA I 118 79.27 74.46 -32.11
C ALA I 118 78.15 75.32 -31.53
N LYS I 119 76.96 74.73 -31.43
CA LYS I 119 75.78 75.41 -30.91
C LYS I 119 74.60 74.43 -30.93
N LEU I 120 74.91 73.14 -31.02
CA LEU I 120 73.89 72.09 -31.07
C LEU I 120 73.43 71.62 -29.69
N ALA I 121 72.13 71.38 -29.56
CA ALA I 121 71.53 70.94 -28.31
C ALA I 121 71.93 69.51 -27.97
N LEU I 122 71.18 68.55 -28.52
CA LEU I 122 71.45 67.13 -28.29
C LEU I 122 72.94 66.81 -28.43
N PRO I 123 73.62 66.53 -27.29
CA PRO I 123 75.05 66.20 -27.35
C PRO I 123 75.31 64.97 -28.24
N PRO I 124 76.45 64.96 -28.95
CA PRO I 124 76.81 63.85 -29.85
C PRO I 124 76.63 62.43 -29.31
N ASP I 125 77.00 62.22 -28.05
CA ASP I 125 76.88 60.91 -27.42
C ASP I 125 75.43 60.39 -27.31
N GLN I 126 74.49 61.31 -27.15
CA GLN I 126 73.09 60.97 -27.01
C GLN I 126 72.36 60.94 -28.37
N ALA I 127 73.11 60.59 -29.42
CA ALA I 127 72.55 60.55 -30.76
C ALA I 127 72.18 59.14 -31.26
N ALA I 128 73.04 58.16 -31.00
CA ALA I 128 72.80 56.79 -31.45
C ALA I 128 71.49 56.16 -30.97
N GLU I 129 70.96 56.62 -29.82
CA GLU I 129 69.72 56.07 -29.29
C GLU I 129 68.54 56.59 -30.11
N LYS I 130 68.62 57.85 -30.49
CA LYS I 130 67.58 58.52 -31.27
C LYS I 130 67.35 57.87 -32.63
N LEU I 131 68.08 56.80 -32.91
CA LEU I 131 67.93 56.11 -34.18
C LEU I 131 66.76 55.14 -34.17
N ARG I 132 65.71 55.49 -34.91
CA ARG I 132 64.51 54.66 -35.01
C ARG I 132 64.62 53.96 -36.36
N PHE I 133 63.60 53.20 -36.75
CA PHE I 133 63.65 52.49 -38.02
C PHE I 133 62.33 52.46 -38.81
N ARG I 134 62.24 51.47 -39.69
CA ARG I 134 61.08 51.25 -40.54
C ARG I 134 61.40 49.95 -41.26
N ARG I 135 61.20 48.83 -40.57
CA ARG I 135 61.52 47.53 -41.13
C ARG I 135 60.41 46.88 -41.95
N SER I 136 60.68 46.69 -43.24
CA SER I 136 59.74 46.06 -44.17
C SER I 136 60.13 44.60 -44.34
N ALA I 137 60.15 44.14 -45.60
CA ALA I 137 60.52 42.77 -45.90
C ALA I 137 61.67 42.85 -46.91
N ASN I 138 61.98 44.08 -47.31
CA ASN I 138 63.06 44.35 -48.25
C ASN I 138 63.44 45.84 -48.28
N SER I 139 62.73 46.65 -47.51
CA SER I 139 63.01 48.09 -47.48
C SER I 139 63.14 48.67 -46.07
N LEU I 140 64.11 48.16 -45.30
CA LEU I 140 64.34 48.66 -43.95
C LEU I 140 64.82 50.10 -44.08
N THR I 141 64.24 51.01 -43.31
CA THR I 141 64.61 52.42 -43.38
C THR I 141 65.27 52.97 -42.13
N LEU I 142 66.58 53.20 -42.21
CA LEU I 142 67.33 53.77 -41.11
C LEU I 142 66.96 55.26 -41.04
N ILE I 143 66.49 55.70 -39.88
CA ILE I 143 66.08 57.09 -39.72
C ILE I 143 66.74 57.79 -38.54
N ASN I 144 67.41 58.90 -38.81
CA ASN I 144 68.09 59.68 -37.79
C ASN I 144 67.57 61.12 -37.72
N PRO I 145 66.94 61.48 -36.59
CA PRO I 145 66.39 62.83 -36.36
C PRO I 145 67.38 63.77 -35.68
N THR I 146 68.57 63.29 -35.39
CA THR I 146 69.58 64.13 -34.75
C THR I 146 70.35 64.90 -35.83
N PRO I 147 71.08 65.95 -35.44
CA PRO I 147 71.85 66.75 -36.40
C PRO I 147 73.22 66.16 -36.75
N TYR I 148 73.43 64.89 -36.43
CA TYR I 148 74.71 64.23 -36.71
C TYR I 148 74.60 63.05 -37.69
N TYR I 149 75.68 62.83 -38.45
CA TYR I 149 75.72 61.71 -39.40
C TYR I 149 76.04 60.47 -38.58
N LEU I 150 75.05 59.62 -38.36
CA LEU I 150 75.26 58.40 -37.58
C LEU I 150 75.88 57.31 -38.45
N THR I 151 77.11 56.94 -38.14
CA THR I 151 77.80 55.91 -38.90
C THR I 151 77.38 54.52 -38.38
N VAL I 152 76.22 54.05 -38.82
CA VAL I 152 75.67 52.76 -38.41
C VAL I 152 76.45 51.57 -38.98
N THR I 153 76.89 50.69 -38.08
CA THR I 153 77.64 49.52 -38.48
C THR I 153 77.15 48.27 -37.74
N GLU I 154 77.61 47.11 -38.20
CA GLU I 154 77.24 45.82 -37.61
C GLU I 154 75.72 45.73 -37.45
N LEU I 155 75.00 46.21 -38.46
CA LEU I 155 73.53 46.18 -38.46
C LEU I 155 73.06 44.75 -38.64
N ASN I 156 72.04 44.34 -37.89
CA ASN I 156 71.54 42.98 -37.98
C ASN I 156 70.02 42.92 -37.84
N ALA I 157 69.38 42.16 -38.73
CA ALA I 157 67.92 41.98 -38.71
C ALA I 157 67.61 41.03 -37.55
N GLY I 158 68.45 41.11 -36.52
CA GLY I 158 68.30 40.25 -35.36
C GLY I 158 69.35 39.17 -35.42
N THR I 159 69.26 38.34 -36.44
CA THR I 159 70.19 37.24 -36.66
C THR I 159 70.89 37.42 -38.00
N ARG I 160 70.14 37.96 -38.97
CA ARG I 160 70.64 38.19 -40.31
C ARG I 160 71.46 39.48 -40.39
N VAL I 161 72.76 39.34 -40.64
CA VAL I 161 73.67 40.48 -40.73
C VAL I 161 73.46 41.28 -42.01
N LEU I 162 73.40 42.60 -41.87
CA LEU I 162 73.20 43.49 -43.01
C LEU I 162 74.48 44.22 -43.39
N GLU I 163 74.31 45.35 -44.06
CA GLU I 163 75.45 46.15 -44.50
C GLU I 163 75.43 47.54 -43.85
N ASN I 164 76.61 48.06 -43.56
CA ASN I 164 76.78 49.36 -42.93
C ASN I 164 75.97 50.46 -43.62
N ALA I 165 75.90 51.62 -42.98
CA ALA I 165 75.16 52.75 -43.53
C ALA I 165 75.59 54.07 -42.90
N LEU I 166 75.32 55.17 -43.61
CA LEU I 166 75.67 56.51 -43.12
C LEU I 166 74.45 57.42 -43.13
N VAL I 167 73.61 57.32 -42.10
CA VAL I 167 72.41 58.12 -41.98
C VAL I 167 72.74 59.59 -41.74
N PRO I 168 72.38 60.46 -42.70
CA PRO I 168 72.63 61.91 -42.61
C PRO I 168 71.82 62.61 -41.51
N PRO I 169 72.24 63.83 -41.12
CA PRO I 169 71.58 64.63 -40.08
C PRO I 169 70.14 64.94 -40.47
N MET I 170 69.20 64.60 -39.60
CA MET I 170 67.79 64.86 -39.86
C MET I 170 67.39 64.20 -41.18
N GLY I 171 68.01 63.04 -41.45
CA GLY I 171 67.71 62.31 -42.66
C GLY I 171 67.49 60.85 -42.39
N GLU I 172 67.45 60.05 -43.45
CA GLU I 172 67.23 58.62 -43.33
C GLU I 172 67.92 57.89 -44.48
N SER I 173 68.08 56.58 -44.32
CA SER I 173 68.71 55.75 -45.34
C SER I 173 68.21 54.31 -45.25
N THR I 174 67.80 53.76 -46.38
CA THR I 174 67.27 52.40 -46.41
C THR I 174 68.29 51.34 -46.85
N VAL I 175 68.44 50.32 -46.02
CA VAL I 175 69.35 49.23 -46.31
C VAL I 175 68.51 48.02 -46.70
N LYS I 176 69.06 47.20 -47.58
CA LYS I 176 68.36 46.01 -48.08
C LYS I 176 67.91 45.04 -46.99
N LEU I 177 66.60 45.02 -46.71
CA LEU I 177 66.06 44.11 -45.70
C LEU I 177 65.92 42.74 -46.36
N PRO I 178 66.79 41.81 -45.98
CA PRO I 178 66.90 40.43 -46.45
C PRO I 178 65.68 39.53 -46.38
N SER I 179 64.72 39.88 -45.53
CA SER I 179 63.51 39.07 -45.34
C SER I 179 63.82 37.83 -44.51
N ASP I 180 65.06 37.78 -44.04
CA ASP I 180 65.55 36.71 -43.16
C ASP I 180 65.61 37.49 -41.85
N ALA I 181 64.59 38.35 -41.78
CA ALA I 181 64.33 39.31 -40.71
C ALA I 181 64.14 38.84 -39.28
N GLY I 182 63.17 39.47 -38.64
CA GLY I 182 62.81 39.22 -37.26
C GLY I 182 62.12 40.48 -36.78
N SER I 183 62.92 41.38 -36.22
CA SER I 183 62.48 42.67 -35.71
C SER I 183 63.44 43.06 -34.59
N ASN I 184 64.28 42.10 -34.21
CA ASN I 184 65.28 42.31 -33.16
C ASN I 184 66.42 43.16 -33.72
N ILE I 185 66.06 44.20 -34.47
CA ILE I 185 67.07 45.08 -35.06
C ILE I 185 68.11 45.47 -34.01
N THR I 186 69.39 45.33 -34.38
CA THR I 186 70.50 45.66 -33.49
C THR I 186 71.54 46.45 -34.29
N TYR I 187 72.32 47.28 -33.60
CA TYR I 187 73.30 48.10 -34.31
C TYR I 187 74.37 48.75 -33.43
N ARG I 188 75.52 49.00 -34.04
CA ARG I 188 76.63 49.67 -33.37
C ARG I 188 77.04 50.82 -34.27
N THR I 189 77.54 51.90 -33.67
CA THR I 189 77.96 53.06 -34.45
C THR I 189 79.41 53.46 -34.18
N ILE I 190 79.88 54.46 -34.92
CA ILE I 190 81.24 54.95 -34.77
C ILE I 190 81.22 56.42 -34.34
N ASN I 191 81.74 56.69 -33.15
CA ASN I 191 81.76 58.04 -32.62
C ASN I 191 82.89 58.88 -33.20
N ASP I 192 83.13 60.03 -32.57
CA ASP I 192 84.15 60.99 -33.01
C ASP I 192 85.60 60.52 -33.01
N TYR I 193 85.92 59.56 -32.16
CA TYR I 193 87.30 59.07 -32.08
C TYR I 193 87.51 57.81 -32.89
N GLY I 194 86.43 57.33 -33.50
CA GLY I 194 86.50 56.13 -34.32
C GLY I 194 86.30 54.89 -33.46
N ALA I 195 85.41 55.00 -32.48
CA ALA I 195 85.14 53.89 -31.57
C ALA I 195 83.68 53.43 -31.61
N LEU I 196 83.48 52.11 -31.68
CA LEU I 196 82.15 51.51 -31.73
C LEU I 196 81.35 51.81 -30.47
N THR I 197 80.21 52.47 -30.62
CA THR I 197 79.37 52.77 -29.48
C THR I 197 78.76 51.44 -29.02
N PRO I 198 78.17 51.39 -27.81
CA PRO I 198 77.57 50.14 -27.33
C PRO I 198 76.43 49.61 -28.18
N LYS I 199 76.38 48.29 -28.32
CA LYS I 199 75.36 47.62 -29.10
C LYS I 199 73.97 47.87 -28.52
N MET I 200 73.09 48.48 -29.32
CA MET I 200 71.74 48.80 -28.88
C MET I 200 70.70 48.09 -29.74
N THR I 201 69.42 48.31 -29.45
CA THR I 201 68.34 47.65 -30.19
C THR I 201 67.61 48.59 -31.15
N GLY I 202 67.11 48.02 -32.24
CA GLY I 202 66.39 48.78 -33.23
C GLY I 202 65.01 49.18 -32.75
N VAL I 203 64.81 50.48 -32.60
CA VAL I 203 63.54 51.03 -32.12
C VAL I 203 62.66 51.52 -33.28
N MET I 204 62.07 50.57 -34.01
CA MET I 204 61.21 50.91 -35.13
C MET I 204 60.20 51.98 -34.74
N GLU I 205 60.07 53.02 -35.55
CA GLU I 205 59.14 54.09 -35.29
C GLU I 205 57.79 53.81 -35.93
N PHE J 1 104.11 64.72 10.85
CA PHE J 1 103.98 64.61 9.37
C PHE J 1 102.60 64.10 9.00
N ALA J 2 101.96 64.79 8.06
CA ALA J 2 100.63 64.41 7.57
C ALA J 2 100.43 65.00 6.17
N CYS J 3 99.45 64.47 5.45
CA CYS J 3 99.16 64.93 4.09
C CYS J 3 97.66 65.06 3.87
N LYS J 4 97.29 65.66 2.74
CA LYS J 4 95.88 65.83 2.38
C LYS J 4 95.70 66.11 0.90
N THR J 5 94.56 65.67 0.36
CA THR J 5 94.24 65.86 -1.06
C THR J 5 93.46 67.13 -1.31
N ALA J 6 93.88 67.86 -2.34
CA ALA J 6 93.23 69.11 -2.72
C ALA J 6 91.71 68.97 -2.81
N ASN J 7 91.23 67.74 -2.93
CA ASN J 7 89.79 67.50 -3.04
C ASN J 7 89.17 67.33 -1.65
N GLY J 8 90.02 67.12 -0.66
CA GLY J 8 89.51 66.97 0.69
C GLY J 8 90.27 65.98 1.54
N THR J 9 89.77 64.76 1.64
CA THR J 9 90.38 63.70 2.45
C THR J 9 91.85 63.90 2.72
N ALA J 10 92.25 63.67 3.97
CA ALA J 10 93.63 63.83 4.38
C ALA J 10 94.16 62.57 5.05
N ILE J 11 95.48 62.41 5.05
CA ILE J 11 96.11 61.26 5.67
C ILE J 11 96.83 61.73 6.91
N PRO J 12 96.34 61.30 8.09
CA PRO J 12 96.86 61.63 9.43
C PRO J 12 98.27 61.19 9.78
N ILE J 13 98.71 61.63 10.96
CA ILE J 13 100.03 61.32 11.49
C ILE J 13 100.13 59.82 11.73
N GLY J 14 101.23 59.22 11.28
CA GLY J 14 101.42 57.80 11.48
C GLY J 14 100.88 56.90 10.38
N GLY J 15 100.67 57.46 9.20
CA GLY J 15 100.19 56.66 8.10
C GLY J 15 98.79 57.03 7.61
N GLY J 16 98.22 56.16 6.79
CA GLY J 16 96.89 56.40 6.25
C GLY J 16 96.69 55.83 4.85
N SER J 17 95.65 56.32 4.18
CA SER J 17 95.31 55.90 2.82
C SER J 17 94.24 56.85 2.29
N ALA J 18 94.39 57.24 1.03
CA ALA J 18 93.43 58.15 0.40
C ALA J 18 93.06 57.74 -1.01
N ASN J 19 92.49 58.67 -1.76
CA ASN J 19 92.07 58.43 -3.13
C ASN J 19 92.05 59.74 -3.89
N VAL J 20 92.81 59.83 -4.96
CA VAL J 20 92.82 61.05 -5.77
C VAL J 20 92.02 60.76 -7.04
N TYR J 21 91.11 61.66 -7.40
CA TYR J 21 90.27 61.45 -8.59
C TYR J 21 90.71 62.28 -9.78
N VAL J 22 91.99 62.59 -9.83
CA VAL J 22 92.60 63.38 -10.90
C VAL J 22 91.93 63.30 -12.27
N ASN J 23 91.92 64.43 -12.97
CA ASN J 23 91.36 64.52 -14.31
C ASN J 23 92.54 64.43 -15.26
N LEU J 24 92.35 63.72 -16.37
CA LEU J 24 93.42 63.54 -17.35
C LEU J 24 92.96 64.01 -18.73
N ALA J 25 93.88 64.60 -19.51
CA ALA J 25 93.55 65.07 -20.84
C ALA J 25 92.72 63.98 -21.52
N PRO J 26 91.38 64.12 -21.51
CA PRO J 26 90.42 63.18 -22.09
C PRO J 26 90.81 62.51 -23.40
N VAL J 27 91.68 63.14 -24.18
CA VAL J 27 92.09 62.55 -25.45
C VAL J 27 93.59 62.66 -25.73
N VAL J 28 94.27 61.52 -25.59
CA VAL J 28 95.70 61.42 -25.83
C VAL J 28 95.93 60.39 -26.93
N ASN J 29 96.74 60.74 -27.92
CA ASN J 29 97.02 59.82 -29.02
C ASN J 29 98.35 59.10 -28.82
N VAL J 30 98.50 57.94 -29.46
CA VAL J 30 99.73 57.16 -29.36
C VAL J 30 100.96 58.00 -29.70
N GLY J 31 102.10 57.62 -29.14
CA GLY J 31 103.32 58.37 -29.41
C GLY J 31 103.45 59.51 -28.41
N GLN J 32 102.40 60.34 -28.34
CA GLN J 32 102.39 61.48 -27.43
C GLN J 32 102.56 61.04 -25.98
N ASN J 33 102.42 61.98 -25.05
CA ASN J 33 102.65 61.67 -23.65
C ASN J 33 101.59 62.12 -22.63
N LEU J 34 100.82 61.17 -22.10
CA LEU J 34 99.83 61.50 -21.08
C LEU J 34 100.63 61.92 -19.86
N VAL J 35 99.98 62.56 -18.90
CA VAL J 35 100.65 63.03 -17.69
C VAL J 35 99.72 63.07 -16.49
N VAL J 36 100.19 62.57 -15.35
CA VAL J 36 99.38 62.58 -14.14
C VAL J 36 100.19 63.10 -12.96
N ASP J 37 100.42 64.41 -12.94
CA ASP J 37 101.18 65.05 -11.86
C ASP J 37 100.32 65.23 -10.61
N LEU J 38 100.82 64.70 -9.49
CA LEU J 38 100.08 64.79 -8.23
C LEU J 38 100.59 65.88 -7.29
N SER J 39 101.65 66.58 -7.70
CA SER J 39 102.19 67.65 -6.89
C SER J 39 101.23 68.82 -7.13
N THR J 40 99.96 68.46 -7.20
CA THR J 40 98.89 69.41 -7.44
C THR J 40 97.61 68.66 -7.11
N GLN J 41 97.74 67.73 -6.17
CA GLN J 41 96.61 66.91 -5.73
C GLN J 41 96.92 66.31 -4.36
N ILE J 42 98.18 66.41 -3.96
CA ILE J 42 98.64 65.86 -2.68
C ILE J 42 99.80 66.64 -2.08
N PHE J 43 99.63 67.10 -0.85
CA PHE J 43 100.66 67.88 -0.16
C PHE J 43 100.80 67.43 1.28
N CYS J 44 102.02 67.49 1.78
CA CYS J 44 102.29 67.10 3.15
C CYS J 44 103.05 68.24 3.81
N HIS J 45 103.21 68.16 5.12
CA HIS J 45 103.91 69.20 5.86
C HIS J 45 104.51 68.57 7.12
N ASN J 46 105.54 69.19 7.66
CA ASN J 46 106.20 68.71 8.87
C ASN J 46 105.39 69.26 10.05
N ASP J 47 105.14 68.42 11.05
CA ASP J 47 104.38 68.86 12.22
C ASP J 47 105.29 69.41 13.32
N TYR J 48 106.45 68.79 13.50
CA TYR J 48 107.43 69.20 14.51
C TYR J 48 108.73 69.52 13.77
N PRO J 49 108.71 70.57 12.93
CA PRO J 49 109.86 71.02 12.12
C PRO J 49 111.08 71.58 12.84
N GLU J 50 110.90 72.10 14.06
CA GLU J 50 112.03 72.68 14.79
C GLU J 50 113.00 71.65 15.35
N THR J 51 112.64 70.37 15.29
CA THR J 51 113.53 69.33 15.80
C THR J 51 113.67 68.21 14.78
N ILE J 52 112.52 67.67 14.38
CA ILE J 52 112.49 66.56 13.44
C ILE J 52 112.69 66.97 11.98
N THR J 53 113.23 66.03 11.20
CA THR J 53 113.46 66.23 9.78
C THR J 53 112.80 65.03 9.09
N ASP J 54 111.68 65.28 8.40
CA ASP J 54 110.95 64.21 7.72
C ASP J 54 111.50 63.84 6.34
N TYR J 55 111.56 62.54 6.11
CA TYR J 55 112.06 61.96 4.87
C TYR J 55 110.96 61.23 4.12
N VAL J 56 110.50 61.84 3.04
CA VAL J 56 109.45 61.26 2.23
C VAL J 56 110.04 60.57 1.00
N THR J 57 109.51 59.39 0.71
CA THR J 57 109.96 58.60 -0.42
C THR J 57 108.80 57.86 -1.05
N LEU J 58 108.95 57.51 -2.32
CA LEU J 58 107.93 56.76 -3.06
C LEU J 58 108.37 55.29 -3.04
N GLN J 59 107.76 54.51 -2.15
CA GLN J 59 108.06 53.10 -2.01
C GLN J 59 107.68 52.27 -3.23
N ARG J 60 106.38 52.16 -3.44
CA ARG J 60 105.85 51.37 -4.55
C ARG J 60 105.06 52.23 -5.53
N GLY J 61 104.76 51.64 -6.68
CA GLY J 61 104.00 52.32 -7.71
C GLY J 61 103.38 51.21 -8.53
N SER J 62 102.07 51.01 -8.39
CA SER J 62 101.38 49.97 -9.12
C SER J 62 100.54 50.53 -10.27
N ALA J 63 100.23 49.68 -11.25
CA ALA J 63 99.44 50.10 -12.41
C ALA J 63 98.23 49.19 -12.57
N TYR J 64 97.10 49.78 -12.98
CA TYR J 64 95.87 49.02 -13.17
C TYR J 64 95.15 49.50 -14.41
N GLY J 65 94.12 48.77 -14.80
CA GLY J 65 93.33 49.13 -15.98
C GLY J 65 94.12 49.51 -17.21
N GLY J 66 93.60 50.47 -17.96
CA GLY J 66 94.24 50.90 -19.18
C GLY J 66 95.66 51.41 -19.06
N VAL J 67 96.09 51.76 -17.85
CA VAL J 67 97.46 52.23 -17.69
C VAL J 67 98.39 51.03 -17.69
N LEU J 68 97.98 49.99 -16.98
CA LEU J 68 98.74 48.76 -16.89
C LEU J 68 98.94 48.09 -18.24
N SER J 69 97.92 48.15 -19.10
CA SER J 69 97.98 47.51 -20.39
C SER J 69 98.13 48.40 -21.61
N ASN J 70 97.65 49.64 -21.54
CA ASN J 70 97.73 50.50 -22.71
C ASN J 70 98.85 51.53 -22.78
N PHE J 71 99.68 51.61 -21.75
CA PHE J 71 100.77 52.57 -21.77
C PHE J 71 102.09 52.02 -21.28
N SER J 72 103.14 52.74 -21.66
CA SER J 72 104.49 52.44 -21.27
C SER J 72 104.83 53.71 -20.51
N GLY J 73 105.77 53.64 -19.57
CA GLY J 73 106.08 54.86 -18.86
C GLY J 73 106.87 54.77 -17.57
N THR J 74 107.03 55.94 -16.96
CA THR J 74 107.79 56.09 -15.73
C THR J 74 107.17 57.13 -14.81
N VAL J 75 107.70 57.19 -13.59
CA VAL J 75 107.24 58.14 -12.60
C VAL J 75 108.41 59.08 -12.28
N LYS J 76 108.18 60.37 -12.51
CA LYS J 76 109.18 61.40 -12.23
C LYS J 76 109.06 61.70 -10.74
N TYR J 77 110.16 61.62 -10.00
CA TYR J 77 110.12 61.91 -8.58
C TYR J 77 111.27 62.78 -8.12
N SER J 78 110.95 64.04 -7.81
CA SER J 78 111.97 64.98 -7.34
C SER J 78 113.13 65.00 -8.32
N GLY J 79 112.85 65.35 -9.57
CA GLY J 79 113.89 65.41 -10.56
C GLY J 79 114.01 64.12 -11.34
N SER J 80 114.87 63.21 -10.88
CA SER J 80 115.07 61.93 -11.55
C SER J 80 113.75 61.20 -11.84
N SER J 81 113.78 60.34 -12.86
CA SER J 81 112.62 59.56 -13.27
C SER J 81 112.95 58.10 -13.03
N TYR J 82 111.92 57.29 -12.82
CA TYR J 82 112.13 55.87 -12.56
C TYR J 82 111.07 55.01 -13.28
N PRO J 83 111.40 53.74 -13.55
CA PRO J 83 110.43 52.90 -14.24
C PRO J 83 109.10 52.83 -13.48
N PHE J 84 107.99 52.93 -14.21
CA PHE J 84 106.67 52.80 -13.61
C PHE J 84 105.87 51.80 -14.42
N PRO J 85 105.29 50.78 -13.75
CA PRO J 85 105.37 50.53 -12.31
C PRO J 85 106.78 50.55 -11.75
N THR J 86 106.91 51.02 -10.52
CA THR J 86 108.19 51.11 -9.83
C THR J 86 108.77 49.73 -9.57
N THR J 87 110.10 49.66 -9.53
CA THR J 87 110.80 48.40 -9.29
C THR J 87 111.57 48.47 -7.98
N SER J 88 111.51 49.63 -7.33
CA SER J 88 112.22 49.79 -6.06
C SER J 88 111.92 51.15 -5.45
N GLU J 89 112.21 51.26 -4.16
CA GLU J 89 111.98 52.50 -3.43
C GLU J 89 112.85 53.64 -3.92
N THR J 90 112.24 54.81 -4.05
CA THR J 90 112.90 56.00 -4.55
C THR J 90 113.77 56.69 -3.49
N PRO J 91 114.67 57.58 -3.93
CA PRO J 91 115.53 58.29 -2.97
C PRO J 91 114.61 59.12 -2.08
N ARG J 92 115.11 59.59 -0.94
CA ARG J 92 114.28 60.37 -0.03
C ARG J 92 114.37 61.89 -0.19
N VAL J 93 113.24 62.55 0.00
CA VAL J 93 113.13 64.00 -0.09
C VAL J 93 112.79 64.52 1.32
N VAL J 94 113.38 65.64 1.72
CA VAL J 94 113.13 66.20 3.06
C VAL J 94 111.94 67.12 3.20
N TYR J 95 111.28 67.04 4.35
CA TYR J 95 110.12 67.86 4.67
C TYR J 95 110.32 68.59 5.99
N ASN J 96 110.49 69.90 5.92
CA ASN J 96 110.71 70.70 7.12
C ASN J 96 109.95 72.03 7.14
N SER J 97 108.67 71.96 7.53
CA SER J 97 107.79 73.12 7.62
C SER J 97 106.34 72.69 7.76
N ARG J 98 105.57 73.40 8.56
CA ARG J 98 104.16 73.06 8.75
C ARG J 98 103.38 73.54 7.55
N THR J 99 104.10 74.15 6.61
CA THR J 99 103.49 74.64 5.39
C THR J 99 103.37 73.46 4.42
N ASP J 100 102.13 73.10 4.10
CA ASP J 100 101.87 72.00 3.19
C ASP J 100 102.63 72.05 1.87
N LYS J 101 103.69 71.26 1.77
CA LYS J 101 104.49 71.18 0.55
C LYS J 101 104.05 69.88 -0.14
N PRO J 102 103.93 69.90 -1.48
CA PRO J 102 103.51 68.69 -2.20
C PRO J 102 104.72 67.81 -2.46
N TRP J 103 104.53 66.49 -2.46
CA TRP J 103 105.67 65.64 -2.76
C TRP J 103 105.67 65.49 -4.28
N PRO J 104 106.86 65.62 -4.89
CA PRO J 104 107.09 65.52 -6.34
C PRO J 104 106.77 64.15 -6.93
N VAL J 105 105.52 63.95 -7.33
CA VAL J 105 105.14 62.68 -7.91
C VAL J 105 104.36 62.89 -9.19
N ALA J 106 105.06 62.77 -10.31
CA ALA J 106 104.43 62.95 -11.60
C ALA J 106 104.55 61.67 -12.44
N LEU J 107 103.40 61.21 -12.93
CA LEU J 107 103.30 60.02 -13.75
C LEU J 107 103.36 60.37 -15.22
N TYR J 108 104.28 59.75 -15.94
CA TYR J 108 104.42 59.99 -17.37
C TYR J 108 104.19 58.71 -18.15
N LEU J 109 102.99 58.59 -18.73
CA LEU J 109 102.60 57.41 -19.49
C LEU J 109 102.41 57.68 -20.98
N THR J 110 102.96 56.80 -21.81
CA THR J 110 102.84 56.94 -23.26
C THR J 110 101.97 55.80 -23.78
N PRO J 111 101.12 56.08 -24.78
CA PRO J 111 100.27 55.02 -25.32
C PRO J 111 101.06 54.13 -26.29
N VAL J 112 100.82 52.82 -26.21
CA VAL J 112 101.49 51.87 -27.10
C VAL J 112 100.66 51.71 -28.36
N SER J 113 101.33 51.51 -29.48
CA SER J 113 100.65 51.33 -30.77
C SER J 113 99.41 50.44 -30.60
N SER J 114 99.49 49.50 -29.68
CA SER J 114 98.42 48.55 -29.38
C SER J 114 97.09 49.18 -28.98
N ALA J 115 97.14 50.31 -28.28
CA ALA J 115 95.92 50.99 -27.86
C ALA J 115 95.03 51.29 -29.08
N GLY J 116 93.85 51.86 -28.84
CA GLY J 116 92.95 52.17 -29.94
C GLY J 116 91.95 53.30 -29.69
N GLY J 117 91.13 53.14 -28.66
CA GLY J 117 90.14 54.14 -28.33
C GLY J 117 90.10 54.44 -26.85
N VAL J 118 89.14 53.86 -26.15
CA VAL J 118 89.00 54.07 -24.70
C VAL J 118 90.11 53.34 -23.96
N ALA J 119 91.21 54.05 -23.69
CA ALA J 119 92.34 53.47 -22.96
C ALA J 119 91.98 53.39 -21.47
N ILE J 120 91.46 54.48 -20.93
CA ILE J 120 91.07 54.56 -19.53
C ILE J 120 89.61 54.93 -19.39
N LYS J 121 88.93 54.30 -18.43
CA LYS J 121 87.52 54.57 -18.19
C LYS J 121 87.34 55.92 -17.48
N ALA J 122 86.12 56.23 -17.07
CA ALA J 122 85.84 57.50 -16.42
C ALA J 122 85.61 57.35 -14.92
N GLY J 123 86.04 56.23 -14.35
CA GLY J 123 85.86 56.01 -12.93
C GLY J 123 86.52 54.74 -12.45
N SER J 124 87.71 54.47 -12.98
CA SER J 124 88.47 53.28 -12.62
C SER J 124 89.73 53.66 -11.87
N LEU J 125 90.50 52.65 -11.47
CA LEU J 125 91.75 52.85 -10.76
C LEU J 125 92.89 52.93 -11.78
N ILE J 126 93.74 53.95 -11.63
CA ILE J 126 94.88 54.12 -12.52
C ILE J 126 96.08 53.43 -11.90
N ALA J 127 96.47 53.91 -10.72
CA ALA J 127 97.62 53.39 -10.02
C ALA J 127 97.40 53.32 -8.52
N VAL J 128 98.47 52.96 -7.80
CA VAL J 128 98.45 52.86 -6.36
C VAL J 128 99.83 53.24 -5.85
N LEU J 129 100.08 54.55 -5.76
CA LEU J 129 101.36 55.10 -5.30
C LEU J 129 101.49 55.06 -3.79
N ILE J 130 102.56 54.44 -3.27
CA ILE J 130 102.73 54.37 -1.82
C ILE J 130 103.79 55.34 -1.31
N LEU J 131 103.36 56.22 -0.41
CA LEU J 131 104.27 57.19 0.19
C LEU J 131 104.85 56.60 1.47
N ARG J 132 106.17 56.59 1.56
CA ARG J 132 106.86 56.06 2.73
C ARG J 132 107.40 57.23 3.54
N GLN J 133 107.08 57.25 4.83
CA GLN J 133 107.54 58.35 5.69
C GLN J 133 108.33 57.90 6.91
N THR J 134 109.46 58.57 7.12
CA THR J 134 110.35 58.31 8.25
C THR J 134 110.88 59.66 8.69
N ASN J 135 111.90 59.66 9.55
CA ASN J 135 112.50 60.90 10.04
C ASN J 135 113.76 60.60 10.82
N ASN J 136 114.52 61.66 11.13
CA ASN J 136 115.77 61.50 11.87
C ASN J 136 115.61 61.65 13.38
N TYR J 137 114.45 61.25 13.90
CA TYR J 137 114.18 61.38 15.32
C TYR J 137 113.93 60.06 16.04
N ASN J 138 113.04 59.24 15.51
CA ASN J 138 112.74 57.96 16.14
C ASN J 138 112.46 56.84 15.15
N SER J 139 111.90 55.74 15.65
CA SER J 139 111.57 54.57 14.86
C SER J 139 110.34 54.73 13.96
N ASP J 140 109.96 55.97 13.68
CA ASP J 140 108.79 56.24 12.84
C ASP J 140 108.98 55.89 11.36
N ASP J 141 108.12 55.00 10.88
CA ASP J 141 108.15 54.53 9.50
C ASP J 141 106.72 54.19 9.09
N PHE J 142 106.08 55.09 8.34
CA PHE J 142 104.71 54.86 7.93
C PHE J 142 104.52 54.80 6.42
N GLN J 143 103.36 54.30 5.99
CA GLN J 143 103.05 54.19 4.57
C GLN J 143 101.79 54.94 4.13
N PHE J 144 101.92 56.25 3.93
CA PHE J 144 100.80 57.08 3.47
C PHE J 144 100.37 56.58 2.10
N VAL J 145 99.32 55.77 2.05
CA VAL J 145 98.83 55.21 0.79
C VAL J 145 97.93 56.14 -0.03
N TRP J 146 97.86 55.88 -1.33
CA TRP J 146 97.04 56.67 -2.23
C TRP J 146 96.51 55.82 -3.38
N ASN J 147 95.30 56.16 -3.84
CA ASN J 147 94.68 55.44 -4.94
C ASN J 147 94.22 56.44 -5.98
N ILE J 148 94.85 56.40 -7.15
CA ILE J 148 94.53 57.32 -8.22
C ILE J 148 93.42 56.76 -9.12
N TYR J 149 92.39 57.58 -9.34
CA TYR J 149 91.25 57.23 -10.20
C TYR J 149 91.04 58.33 -11.24
N ALA J 150 90.50 57.95 -12.40
CA ALA J 150 90.23 58.92 -13.45
C ALA J 150 88.72 59.05 -13.65
N ASN J 151 88.18 60.25 -13.37
CA ASN J 151 86.75 60.48 -13.53
C ASN J 151 86.33 60.62 -14.98
N ASN J 152 87.29 60.57 -15.90
CA ASN J 152 86.99 60.71 -17.32
C ASN J 152 87.64 59.62 -18.17
N ASP J 153 86.96 59.22 -19.23
CA ASP J 153 87.48 58.19 -20.13
C ASP J 153 88.56 58.79 -21.00
N VAL J 154 89.77 58.22 -20.95
CA VAL J 154 90.82 58.74 -21.81
C VAL J 154 90.63 58.00 -23.13
N VAL J 155 91.19 58.57 -24.20
CA VAL J 155 91.05 57.96 -25.52
C VAL J 155 92.34 58.11 -26.30
N VAL J 156 92.58 57.16 -27.19
CA VAL J 156 93.78 57.18 -28.04
C VAL J 156 93.31 56.83 -29.44
N PRO J 157 92.48 57.69 -30.04
CA PRO J 157 91.91 57.55 -31.39
C PRO J 157 92.63 56.61 -32.35
N THR J 158 91.82 55.83 -33.06
CA THR J 158 92.30 54.88 -34.05
C THR J 158 92.71 55.67 -35.29
N GLY J 159 93.73 55.19 -35.99
CA GLY J 159 94.19 55.90 -37.18
C GLY J 159 94.63 55.05 -38.36
N GLY J 160 95.14 55.71 -39.39
CA GLY J 160 95.60 55.04 -40.60
C GLY J 160 96.16 53.66 -40.41
N CYS J 161 95.62 52.69 -41.15
CA CYS J 161 96.07 51.31 -41.05
C CYS J 161 97.34 51.06 -41.83
N ASP J 162 97.99 49.95 -41.51
CA ASP J 162 99.25 49.56 -42.14
C ASP J 162 99.12 49.17 -43.60
N VAL J 163 99.59 50.06 -44.49
CA VAL J 163 99.54 49.82 -45.93
C VAL J 163 100.79 49.08 -46.37
N SER J 164 100.74 47.75 -46.34
CA SER J 164 101.87 46.92 -46.74
C SER J 164 101.90 46.70 -48.24
N ALA J 165 103.02 47.02 -48.87
CA ALA J 165 103.18 46.85 -50.31
C ALA J 165 104.67 46.81 -50.63
N ARG J 166 105.18 45.61 -50.89
CA ARG J 166 106.59 45.41 -51.19
C ARG J 166 107.25 46.62 -51.85
N ASP J 167 106.93 46.82 -53.13
CA ASP J 167 107.50 47.93 -53.88
C ASP J 167 107.06 47.87 -55.33
N VAL J 168 107.16 49.01 -56.03
CA VAL J 168 106.77 49.10 -57.43
C VAL J 168 107.08 47.82 -58.22
N THR J 169 106.04 47.02 -58.44
CA THR J 169 106.18 45.77 -59.16
C THR J 169 106.33 46.05 -60.65
N VAL J 170 107.07 45.18 -61.34
CA VAL J 170 107.28 45.33 -62.76
C VAL J 170 106.41 44.31 -63.48
N THR J 171 106.02 44.61 -64.70
CA THR J 171 105.17 43.70 -65.46
C THR J 171 105.91 43.11 -66.67
N LEU J 172 105.93 41.79 -66.74
CA LEU J 172 106.60 41.09 -67.84
C LEU J 172 106.07 41.64 -69.16
N PRO J 173 106.96 42.04 -70.07
CA PRO J 173 106.54 42.58 -71.36
C PRO J 173 105.73 41.56 -72.16
N ASP J 174 105.69 41.73 -73.49
CA ASP J 174 104.95 40.82 -74.34
C ASP J 174 103.45 40.87 -74.02
N TYR J 175 102.65 40.15 -74.82
CA TYR J 175 101.21 40.10 -74.59
C TYR J 175 100.92 39.27 -73.34
N PRO J 176 101.57 38.10 -73.20
CA PRO J 176 101.34 37.25 -72.02
C PRO J 176 101.94 37.90 -70.78
N GLY J 177 101.28 38.96 -70.31
CA GLY J 177 101.76 39.66 -69.13
C GLY J 177 100.72 39.71 -68.04
N SER J 178 101.16 39.43 -66.81
CA SER J 178 100.30 39.43 -65.64
C SER J 178 101.17 39.21 -64.42
N VAL J 179 101.36 40.25 -63.64
CA VAL J 179 102.19 40.14 -62.44
C VAL J 179 101.43 40.53 -61.17
N PRO J 180 100.59 39.62 -60.66
CA PRO J 180 99.83 39.93 -59.43
C PRO J 180 100.74 40.52 -58.36
N ILE J 181 100.51 41.78 -58.03
CA ILE J 181 101.30 42.49 -57.03
C ILE J 181 100.90 42.18 -55.60
N PRO J 182 101.89 41.83 -54.75
CA PRO J 182 101.62 41.51 -53.35
C PRO J 182 101.18 42.76 -52.59
N LEU J 183 100.07 42.66 -51.86
CA LEU J 183 99.56 43.80 -51.10
C LEU J 183 98.63 43.38 -49.97
N THR J 184 99.03 43.73 -48.75
CA THR J 184 98.28 43.42 -47.54
C THR J 184 98.19 44.65 -46.66
N VAL J 185 97.18 44.70 -45.79
CA VAL J 185 96.99 45.84 -44.89
C VAL J 185 96.20 45.46 -43.65
N TYR J 186 96.77 45.78 -42.48
CA TYR J 186 96.11 45.49 -41.21
C TYR J 186 96.25 46.70 -40.28
N CYS J 187 95.43 46.75 -39.23
CA CYS J 187 95.45 47.87 -38.30
C CYS J 187 95.82 47.47 -36.87
N ALA J 188 96.15 48.47 -36.06
CA ALA J 188 96.50 48.25 -34.67
C ALA J 188 95.20 47.82 -33.98
N LYS J 189 94.09 48.29 -34.54
CA LYS J 189 92.76 47.98 -34.04
C LYS J 189 91.84 47.63 -35.21
N SER J 190 91.27 46.43 -35.14
CA SER J 190 90.38 45.93 -36.18
C SER J 190 89.28 46.93 -36.52
N GLN J 191 89.51 47.71 -37.58
CA GLN J 191 88.56 48.70 -38.03
C GLN J 191 88.20 48.45 -39.50
N ASN J 192 86.90 48.43 -39.79
CA ASN J 192 86.44 48.18 -41.16
C ASN J 192 87.02 49.18 -42.17
N LEU J 193 87.66 48.62 -43.20
CA LEU J 193 88.27 49.41 -44.26
C LEU J 193 87.56 49.30 -45.60
N GLY J 194 87.94 50.19 -46.51
CA GLY J 194 87.37 50.20 -47.84
C GLY J 194 88.35 50.89 -48.76
N TYR J 195 88.19 50.72 -50.08
CA TYR J 195 89.10 51.36 -51.03
C TYR J 195 88.61 51.28 -52.46
N TYR J 196 89.03 52.26 -53.27
CA TYR J 196 88.67 52.30 -54.68
C TYR J 196 89.92 52.69 -55.45
N LEU J 197 90.06 52.16 -56.66
CA LEU J 197 91.23 52.44 -57.48
C LEU J 197 91.14 53.72 -58.30
N SER J 198 91.39 54.86 -57.67
CA SER J 198 91.34 56.14 -58.37
C SER J 198 92.48 56.26 -59.37
N GLY J 199 92.12 56.46 -60.64
CA GLY J 199 93.13 56.60 -61.68
C GLY J 199 92.51 57.11 -62.97
N THR J 200 93.22 56.94 -64.08
CA THR J 200 92.74 57.39 -65.39
C THR J 200 92.75 56.29 -66.43
N THR J 201 91.62 56.11 -67.10
CA THR J 201 91.47 55.08 -68.13
C THR J 201 91.48 55.68 -69.54
N ALA J 202 91.51 54.80 -70.54
CA ALA J 202 91.53 55.22 -71.93
C ALA J 202 90.28 54.72 -72.66
N ASP J 203 89.11 54.99 -72.08
CA ASP J 203 87.85 54.57 -72.69
C ASP J 203 86.65 55.03 -71.88
N ALA J 204 85.49 54.46 -72.21
CA ALA J 204 84.25 54.78 -71.51
C ALA J 204 83.93 53.67 -70.51
N GLY J 205 84.77 52.63 -70.52
CA GLY J 205 84.57 51.52 -69.60
C GLY J 205 85.28 51.80 -68.29
N ASN J 206 85.91 52.98 -68.20
CA ASN J 206 86.65 53.42 -67.03
C ASN J 206 87.19 52.32 -66.11
N SER J 207 87.92 51.39 -66.71
CA SER J 207 88.52 50.28 -65.97
C SER J 207 89.80 49.87 -66.69
N ILE J 208 90.17 50.63 -67.71
CA ILE J 208 91.37 50.37 -68.49
C ILE J 208 92.33 51.56 -68.38
N PHE J 209 93.01 51.67 -67.25
CA PHE J 209 93.94 52.77 -66.99
C PHE J 209 94.88 52.98 -68.19
N THR J 210 95.33 54.22 -68.38
CA THR J 210 96.21 54.56 -69.49
C THR J 210 97.69 54.31 -69.25
N ASN J 211 98.52 54.88 -70.12
CA ASN J 211 99.97 54.77 -70.06
C ASN J 211 100.58 56.17 -70.00
N THR J 212 101.33 56.46 -68.93
CA THR J 212 101.95 57.77 -68.75
C THR J 212 103.38 57.79 -69.30
N ALA J 213 103.52 57.94 -70.61
CA ALA J 213 104.83 57.97 -71.23
C ALA J 213 104.80 58.57 -72.64
N SER J 214 105.96 59.03 -73.09
CA SER J 214 106.10 59.63 -74.43
C SER J 214 106.96 58.69 -75.28
N PHE J 215 107.37 57.58 -74.68
CA PHE J 215 108.19 56.55 -75.32
C PHE J 215 107.32 55.61 -76.15
N SER J 216 107.48 55.68 -77.47
CA SER J 216 106.72 54.85 -78.39
C SER J 216 105.29 54.62 -77.89
N PRO J 217 104.43 55.64 -78.02
CA PRO J 217 103.03 55.58 -77.59
C PRO J 217 102.23 54.46 -78.25
N ALA J 218 102.40 53.25 -77.75
CA ALA J 218 101.69 52.10 -78.30
C ALA J 218 100.18 52.28 -78.17
N GLN J 219 99.45 51.75 -79.14
CA GLN J 219 97.99 51.85 -79.15
C GLN J 219 97.37 50.75 -78.31
N GLY J 220 96.46 51.12 -77.42
CA GLY J 220 95.80 50.14 -76.57
C GLY J 220 96.68 49.41 -75.57
N VAL J 221 97.34 50.16 -74.70
CA VAL J 221 98.21 49.58 -73.69
C VAL J 221 97.91 50.18 -72.32
N GLY J 222 97.08 49.49 -71.55
CA GLY J 222 96.73 49.96 -70.23
C GLY J 222 96.84 48.90 -69.15
N VAL J 223 96.10 49.08 -68.07
CA VAL J 223 96.10 48.13 -66.96
C VAL J 223 94.69 47.95 -66.40
N GLN J 224 94.49 46.88 -65.64
CA GLN J 224 93.21 46.60 -65.05
C GLN J 224 93.37 45.51 -64.00
N LEU J 225 93.59 45.95 -62.76
CA LEU J 225 93.79 45.04 -61.63
C LEU J 225 92.65 44.03 -61.50
N THR J 226 92.84 43.04 -60.62
CA THR J 226 91.83 42.02 -60.42
C THR J 226 92.08 41.14 -59.21
N ARG J 227 91.18 41.20 -58.24
CA ARG J 227 91.29 40.39 -57.03
C ARG J 227 90.75 38.99 -57.28
N ASN J 228 91.64 38.09 -57.69
CA ASN J 228 91.28 36.71 -57.98
C ASN J 228 90.14 36.59 -58.99
N GLY J 229 90.45 36.89 -60.25
CA GLY J 229 89.46 36.81 -61.31
C GLY J 229 88.56 38.03 -61.40
N THR J 230 87.96 38.42 -60.28
CA THR J 230 87.08 39.57 -60.27
C THR J 230 87.88 40.87 -60.44
N ILE J 231 87.85 41.43 -61.65
CA ILE J 231 88.56 42.67 -61.92
C ILE J 231 87.90 43.83 -61.17
N ILE J 232 88.68 44.86 -60.88
CA ILE J 232 88.17 46.02 -60.16
C ILE J 232 88.37 47.31 -60.95
N PRO J 233 87.26 47.91 -61.42
CA PRO J 233 87.32 49.15 -62.19
C PRO J 233 87.50 50.35 -61.25
N ALA J 234 87.96 51.47 -61.79
CA ALA J 234 88.18 52.67 -60.99
C ALA J 234 86.94 53.12 -60.23
N ASN J 235 87.12 54.03 -59.28
CA ASN J 235 86.01 54.57 -58.47
C ASN J 235 85.01 53.52 -58.01
N ASN J 236 85.45 52.27 -57.96
CA ASN J 236 84.58 51.18 -57.53
C ASN J 236 85.05 50.69 -56.17
N THR J 237 84.79 51.49 -55.14
CA THR J 237 85.17 51.13 -53.79
C THR J 237 84.87 49.67 -53.51
N VAL J 238 85.77 48.99 -52.79
CA VAL J 238 85.58 47.59 -52.47
C VAL J 238 85.65 47.39 -50.96
N SER J 239 84.90 46.41 -50.47
CA SER J 239 84.85 46.10 -49.04
C SER J 239 86.08 45.34 -48.55
N LEU J 240 86.29 45.41 -47.24
CA LEU J 240 87.41 44.73 -46.60
C LEU J 240 86.91 44.26 -45.24
N GLY J 241 86.12 45.12 -44.60
CA GLY J 241 85.56 44.79 -43.30
C GLY J 241 86.56 44.44 -42.21
N ALA J 242 86.46 43.22 -41.71
CA ALA J 242 87.34 42.74 -40.66
C ALA J 242 88.82 42.87 -41.03
N VAL J 243 89.44 43.96 -40.58
CA VAL J 243 90.85 44.21 -40.84
C VAL J 243 91.57 44.61 -39.55
N GLY J 244 92.01 43.59 -38.79
CA GLY J 244 92.70 43.84 -37.54
C GLY J 244 94.21 43.68 -37.61
N THR J 245 94.74 42.74 -36.83
CA THR J 245 96.18 42.48 -36.77
C THR J 245 96.65 41.49 -37.84
N SER J 246 95.74 40.67 -38.35
CA SER J 246 96.07 39.70 -39.38
C SER J 246 96.19 40.39 -40.73
N ALA J 247 97.41 40.78 -41.09
CA ALA J 247 97.67 41.47 -42.35
C ALA J 247 96.93 40.86 -43.53
N VAL J 248 95.75 41.38 -43.82
CA VAL J 248 94.92 40.89 -44.93
C VAL J 248 95.46 41.40 -46.27
N SER J 249 95.54 40.50 -47.26
CA SER J 249 96.04 40.86 -48.59
C SER J 249 94.87 41.18 -49.53
N LEU J 250 95.17 41.89 -50.61
CA LEU J 250 94.16 42.30 -51.58
C LEU J 250 93.94 41.28 -52.70
N GLY J 251 95.00 40.56 -53.07
CA GLY J 251 94.89 39.58 -54.13
C GLY J 251 94.85 40.28 -55.47
N LEU J 252 95.48 41.45 -55.53
CA LEU J 252 95.53 42.24 -56.75
C LEU J 252 96.39 41.56 -57.81
N THR J 253 95.84 41.44 -59.01
CA THR J 253 96.56 40.80 -60.11
C THR J 253 96.63 41.76 -61.30
N ALA J 254 97.55 42.73 -61.23
CA ALA J 254 97.72 43.72 -62.29
C ALA J 254 97.92 43.02 -63.63
N ASN J 255 96.88 43.03 -64.47
CA ASN J 255 96.94 42.40 -65.78
C ASN J 255 96.93 43.41 -66.93
N TYR J 256 97.17 42.92 -68.14
CA TYR J 256 97.20 43.76 -69.33
C TYR J 256 95.81 44.20 -69.78
N ALA J 257 95.69 45.48 -70.14
CA ALA J 257 94.42 46.04 -70.58
C ALA J 257 94.46 46.51 -72.03
N ARG J 258 93.99 45.66 -72.93
CA ARG J 258 93.95 45.97 -74.35
C ARG J 258 92.69 46.79 -74.61
N THR J 259 92.82 47.86 -75.39
CA THR J 259 91.69 48.74 -75.68
C THR J 259 91.03 48.51 -77.04
N GLY J 260 91.21 49.47 -77.95
CA GLY J 260 90.63 49.37 -79.28
C GLY J 260 90.95 48.08 -80.01
N GLY J 261 92.21 47.91 -80.40
CA GLY J 261 92.61 46.70 -81.10
C GLY J 261 94.11 46.54 -81.17
N GLN J 262 94.79 47.54 -81.70
CA GLN J 262 96.25 47.53 -81.83
C GLN J 262 96.92 47.35 -80.48
N VAL J 263 98.11 46.75 -80.49
CA VAL J 263 98.90 46.53 -79.27
C VAL J 263 100.38 46.73 -79.61
N THR J 264 100.68 47.92 -80.13
CA THR J 264 102.04 48.29 -80.54
C THR J 264 103.08 48.09 -79.43
N ALA J 265 104.31 48.51 -79.71
CA ALA J 265 105.41 48.39 -78.76
C ALA J 265 105.65 49.71 -78.02
N GLY J 266 106.05 49.61 -76.76
CA GLY J 266 106.31 50.78 -75.96
C GLY J 266 106.52 50.48 -74.49
N ASN J 267 105.85 51.24 -73.62
CA ASN J 267 105.96 51.04 -72.18
C ASN J 267 104.62 50.71 -71.53
N VAL J 268 104.66 49.86 -70.51
CA VAL J 268 103.47 49.48 -69.75
C VAL J 268 103.59 50.15 -68.39
N GLN J 269 103.57 51.49 -68.39
CA GLN J 269 103.72 52.26 -67.16
C GLN J 269 102.45 53.05 -66.80
N SER J 270 101.91 52.77 -65.61
CA SER J 270 100.72 53.43 -65.12
C SER J 270 100.85 53.80 -63.64
N ILE J 271 99.97 54.69 -63.18
CA ILE J 271 99.98 55.12 -61.78
C ILE J 271 98.55 55.09 -61.21
N ILE J 272 98.13 53.92 -60.76
CA ILE J 272 96.80 53.73 -60.19
C ILE J 272 96.77 54.05 -58.69
N GLY J 273 96.38 55.28 -58.35
CA GLY J 273 96.32 55.68 -56.96
C GLY J 273 95.29 54.91 -56.15
N VAL J 274 95.67 53.74 -55.68
CA VAL J 274 94.75 52.91 -54.89
C VAL J 274 94.39 53.60 -53.58
N THR J 275 93.33 54.41 -53.62
CA THR J 275 92.87 55.14 -52.46
C THR J 275 92.06 54.27 -51.49
N PHE J 276 92.23 54.53 -50.20
CA PHE J 276 91.52 53.81 -49.14
C PHE J 276 90.52 54.74 -48.47
N VAL J 277 89.36 54.21 -48.12
CA VAL J 277 88.31 55.00 -47.47
C VAL J 277 88.09 54.46 -46.05
N TYR J 278 88.07 55.36 -45.08
CA TYR J 278 87.87 54.95 -43.70
C TYR J 278 86.47 55.21 -43.19
N GLN J 279 85.95 54.24 -42.45
CA GLN J 279 84.61 54.32 -41.89
C GLN J 279 84.62 54.96 -40.51
N GLY K 1 57.58 48.69 18.77
CA GLY K 1 56.79 47.52 19.22
C GLY K 1 55.49 47.35 18.44
N VAL K 2 55.46 47.88 17.22
CA VAL K 2 54.29 47.79 16.37
C VAL K 2 53.93 46.33 16.05
N ALA K 3 52.66 46.07 15.78
CA ALA K 3 52.18 44.72 15.46
C ALA K 3 50.84 44.78 14.75
N LEU K 4 50.72 44.06 13.63
CA LEU K 4 49.48 44.04 12.86
C LEU K 4 48.40 43.22 13.51
N GLY K 5 47.16 43.67 13.33
CA GLY K 5 46.03 42.97 13.91
C GLY K 5 45.78 41.63 13.25
N ALA K 6 46.37 41.41 12.08
CA ALA K 6 46.17 40.15 11.39
C ALA K 6 47.44 39.55 10.76
N THR K 7 47.41 38.23 10.60
CA THR K 7 48.52 37.50 10.02
C THR K 7 48.30 37.30 8.53
N ARG K 8 47.11 37.64 8.05
CA ARG K 8 46.76 37.50 6.64
C ARG K 8 45.49 38.31 6.36
N VAL K 9 45.29 38.63 5.07
CA VAL K 9 44.12 39.39 4.64
C VAL K 9 43.46 38.75 3.41
N ILE K 10 42.13 38.68 3.43
CA ILE K 10 41.37 38.12 2.31
C ILE K 10 40.61 39.27 1.65
N TYR K 11 40.97 39.57 0.40
CA TYR K 11 40.32 40.66 -0.32
C TYR K 11 39.20 40.16 -1.23
N PRO K 12 37.95 40.17 -0.73
CA PRO K 12 36.83 39.70 -1.55
C PRO K 12 36.76 40.48 -2.87
N ALA K 13 36.69 39.77 -3.98
CA ALA K 13 36.61 40.42 -5.28
C ALA K 13 35.32 41.23 -5.34
N GLY K 14 35.46 42.53 -5.51
CA GLY K 14 34.30 43.40 -5.56
C GLY K 14 34.31 44.41 -4.44
N GLN K 15 34.91 44.03 -3.31
CA GLN K 15 35.00 44.90 -2.14
C GLN K 15 35.71 46.20 -2.50
N LYS K 16 35.11 47.32 -2.11
CA LYS K 16 35.70 48.62 -2.39
C LYS K 16 36.99 48.77 -1.60
N GLN K 17 37.00 48.22 -0.39
CA GLN K 17 38.16 48.30 0.48
C GLN K 17 38.09 47.38 1.70
N VAL K 18 39.25 46.83 2.07
CA VAL K 18 39.37 45.95 3.24
C VAL K 18 40.32 46.68 4.19
N GLN K 19 40.01 46.68 5.49
CA GLN K 19 40.85 47.37 6.45
C GLN K 19 41.47 46.50 7.54
N LEU K 20 42.75 46.75 7.79
CA LEU K 20 43.52 46.03 8.81
C LEU K 20 43.74 46.95 10.01
N ALA K 21 44.22 46.39 11.12
CA ALA K 21 44.47 47.15 12.33
C ALA K 21 45.94 47.24 12.72
N VAL K 22 46.39 48.45 13.03
CA VAL K 22 47.79 48.69 13.42
C VAL K 22 47.83 49.16 14.87
N THR K 23 48.66 48.50 15.69
CA THR K 23 48.77 48.87 17.09
C THR K 23 50.21 49.05 17.57
N ASN K 24 50.55 50.27 17.98
CA ASN K 24 51.89 50.58 18.45
C ASN K 24 52.00 50.35 19.97
N ASN K 25 52.76 49.32 20.34
CA ASN K 25 52.94 48.97 21.75
C ASN K 25 53.82 49.93 22.53
N ASP K 26 55.06 50.10 22.09
CA ASP K 26 55.99 50.99 22.76
C ASP K 26 55.30 52.25 23.26
N GLU K 27 54.98 52.26 24.54
CA GLU K 27 54.30 53.38 25.18
C GLU K 27 54.90 54.74 24.86
N ASN K 28 56.15 54.75 24.39
CA ASN K 28 56.80 56.01 24.08
C ASN K 28 57.81 55.91 22.95
N SER K 29 57.42 56.41 21.78
CA SER K 29 58.25 56.42 20.58
C SER K 29 57.35 56.52 19.37
N THR K 30 57.51 57.57 18.59
CA THR K 30 56.68 57.77 17.39
C THR K 30 57.23 56.95 16.23
N TYR K 31 56.33 56.50 15.35
CA TYR K 31 56.71 55.69 14.20
C TYR K 31 56.00 56.12 12.91
N LEU K 32 56.73 56.06 11.79
CA LEU K 32 56.17 56.42 10.49
C LEU K 32 55.72 55.16 9.79
N ILE K 33 54.43 54.87 9.87
CA ILE K 33 53.87 53.68 9.24
C ILE K 33 53.80 53.87 7.73
N GLN K 34 54.53 53.04 7.00
CA GLN K 34 54.55 53.11 5.54
C GLN K 34 54.17 51.74 5.00
N SER K 35 53.00 51.65 4.38
CA SER K 35 52.51 50.39 3.84
C SER K 35 52.50 50.37 2.31
N TRP K 36 52.33 49.18 1.75
CA TRP K 36 52.28 48.98 0.31
C TRP K 36 52.03 47.51 0.00
N VAL K 37 51.50 47.25 -1.19
CA VAL K 37 51.19 45.88 -1.59
C VAL K 37 51.90 45.43 -2.87
N GLU K 38 52.79 44.46 -2.71
CA GLU K 38 53.55 43.89 -3.81
C GLU K 38 52.76 42.68 -4.32
N ASN K 39 53.06 42.22 -5.52
CA ASN K 39 52.36 41.07 -6.07
C ASN K 39 53.09 39.78 -5.74
N ALA K 40 52.66 38.69 -6.36
CA ALA K 40 53.24 37.38 -6.14
C ALA K 40 54.76 37.39 -6.35
N ASP K 41 55.20 38.05 -7.41
CA ASP K 41 56.62 38.15 -7.72
C ASP K 41 57.29 39.25 -6.91
N GLY K 42 56.71 39.57 -5.76
CA GLY K 42 57.28 40.60 -4.90
C GLY K 42 57.39 41.97 -5.54
N VAL K 43 57.13 42.06 -6.84
CA VAL K 43 57.21 43.32 -7.54
C VAL K 43 56.05 44.25 -7.19
N LYS K 44 56.37 45.45 -6.72
CA LYS K 44 55.33 46.41 -6.37
C LYS K 44 54.59 46.85 -7.62
N ASP K 45 53.27 46.89 -7.51
CA ASP K 45 52.41 47.29 -8.62
C ASP K 45 51.22 48.07 -8.11
N GLY K 46 50.49 48.71 -9.01
CA GLY K 46 49.34 49.48 -8.59
C GLY K 46 48.20 48.60 -8.14
N ARG K 47 48.29 47.30 -8.42
CA ARG K 47 47.25 46.33 -8.05
C ARG K 47 46.48 46.62 -6.76
N PHE K 48 47.19 46.79 -5.65
CA PHE K 48 46.54 47.07 -4.37
C PHE K 48 47.16 48.29 -3.69
N ILE K 49 46.31 49.24 -3.27
CA ILE K 49 46.76 50.45 -2.61
C ILE K 49 46.23 50.59 -1.20
N VAL K 50 47.14 50.60 -0.22
CA VAL K 50 46.77 50.74 1.19
C VAL K 50 46.69 52.21 1.56
N THR K 51 45.90 52.51 2.59
CA THR K 51 45.72 53.90 3.04
C THR K 51 45.46 53.99 4.55
N PRO K 52 46.06 54.98 5.24
CA PRO K 52 46.96 56.01 4.69
C PRO K 52 48.34 55.48 4.34
N PRO K 53 48.94 55.97 3.24
CA PRO K 53 50.27 55.56 2.76
C PRO K 53 51.42 56.02 3.65
N LEU K 54 51.15 56.95 4.55
CA LEU K 54 52.17 57.47 5.46
C LEU K 54 51.52 58.27 6.58
N PHE K 55 51.84 57.91 7.83
CA PHE K 55 51.29 58.58 8.99
C PHE K 55 52.09 58.18 10.22
N ALA K 56 51.82 58.81 11.35
CA ALA K 56 52.55 58.50 12.57
C ALA K 56 51.69 58.05 13.74
N MET K 57 52.19 57.06 14.48
CA MET K 57 51.50 56.52 15.65
C MET K 57 52.32 56.83 16.88
N LYS K 58 51.97 57.92 17.57
CA LYS K 58 52.68 58.33 18.75
C LYS K 58 52.26 57.51 19.98
N GLY K 59 53.24 57.08 20.77
CA GLY K 59 52.95 56.29 21.96
C GLY K 59 51.98 55.17 21.72
N LYS K 60 51.34 54.69 22.79
CA LYS K 60 50.36 53.61 22.65
C LYS K 60 49.10 54.09 21.96
N LYS K 61 48.99 53.83 20.66
CA LYS K 61 47.82 54.24 19.90
C LYS K 61 47.20 53.01 19.25
N GLU K 62 46.51 53.22 18.13
CA GLU K 62 45.85 52.13 17.42
C GLU K 62 45.04 52.70 16.25
N ASN K 63 45.59 52.61 15.05
CA ASN K 63 44.93 53.12 13.85
C ASN K 63 44.50 51.99 12.91
N THR K 64 43.76 52.35 11.86
CA THR K 64 43.27 51.38 10.90
C THR K 64 43.78 51.66 9.48
N LEU K 65 44.28 50.62 8.81
CA LEU K 65 44.77 50.75 7.45
C LEU K 65 43.66 50.32 6.49
N ARG K 66 43.59 50.92 5.32
CA ARG K 66 42.55 50.59 4.35
C ARG K 66 43.10 50.17 3.00
N ILE K 67 42.91 48.88 2.67
CA ILE K 67 43.37 48.30 1.42
C ILE K 67 42.37 48.60 0.30
N LEU K 68 42.79 49.40 -0.66
CA LEU K 68 41.92 49.77 -1.78
C LEU K 68 42.23 48.93 -3.02
N ASP K 69 41.17 48.47 -3.69
CA ASP K 69 41.32 47.67 -4.89
C ASP K 69 41.52 48.54 -6.13
N ALA K 70 42.76 48.62 -6.59
CA ALA K 70 43.11 49.43 -7.76
C ALA K 70 43.02 48.56 -9.02
N THR K 71 43.36 47.29 -8.89
CA THR K 71 43.28 46.36 -10.02
C THR K 71 41.82 46.28 -10.46
N ASN K 72 41.53 46.86 -11.63
CA ASN K 72 40.17 46.87 -12.16
C ASN K 72 39.66 45.49 -12.58
N ASN K 73 39.68 44.54 -11.64
CA ASN K 73 39.21 43.18 -11.90
C ASN K 73 40.03 42.57 -13.03
N GLN K 74 41.31 42.92 -13.07
CA GLN K 74 42.23 42.43 -14.10
C GLN K 74 42.91 41.14 -13.68
N LEU K 75 42.48 40.59 -12.55
CA LEU K 75 43.05 39.36 -12.03
C LEU K 75 42.16 38.15 -12.29
N PRO K 76 42.74 36.94 -12.25
CA PRO K 76 42.00 35.69 -12.49
C PRO K 76 40.77 35.62 -11.59
N GLN K 77 39.65 35.22 -12.17
CA GLN K 77 38.41 35.11 -11.42
C GLN K 77 37.97 33.67 -11.20
N ASP K 78 38.95 32.75 -11.23
CA ASP K 78 38.69 31.33 -11.03
C ASP K 78 39.50 30.76 -9.86
N ARG K 79 40.30 31.62 -9.22
CA ARG K 79 41.14 31.21 -8.10
C ARG K 79 41.62 32.46 -7.37
N GLU K 80 42.45 32.28 -6.34
CA GLU K 80 42.96 33.42 -5.60
C GLU K 80 44.31 33.84 -6.17
N SER K 81 44.52 35.16 -6.24
CA SER K 81 45.78 35.71 -6.72
C SER K 81 46.55 36.15 -5.48
N LEU K 82 47.68 35.52 -5.23
CA LEU K 82 48.49 35.84 -4.06
C LEU K 82 49.28 37.13 -4.21
N PHE K 83 49.16 37.98 -3.19
CA PHE K 83 49.87 39.26 -3.11
C PHE K 83 50.49 39.30 -1.72
N TRP K 84 51.11 40.40 -1.36
CA TRP K 84 51.72 40.52 -0.05
C TRP K 84 51.57 41.91 0.54
N MET K 85 51.12 41.95 1.79
CA MET K 85 50.92 43.20 2.51
C MET K 85 52.12 43.50 3.41
N ASN K 86 52.70 44.68 3.23
CA ASN K 86 53.85 45.08 4.04
C ASN K 86 53.60 46.39 4.77
N VAL K 87 53.92 46.40 6.06
CA VAL K 87 53.76 47.58 6.91
C VAL K 87 55.11 47.89 7.55
N LYS K 88 55.70 49.01 7.15
CA LYS K 88 57.01 49.42 7.64
C LYS K 88 56.93 50.39 8.82
N ALA K 89 57.63 50.06 9.90
CA ALA K 89 57.67 50.89 11.09
C ALA K 89 58.96 51.71 11.11
N ILE K 90 58.85 52.99 10.80
CA ILE K 90 60.00 53.89 10.77
C ILE K 90 60.14 54.69 12.06
N PRO K 91 61.26 54.52 12.78
CA PRO K 91 61.48 55.26 14.02
C PRO K 91 61.82 56.72 13.77
N SER K 92 62.65 57.30 14.64
CA SER K 92 63.04 58.70 14.50
C SER K 92 64.56 58.83 14.57
N MET K 93 65.10 59.85 13.90
CA MET K 93 66.54 60.06 13.89
C MET K 93 66.92 60.67 15.25
N ASP K 94 67.88 60.06 15.92
CA ASP K 94 68.34 60.54 17.23
C ASP K 94 69.28 61.72 17.10
N LYS K 95 68.82 62.89 17.53
CA LYS K 95 69.65 64.09 17.47
C LYS K 95 70.65 64.02 18.64
N SER K 96 70.56 62.93 19.40
CA SER K 96 71.43 62.70 20.56
C SER K 96 72.58 61.74 20.22
N LYS K 97 72.46 61.06 19.09
CA LYS K 97 73.48 60.12 18.65
C LYS K 97 74.01 60.57 17.29
N LEU K 98 73.62 61.78 16.89
CA LEU K 98 74.03 62.36 15.61
C LEU K 98 75.53 62.33 15.40
N THR K 99 76.30 62.55 16.46
CA THR K 99 77.76 62.55 16.37
C THR K 99 78.33 61.18 16.74
N GLU K 100 77.64 60.11 16.34
CA GLU K 100 78.10 58.77 16.66
C GLU K 100 77.81 57.72 15.59
N ASN K 101 78.29 56.50 15.87
CA ASN K 101 78.13 55.34 14.99
C ASN K 101 76.97 54.48 15.48
N THR K 102 75.77 54.75 14.95
CA THR K 102 74.60 54.00 15.36
C THR K 102 74.00 53.12 14.28
N LEU K 103 73.10 52.24 14.70
CA LEU K 103 72.41 51.30 13.82
C LEU K 103 70.91 51.29 14.12
N GLN K 104 70.10 51.78 13.18
CA GLN K 104 68.66 51.81 13.36
C GLN K 104 67.93 50.79 12.47
N LEU K 105 66.96 50.11 13.06
CA LEU K 105 66.20 49.09 12.35
C LEU K 105 64.76 49.53 12.14
N ALA K 106 64.21 49.18 10.97
CA ALA K 106 62.83 49.50 10.65
C ALA K 106 62.07 48.20 10.46
N ILE K 107 61.60 47.63 11.58
CA ILE K 107 60.87 46.37 11.54
C ILE K 107 59.66 46.45 10.62
N ILE K 108 59.53 45.47 9.75
CA ILE K 108 58.42 45.42 8.80
C ILE K 108 57.67 44.10 8.93
N SER K 109 56.36 44.16 8.68
CA SER K 109 55.53 42.96 8.75
C SER K 109 54.94 42.63 7.39
N ARG K 110 55.10 41.38 6.98
CA ARG K 110 54.58 40.92 5.70
C ARG K 110 53.64 39.74 5.91
N ILE K 111 52.40 39.90 5.43
CA ILE K 111 51.39 38.86 5.54
C ILE K 111 50.67 38.66 4.22
N LYS K 112 50.23 37.43 3.99
CA LYS K 112 49.53 37.07 2.76
C LYS K 112 48.20 37.79 2.59
N LEU K 113 47.92 38.19 1.35
CA LEU K 113 46.68 38.87 0.99
C LEU K 113 46.10 38.16 -0.22
N TYR K 114 45.02 37.45 -0.03
CA TYR K 114 44.40 36.70 -1.12
C TYR K 114 43.23 37.36 -1.83
N TYR K 115 43.37 37.51 -3.14
CA TYR K 115 42.32 38.09 -3.96
C TYR K 115 41.41 36.92 -4.30
N ARG K 116 40.49 36.61 -3.39
CA ARG K 116 39.56 35.51 -3.58
C ARG K 116 38.28 35.95 -4.30
N PRO K 117 38.16 35.60 -5.60
CA PRO K 117 36.99 35.94 -6.42
C PRO K 117 35.68 35.55 -5.75
N ALA K 118 34.93 36.55 -5.29
CA ALA K 118 33.65 36.30 -4.65
C ALA K 118 32.68 35.73 -5.68
N LYS K 119 32.86 34.45 -6.01
CA LYS K 119 32.03 33.75 -6.98
C LYS K 119 32.52 32.31 -7.11
N LEU K 120 33.28 31.85 -6.11
CA LEU K 120 33.84 30.50 -6.10
C LEU K 120 32.89 29.46 -5.51
N ALA K 121 32.86 28.29 -6.13
CA ALA K 121 32.01 27.18 -5.71
C ALA K 121 32.48 26.60 -4.38
N LEU K 122 33.43 25.66 -4.46
CA LEU K 122 33.97 25.00 -3.28
C LEU K 122 34.30 26.02 -2.18
N PRO K 123 33.51 26.03 -1.08
CA PRO K 123 33.76 26.97 0.01
C PRO K 123 35.16 26.77 0.60
N PRO K 124 35.81 27.86 1.05
CA PRO K 124 37.16 27.81 1.63
C PRO K 124 37.43 26.70 2.65
N ASP K 125 36.49 26.48 3.54
CA ASP K 125 36.62 25.46 4.58
C ASP K 125 36.76 24.03 4.04
N GLN K 126 36.12 23.77 2.92
CA GLN K 126 36.14 22.44 2.30
C GLN K 126 37.28 22.30 1.31
N ALA K 127 38.38 23.00 1.57
CA ALA K 127 39.54 22.97 0.68
C ALA K 127 40.68 22.06 1.14
N ALA K 128 40.99 22.10 2.43
CA ALA K 128 42.08 21.29 2.98
C ALA K 128 41.96 19.78 2.76
N GLU K 129 40.74 19.27 2.61
CA GLU K 129 40.53 17.84 2.39
C GLU K 129 40.93 17.47 0.97
N LYS K 130 40.60 18.36 0.03
CA LYS K 130 40.89 18.18 -1.39
C LYS K 130 42.38 18.06 -1.68
N LEU K 131 43.19 18.11 -0.64
CA LEU K 131 44.64 18.02 -0.81
C LEU K 131 45.10 16.57 -0.92
N ARG K 132 45.51 16.19 -2.13
CA ARG K 132 46.00 14.84 -2.38
C ARG K 132 47.52 14.95 -2.43
N PHE K 133 48.22 13.86 -2.74
CA PHE K 133 49.68 13.91 -2.79
C PHE K 133 50.33 13.12 -3.93
N ARG K 134 51.59 12.77 -3.71
CA ARG K 134 52.41 12.02 -4.66
C ARG K 134 53.71 11.77 -3.92
N ARG K 135 53.69 10.78 -3.02
CA ARG K 135 54.85 10.48 -2.21
C ARG K 135 55.86 9.52 -2.84
N SER K 136 57.06 10.04 -3.08
CA SER K 136 58.15 9.24 -3.66
C SER K 136 59.08 8.79 -2.52
N ALA K 137 60.38 8.93 -2.74
CA ALA K 137 61.37 8.56 -1.74
C ALA K 137 62.22 9.80 -1.48
N ASN K 138 61.93 10.85 -2.25
CA ASN K 138 62.62 12.13 -2.13
C ASN K 138 61.89 13.25 -2.86
N SER K 139 60.78 12.91 -3.53
CA SER K 139 60.02 13.92 -4.27
C SER K 139 58.52 13.91 -3.98
N LEU K 140 58.16 14.12 -2.71
CA LEU K 140 56.75 14.15 -2.33
C LEU K 140 56.12 15.37 -3.01
N THR K 141 54.97 15.18 -3.65
CA THR K 141 54.32 16.28 -4.36
C THR K 141 52.97 16.70 -3.77
N LEU K 142 52.97 17.87 -3.12
CA LEU K 142 51.74 18.42 -2.55
C LEU K 142 50.91 18.93 -3.72
N ILE K 143 49.68 18.46 -3.84
CA ILE K 143 48.81 18.86 -4.93
C ILE K 143 47.45 19.38 -4.47
N ASN K 144 47.13 20.60 -4.88
CA ASN K 144 45.86 21.25 -4.53
C ASN K 144 45.05 21.62 -5.77
N PRO K 145 43.88 20.99 -5.93
CA PRO K 145 42.96 21.23 -7.06
C PRO K 145 41.92 22.31 -6.76
N THR K 146 41.96 22.88 -5.57
CA THR K 146 41.00 23.92 -5.20
C THR K 146 41.55 25.27 -5.66
N PRO K 147 40.68 26.30 -5.72
CA PRO K 147 41.11 27.63 -6.15
C PRO K 147 41.75 28.48 -5.05
N TYR K 148 42.15 27.83 -3.95
CA TYR K 148 42.77 28.54 -2.82
C TYR K 148 44.21 28.11 -2.53
N TYR K 149 45.02 29.05 -2.03
CA TYR K 149 46.39 28.76 -1.67
C TYR K 149 46.36 28.06 -0.31
N LEU K 150 46.57 26.75 -0.30
CA LEU K 150 46.55 26.00 0.95
C LEU K 150 47.88 26.15 1.68
N THR K 151 47.85 26.79 2.85
CA THR K 151 49.06 26.98 3.64
C THR K 151 49.32 25.74 4.49
N VAL K 152 49.91 24.72 3.86
CA VAL K 152 50.21 23.45 4.53
C VAL K 152 51.33 23.57 5.56
N THR K 153 51.04 23.14 6.79
CA THR K 153 52.02 23.19 7.86
C THR K 153 52.01 21.88 8.67
N GLU K 154 53.02 21.73 9.52
CA GLU K 154 53.18 20.56 10.35
C GLU K 154 53.05 19.28 9.53
N LEU K 155 53.63 19.30 8.33
CA LEU K 155 53.60 18.16 7.42
C LEU K 155 54.50 17.05 7.98
N ASN K 156 54.03 15.82 7.91
CA ASN K 156 54.81 14.69 8.43
C ASN K 156 54.69 13.45 7.56
N ALA K 157 55.82 12.81 7.28
CA ALA K 157 55.85 11.59 6.48
C ALA K 157 55.35 10.46 7.37
N GLY K 158 54.45 10.82 8.28
CA GLY K 158 53.89 9.86 9.23
C GLY K 158 54.54 10.09 10.58
N THR K 159 55.85 9.88 10.64
CA THR K 159 56.62 10.06 11.86
C THR K 159 57.70 11.11 11.62
N ARG K 160 58.22 11.13 10.39
CA ARG K 160 59.26 12.07 10.01
C ARG K 160 58.68 13.44 9.65
N VAL K 161 59.00 14.45 10.46
CA VAL K 161 58.51 15.80 10.26
C VAL K 161 59.19 16.49 9.07
N LEU K 162 58.38 17.13 8.24
CA LEU K 162 58.88 17.83 7.06
C LEU K 162 58.87 19.35 7.24
N GLU K 163 58.85 20.05 6.11
CA GLU K 163 58.84 21.51 6.14
C GLU K 163 57.56 22.05 5.50
N ASN K 164 57.08 23.17 6.04
CA ASN K 164 55.86 23.82 5.56
C ASN K 164 55.85 24.03 4.05
N ALA K 165 54.70 24.42 3.51
CA ALA K 165 54.57 24.64 2.08
C ALA K 165 53.35 25.51 1.76
N LEU K 166 53.37 26.13 0.58
CA LEU K 166 52.29 26.99 0.14
C LEU K 166 51.78 26.56 -1.23
N VAL K 167 50.93 25.53 -1.27
CA VAL K 167 50.38 25.02 -2.52
C VAL K 167 49.42 26.02 -3.16
N PRO K 168 49.78 26.53 -4.35
CA PRO K 168 48.95 27.49 -5.10
C PRO K 168 47.63 26.91 -5.61
N PRO K 169 46.67 27.79 -5.97
CA PRO K 169 45.35 27.40 -6.48
C PRO K 169 45.48 26.59 -7.76
N MET K 170 44.88 25.40 -7.77
CA MET K 170 44.94 24.54 -8.95
C MET K 170 46.39 24.27 -9.31
N GLY K 171 47.23 24.18 -8.29
CA GLY K 171 48.65 23.94 -8.52
C GLY K 171 49.16 22.86 -7.59
N GLU K 172 50.48 22.73 -7.55
CA GLU K 172 51.13 21.73 -6.70
C GLU K 172 52.52 22.20 -6.26
N SER K 173 53.05 21.56 -5.24
CA SER K 173 54.37 21.90 -4.73
C SER K 173 55.03 20.69 -4.07
N THR K 174 56.28 20.41 -4.45
CA THR K 174 57.00 19.27 -3.92
C THR K 174 57.95 19.60 -2.76
N VAL K 175 57.76 18.90 -1.65
CA VAL K 175 58.61 19.08 -0.48
C VAL K 175 59.54 17.88 -0.39
N LYS K 176 60.75 18.12 0.12
CA LYS K 176 61.77 17.08 0.24
C LYS K 176 61.33 15.85 1.03
N LEU K 177 61.06 14.75 0.33
CA LEU K 177 60.66 13.50 0.99
C LEU K 177 61.93 12.85 1.51
N PRO K 178 62.11 12.88 2.84
CA PRO K 178 63.24 12.35 3.61
C PRO K 178 63.60 10.88 3.44
N SER K 179 62.67 10.07 2.96
CA SER K 179 62.89 8.62 2.79
C SER K 179 62.85 7.92 4.14
N ASP K 180 62.49 8.71 5.17
CA ASP K 180 62.32 8.22 6.54
C ASP K 180 60.80 8.28 6.60
N ALA K 181 60.26 7.96 5.44
CA ALA K 181 58.84 7.96 5.08
C ALA K 181 57.86 7.10 5.88
N GLY K 182 56.96 6.50 5.11
CA GLY K 182 55.90 5.65 5.62
C GLY K 182 54.81 5.67 4.56
N SER K 183 53.89 6.61 4.72
CA SER K 183 52.77 6.83 3.81
C SER K 183 51.65 7.44 4.64
N ASN K 184 51.84 7.44 5.95
CA ASN K 184 50.87 8.00 6.88
C ASN K 184 50.93 9.51 6.83
N ILE K 185 51.01 10.05 5.62
CA ILE K 185 51.09 11.49 5.44
C ILE K 185 50.03 12.19 6.30
N THR K 186 50.45 13.22 7.04
CA THR K 186 49.56 13.98 7.91
C THR K 186 49.85 15.46 7.71
N TYR K 187 48.85 16.31 7.96
CA TYR K 187 49.05 17.75 7.76
C TYR K 187 48.00 18.66 8.38
N ARG K 188 48.42 19.87 8.69
CA ARG K 188 47.54 20.89 9.25
C ARG K 188 47.71 22.14 8.39
N THR K 189 46.66 22.93 8.25
CA THR K 189 46.74 24.14 7.44
C THR K 189 46.34 25.39 8.22
N ILE K 190 46.46 26.54 7.56
CA ILE K 190 46.12 27.81 8.17
C ILE K 190 44.99 28.48 7.39
N ASN K 191 43.84 28.66 8.03
CA ASN K 191 42.68 29.27 7.40
C ASN K 191 42.79 30.78 7.31
N ASP K 192 41.66 31.41 6.99
CA ASP K 192 41.57 32.86 6.83
C ASP K 192 41.83 33.72 8.06
N TYR K 193 41.63 33.17 9.24
CA TYR K 193 41.84 33.94 10.48
C TYR K 193 43.21 33.65 11.08
N GLY K 194 43.95 32.74 10.45
CA GLY K 194 45.27 32.38 10.94
C GLY K 194 45.18 31.28 11.97
N ALA K 195 44.25 30.35 11.75
CA ALA K 195 44.05 29.23 12.67
C ALA K 195 44.28 27.86 12.02
N LEU K 196 45.03 27.01 12.72
CA LEU K 196 45.34 25.67 12.24
C LEU K 196 44.09 24.81 12.07
N THR K 197 43.84 24.35 10.85
CA THR K 197 42.68 23.50 10.59
C THR K 197 42.96 22.15 11.26
N PRO K 198 41.93 21.30 11.42
CA PRO K 198 42.16 20.00 12.05
C PRO K 198 43.13 19.08 11.32
N LYS K 199 43.94 18.36 12.09
CA LYS K 199 44.92 17.44 11.54
C LYS K 199 44.25 16.33 10.74
N MET K 200 44.59 16.24 9.46
CA MET K 200 44.01 15.23 8.57
C MET K 200 45.10 14.31 8.01
N THR K 201 44.69 13.34 7.18
CA THR K 201 45.64 12.39 6.60
C THR K 201 45.94 12.66 5.13
N GLY K 202 47.15 12.28 4.73
CA GLY K 202 47.59 12.46 3.35
C GLY K 202 46.93 11.46 2.43
N VAL K 203 46.12 11.98 1.52
CA VAL K 203 45.39 11.18 0.55
C VAL K 203 46.11 11.12 -0.80
N MET K 204 47.20 10.37 -0.87
CA MET K 204 47.97 10.25 -2.11
C MET K 204 47.04 9.93 -3.27
N GLU K 205 47.19 10.67 -4.37
CA GLU K 205 46.37 10.46 -5.55
C GLU K 205 47.04 9.47 -6.50
N PHE L 1 2.74 36.63 35.38
CA PHE L 1 4.05 36.92 34.75
C PHE L 1 4.60 35.69 34.05
N ALA L 2 5.03 35.87 32.80
CA ALA L 2 5.61 34.80 32.00
C ALA L 2 6.48 35.40 30.90
N CYS L 3 7.35 34.58 30.33
CA CYS L 3 8.25 35.03 29.28
C CYS L 3 8.34 34.02 28.14
N LYS L 4 8.99 34.42 27.05
CA LYS L 4 9.16 33.55 25.90
C LYS L 4 10.28 34.02 24.98
N THR L 5 10.94 33.06 24.31
CA THR L 5 12.04 33.36 23.40
C THR L 5 11.56 33.55 21.97
N ALA L 6 12.08 34.59 21.33
CA ALA L 6 11.74 34.91 19.95
C ALA L 6 11.84 33.69 19.03
N ASN L 7 12.57 32.67 19.48
CA ASN L 7 12.75 31.46 18.67
C ASN L 7 11.63 30.46 18.97
N GLY L 8 10.91 30.69 20.06
CA GLY L 8 9.83 29.78 20.39
C GLY L 8 9.63 29.57 21.88
N THR L 9 10.19 28.47 22.39
CA THR L 9 10.05 28.09 23.80
C THR L 9 9.75 29.27 24.72
N ALA L 10 8.83 29.06 25.65
CA ALA L 10 8.44 30.08 26.58
C ALA L 10 8.53 29.57 28.02
N ILE L 11 8.65 30.51 28.96
CA ILE L 11 8.75 30.15 30.38
C ILE L 11 7.45 30.58 31.05
N PRO L 12 6.66 29.59 31.51
CA PRO L 12 5.36 29.75 32.18
C PRO L 12 5.33 30.50 33.51
N ILE L 13 4.11 30.71 33.99
CA ILE L 13 3.85 31.39 35.25
C ILE L 13 4.43 30.56 36.38
N GLY L 14 5.15 31.22 37.30
CA GLY L 14 5.73 30.50 38.42
C GLY L 14 7.11 29.94 38.21
N GLY L 15 7.83 30.46 37.21
CA GLY L 15 9.17 29.98 36.96
C GLY L 15 9.35 29.27 35.64
N GLY L 16 10.49 28.60 35.49
CA GLY L 16 10.79 27.87 34.27
C GLY L 16 12.27 27.85 33.92
N SER L 17 12.56 27.53 32.66
CA SER L 17 13.92 27.46 32.16
C SER L 17 13.86 27.33 30.65
N ALA L 18 14.74 28.04 29.95
CA ALA L 18 14.77 28.01 28.50
C ALA L 18 16.19 27.93 27.94
N ASN L 19 16.33 28.24 26.66
CA ASN L 19 17.62 28.22 25.98
C ASN L 19 17.58 29.16 24.79
N VAL L 20 18.47 30.15 24.77
CA VAL L 20 18.52 31.08 23.66
C VAL L 20 19.74 30.69 22.81
N TYR L 21 19.56 30.60 21.49
CA TYR L 21 20.65 30.21 20.61
C TYR L 21 21.25 31.38 19.84
N VAL L 22 21.17 32.56 20.44
CA VAL L 22 21.68 33.80 19.86
C VAL L 22 22.88 33.66 18.92
N ASN L 23 22.89 34.51 17.88
CA ASN L 23 23.98 34.53 16.92
C ASN L 23 24.86 35.69 17.32
N LEU L 24 26.17 35.51 17.21
CA LEU L 24 27.13 36.53 17.59
C LEU L 24 28.04 36.86 16.42
N ALA L 25 28.44 38.14 16.30
CA ALA L 25 29.33 38.56 15.23
C ALA L 25 30.44 37.54 15.13
N PRO L 26 30.32 36.58 14.19
CA PRO L 26 31.28 35.50 13.95
C PRO L 26 32.76 35.84 14.08
N VAL L 27 33.12 37.11 13.91
CA VAL L 27 34.52 37.50 14.02
C VAL L 27 34.75 38.79 14.79
N VAL L 28 35.24 38.65 16.02
CA VAL L 28 35.53 39.77 16.89
C VAL L 28 37.01 39.71 17.26
N ASN L 29 37.71 40.84 17.12
CA ASN L 29 39.12 40.89 17.45
C ASN L 29 39.37 41.46 18.84
N VAL L 30 40.52 41.14 19.41
CA VAL L 30 40.88 41.61 20.75
C VAL L 30 40.77 43.14 20.84
N GLY L 31 40.52 43.63 22.05
CA GLY L 31 40.39 45.06 22.24
C GLY L 31 38.95 45.48 21.99
N GLN L 32 38.43 45.12 20.81
CA GLN L 32 37.06 45.45 20.44
C GLN L 32 36.06 44.89 21.44
N ASN L 33 34.77 45.02 21.13
CA ASN L 33 33.74 44.57 22.06
C ASN L 33 32.61 43.70 21.52
N LEU L 34 32.63 42.41 21.86
CA LEU L 34 31.56 41.51 21.44
C LEU L 34 30.32 41.98 22.19
N VAL L 35 29.15 41.53 21.75
CA VAL L 35 27.89 41.93 22.39
C VAL L 35 26.81 40.86 22.26
N VAL L 36 26.12 40.60 23.37
CA VAL L 36 25.05 39.59 23.35
C VAL L 36 23.80 40.13 24.02
N ASP L 37 23.11 41.04 23.33
CA ASP L 37 21.88 41.63 23.84
C ASP L 37 20.69 40.68 23.71
N LEU L 38 20.02 40.42 24.82
CA LEU L 38 18.88 39.52 24.82
C LEU L 38 17.53 40.22 24.83
N SER L 39 17.54 41.55 24.89
CA SER L 39 16.30 42.31 24.86
C SER L 39 15.88 42.29 23.39
N THR L 40 16.09 41.13 22.78
CA THR L 40 15.76 40.91 21.39
C THR L 40 15.84 39.40 21.20
N GLN L 41 15.52 38.69 22.28
CA GLN L 41 15.55 37.23 22.27
C GLN L 41 14.69 36.72 23.42
N ILE L 42 14.32 37.62 24.34
CA ILE L 42 13.53 37.27 25.52
C ILE L 42 12.65 38.42 26.00
N PHE L 43 11.36 38.15 26.10
CA PHE L 43 10.40 39.16 26.54
C PHE L 43 9.41 38.56 27.52
N CYS L 44 8.99 39.38 28.48
CA CYS L 44 8.02 38.94 29.47
C CYS L 44 6.89 39.95 29.47
N HIS L 45 5.82 39.63 30.19
CA HIS L 45 4.65 40.51 30.26
C HIS L 45 3.95 40.23 31.58
N ASN L 46 3.18 41.22 32.06
CA ASN L 46 2.42 41.07 33.28
C ASN L 46 1.11 40.38 32.92
N ASP L 47 0.68 39.41 33.72
CA ASP L 47 -0.58 38.71 33.43
C ASP L 47 -1.78 39.37 34.11
N TYR L 48 -1.56 39.85 35.33
CA TYR L 48 -2.61 40.52 36.11
C TYR L 48 -2.12 41.94 36.42
N PRO L 49 -1.95 42.78 35.37
CA PRO L 49 -1.47 44.16 35.47
C PRO L 49 -2.34 45.18 36.18
N GLU L 50 -3.64 44.96 36.23
CA GLU L 50 -4.54 45.93 36.88
C GLU L 50 -4.46 45.93 38.41
N THR L 51 -3.75 44.96 38.98
CA THR L 51 -3.61 44.90 40.43
C THR L 51 -2.16 44.70 40.83
N ILE L 52 -1.56 43.65 40.29
CA ILE L 52 -0.19 43.31 40.59
C ILE L 52 0.84 44.14 39.85
N THR L 53 2.02 44.27 40.47
CA THR L 53 3.14 45.00 39.90
C THR L 53 4.33 44.04 39.97
N ASP L 54 4.75 43.53 38.82
CA ASP L 54 5.87 42.59 38.76
C ASP L 54 7.25 43.24 38.78
N TYR L 55 8.14 42.63 39.56
CA TYR L 55 9.51 43.10 39.75
C TYR L 55 10.50 42.08 39.20
N VAL L 56 11.09 42.39 38.06
CA VAL L 56 12.06 41.51 37.44
C VAL L 56 13.47 41.96 37.74
N THR L 57 14.32 40.99 38.05
CA THR L 57 15.71 41.26 38.38
C THR L 57 16.59 40.14 37.86
N LEU L 58 17.87 40.47 37.64
CA LEU L 58 18.87 39.50 37.18
C LEU L 58 19.63 39.01 38.42
N GLN L 59 19.25 37.83 38.91
CA GLN L 59 19.87 37.24 40.08
C GLN L 59 21.33 36.87 39.87
N ARG L 60 21.55 35.87 39.03
CA ARG L 60 22.88 35.36 38.74
C ARG L 60 23.24 35.54 37.26
N GLY L 61 24.53 35.34 36.99
CA GLY L 61 25.03 35.45 35.64
C GLY L 61 26.29 34.61 35.62
N SER L 62 26.23 33.46 34.97
CA SER L 62 27.38 32.56 34.90
C SER L 62 28.04 32.59 33.52
N ALA L 63 29.31 32.19 33.47
CA ALA L 63 30.06 32.18 32.22
C ALA L 63 30.64 30.79 31.96
N TYR L 64 30.64 30.36 30.69
CA TYR L 64 31.17 29.06 30.32
C TYR L 64 31.96 29.16 29.03
N GLY L 65 32.65 28.08 28.69
CA GLY L 65 33.44 28.03 27.47
C GLY L 65 34.34 29.24 27.21
N GLY L 66 34.45 29.60 25.94
CA GLY L 66 35.29 30.72 25.56
C GLY L 66 34.97 32.07 26.18
N VAL L 67 33.77 32.21 26.73
CA VAL L 67 33.42 33.48 27.36
C VAL L 67 34.07 33.53 28.74
N LEU L 68 33.99 32.42 29.44
CA LEU L 68 34.56 32.29 30.78
C LEU L 68 36.09 32.50 30.77
N SER L 69 36.74 32.01 29.72
CA SER L 69 38.19 32.10 29.64
C SER L 69 38.77 33.09 28.64
N ASN L 70 38.05 33.40 27.56
CA ASN L 70 38.61 34.30 26.57
C ASN L 70 38.16 35.75 26.58
N PHE L 71 37.26 36.10 27.49
CA PHE L 71 36.81 37.49 27.56
C PHE L 71 36.71 38.05 28.94
N SER L 72 36.69 39.38 29.00
CA SER L 72 36.55 40.14 30.22
C SER L 72 35.26 40.86 29.93
N GLY L 73 34.51 41.25 30.96
CA GLY L 73 33.28 41.94 30.66
C GLY L 73 32.26 42.11 31.75
N THR L 74 31.14 42.69 31.35
CA THR L 74 30.03 42.97 32.24
C THR L 74 28.69 42.79 31.56
N VAL L 75 27.64 42.85 32.36
CA VAL L 75 26.27 42.72 31.88
C VAL L 75 25.55 44.03 32.14
N LYS L 76 25.06 44.65 31.07
CA LYS L 76 24.32 45.90 31.14
C LYS L 76 22.88 45.50 31.48
N TYR L 77 22.33 46.08 32.55
CA TYR L 77 20.97 45.76 32.94
C TYR L 77 20.15 46.99 33.29
N SER L 78 19.22 47.35 32.41
CA SER L 78 18.37 48.50 32.64
C SER L 78 19.23 49.71 32.96
N GLY L 79 20.09 50.09 32.03
CA GLY L 79 20.95 51.23 32.24
C GLY L 79 22.28 50.84 32.83
N SER L 80 22.39 50.87 34.16
CA SER L 80 23.63 50.52 34.83
C SER L 80 24.22 49.20 34.34
N SER L 81 25.54 49.06 34.50
CA SER L 81 26.26 47.85 34.10
C SER L 81 26.82 47.23 35.35
N TYR L 82 27.03 45.92 35.31
CA TYR L 82 27.56 45.21 36.47
C TYR L 82 28.58 44.14 36.06
N PRO L 83 29.48 43.77 36.98
CA PRO L 83 30.48 42.76 36.63
C PRO L 83 29.84 41.46 36.13
N PHE L 84 30.38 40.90 35.06
CA PHE L 84 29.89 39.63 34.55
C PHE L 84 31.08 38.70 34.35
N PRO L 85 31.03 37.48 34.93
CA PRO L 85 29.93 36.95 35.74
C PRO L 85 29.49 37.88 36.86
N THR L 86 28.20 37.86 37.15
CA THR L 86 27.59 38.68 38.19
C THR L 86 28.11 38.27 39.57
N THR L 87 28.15 39.24 40.49
CA THR L 87 28.62 39.02 41.84
C THR L 87 27.48 39.24 42.83
N SER L 88 26.33 39.64 42.33
CA SER L 88 25.18 39.88 43.19
C SER L 88 23.94 40.22 42.37
N GLU L 89 22.78 40.09 43.01
CA GLU L 89 21.51 40.37 42.37
C GLU L 89 21.37 41.83 41.98
N THR L 90 20.85 42.04 40.78
CA THR L 90 20.68 43.37 40.22
C THR L 90 19.44 44.09 40.76
N PRO L 91 19.36 45.43 40.58
CA PRO L 91 18.20 46.18 41.07
C PRO L 91 16.99 45.66 40.31
N ARG L 92 15.79 45.95 40.79
CA ARG L 92 14.58 45.45 40.13
C ARG L 92 13.93 46.41 39.13
N VAL L 93 13.39 45.84 38.07
CA VAL L 93 12.71 46.59 37.03
C VAL L 93 11.22 46.18 37.06
N VAL L 94 10.32 47.14 36.86
CA VAL L 94 8.87 46.84 36.92
C VAL L 94 8.25 46.38 35.60
N TYR L 95 7.29 45.47 35.73
CA TYR L 95 6.56 44.93 34.59
C TYR L 95 5.06 45.07 34.79
N ASN L 96 4.43 45.95 34.01
CA ASN L 96 3.01 46.20 34.14
C ASN L 96 2.27 46.34 32.80
N SER L 97 1.95 45.20 32.19
CA SER L 97 1.24 45.14 30.91
C SER L 97 1.30 43.74 30.34
N ARG L 98 0.21 43.29 29.71
CA ARG L 98 0.19 41.96 29.11
C ARG L 98 0.95 42.00 27.80
N THR L 99 1.45 43.18 27.47
CA THR L 99 2.23 43.37 26.27
C THR L 99 3.67 42.92 26.54
N ASP L 100 4.09 41.86 25.85
CA ASP L 100 5.43 41.33 26.02
C ASP L 100 6.56 42.36 25.92
N LYS L 101 7.08 42.78 27.08
CA LYS L 101 8.19 43.71 27.14
C LYS L 101 9.44 42.87 27.40
N PRO L 102 10.57 43.21 26.76
CA PRO L 102 11.79 42.44 26.98
C PRO L 102 12.52 42.96 28.22
N TRP L 103 13.20 42.08 28.95
CA TRP L 103 13.93 42.58 30.10
C TRP L 103 15.31 42.98 29.57
N PRO L 104 15.79 44.15 29.98
CA PRO L 104 17.08 44.74 29.60
C PRO L 104 18.30 43.92 30.04
N VAL L 105 18.70 42.97 29.20
CA VAL L 105 19.85 42.14 29.54
C VAL L 105 20.81 42.06 28.38
N ALA L 106 21.84 42.89 28.42
CA ALA L 106 22.84 42.90 27.38
C ALA L 106 24.21 42.53 27.94
N LEU L 107 24.84 41.56 27.30
CA LEU L 107 26.16 41.06 27.67
C LEU L 107 27.24 41.78 26.87
N TYR L 108 28.21 42.36 27.56
CA TYR L 108 29.30 43.06 26.90
C TYR L 108 30.63 42.40 27.25
N LEU L 109 31.15 41.60 26.33
CA LEU L 109 32.40 40.87 26.53
C LEU L 109 33.53 41.35 25.61
N THR L 110 34.71 41.54 26.19
CA THR L 110 35.86 41.98 25.41
C THR L 110 36.89 40.85 25.38
N PRO L 111 37.57 40.65 24.24
CA PRO L 111 38.56 39.57 24.18
C PRO L 111 39.87 39.99 24.83
N VAL L 112 40.48 39.06 25.57
CA VAL L 112 41.74 39.31 26.24
C VAL L 112 42.88 38.99 25.30
N SER L 113 43.97 39.75 25.39
CA SER L 113 45.14 39.52 24.54
C SER L 113 45.42 38.03 24.39
N SER L 114 45.13 37.27 25.45
CA SER L 114 45.33 35.82 25.49
C SER L 114 44.63 35.02 24.41
N ALA L 115 43.45 35.47 23.99
CA ALA L 115 42.69 34.78 22.96
C ALA L 115 43.55 34.64 21.69
N GLY L 116 43.02 33.96 20.67
CA GLY L 116 43.78 33.80 19.43
C GLY L 116 42.95 33.57 18.17
N GLY L 117 42.13 32.52 18.18
CA GLY L 117 41.30 32.22 17.03
C GLY L 117 39.87 31.90 17.44
N VAL L 118 39.55 30.62 17.49
CA VAL L 118 38.21 30.17 17.87
C VAL L 118 37.98 30.39 19.36
N ALA L 119 37.41 31.55 19.71
CA ALA L 119 37.13 31.87 21.11
C ALA L 119 35.89 31.07 21.56
N ILE L 120 34.85 31.12 20.74
CA ILE L 120 33.59 30.43 21.03
C ILE L 120 33.23 29.44 19.91
N LYS L 121 32.72 28.28 20.29
CA LYS L 121 32.32 27.27 19.32
C LYS L 121 31.02 27.66 18.62
N ALA L 122 30.49 26.76 17.82
CA ALA L 122 29.25 27.05 17.09
C ALA L 122 28.05 26.31 17.66
N GLY L 123 28.17 25.86 18.90
CA GLY L 123 27.06 25.14 19.52
C GLY L 123 27.32 24.80 20.97
N SER L 124 27.95 25.73 21.68
CA SER L 124 28.28 25.54 23.09
C SER L 124 27.47 26.50 23.95
N LEU L 125 27.69 26.40 25.26
CA LEU L 125 27.01 27.27 26.22
C LEU L 125 27.87 28.50 26.48
N ILE L 126 27.24 29.67 26.41
CA ILE L 126 27.94 30.91 26.66
C ILE L 126 27.80 31.27 28.14
N ALA L 127 26.57 31.47 28.55
CA ALA L 127 26.27 31.85 29.92
C ALA L 127 25.01 31.18 30.44
N VAL L 128 24.62 31.57 31.64
CA VAL L 128 23.44 31.06 32.31
C VAL L 128 22.84 32.18 33.15
N LEU L 129 22.09 33.06 32.51
CA LEU L 129 21.45 34.22 33.16
C LEU L 129 20.19 33.82 33.89
N ILE L 130 20.11 34.14 35.18
CA ILE L 130 18.91 33.79 35.94
C ILE L 130 17.99 34.98 36.20
N LEU L 131 16.75 34.86 35.74
CA LEU L 131 15.76 35.90 35.92
C LEU L 131 15.00 35.62 37.21
N ARG L 132 14.95 36.61 38.09
CA ARG L 132 14.25 36.49 39.37
C ARG L 132 12.97 37.29 39.29
N GLN L 133 11.85 36.66 39.62
CA GLN L 133 10.56 37.33 39.55
C GLN L 133 9.77 37.31 40.84
N THR L 134 9.28 38.49 41.22
CA THR L 134 8.47 38.68 42.42
C THR L 134 7.41 39.71 42.07
N ASN L 135 6.70 40.23 43.08
CA ASN L 135 5.66 41.22 42.86
C ASN L 135 5.18 41.79 44.18
N ASN L 136 4.39 42.86 44.11
CA ASN L 136 3.88 43.51 45.31
C ASN L 136 2.51 42.99 45.73
N TYR L 137 2.24 41.72 45.47
CA TYR L 137 0.94 41.14 45.81
C TYR L 137 1.00 39.99 46.81
N ASN L 138 1.86 39.01 46.56
CA ASN L 138 1.99 37.87 47.46
C ASN L 138 3.41 37.34 47.59
N SER L 139 3.52 36.14 48.16
CA SER L 139 4.81 35.48 48.38
C SER L 139 5.47 34.91 47.13
N ASP L 140 5.04 35.39 45.95
CA ASP L 140 5.58 34.91 44.69
C ASP L 140 7.03 35.31 44.42
N ASP L 141 7.89 34.30 44.26
CA ASP L 141 9.31 34.49 44.02
C ASP L 141 9.79 33.33 43.14
N PHE L 142 9.95 33.57 41.84
CA PHE L 142 10.38 32.52 40.94
C PHE L 142 11.69 32.82 40.23
N GLN L 143 12.29 31.79 39.63
CA GLN L 143 13.56 31.93 38.92
C GLN L 143 13.50 31.51 37.46
N PHE L 144 12.99 32.40 36.60
CA PHE L 144 12.91 32.14 35.16
C PHE L 144 14.35 31.96 34.64
N VAL L 145 14.78 30.71 34.47
CA VAL L 145 16.13 30.42 34.00
C VAL L 145 16.32 30.50 32.49
N TRP L 146 17.56 30.72 32.07
CA TRP L 146 17.89 30.81 30.65
C TRP L 146 19.29 30.27 30.39
N ASN L 147 19.49 29.68 29.22
CA ASN L 147 20.79 29.13 28.82
C ASN L 147 21.14 29.66 27.45
N ILE L 148 22.17 30.50 27.40
CA ILE L 148 22.60 31.08 26.15
C ILE L 148 23.61 30.20 25.43
N TYR L 149 23.35 29.94 24.14
CA TYR L 149 24.24 29.13 23.29
C TYR L 149 24.55 29.89 22.01
N ALA L 150 25.72 29.64 21.43
CA ALA L 150 26.11 30.30 20.19
C ALA L 150 26.18 29.28 19.06
N ASN L 151 25.30 29.43 18.06
CA ASN L 151 25.27 28.49 16.94
C ASN L 151 26.42 28.70 15.96
N ASN L 152 27.26 29.70 16.23
CA ASN L 152 28.38 30.00 15.36
C ASN L 152 29.69 30.15 16.12
N ASP L 153 30.79 29.74 15.50
CA ASP L 153 32.11 29.85 16.12
C ASP L 153 32.58 31.30 16.07
N VAL L 154 32.86 31.89 17.22
CA VAL L 154 33.36 33.26 17.21
C VAL L 154 34.86 33.13 17.01
N VAL L 155 35.50 34.19 16.55
CA VAL L 155 36.93 34.16 16.31
C VAL L 155 37.56 35.48 16.70
N VAL L 156 38.82 35.42 17.11
CA VAL L 156 39.57 36.61 17.50
C VAL L 156 40.94 36.50 16.85
N PRO L 157 40.98 36.53 15.52
CA PRO L 157 42.18 36.43 14.68
C PRO L 157 43.52 36.76 15.34
N THR L 158 44.51 35.92 15.04
CA THR L 158 45.85 36.08 15.56
C THR L 158 46.52 37.22 14.78
N GLY L 159 47.39 37.96 15.45
CA GLY L 159 48.05 39.08 14.79
C GLY L 159 49.51 39.31 15.13
N GLY L 160 50.06 40.40 14.59
CA GLY L 160 51.45 40.75 14.81
C GLY L 160 52.03 40.36 16.15
N CYS L 161 53.15 39.63 16.12
CA CYS L 161 53.79 39.19 17.34
C CYS L 161 54.62 40.29 18.00
N ASP L 162 54.96 40.07 19.27
CA ASP L 162 55.73 41.01 20.06
C ASP L 162 57.17 41.16 19.62
N VAL L 163 57.48 42.28 18.96
CA VAL L 163 58.83 42.55 18.50
C VAL L 163 59.64 43.26 19.59
N SER L 164 60.29 42.46 20.44
CA SER L 164 61.10 43.01 21.52
C SER L 164 62.49 43.37 21.05
N ALA L 165 62.90 44.61 21.30
CA ALA L 165 64.22 45.09 20.91
C ALA L 165 64.55 46.32 21.76
N ARG L 166 65.41 46.12 22.75
CA ARG L 166 65.82 47.20 23.65
C ARG L 166 65.77 48.57 23.01
N ASP L 167 66.75 48.85 22.15
CA ASP L 167 66.83 50.14 21.47
C ASP L 167 68.09 50.22 20.62
N VAL L 168 68.09 51.14 19.67
CA VAL L 168 69.23 51.33 18.77
C VAL L 168 70.57 51.10 19.47
N THR L 169 71.15 49.92 19.23
CA THR L 169 72.43 49.57 19.83
C THR L 169 73.55 50.30 19.13
N VAL L 170 74.61 50.60 19.87
CA VAL L 170 75.76 51.29 19.32
C VAL L 170 76.88 50.27 19.14
N THR L 171 77.76 50.53 18.17
CA THR L 171 78.86 49.61 17.91
C THR L 171 80.20 50.23 18.27
N LEU L 172 80.96 49.53 19.11
CA LEU L 172 82.28 50.00 19.53
C LEU L 172 83.10 50.30 18.29
N PRO L 173 83.70 51.50 18.21
CA PRO L 173 84.51 51.88 17.05
C PRO L 173 85.70 50.94 16.87
N ASP L 174 86.73 51.41 16.17
CA ASP L 174 87.94 50.61 15.93
C ASP L 174 87.59 49.39 15.08
N TYR L 175 88.61 48.62 14.71
CA TYR L 175 88.40 47.41 13.92
C TYR L 175 87.76 46.33 14.81
N PRO L 176 88.27 46.13 16.03
CA PRO L 176 87.70 45.12 16.93
C PRO L 176 86.31 45.56 17.40
N GLY L 177 85.35 45.49 16.50
CA GLY L 177 83.99 45.88 16.82
C GLY L 177 83.00 44.77 16.59
N SER L 178 82.11 44.57 17.57
CA SER L 178 81.08 43.54 17.50
C SER L 178 80.19 43.70 18.72
N VAL L 179 78.97 44.19 18.50
CA VAL L 179 78.03 44.39 19.57
C VAL L 179 76.72 43.62 19.38
N PRO L 180 76.74 42.30 19.65
CA PRO L 180 75.52 41.51 19.48
C PRO L 180 74.32 42.20 20.12
N ILE L 181 73.38 42.62 19.27
CA ILE L 181 72.18 43.33 19.74
C ILE L 181 71.10 42.39 20.29
N PRO L 182 70.59 42.70 21.50
CA PRO L 182 69.55 41.87 22.12
C PRO L 182 68.24 41.98 21.34
N LEU L 183 67.64 40.85 21.00
CA LEU L 183 66.39 40.85 20.26
C LEU L 183 65.61 39.55 20.41
N THR L 184 64.39 39.68 20.95
CA THR L 184 63.50 38.55 21.18
C THR L 184 62.10 38.88 20.69
N VAL L 185 61.32 37.86 20.37
CA VAL L 185 59.95 38.07 19.89
C VAL L 185 59.05 36.86 20.16
N TYR L 186 57.91 37.11 20.79
CA TYR L 186 56.96 36.05 21.08
C TYR L 186 55.55 36.53 20.78
N CYS L 187 54.60 35.60 20.66
CA CYS L 187 53.22 35.94 20.33
C CYS L 187 52.22 35.56 21.42
N ALA L 188 51.02 36.12 21.32
CA ALA L 188 49.95 35.83 22.27
C ALA L 188 49.54 34.37 22.00
N LYS L 189 49.75 33.95 20.77
CA LYS L 189 49.44 32.59 20.32
C LYS L 189 50.60 32.05 19.49
N SER L 190 51.15 30.93 19.93
CA SER L 190 52.27 30.29 19.25
C SER L 190 52.02 30.11 17.76
N GLN L 191 52.52 31.05 16.96
CA GLN L 191 52.36 31.01 15.52
C GLN L 191 53.73 31.04 14.85
N ASN L 192 53.96 30.13 13.91
CA ASN L 192 55.25 30.08 13.20
C ASN L 192 55.60 31.38 12.51
N LEU L 193 56.79 31.89 12.85
CA LEU L 193 57.30 33.13 12.29
C LEU L 193 58.48 32.93 11.35
N GLY L 194 58.82 33.99 10.63
CA GLY L 194 59.93 33.98 9.70
C GLY L 194 60.38 35.41 9.50
N TYR L 195 61.58 35.61 8.96
CA TYR L 195 62.09 36.96 8.73
C TYR L 195 63.35 37.00 7.86
N TYR L 196 63.53 38.10 7.16
CA TYR L 196 64.70 38.30 6.31
C TYR L 196 65.19 39.71 6.53
N LEU L 197 66.50 39.90 6.46
CA LEU L 197 67.09 41.22 6.69
C LEU L 197 67.14 42.11 5.46
N SER L 198 66.00 42.74 5.14
CA SER L 198 65.93 43.64 3.99
C SER L 198 66.76 44.90 4.22
N GLY L 199 67.73 45.12 3.33
CA GLY L 199 68.58 46.29 3.45
C GLY L 199 69.39 46.51 2.19
N THR L 200 70.45 47.31 2.29
CA THR L 200 71.31 47.60 1.14
C THR L 200 72.78 47.31 1.44
N THR L 201 73.41 46.56 0.55
CA THR L 201 74.82 46.19 0.69
C THR L 201 75.71 46.97 -0.27
N ALA L 202 77.02 46.82 -0.10
CA ALA L 202 78.00 47.50 -0.94
C ALA L 202 78.84 46.50 -1.72
N ASP L 203 78.18 45.56 -2.40
CA ASP L 203 78.88 44.55 -3.17
C ASP L 203 77.91 43.62 -3.90
N ALA L 204 78.45 42.51 -4.41
CA ALA L 204 77.66 41.51 -5.12
C ALA L 204 77.39 40.34 -4.18
N GLY L 205 77.95 40.41 -2.98
CA GLY L 205 77.73 39.36 -2.00
C GLY L 205 76.48 39.65 -1.17
N ASN L 206 75.82 40.76 -1.51
CA ASN L 206 74.61 41.21 -0.83
C ASN L 206 74.41 40.73 0.60
N SER L 207 75.42 40.97 1.43
CA SER L 207 75.39 40.59 2.83
C SER L 207 76.26 41.56 3.62
N ILE L 208 76.74 42.60 2.93
CA ILE L 208 77.58 43.62 3.54
C ILE L 208 76.89 44.99 3.42
N PHE L 209 75.89 45.21 4.26
CA PHE L 209 75.13 46.47 4.25
C PHE L 209 76.06 47.67 4.21
N THR L 210 75.60 48.76 3.61
CA THR L 210 76.39 49.98 3.49
C THR L 210 76.36 50.91 4.69
N ASN L 211 76.82 52.14 4.48
CA ASN L 211 76.88 53.18 5.51
C ASN L 211 76.11 54.40 5.00
N THR L 212 75.07 54.81 5.74
CA THR L 212 74.25 55.96 5.36
C THR L 212 74.75 57.25 6.03
N ALA L 213 75.80 57.83 5.47
CA ALA L 213 76.36 59.06 6.03
C ALA L 213 77.25 59.81 5.04
N SER L 214 77.43 61.10 5.27
CA SER L 214 78.26 61.96 4.43
C SER L 214 79.49 62.38 5.24
N PHE L 215 79.57 61.88 6.46
CA PHE L 215 80.68 62.16 7.38
C PHE L 215 81.84 61.22 7.09
N SER L 216 82.94 61.79 6.59
CA SER L 216 84.15 61.04 6.27
C SER L 216 83.80 59.65 5.73
N PRO L 217 83.35 59.59 4.46
CA PRO L 217 82.97 58.35 3.78
C PRO L 217 84.10 57.31 3.73
N ALA L 218 84.30 56.61 4.83
CA ALA L 218 85.36 55.60 4.90
C ALA L 218 85.10 54.50 3.88
N GLN L 219 86.18 53.94 3.34
CA GLN L 219 86.10 52.88 2.35
C GLN L 219 85.94 51.51 3.02
N GLY L 220 84.95 50.74 2.57
CA GLY L 220 84.72 49.42 3.14
C GLY L 220 84.28 49.39 4.59
N VAL L 221 83.16 50.04 4.89
CA VAL L 221 82.62 50.07 6.24
C VAL L 221 81.14 49.75 6.23
N GLY L 222 80.81 48.48 6.47
CA GLY L 222 79.42 48.07 6.49
C GLY L 222 79.06 47.22 7.70
N VAL L 223 78.02 46.41 7.56
CA VAL L 223 77.57 45.55 8.64
C VAL L 223 77.15 44.19 8.09
N GLN L 224 77.05 43.20 8.98
CA GLN L 224 76.65 41.85 8.59
C GLN L 224 76.33 41.05 9.84
N LEU L 225 75.05 41.09 10.21
CA LEU L 225 74.56 40.38 11.40
C LEU L 225 74.94 38.91 11.38
N THR L 226 74.72 38.23 12.51
CA THR L 226 75.04 36.81 12.62
C THR L 226 74.47 36.14 13.86
N ARG L 227 73.59 35.17 13.65
CA ARG L 227 72.98 34.43 14.74
C ARG L 227 73.90 33.33 15.21
N ASN L 228 74.74 33.64 16.19
CA ASN L 228 75.70 32.68 16.72
C ASN L 228 76.60 32.06 15.66
N GLY L 229 77.53 32.85 15.14
CA GLY L 229 78.44 32.38 14.12
C GLY L 229 77.86 32.39 12.72
N THR L 230 76.68 31.80 12.55
CA THR L 230 76.04 31.75 11.24
C THR L 230 75.55 33.14 10.84
N ILE L 231 76.28 33.80 9.95
CA ILE L 231 75.89 35.12 9.48
C ILE L 231 74.63 35.03 8.63
N ILE L 232 73.86 36.11 8.57
CA ILE L 232 72.64 36.13 7.80
C ILE L 232 72.64 37.24 6.76
N PRO L 233 72.71 36.87 5.47
CA PRO L 233 72.72 37.85 4.38
C PRO L 233 71.31 38.36 4.10
N ALA L 234 71.19 39.51 3.45
CA ALA L 234 69.90 40.10 3.14
C ALA L 234 68.98 39.15 2.38
N ASN L 235 67.69 39.50 2.29
CA ASN L 235 66.70 38.69 1.57
C ASN L 235 66.81 37.20 1.81
N ASN L 236 67.43 36.81 2.92
CA ASN L 236 67.62 35.41 3.26
C ASN L 236 66.72 35.08 4.45
N THR L 237 65.42 35.00 4.19
CA THR L 237 64.46 34.67 5.23
C THR L 237 64.96 33.53 6.11
N VAL L 238 64.73 33.64 7.41
CA VAL L 238 65.18 32.60 8.33
C VAL L 238 64.00 32.08 9.14
N SER L 239 64.07 30.80 9.50
CA SER L 239 63.00 30.15 10.27
C SER L 239 63.02 30.52 11.75
N LEU L 240 61.87 30.31 12.38
CA LEU L 240 61.71 30.59 13.80
C LEU L 240 60.78 29.52 14.35
N GLY L 241 59.76 29.19 13.56
CA GLY L 241 58.80 28.16 13.96
C GLY L 241 58.09 28.41 15.28
N ALA L 242 58.29 27.50 16.21
CA ALA L 242 57.67 27.58 17.53
C ALA L 242 57.96 28.90 18.23
N VAL L 243 57.03 29.85 18.10
CA VAL L 243 57.16 31.17 18.73
C VAL L 243 55.88 31.54 19.47
N GLY L 244 55.77 31.08 20.72
CA GLY L 244 54.59 31.35 21.52
C GLY L 244 54.78 32.44 22.56
N THR L 245 54.61 32.08 23.83
CA THR L 245 54.73 33.04 24.93
C THR L 245 56.17 33.19 25.43
N SER L 246 57.01 32.18 25.17
CA SER L 246 58.40 32.22 25.58
C SER L 246 59.20 33.12 24.64
N ALA L 247 59.34 34.38 25.02
CA ALA L 247 60.07 35.37 24.21
C ALA L 247 61.37 34.82 23.66
N VAL L 248 61.31 34.30 22.43
CA VAL L 248 62.50 33.74 21.77
C VAL L 248 63.39 34.85 21.22
N SER L 249 64.70 34.73 21.44
CA SER L 249 65.66 35.71 20.97
C SER L 249 66.27 35.29 19.64
N LEU L 250 66.82 36.26 18.92
CA LEU L 250 67.42 36.01 17.60
C LEU L 250 68.90 35.63 17.66
N GLY L 251 69.61 36.15 18.65
CA GLY L 251 71.03 35.85 18.77
C GLY L 251 71.81 36.63 17.73
N LEU L 252 71.27 37.79 17.35
CA LEU L 252 71.90 38.65 16.36
C LEU L 252 73.18 39.27 16.90
N THR L 253 74.25 39.14 16.14
CA THR L 253 75.54 39.70 16.54
C THR L 253 76.07 40.65 15.47
N ALA L 254 75.52 41.87 15.46
CA ALA L 254 75.93 42.89 14.49
C ALA L 254 77.44 43.07 14.50
N ASN L 255 78.12 42.54 13.48
CA ASN L 255 79.57 42.64 13.39
C ASN L 255 80.02 43.55 12.25
N TYR L 256 81.31 43.85 12.21
CA TYR L 256 81.90 44.71 11.19
C TYR L 256 82.00 44.02 9.83
N ALA L 257 81.65 44.75 8.78
CA ALA L 257 81.69 44.22 7.42
C ALA L 257 82.70 44.96 6.53
N ARG L 258 83.90 44.41 6.42
CA ARG L 258 84.95 44.98 5.59
C ARG L 258 84.70 44.55 4.15
N THR L 259 84.82 45.49 3.22
CA THR L 259 84.57 45.20 1.81
C THR L 259 85.84 44.99 0.97
N GLY L 260 86.12 45.95 0.09
CA GLY L 260 87.29 45.85 -0.78
C GLY L 260 88.59 45.61 -0.04
N GLY L 261 89.04 46.61 0.71
CA GLY L 261 90.28 46.47 1.46
C GLY L 261 90.47 47.56 2.49
N GLN L 262 90.42 48.81 2.05
CA GLN L 262 90.59 49.96 2.92
C GLN L 262 89.54 49.96 4.04
N VAL L 263 89.89 50.55 5.18
CA VAL L 263 89.00 50.66 6.34
C VAL L 263 89.23 52.01 7.00
N THR L 264 89.06 53.07 6.21
CA THR L 264 89.26 54.45 6.66
C THR L 264 88.43 54.80 7.90
N ALA L 265 88.49 56.06 8.31
CA ALA L 265 87.77 56.55 9.48
C ALA L 265 86.47 57.23 9.08
N GLY L 266 85.45 57.10 9.93
CA GLY L 266 84.17 57.71 9.66
C GLY L 266 83.07 57.24 10.61
N ASN L 267 81.93 56.86 10.05
CA ASN L 267 80.80 56.39 10.84
C ASN L 267 80.37 54.97 10.48
N VAL L 268 79.95 54.21 11.49
CA VAL L 268 79.47 52.84 11.30
C VAL L 268 77.94 52.89 11.50
N GLN L 269 77.26 53.61 10.62
CA GLN L 269 75.81 53.77 10.72
C GLN L 269 75.05 53.12 9.55
N SER L 270 74.17 52.18 9.89
CA SER L 270 73.37 51.47 8.89
C SER L 270 71.93 51.31 9.36
N ILE L 271 71.04 50.99 8.41
CA ILE L 271 69.63 50.79 8.72
C ILE L 271 69.11 49.50 8.07
N ILE L 272 69.32 48.38 8.76
CA ILE L 272 68.89 47.07 8.28
C ILE L 272 67.45 46.76 8.67
N GLY L 273 66.51 47.03 7.77
CA GLY L 273 65.11 46.78 8.04
C GLY L 273 64.79 45.31 8.22
N VAL L 274 65.01 44.80 9.42
CA VAL L 274 64.74 43.39 9.70
C VAL L 274 63.25 43.08 9.57
N THR L 275 62.84 42.72 8.36
CA THR L 275 61.45 42.41 8.06
C THR L 275 61.06 41.01 8.53
N PHE L 276 59.82 40.87 9.00
CA PHE L 276 59.27 39.60 9.46
C PHE L 276 58.19 39.14 8.49
N VAL L 277 58.13 37.83 8.25
CA VAL L 277 57.14 37.26 7.35
C VAL L 277 56.21 36.34 8.14
N TYR L 278 54.90 36.53 7.95
CA TYR L 278 53.93 35.72 8.67
C TYR L 278 53.33 34.62 7.82
N GLN L 279 53.18 33.45 8.42
CA GLN L 279 52.62 32.28 7.75
C GLN L 279 51.11 32.22 7.92
N GLY M 1 -92.99 -3.20 2.90
CA GLY M 1 -92.79 -4.61 3.35
C GLY M 1 -92.07 -5.45 2.31
N VAL M 2 -91.30 -4.80 1.44
CA VAL M 2 -90.57 -5.49 0.38
C VAL M 2 -89.54 -6.47 0.98
N ALA M 3 -89.21 -7.52 0.23
CA ALA M 3 -88.25 -8.52 0.67
C ALA M 3 -87.71 -9.32 -0.53
N LEU M 4 -86.38 -9.45 -0.61
CA LEU M 4 -85.75 -10.17 -1.69
C LEU M 4 -85.91 -11.68 -1.59
N GLY M 5 -86.03 -12.32 -2.74
CA GLY M 5 -86.19 -13.77 -2.77
C GLY M 5 -84.94 -14.49 -2.34
N ALA M 6 -83.80 -13.79 -2.30
CA ALA M 6 -82.55 -14.42 -1.90
C ALA M 6 -81.69 -13.58 -0.97
N THR M 7 -80.86 -14.29 -0.20
CA THR M 7 -79.95 -13.66 0.74
C THR M 7 -78.57 -13.47 0.11
N ARG M 8 -78.39 -14.05 -1.06
CA ARG M 8 -77.12 -13.95 -1.79
C ARG M 8 -77.33 -14.39 -3.24
N VAL M 9 -76.40 -13.98 -4.11
CA VAL M 9 -76.48 -14.33 -5.53
C VAL M 9 -75.12 -14.79 -6.05
N ILE M 10 -75.13 -15.86 -6.84
CA ILE M 10 -73.90 -16.40 -7.43
C ILE M 10 -73.96 -16.15 -8.93
N TYR M 11 -73.04 -15.32 -9.42
CA TYR M 11 -73.01 -14.99 -10.84
C TYR M 11 -72.00 -15.84 -11.61
N PRO M 12 -72.46 -16.95 -12.20
CA PRO M 12 -71.56 -17.82 -12.96
C PRO M 12 -70.85 -17.03 -14.06
N ALA M 13 -69.53 -17.13 -14.11
CA ALA M 13 -68.76 -16.42 -15.11
C ALA M 13 -69.17 -16.95 -16.49
N GLY M 14 -69.70 -16.06 -17.32
CA GLY M 14 -70.13 -16.46 -18.65
C GLY M 14 -71.63 -16.24 -18.82
N GLN M 15 -72.37 -16.35 -17.72
CA GLN M 15 -73.82 -16.16 -17.74
C GLN M 15 -74.18 -14.79 -18.29
N LYS M 16 -75.11 -14.74 -19.22
CA LYS M 16 -75.52 -13.48 -19.81
C LYS M 16 -76.24 -12.66 -18.75
N GLN M 17 -76.99 -13.33 -17.89
CA GLN M 17 -77.74 -12.66 -16.84
C GLN M 17 -78.30 -13.61 -15.77
N VAL M 18 -78.29 -13.13 -14.53
CA VAL M 18 -78.83 -13.89 -13.39
C VAL M 18 -80.00 -13.07 -12.86
N GLN M 19 -81.11 -13.71 -12.51
CA GLN M 19 -82.27 -12.97 -12.03
C GLN M 19 -82.73 -13.32 -10.62
N LEU M 20 -83.04 -12.28 -9.85
CA LEU M 20 -83.50 -12.40 -8.47
C LEU M 20 -85.01 -12.09 -8.43
N ALA M 21 -85.64 -12.38 -7.29
CA ALA M 21 -87.07 -12.15 -7.13
C ALA M 21 -87.40 -11.08 -6.09
N VAL M 22 -88.29 -10.16 -6.45
CA VAL M 22 -88.71 -9.08 -5.56
C VAL M 22 -90.19 -9.23 -5.22
N THR M 23 -90.52 -9.22 -3.94
CA THR M 23 -91.90 -9.37 -3.51
C THR M 23 -92.36 -8.30 -2.52
N ASN M 24 -93.34 -7.49 -2.93
CA ASN M 24 -93.87 -6.44 -2.07
C ASN M 24 -95.03 -6.96 -1.22
N ASN M 25 -94.79 -7.06 0.08
CA ASN M 25 -95.80 -7.56 1.02
C ASN M 25 -96.94 -6.59 1.28
N ASP M 26 -96.63 -5.41 1.78
CA ASP M 26 -97.64 -4.41 2.08
C ASP M 26 -98.73 -4.39 1.01
N GLU M 27 -99.85 -5.04 1.35
CA GLU M 27 -100.99 -5.14 0.45
C GLU M 27 -101.41 -3.82 -0.18
N ASN M 28 -100.98 -2.71 0.41
CA ASN M 28 -101.35 -1.41 -0.12
C ASN M 28 -100.31 -0.32 0.12
N SER M 29 -99.58 0.02 -0.94
CA SER M 29 -98.54 1.04 -0.92
C SER M 29 -97.59 0.77 -2.07
N THR M 30 -97.46 1.74 -2.97
CA THR M 30 -96.58 1.58 -4.12
C THR M 30 -95.14 1.91 -3.73
N TYR M 31 -94.18 1.24 -4.38
CA TYR M 31 -92.76 1.45 -4.09
C TYR M 31 -91.91 1.55 -5.35
N LEU M 32 -90.91 2.42 -5.32
CA LEU M 32 -90.00 2.59 -6.45
C LEU M 32 -88.74 1.77 -6.22
N ILE M 33 -88.70 0.58 -6.82
CA ILE M 33 -87.56 -0.31 -6.67
C ILE M 33 -86.37 0.22 -7.46
N GLN M 34 -85.30 0.54 -6.77
CA GLN M 34 -84.10 1.05 -7.40
C GLN M 34 -82.93 0.17 -6.98
N SER M 35 -82.39 -0.58 -7.93
CA SER M 35 -81.29 -1.48 -7.66
C SER M 35 -79.97 -1.03 -8.28
N TRP M 36 -78.88 -1.66 -7.86
CA TRP M 36 -77.55 -1.34 -8.36
C TRP M 36 -76.53 -2.26 -7.70
N VAL M 37 -75.39 -2.45 -8.36
CA VAL M 37 -74.33 -3.32 -7.83
C VAL M 37 -73.00 -2.62 -7.62
N GLU M 38 -72.60 -2.52 -6.36
CA GLU M 38 -71.34 -1.90 -5.98
C GLU M 38 -70.30 -3.02 -5.90
N ASN M 39 -69.02 -2.66 -5.93
CA ASN M 39 -67.98 -3.68 -5.85
C ASN M 39 -67.57 -3.93 -4.40
N ALA M 40 -66.49 -4.68 -4.23
CA ALA M 40 -65.97 -5.03 -2.92
C ALA M 40 -65.75 -3.78 -2.06
N ASP M 41 -65.18 -2.74 -2.65
CA ASP M 41 -64.92 -1.49 -1.93
C ASP M 41 -66.16 -0.63 -1.87
N GLY M 42 -67.33 -1.26 -1.98
CA GLY M 42 -68.59 -0.52 -1.92
C GLY M 42 -68.75 0.54 -3.00
N VAL M 43 -67.70 0.77 -3.77
CA VAL M 43 -67.76 1.77 -4.83
C VAL M 43 -68.57 1.28 -6.03
N LYS M 44 -69.60 2.04 -6.41
CA LYS M 44 -70.43 1.68 -7.54
C LYS M 44 -69.60 1.73 -8.83
N ASP M 45 -69.75 0.71 -9.65
CA ASP M 45 -69.03 0.62 -10.91
C ASP M 45 -69.92 -0.03 -11.95
N GLY M 46 -69.51 0.05 -13.21
CA GLY M 46 -70.29 -0.54 -14.27
C GLY M 46 -70.26 -2.06 -14.24
N ARG M 47 -69.34 -2.62 -13.46
CA ARG M 47 -69.17 -4.07 -13.33
C ARG M 47 -70.44 -4.91 -13.46
N PHE M 48 -71.46 -4.61 -12.66
CA PHE M 48 -72.72 -5.36 -12.73
C PHE M 48 -73.92 -4.43 -12.85
N ILE M 49 -74.79 -4.69 -13.81
CA ILE M 49 -75.97 -3.87 -14.04
C ILE M 49 -77.28 -4.65 -13.89
N VAL M 50 -78.08 -4.25 -12.91
CA VAL M 50 -79.36 -4.89 -12.64
C VAL M 50 -80.45 -4.26 -13.49
N THR M 51 -81.51 -5.02 -13.76
CA THR M 51 -82.62 -4.52 -14.58
C THR M 51 -83.97 -5.16 -14.17
N PRO M 52 -85.05 -4.36 -14.17
CA PRO M 52 -85.10 -2.92 -14.49
C PRO M 52 -84.48 -2.04 -13.39
N PRO M 53 -83.79 -0.96 -13.80
CA PRO M 53 -83.13 -0.01 -12.90
C PRO M 53 -84.08 0.86 -12.08
N LEU M 54 -85.35 0.88 -12.48
CA LEU M 54 -86.36 1.67 -11.79
C LEU M 54 -87.76 1.25 -12.25
N PHE M 55 -88.61 0.92 -11.29
CA PHE M 55 -89.98 0.51 -11.59
C PHE M 55 -90.79 0.51 -10.30
N ALA M 56 -92.10 0.30 -10.42
CA ALA M 56 -92.96 0.31 -9.24
C ALA M 56 -93.74 -0.98 -9.01
N MET M 57 -93.83 -1.37 -7.74
CA MET M 57 -94.58 -2.57 -7.35
C MET M 57 -95.76 -2.16 -6.50
N LYS M 58 -96.92 -2.03 -7.15
CA LYS M 58 -98.14 -1.62 -6.45
C LYS M 58 -98.77 -2.79 -5.69
N GLY M 59 -99.19 -2.52 -4.46
CA GLY M 59 -99.80 -3.55 -3.63
C GLY M 59 -99.04 -4.86 -3.64
N LYS M 60 -99.71 -5.94 -3.27
CA LYS M 60 -99.07 -7.25 -3.25
C LYS M 60 -98.77 -7.74 -4.66
N LYS M 61 -97.53 -7.56 -5.10
CA LYS M 61 -97.12 -8.00 -6.43
C LYS M 61 -95.95 -8.96 -6.31
N GLU M 62 -95.12 -9.01 -7.35
CA GLU M 62 -93.96 -9.90 -7.35
C GLU M 62 -93.28 -9.85 -8.72
N ASN M 63 -92.19 -9.10 -8.82
CA ASN M 63 -91.46 -8.96 -10.08
C ASN M 63 -90.09 -9.62 -10.01
N THR M 64 -89.40 -9.66 -11.14
CA THR M 64 -88.08 -10.28 -11.22
C THR M 64 -87.01 -9.28 -11.68
N LEU M 65 -85.88 -9.27 -10.96
CA LEU M 65 -84.77 -8.39 -11.30
C LEU M 65 -83.76 -9.19 -12.13
N ARG M 66 -83.07 -8.53 -13.06
CA ARG M 66 -82.11 -9.22 -13.92
C ARG M 66 -80.71 -8.61 -13.85
N ILE M 67 -79.78 -9.36 -13.27
CA ILE M 67 -78.38 -8.93 -13.13
C ILE M 67 -77.61 -9.19 -14.42
N LEU M 68 -77.19 -8.12 -15.08
CA LEU M 68 -76.46 -8.24 -16.33
C LEU M 68 -74.97 -8.07 -16.12
N ASP M 69 -74.19 -8.93 -16.77
CA ASP M 69 -72.73 -8.90 -16.66
C ASP M 69 -72.13 -7.88 -17.62
N ALA M 70 -71.75 -6.71 -17.07
CA ALA M 70 -71.16 -5.63 -17.86
C ALA M 70 -69.63 -5.78 -17.88
N THR M 71 -69.07 -6.29 -16.78
CA THR M 71 -67.62 -6.50 -16.71
C THR M 71 -67.25 -7.53 -17.76
N ASN M 72 -66.57 -7.07 -18.82
CA ASN M 72 -66.15 -7.95 -19.90
C ASN M 72 -65.10 -8.98 -19.51
N ASN M 73 -65.39 -9.78 -18.49
CA ASN M 73 -64.48 -10.82 -18.02
C ASN M 73 -63.17 -10.16 -17.56
N GLN M 74 -63.29 -8.97 -17.00
CA GLN M 74 -62.14 -8.22 -16.53
C GLN M 74 -61.79 -8.54 -15.09
N LEU M 75 -62.48 -9.53 -14.53
CA LEU M 75 -62.28 -9.93 -13.14
C LEU M 75 -61.44 -11.20 -13.04
N PRO M 76 -60.83 -11.44 -11.87
CA PRO M 76 -59.99 -12.63 -11.63
C PRO M 76 -60.75 -13.90 -11.99
N GLN M 77 -60.08 -14.81 -12.69
CA GLN M 77 -60.72 -16.06 -13.10
C GLN M 77 -60.16 -17.27 -12.33
N ASP M 78 -59.62 -17.01 -11.14
CA ASP M 78 -59.06 -18.06 -10.30
C ASP M 78 -59.73 -18.12 -8.93
N ARG M 79 -60.70 -17.23 -8.71
CA ARG M 79 -61.42 -17.16 -7.44
C ARG M 79 -62.69 -16.32 -7.64
N GLU M 80 -63.44 -16.12 -6.57
CA GLU M 80 -64.65 -15.31 -6.66
C GLU M 80 -64.36 -13.86 -6.33
N SER M 81 -64.98 -12.95 -7.07
CA SER M 81 -64.82 -11.53 -6.83
C SER M 81 -66.09 -11.07 -6.11
N LEU M 82 -65.94 -10.62 -4.87
CA LEU M 82 -67.07 -10.19 -4.08
C LEU M 82 -67.60 -8.81 -4.47
N PHE M 83 -68.91 -8.76 -4.68
CA PHE M 83 -69.63 -7.53 -5.02
C PHE M 83 -70.82 -7.47 -4.07
N TRP M 84 -71.67 -6.48 -4.24
CA TRP M 84 -72.85 -6.36 -3.38
C TRP M 84 -74.08 -5.88 -4.13
N MET M 85 -75.17 -6.61 -3.92
CA MET M 85 -76.44 -6.29 -4.56
C MET M 85 -77.33 -5.49 -3.61
N ASN M 86 -77.78 -4.32 -4.08
CA ASN M 86 -78.65 -3.47 -3.28
C ASN M 86 -79.96 -3.16 -3.98
N VAL M 87 -81.06 -3.31 -3.25
CA VAL M 87 -82.40 -3.04 -3.76
C VAL M 87 -83.07 -2.04 -2.83
N LYS M 88 -83.29 -0.83 -3.35
CA LYS M 88 -83.90 0.25 -2.58
C LYS M 88 -85.41 0.36 -2.77
N ALA M 89 -86.13 0.37 -1.66
CA ALA M 89 -87.58 0.49 -1.67
C ALA M 89 -87.99 1.93 -1.37
N ILE M 90 -88.40 2.65 -2.40
CA ILE M 90 -88.81 4.05 -2.26
C ILE M 90 -90.32 4.20 -2.16
N PRO M 91 -90.81 4.75 -1.03
CA PRO M 91 -92.25 4.94 -0.85
C PRO M 91 -92.78 6.09 -1.68
N SER M 92 -93.81 6.76 -1.17
CA SER M 92 -94.40 7.90 -1.88
C SER M 92 -94.49 9.12 -0.98
N MET M 93 -94.42 10.31 -1.57
CA MET M 93 -94.50 11.54 -0.80
C MET M 93 -95.96 11.74 -0.39
N ASP M 94 -96.19 11.93 0.91
CA ASP M 94 -97.54 12.13 1.43
C ASP M 94 -98.02 13.56 1.22
N LYS M 95 -99.01 13.73 0.33
CA LYS M 95 -99.56 15.05 0.07
C LYS M 95 -100.49 15.41 1.23
N SER M 96 -100.58 14.50 2.20
CA SER M 96 -101.41 14.68 3.39
C SER M 96 -100.60 15.14 4.60
N LYS M 97 -99.28 15.02 4.49
CA LYS M 97 -98.38 15.43 5.57
C LYS M 97 -97.44 16.52 5.04
N LEU M 98 -97.74 17.00 3.85
CA LEU M 98 -96.95 18.05 3.20
C LEU M 98 -96.70 19.26 4.09
N THR M 99 -97.70 19.63 4.88
CA THR M 99 -97.59 20.79 5.77
C THR M 99 -97.16 20.36 7.17
N GLU M 100 -96.30 19.35 7.26
CA GLU M 100 -95.85 18.86 8.55
C GLU M 100 -94.40 18.39 8.62
N ASN M 101 -93.99 17.99 9.81
CA ASN M 101 -92.65 17.51 10.10
C ASN M 101 -92.64 15.99 10.13
N THR M 102 -92.37 15.38 8.97
CA THR M 102 -92.36 13.92 8.87
C THR M 102 -90.99 13.31 8.62
N LEU M 103 -90.92 11.99 8.79
CA LEU M 103 -89.70 11.23 8.58
C LEU M 103 -89.99 9.97 7.76
N GLN M 104 -89.47 9.92 6.54
CA GLN M 104 -89.67 8.76 5.67
C GLN M 104 -88.41 7.91 5.51
N LEU M 105 -88.59 6.60 5.58
CA LEU M 105 -87.47 5.67 5.46
C LEU M 105 -87.56 4.86 4.16
N ALA M 106 -86.40 4.61 3.56
CA ALA M 106 -86.32 3.84 2.33
C ALA M 106 -85.51 2.59 2.63
N ILE M 107 -86.18 1.57 3.15
CA ILE M 107 -85.51 0.31 3.50
C ILE M 107 -84.81 -0.29 2.28
N ILE M 108 -83.55 -0.66 2.47
CA ILE M 108 -82.76 -1.25 1.40
C ILE M 108 -82.19 -2.59 1.83
N SER M 109 -82.05 -3.50 0.86
CA SER M 109 -81.51 -4.82 1.15
C SER M 109 -80.20 -5.04 0.40
N ARG M 110 -79.20 -5.48 1.15
CA ARG M 110 -77.87 -5.74 0.59
C ARG M 110 -77.46 -7.18 0.83
N ILE M 111 -77.18 -7.89 -0.26
CA ILE M 111 -76.76 -9.29 -0.18
C ILE M 111 -75.54 -9.54 -1.07
N LYS M 112 -74.72 -10.49 -0.64
CA LYS M 112 -73.51 -10.85 -1.36
C LYS M 112 -73.77 -11.42 -2.74
N LEU M 113 -72.94 -11.02 -3.71
CA LEU M 113 -73.02 -11.48 -5.08
C LEU M 113 -71.63 -11.94 -5.49
N TYR M 114 -71.46 -13.24 -5.65
CA TYR M 114 -70.15 -13.80 -6.01
C TYR M 114 -69.92 -14.09 -7.48
N TYR M 115 -68.88 -13.49 -8.03
CA TYR M 115 -68.51 -13.72 -9.42
C TYR M 115 -67.63 -14.97 -9.38
N ARG M 116 -68.27 -16.13 -9.39
CA ARG M 116 -67.58 -17.41 -9.35
C ARG M 116 -67.21 -17.92 -10.75
N PRO M 117 -65.93 -17.81 -11.15
CA PRO M 117 -65.45 -18.25 -12.45
C PRO M 117 -65.85 -19.69 -12.76
N ALA M 118 -66.78 -19.86 -13.69
CA ALA M 118 -67.24 -21.18 -14.07
C ALA M 118 -66.09 -21.93 -14.74
N LYS M 119 -65.13 -22.39 -13.94
CA LYS M 119 -63.96 -23.11 -14.42
C LYS M 119 -63.09 -23.50 -13.23
N LEU M 120 -63.68 -23.48 -12.03
CA LEU M 120 -62.98 -23.80 -10.79
C LEU M 120 -62.96 -25.30 -10.48
N ALA M 121 -61.82 -25.77 -9.99
CA ALA M 121 -61.64 -27.18 -9.65
C ALA M 121 -62.45 -27.55 -8.41
N LEU M 122 -61.86 -27.32 -7.23
CA LEU M 122 -62.51 -27.64 -5.97
C LEU M 122 -63.97 -27.17 -5.95
N PRO M 123 -64.94 -28.11 -6.02
CA PRO M 123 -66.35 -27.74 -6.00
C PRO M 123 -66.70 -26.96 -4.73
N PRO M 124 -67.63 -25.98 -4.84
CA PRO M 124 -68.06 -25.15 -3.71
C PRO M 124 -68.35 -25.88 -2.39
N ASP M 125 -69.02 -27.01 -2.47
CA ASP M 125 -69.37 -27.81 -1.29
C ASP M 125 -68.18 -28.32 -0.51
N GLN M 126 -67.09 -28.61 -1.22
CA GLN M 126 -65.87 -29.14 -0.60
C GLN M 126 -64.91 -28.02 -0.19
N ALA M 127 -65.47 -26.86 0.16
CA ALA M 127 -64.67 -25.71 0.54
C ALA M 127 -64.55 -25.48 2.06
N ALA M 128 -65.66 -25.63 2.78
CA ALA M 128 -65.69 -25.41 4.22
C ALA M 128 -64.71 -26.27 5.03
N GLU M 129 -64.35 -27.44 4.51
CA GLU M 129 -63.43 -28.33 5.22
C GLU M 129 -62.01 -27.78 5.12
N LYS M 130 -61.68 -27.26 3.94
CA LYS M 130 -60.37 -26.70 3.65
C LYS M 130 -60.02 -25.51 4.55
N LEU M 131 -60.91 -25.18 5.47
CA LEU M 131 -60.67 -24.07 6.38
C LEU M 131 -59.81 -24.49 7.57
N ARG M 132 -58.57 -24.01 7.58
CA ARG M 132 -57.63 -24.29 8.66
C ARG M 132 -57.62 -23.04 9.53
N PHE M 133 -56.75 -23.02 10.55
CA PHE M 133 -56.70 -21.84 11.44
C PHE M 133 -55.29 -21.42 11.88
N ARG M 134 -55.26 -20.72 13.00
CA ARG M 134 -54.04 -20.21 13.62
C ARG M 134 -54.50 -19.57 14.91
N ARG M 135 -54.76 -20.41 15.90
CA ARG M 135 -55.26 -19.94 17.18
C ARG M 135 -54.19 -19.51 18.19
N SER M 136 -54.22 -18.22 18.52
CA SER M 136 -53.28 -17.62 19.49
C SER M 136 -53.98 -17.53 20.84
N ALA M 137 -53.84 -16.37 21.49
CA ALA M 137 -54.47 -16.13 22.78
C ALA M 137 -55.32 -14.87 22.63
N ASN M 138 -55.22 -14.27 21.44
CA ASN M 138 -55.97 -13.07 21.10
C ASN M 138 -55.94 -12.78 19.60
N SER M 139 -55.23 -13.61 18.83
CA SER M 139 -55.14 -13.41 17.39
C SER M 139 -55.43 -14.66 16.57
N LEU M 140 -56.63 -15.21 16.72
CA LEU M 140 -57.01 -16.40 15.96
C LEU M 140 -57.09 -16.00 14.50
N THR M 141 -56.47 -16.79 13.62
CA THR M 141 -56.46 -16.47 12.20
C THR M 141 -57.23 -17.45 11.31
N LEU M 142 -58.38 -17.01 10.81
CA LEU M 142 -59.20 -17.81 9.92
C LEU M 142 -58.49 -17.81 8.56
N ILE M 143 -58.17 -19.00 8.05
CA ILE M 143 -57.47 -19.09 6.77
C ILE M 143 -58.19 -20.00 5.76
N ASN M 144 -58.47 -19.44 4.58
CA ASN M 144 -59.14 -20.17 3.51
C ASN M 144 -58.31 -20.20 2.23
N PRO M 145 -57.87 -21.41 1.83
CA PRO M 145 -57.06 -21.62 0.63
C PRO M 145 -57.91 -21.92 -0.62
N THR M 146 -59.22 -21.94 -0.46
CA THR M 146 -60.11 -22.21 -1.59
C THR M 146 -60.39 -20.91 -2.32
N PRO M 147 -60.91 -20.98 -3.55
CA PRO M 147 -61.23 -19.78 -4.33
C PRO M 147 -62.60 -19.16 -4.00
N TYR M 148 -63.18 -19.56 -2.87
CA TYR M 148 -64.50 -19.04 -2.47
C TYR M 148 -64.48 -18.26 -1.16
N TYR M 149 -65.37 -17.27 -1.04
CA TYR M 149 -65.48 -16.48 0.18
C TYR M 149 -66.28 -17.32 1.17
N LEU M 150 -65.60 -17.89 2.17
CA LEU M 150 -66.28 -18.71 3.16
C LEU M 150 -66.95 -17.83 4.22
N THR M 151 -68.27 -17.87 4.26
CA THR M 151 -69.01 -17.08 5.25
C THR M 151 -69.08 -17.84 6.57
N VAL M 152 -68.00 -17.76 7.35
CA VAL M 152 -67.90 -18.43 8.64
C VAL M 152 -68.80 -17.82 9.71
N THR M 153 -69.63 -18.67 10.31
CA THR M 153 -70.55 -18.24 11.35
C THR M 153 -70.56 -19.21 12.53
N GLU M 154 -71.18 -18.78 13.62
CA GLU M 154 -71.28 -19.58 14.84
C GLU M 154 -69.91 -20.12 15.24
N LEU M 155 -68.88 -19.29 15.09
CA LEU M 155 -67.51 -19.66 15.44
C LEU M 155 -67.39 -19.76 16.96
N ASN M 156 -66.69 -20.78 17.44
CA ASN M 156 -66.53 -20.97 18.87
C ASN M 156 -65.14 -21.49 19.24
N ALA M 157 -64.54 -20.87 20.25
CA ALA M 157 -63.21 -21.28 20.73
C ALA M 157 -63.40 -22.58 21.53
N GLY M 158 -64.40 -23.36 21.09
CA GLY M 158 -64.72 -24.61 21.75
C GLY M 158 -65.98 -24.40 22.57
N THR M 159 -65.87 -23.54 23.57
CA THR M 159 -66.98 -23.22 24.46
C THR M 159 -67.30 -21.72 24.37
N ARG M 160 -66.25 -20.93 24.17
CA ARG M 160 -66.38 -19.48 24.06
C ARG M 160 -66.80 -19.06 22.66
N VAL M 161 -68.01 -18.51 22.55
CA VAL M 161 -68.56 -18.07 21.28
C VAL M 161 -67.88 -16.80 20.76
N LEU M 162 -67.54 -16.80 19.48
CA LEU M 162 -66.87 -15.66 18.86
C LEU M 162 -67.82 -14.88 17.95
N GLU M 163 -67.24 -14.15 17.00
CA GLU M 163 -68.01 -13.37 16.07
C GLU M 163 -67.79 -13.84 14.63
N ASN M 164 -68.85 -13.76 13.83
CA ASN M 164 -68.81 -14.19 12.43
C ASN M 164 -67.63 -13.61 11.66
N ALA M 165 -67.40 -14.11 10.45
CA ALA M 165 -66.30 -13.64 9.61
C ALA M 165 -66.51 -13.99 8.15
N LEU M 166 -65.84 -13.27 7.26
CA LEU M 166 -65.94 -13.50 5.83
C LEU M 166 -64.55 -13.69 5.21
N VAL M 167 -64.02 -14.90 5.32
CA VAL M 167 -62.70 -15.22 4.79
C VAL M 167 -62.69 -15.21 3.26
N PRO M 168 -61.93 -14.28 2.65
CA PRO M 168 -61.83 -14.15 1.20
C PRO M 168 -61.13 -15.33 0.51
N PRO M 169 -61.31 -15.47 -0.81
CA PRO M 169 -60.70 -16.54 -1.62
C PRO M 169 -59.19 -16.49 -1.54
N MET M 170 -58.57 -17.60 -1.16
CA MET M 170 -57.12 -17.67 -1.05
C MET M 170 -56.63 -16.57 -0.11
N GLY M 171 -57.43 -16.30 0.91
CA GLY M 171 -57.06 -15.28 1.87
C GLY M 171 -57.28 -15.77 3.30
N GLU M 172 -57.21 -14.84 4.25
CA GLU M 172 -57.40 -15.16 5.64
C GLU M 172 -57.97 -13.97 6.40
N SER M 173 -58.49 -14.23 7.60
CA SER M 173 -59.08 -13.19 8.42
C SER M 173 -58.98 -13.55 9.91
N THR M 174 -58.47 -12.63 10.71
CA THR M 174 -58.31 -12.88 12.14
C THR M 174 -59.44 -12.32 13.00
N VAL M 175 -60.03 -13.19 13.83
CA VAL M 175 -61.09 -12.81 14.73
C VAL M 175 -60.52 -12.78 16.14
N LYS M 176 -61.05 -11.89 16.95
CA LYS M 176 -60.58 -11.71 18.34
C LYS M 176 -60.64 -12.98 19.18
N LEU M 177 -59.47 -13.58 19.44
CA LEU M 177 -59.40 -14.79 20.26
C LEU M 177 -59.47 -14.34 21.71
N PRO M 178 -60.60 -14.59 22.36
CA PRO M 178 -60.96 -14.27 23.74
C PRO M 178 -60.03 -14.74 24.86
N SER M 179 -59.23 -15.76 24.59
CA SER M 179 -58.34 -16.34 25.60
C SER M 179 -59.12 -17.20 26.59
N ASP M 180 -60.40 -17.35 26.29
CA ASP M 180 -61.34 -18.18 27.06
C ASP M 180 -61.46 -19.34 26.08
N ALA M 181 -60.31 -19.57 25.46
CA ALA M 181 -60.05 -20.55 24.40
C ALA M 181 -60.30 -22.03 24.66
N GLY M 182 -59.36 -22.82 24.17
CA GLY M 182 -59.38 -24.28 24.25
C GLY M 182 -58.53 -24.76 23.11
N SER M 183 -59.18 -25.00 21.97
CA SER M 183 -58.55 -25.46 20.75
C SER M 183 -59.60 -26.25 19.98
N ASN M 184 -60.72 -26.51 20.65
CA ASN M 184 -61.83 -27.24 20.06
C ASN M 184 -62.57 -26.33 19.09
N ILE M 185 -61.82 -25.58 18.30
CA ILE M 185 -62.43 -24.67 17.34
C ILE M 185 -63.54 -25.37 16.55
N THR M 186 -64.70 -24.71 16.48
CA THR M 186 -65.86 -25.25 15.77
C THR M 186 -66.47 -24.14 14.91
N TYR M 187 -67.14 -24.51 13.83
CA TYR M 187 -67.71 -23.49 12.95
C TYR M 187 -68.74 -24.00 11.94
N ARG M 188 -69.64 -23.09 11.56
CA ARG M 188 -70.67 -23.39 10.57
C ARG M 188 -70.57 -22.29 9.52
N THR M 189 -70.91 -22.62 8.27
CA THR M 189 -70.84 -21.64 7.19
C THR M 189 -72.15 -21.50 6.46
N ILE M 190 -72.19 -20.55 5.51
CA ILE M 190 -73.39 -20.29 4.72
C ILE M 190 -73.10 -20.56 3.24
N ASN M 191 -73.79 -21.54 2.68
CA ASN M 191 -73.59 -21.90 1.28
C ASN M 191 -74.31 -20.96 0.32
N ASP M 192 -74.39 -21.37 -0.94
CA ASP M 192 -75.00 -20.59 -2.01
C ASP M 192 -76.49 -20.29 -1.88
N TYR M 193 -77.23 -21.13 -1.15
CA TYR M 193 -78.67 -20.91 -1.00
C TYR M 193 -79.00 -20.22 0.31
N GLY M 194 -77.98 -19.95 1.10
CA GLY M 194 -78.17 -19.29 2.38
C GLY M 194 -78.47 -20.30 3.46
N ALA M 195 -77.82 -21.46 3.39
CA ALA M 195 -78.03 -22.52 4.36
C ALA M 195 -76.76 -22.90 5.13
N LEU M 196 -76.88 -23.01 6.45
CA LEU M 196 -75.77 -23.37 7.31
C LEU M 196 -75.22 -24.75 7.01
N THR M 197 -73.94 -24.82 6.63
CA THR M 197 -73.32 -26.11 6.35
C THR M 197 -73.17 -26.84 7.68
N PRO M 198 -72.89 -28.16 7.65
CA PRO M 198 -72.75 -28.91 8.89
C PRO M 198 -71.62 -28.44 9.80
N LYS M 199 -71.88 -28.46 11.11
CA LYS M 199 -70.90 -28.04 12.09
C LYS M 199 -69.65 -28.91 12.06
N MET M 200 -68.50 -28.30 11.79
CA MET M 200 -67.24 -29.03 11.70
C MET M 200 -66.25 -28.54 12.76
N THR M 201 -65.05 -29.12 12.79
CA THR M 201 -64.04 -28.74 13.77
C THR M 201 -62.91 -27.90 13.17
N GLY M 202 -62.33 -27.04 14.02
CA GLY M 202 -61.25 -26.18 13.61
C GLY M 202 -59.95 -26.95 13.44
N VAL M 203 -59.47 -27.00 12.21
CA VAL M 203 -58.24 -27.71 11.87
C VAL M 203 -57.04 -26.77 11.79
N MET M 204 -56.56 -26.32 12.96
CA MET M 204 -55.42 -25.41 13.00
C MET M 204 -54.29 -25.93 12.12
N GLU M 205 -53.73 -25.06 11.29
CA GLU M 205 -52.64 -25.44 10.41
C GLU M 205 -51.30 -25.17 11.08
N PHE N 1 -102.43 -57.37 -17.24
CA PHE N 1 -102.01 -55.99 -16.86
C PHE N 1 -100.76 -56.02 -16.00
N ALA N 2 -99.78 -55.21 -16.37
CA ALA N 2 -98.51 -55.11 -15.65
C ALA N 2 -97.88 -53.76 -15.94
N CYS N 3 -96.92 -53.37 -15.10
CA CYS N 3 -96.25 -52.09 -15.25
C CYS N 3 -94.75 -52.23 -15.01
N LYS N 4 -94.00 -51.16 -15.32
CA LYS N 4 -92.55 -51.15 -15.12
C LYS N 4 -91.99 -49.74 -15.09
N THR N 5 -90.91 -49.56 -14.34
CA THR N 5 -90.26 -48.26 -14.22
C THR N 5 -89.14 -48.07 -15.23
N ALA N 6 -89.12 -46.90 -15.85
CA ALA N 6 -88.12 -46.55 -16.85
C ALA N 6 -86.70 -46.85 -16.38
N ASN N 7 -86.53 -47.00 -15.06
CA ASN N 7 -85.21 -47.29 -14.50
C ASN N 7 -84.97 -48.79 -14.44
N GLY N 8 -86.04 -49.56 -14.59
CA GLY N 8 -85.89 -51.00 -14.55
C GLY N 8 -87.04 -51.75 -13.92
N THR N 9 -86.89 -52.09 -12.63
CA THR N 9 -87.90 -52.85 -11.90
C THR N 9 -89.31 -52.71 -12.44
N ALA N 10 -90.00 -53.84 -12.52
CA ALA N 10 -91.36 -53.86 -13.04
C ALA N 10 -92.32 -54.52 -12.05
N ILE N 11 -93.61 -54.20 -12.19
CA ILE N 11 -94.62 -54.77 -11.32
C ILE N 11 -95.46 -55.74 -12.14
N PRO N 12 -95.36 -57.03 -11.81
CA PRO N 12 -96.05 -58.15 -12.46
C PRO N 12 -97.57 -58.18 -12.41
N ILE N 13 -98.12 -59.16 -13.12
CA ILE N 13 -99.57 -59.38 -13.19
C ILE N 13 -100.08 -59.74 -11.81
N GLY N 14 -101.18 -59.11 -11.40
CA GLY N 14 -101.76 -59.41 -10.11
C GLY N 14 -101.24 -58.59 -8.95
N GLY N 15 -100.65 -57.44 -9.24
CA GLY N 15 -100.13 -56.59 -8.19
C GLY N 15 -98.64 -56.43 -8.16
N GLY N 16 -98.13 -55.87 -7.06
CA GLY N 16 -96.70 -55.67 -6.90
C GLY N 16 -96.35 -54.43 -6.09
N SER N 17 -95.11 -54.00 -6.23
CA SER N 17 -94.60 -52.82 -5.52
C SER N 17 -93.24 -52.46 -6.11
N ALA N 18 -93.00 -51.18 -6.31
CA ALA N 18 -91.74 -50.73 -6.87
C ALA N 18 -91.18 -49.51 -6.15
N ASN N 19 -90.23 -48.82 -6.80
CA ASN N 19 -89.60 -47.64 -6.25
C ASN N 19 -89.08 -46.76 -7.38
N VAL N 20 -89.56 -45.53 -7.46
CA VAL N 20 -89.09 -44.61 -8.50
C VAL N 20 -88.13 -43.62 -7.83
N TYR N 21 -86.97 -43.41 -8.44
CA TYR N 21 -85.97 -42.50 -7.86
C TYR N 21 -85.91 -41.15 -8.55
N VAL N 22 -87.04 -40.75 -9.11
CA VAL N 22 -87.18 -39.48 -9.84
C VAL N 22 -86.28 -38.33 -9.38
N ASN N 23 -85.83 -37.54 -10.34
CA ASN N 23 -84.99 -36.38 -10.08
C ASN N 23 -85.92 -35.18 -10.11
N LEU N 24 -85.69 -34.24 -9.19
CA LEU N 24 -86.52 -33.05 -9.08
C LEU N 24 -85.66 -31.79 -9.21
N ALA N 25 -86.21 -30.75 -9.84
CA ALA N 25 -85.50 -29.49 -10.00
C ALA N 25 -84.84 -29.17 -8.66
N PRO N 26 -83.55 -29.50 -8.51
CA PRO N 26 -82.74 -29.28 -7.31
C PRO N 26 -83.00 -27.99 -6.52
N VAL N 27 -83.50 -26.96 -7.19
CA VAL N 27 -83.76 -25.71 -6.50
C VAL N 27 -85.08 -25.05 -6.87
N VAL N 28 -86.04 -25.13 -5.95
CA VAL N 28 -87.37 -24.56 -6.11
C VAL N 28 -87.62 -23.56 -5.00
N ASN N 29 -88.06 -22.36 -5.34
CA ASN N 29 -88.32 -21.34 -4.33
C ASN N 29 -89.80 -21.27 -3.96
N VAL N 30 -90.09 -20.74 -2.78
CA VAL N 30 -91.47 -20.62 -2.30
C VAL N 30 -92.33 -19.89 -3.33
N GLY N 31 -93.64 -20.18 -3.30
CA GLY N 31 -94.55 -19.55 -4.24
C GLY N 31 -94.59 -20.34 -5.53
N GLN N 32 -93.41 -20.58 -6.11
CA GLN N 32 -93.31 -21.33 -7.35
C GLN N 32 -93.89 -22.74 -7.22
N ASN N 33 -93.74 -23.56 -8.25
CA ASN N 33 -94.33 -24.89 -8.23
C ASN N 33 -93.44 -26.08 -8.60
N LEU N 34 -93.06 -26.89 -7.61
CA LEU N 34 -92.26 -28.08 -7.87
C LEU N 34 -93.18 -29.01 -8.66
N VAL N 35 -92.61 -30.03 -9.31
CA VAL N 35 -93.40 -30.97 -10.10
C VAL N 35 -92.76 -32.36 -10.14
N VAL N 36 -93.59 -33.39 -9.94
CA VAL N 36 -93.08 -34.76 -9.98
C VAL N 36 -93.98 -35.63 -10.86
N ASP N 37 -93.86 -35.44 -12.17
CA ASP N 37 -94.66 -36.22 -13.12
C ASP N 37 -94.08 -37.63 -13.32
N LEU N 38 -94.91 -38.63 -13.12
CA LEU N 38 -94.48 -40.01 -13.25
C LEU N 38 -94.89 -40.67 -14.57
N SER N 39 -95.63 -39.94 -15.41
CA SER N 39 -96.03 -40.47 -16.69
C SER N 39 -94.79 -40.34 -17.56
N THR N 40 -93.66 -40.63 -16.95
CA THR N 40 -92.36 -40.56 -17.58
C THR N 40 -91.42 -41.28 -16.63
N GLN N 41 -91.97 -42.26 -15.92
CA GLN N 41 -91.21 -43.05 -14.96
C GLN N 41 -91.94 -44.36 -14.68
N ILE N 42 -93.20 -44.43 -15.12
CA ILE N 42 -94.05 -45.60 -14.90
C ILE N 42 -95.08 -45.80 -16.00
N PHE N 43 -95.06 -46.99 -16.62
CA PHE N 43 -96.00 -47.29 -17.70
C PHE N 43 -96.55 -48.68 -17.54
N CYS N 44 -97.80 -48.86 -17.93
CA CYS N 44 -98.45 -50.16 -17.85
C CYS N 44 -99.01 -50.47 -19.23
N HIS N 45 -99.47 -51.70 -19.40
CA HIS N 45 -100.04 -52.12 -20.67
C HIS N 45 -101.04 -53.25 -20.40
N ASN N 46 -101.98 -53.43 -21.32
CA ASN N 46 -102.98 -54.49 -21.20
C ASN N 46 -102.34 -55.76 -21.75
N ASP N 47 -102.53 -56.89 -21.06
CA ASP N 47 -101.95 -58.15 -21.52
C ASP N 47 -102.90 -58.92 -22.43
N TYR N 48 -104.19 -58.88 -22.11
CA TYR N 48 -105.23 -59.55 -22.89
C TYR N 48 -106.22 -58.49 -23.35
N PRO N 49 -105.76 -57.56 -24.22
CA PRO N 49 -106.56 -56.46 -24.77
C PRO N 49 -107.73 -56.79 -25.69
N GLU N 50 -107.69 -57.94 -26.36
CA GLU N 50 -108.76 -58.29 -27.28
C GLU N 50 -110.07 -58.70 -26.58
N THR N 51 -110.04 -58.87 -25.27
CA THR N 51 -111.23 -59.25 -24.54
C THR N 51 -111.43 -58.37 -23.33
N ILE N 52 -110.40 -58.32 -22.49
CA ILE N 52 -110.44 -57.55 -21.26
C ILE N 52 -110.22 -56.05 -21.45
N THR N 53 -110.79 -55.27 -20.54
CA THR N 53 -110.64 -53.82 -20.54
C THR N 53 -110.17 -53.46 -19.13
N ASP N 54 -108.90 -53.05 -19.01
CA ASP N 54 -108.33 -52.70 -17.71
C ASP N 54 -108.65 -51.28 -17.24
N TYR N 55 -108.98 -51.18 -15.95
CA TYR N 55 -109.33 -49.93 -15.31
C TYR N 55 -108.31 -49.56 -14.25
N VAL N 56 -107.48 -48.57 -14.55
CA VAL N 56 -106.46 -48.12 -13.62
C VAL N 56 -106.92 -46.87 -12.89
N THR N 57 -106.65 -46.85 -11.59
CA THR N 57 -107.03 -45.75 -10.74
C THR N 57 -105.99 -45.52 -9.66
N LEU N 58 -105.93 -44.29 -9.16
CA LEU N 58 -105.01 -43.92 -8.09
C LEU N 58 -105.78 -43.99 -6.77
N GLN N 59 -105.60 -45.07 -6.04
CA GLN N 59 -106.27 -45.29 -4.77
C GLN N 59 -105.86 -44.32 -3.68
N ARG N 60 -104.61 -44.44 -3.26
CA ARG N 60 -104.06 -43.61 -2.21
C ARG N 60 -102.89 -42.77 -2.70
N GLY N 61 -102.51 -41.80 -1.87
CA GLY N 61 -101.41 -40.92 -2.18
C GLY N 61 -100.92 -40.41 -0.85
N SER N 62 -99.76 -40.89 -0.41
CA SER N 62 -99.20 -40.48 0.87
C SER N 62 -98.02 -39.52 0.71
N ALA N 63 -97.73 -38.74 1.75
CA ALA N 63 -96.64 -37.79 1.71
C ALA N 63 -95.67 -38.04 2.87
N TYR N 64 -94.38 -37.86 2.62
CA TYR N 64 -93.37 -38.07 3.65
C TYR N 64 -92.29 -37.01 3.55
N GLY N 65 -91.41 -36.97 4.55
CA GLY N 65 -90.33 -35.99 4.57
C GLY N 65 -90.71 -34.56 4.24
N GLY N 66 -89.82 -33.87 3.55
CA GLY N 66 -90.05 -32.48 3.21
C GLY N 66 -91.28 -32.19 2.39
N VAL N 67 -91.87 -33.19 1.76
CA VAL N 67 -93.08 -32.95 0.97
C VAL N 67 -94.26 -32.85 1.93
N LEU N 68 -94.29 -33.76 2.90
CA LEU N 68 -95.34 -33.80 3.90
C LEU N 68 -95.40 -32.52 4.73
N SER N 69 -94.24 -31.96 5.04
CA SER N 69 -94.17 -30.76 5.86
C SER N 69 -93.81 -29.44 5.17
N ASN N 70 -93.07 -29.49 4.07
CA ASN N 70 -92.68 -28.25 3.42
C ASN N 70 -93.46 -27.80 2.20
N PHE N 71 -94.45 -28.58 1.78
CA PHE N 71 -95.23 -28.18 0.62
C PHE N 71 -96.72 -28.38 0.77
N SER N 72 -97.45 -27.67 -0.07
CA SER N 72 -98.89 -27.75 -0.14
C SER N 72 -99.06 -28.26 -1.57
N GLY N 73 -100.16 -28.92 -1.86
CA GLY N 73 -100.31 -29.39 -3.22
C GLY N 73 -101.36 -30.44 -3.52
N THR N 74 -101.35 -30.86 -4.78
CA THR N 74 -102.28 -31.84 -5.30
C THR N 74 -101.64 -32.76 -6.32
N VAL N 75 -102.39 -33.79 -6.69
CA VAL N 75 -101.95 -34.76 -7.67
C VAL N 75 -102.88 -34.66 -8.88
N LYS N 76 -102.29 -34.36 -10.04
CA LYS N 76 -103.04 -34.26 -11.28
C LYS N 76 -103.16 -35.70 -11.81
N TYR N 77 -104.39 -36.13 -12.09
CA TYR N 77 -104.59 -37.49 -12.59
C TYR N 77 -105.55 -37.54 -13.76
N SER N 78 -105.02 -37.78 -14.95
CA SER N 78 -105.84 -37.87 -16.14
C SER N 78 -106.72 -36.64 -16.26
N GLY N 79 -106.10 -35.47 -16.33
CA GLY N 79 -106.85 -34.25 -16.44
C GLY N 79 -107.12 -33.61 -15.09
N SER N 80 -108.26 -33.94 -14.49
CA SER N 80 -108.61 -33.38 -13.18
C SER N 80 -107.49 -33.51 -12.15
N SER N 81 -107.52 -32.63 -11.16
CA SER N 81 -106.53 -32.61 -10.08
C SER N 81 -107.25 -32.92 -8.79
N TYR N 82 -106.52 -33.47 -7.84
CA TYR N 82 -107.13 -33.82 -6.56
C TYR N 82 -106.19 -33.49 -5.38
N PRO N 83 -106.76 -33.29 -4.18
CA PRO N 83 -105.90 -32.97 -3.04
C PRO N 83 -104.83 -34.04 -2.81
N PHE N 84 -103.59 -33.59 -2.56
CA PHE N 84 -102.52 -34.52 -2.25
C PHE N 84 -101.84 -34.05 -0.99
N PRO N 85 -101.69 -34.95 0.02
CA PRO N 85 -102.13 -36.36 0.00
C PRO N 85 -103.59 -36.52 -0.40
N THR N 86 -103.86 -37.62 -1.10
CA THR N 86 -105.19 -37.95 -1.58
C THR N 86 -106.14 -38.22 -0.41
N THR N 87 -107.43 -37.93 -0.63
CA THR N 87 -108.45 -38.12 0.38
C THR N 87 -109.45 -39.18 -0.07
N SER N 88 -109.25 -39.70 -1.28
CA SER N 88 -110.15 -40.71 -1.81
C SER N 88 -109.67 -41.23 -3.16
N GLU N 89 -110.18 -42.39 -3.55
CA GLU N 89 -109.82 -43.01 -4.81
C GLU N 89 -110.25 -42.18 -6.01
N THR N 90 -109.35 -42.09 -6.97
CA THR N 90 -109.57 -41.31 -8.18
C THR N 90 -110.45 -42.04 -9.21
N PRO N 91 -110.98 -41.30 -10.20
CA PRO N 91 -111.82 -41.93 -11.22
C PRO N 91 -110.94 -42.92 -11.97
N ARG N 92 -111.54 -43.83 -12.73
CA ARG N 92 -110.74 -44.83 -13.44
C ARG N 92 -110.42 -44.49 -14.90
N VAL N 93 -109.22 -44.88 -15.32
CA VAL N 93 -108.74 -44.67 -16.67
C VAL N 93 -108.60 -46.05 -17.34
N VAL N 94 -108.97 -46.17 -18.61
CA VAL N 94 -108.89 -47.46 -19.32
C VAL N 94 -107.56 -47.78 -19.96
N TYR N 95 -107.22 -49.06 -19.94
CA TYR N 95 -105.98 -49.57 -20.53
C TYR N 95 -106.27 -50.71 -21.49
N ASN N 96 -106.08 -50.47 -22.78
CA ASN N 96 -106.35 -51.46 -23.81
C ASN N 96 -105.31 -51.53 -24.92
N SER N 97 -104.20 -52.23 -24.64
CA SER N 97 -103.11 -52.41 -25.59
C SER N 97 -101.88 -52.95 -24.88
N ARG N 98 -101.14 -53.84 -25.54
CA ARG N 98 -99.94 -54.41 -24.94
C ARG N 98 -98.82 -53.39 -25.03
N THR N 99 -99.14 -52.24 -25.61
CA THR N 99 -98.18 -51.16 -25.74
C THR N 99 -98.15 -50.39 -24.42
N ASP N 100 -97.00 -50.43 -23.76
CA ASP N 100 -96.84 -49.75 -22.48
C ASP N 100 -97.25 -48.28 -22.48
N LYS N 101 -98.44 -48.01 -21.94
CA LYS N 101 -98.94 -46.65 -21.81
C LYS N 101 -98.70 -46.24 -20.36
N PRO N 102 -98.29 -44.98 -20.13
CA PRO N 102 -98.03 -44.53 -18.76
C PRO N 102 -99.35 -44.07 -18.12
N TRP N 103 -99.49 -44.26 -16.82
CA TRP N 103 -100.72 -43.78 -16.19
C TRP N 103 -100.43 -42.33 -15.80
N PRO N 104 -101.39 -41.43 -16.08
CA PRO N 104 -101.31 -40.00 -15.79
C PRO N 104 -101.22 -39.65 -14.30
N VAL N 105 -100.01 -39.60 -13.78
CA VAL N 105 -99.85 -39.30 -12.37
C VAL N 105 -98.78 -38.23 -12.18
N ALA N 106 -99.22 -36.98 -12.05
CA ALA N 106 -98.30 -35.89 -11.86
C ALA N 106 -98.56 -35.20 -10.51
N LEU N 107 -97.48 -35.06 -9.75
CA LEU N 107 -97.49 -34.43 -8.43
C LEU N 107 -97.15 -32.96 -8.54
N TYR N 108 -98.01 -32.11 -8.02
CA TYR N 108 -97.78 -30.67 -8.04
C TYR N 108 -97.71 -30.11 -6.62
N LEU N 109 -96.49 -29.88 -6.15
CA LEU N 109 -96.25 -29.37 -4.81
C LEU N 109 -95.69 -27.96 -4.79
N THR N 110 -96.23 -27.11 -3.92
CA THR N 110 -95.77 -25.74 -3.80
C THR N 110 -95.14 -25.58 -2.42
N PRO N 111 -94.04 -24.80 -2.34
CA PRO N 111 -93.39 -24.61 -1.04
C PRO N 111 -94.13 -23.58 -0.19
N VAL N 112 -94.26 -23.86 1.11
CA VAL N 112 -94.93 -22.95 2.03
C VAL N 112 -93.92 -21.96 2.57
N SER N 113 -94.36 -20.73 2.81
CA SER N 113 -93.49 -19.69 3.35
C SER N 113 -92.57 -20.25 4.44
N SER N 114 -93.08 -21.22 5.18
CA SER N 114 -92.37 -21.89 6.27
C SER N 114 -91.04 -22.54 5.88
N ALA N 115 -90.96 -23.07 4.67
CA ALA N 115 -89.73 -23.71 4.21
C ALA N 115 -88.55 -22.73 4.31
N GLY N 116 -87.35 -23.18 3.98
CA GLY N 116 -86.19 -22.32 4.06
C GLY N 116 -85.02 -22.68 3.15
N GLY N 117 -84.50 -23.90 3.31
CA GLY N 117 -83.39 -24.35 2.49
C GLY N 117 -83.61 -25.75 1.96
N VAL N 118 -83.00 -26.73 2.62
CA VAL N 118 -83.13 -28.13 2.21
C VAL N 118 -84.51 -28.66 2.54
N ALA N 119 -85.43 -28.56 1.59
CA ALA N 119 -86.79 -29.04 1.78
C ALA N 119 -86.80 -30.57 1.69
N ILE N 120 -86.16 -31.10 0.65
CA ILE N 120 -86.08 -32.54 0.43
C ILE N 120 -84.63 -33.00 0.38
N LYS N 121 -84.35 -34.16 0.95
CA LYS N 121 -83.01 -34.72 0.95
C LYS N 121 -82.66 -35.29 -0.42
N ALA N 122 -81.51 -35.96 -0.53
CA ALA N 122 -81.08 -36.52 -1.79
C ALA N 122 -81.22 -38.03 -1.85
N GLY N 123 -82.03 -38.59 -0.96
CA GLY N 123 -82.23 -40.03 -0.95
C GLY N 123 -83.27 -40.48 0.06
N SER N 124 -84.35 -39.69 0.15
CA SER N 124 -85.44 -39.98 1.06
C SER N 124 -86.71 -40.34 0.29
N LEU N 125 -87.77 -40.64 1.04
CA LEU N 125 -89.05 -40.99 0.45
C LEU N 125 -89.89 -39.72 0.30
N ILE N 126 -90.46 -39.54 -0.89
CA ILE N 126 -91.30 -38.38 -1.15
C ILE N 126 -92.75 -38.75 -0.84
N ALA N 127 -93.25 -39.72 -1.58
CA ALA N 127 -94.62 -40.17 -1.45
C ALA N 127 -94.75 -41.68 -1.60
N VAL N 128 -96.00 -42.13 -1.60
CA VAL N 128 -96.32 -43.55 -1.75
C VAL N 128 -97.64 -43.64 -2.49
N LEU N 129 -97.57 -43.52 -3.81
CA LEU N 129 -98.74 -43.58 -4.69
C LEU N 129 -99.20 -45.01 -4.95
N ILE N 130 -100.47 -45.30 -4.66
CA ILE N 130 -100.98 -46.66 -4.88
C ILE N 130 -101.84 -46.79 -6.12
N LEU N 131 -101.41 -47.66 -7.02
CA LEU N 131 -102.15 -47.91 -8.26
C LEU N 131 -103.12 -49.05 -8.03
N ARG N 132 -104.40 -48.81 -8.32
CA ARG N 132 -105.43 -49.82 -8.15
C ARG N 132 -105.83 -50.33 -9.52
N GLN N 133 -105.80 -51.65 -9.70
CA GLN N 133 -106.13 -52.25 -10.99
C GLN N 133 -107.26 -53.27 -10.93
N THR N 134 -108.21 -53.12 -11.85
CA THR N 134 -109.35 -54.01 -11.99
C THR N 134 -109.61 -54.16 -13.48
N ASN N 135 -110.77 -54.72 -13.84
CA ASN N 135 -111.13 -54.90 -15.24
C ASN N 135 -112.57 -55.38 -15.37
N ASN N 136 -113.09 -55.37 -16.59
CA ASN N 136 -114.46 -55.78 -16.84
C ASN N 136 -114.59 -57.26 -17.20
N TYR N 137 -113.72 -58.09 -16.65
CA TYR N 137 -113.74 -59.52 -16.96
C TYR N 137 -113.99 -60.42 -15.76
N ASN N 138 -113.24 -60.22 -14.68
CA ASN N 138 -113.41 -61.04 -13.49
C ASN N 138 -113.21 -60.28 -12.19
N SER N 139 -113.06 -61.04 -11.10
CA SER N 139 -112.88 -60.48 -9.76
C SER N 139 -111.48 -59.90 -9.50
N ASP N 140 -110.74 -59.59 -10.57
CA ASP N 140 -109.40 -59.04 -10.43
C ASP N 140 -109.34 -57.62 -9.89
N ASP N 141 -108.65 -57.47 -8.76
CA ASP N 141 -108.50 -56.19 -8.08
C ASP N 141 -107.13 -56.19 -7.39
N PHE N 142 -106.16 -55.52 -7.99
CA PHE N 142 -104.82 -55.49 -7.40
C PHE N 142 -104.33 -54.09 -7.05
N GLN N 143 -103.26 -54.02 -6.26
CA GLN N 143 -102.70 -52.74 -5.84
C GLN N 143 -101.23 -52.57 -6.22
N PHE N 144 -100.98 -52.19 -7.47
CA PHE N 144 -99.62 -51.95 -7.95
C PHE N 144 -99.03 -50.78 -7.15
N VAL N 145 -98.24 -51.08 -6.13
CA VAL N 145 -97.64 -50.07 -5.28
C VAL N 145 -96.38 -49.40 -5.83
N TRP N 146 -96.11 -48.19 -5.36
CA TRP N 146 -94.94 -47.45 -5.79
C TRP N 146 -94.39 -46.57 -4.66
N ASN N 147 -93.08 -46.39 -4.64
CA ASN N 147 -92.42 -45.56 -3.63
C ASN N 147 -91.51 -44.57 -4.32
N ILE N 148 -91.87 -43.30 -4.24
CA ILE N 148 -91.10 -42.24 -4.86
C ILE N 148 -90.00 -41.72 -3.95
N TYR N 149 -88.78 -41.67 -4.46
CA TYR N 149 -87.60 -41.17 -3.73
C TYR N 149 -86.90 -40.10 -4.58
N ALA N 150 -86.24 -39.17 -3.92
CA ALA N 150 -85.51 -38.10 -4.61
C ALA N 150 -84.01 -38.27 -4.38
N ASN N 151 -83.27 -38.55 -5.45
CA ASN N 151 -81.82 -38.74 -5.34
C ASN N 151 -81.07 -37.43 -5.14
N ASN N 152 -81.79 -36.31 -5.15
CA ASN N 152 -81.17 -35.01 -4.98
C ASN N 152 -81.86 -34.16 -3.93
N ASP N 153 -81.10 -33.34 -3.22
CA ASP N 153 -81.64 -32.46 -2.20
C ASP N 153 -82.33 -31.28 -2.86
N VAL N 154 -83.62 -31.09 -2.58
CA VAL N 154 -84.31 -29.94 -3.16
C VAL N 154 -84.02 -28.80 -2.19
N VAL N 155 -84.16 -27.57 -2.68
CA VAL N 155 -83.90 -26.42 -1.84
C VAL N 155 -84.91 -25.31 -2.13
N VAL N 156 -85.19 -24.50 -1.11
CA VAL N 156 -86.12 -23.40 -1.26
C VAL N 156 -85.47 -22.19 -0.58
N PRO N 157 -84.35 -21.73 -1.13
CA PRO N 157 -83.55 -20.60 -0.65
C PRO N 157 -84.25 -19.59 0.26
N THR N 158 -83.53 -19.20 1.31
CA THR N 158 -84.01 -18.23 2.28
C THR N 158 -83.92 -16.85 1.64
N GLY N 159 -84.86 -15.97 1.99
CA GLY N 159 -84.86 -14.64 1.41
C GLY N 159 -85.23 -13.49 2.34
N GLY N 160 -85.32 -12.29 1.76
CA GLY N 160 -85.64 -11.08 2.50
C GLY N 160 -86.57 -11.28 3.68
N CYS N 161 -86.14 -10.82 4.85
CA CYS N 161 -86.93 -10.95 6.08
C CYS N 161 -88.03 -9.91 6.16
N ASP N 162 -88.99 -10.17 7.04
CA ASP N 162 -90.14 -9.30 7.24
C ASP N 162 -89.79 -7.97 7.89
N VAL N 163 -89.81 -6.90 7.08
CA VAL N 163 -89.52 -5.56 7.57
C VAL N 163 -90.79 -4.89 8.08
N SER N 164 -91.08 -5.09 9.37
CA SER N 164 -92.27 -4.51 9.98
C SER N 164 -92.01 -3.09 10.45
N ALA N 165 -92.86 -2.17 10.00
CA ALA N 165 -92.74 -0.76 10.36
C ALA N 165 -94.09 -0.08 10.13
N ARG N 166 -94.82 0.16 11.22
CA ARG N 166 -96.13 0.78 11.16
C ARG N 166 -96.32 1.71 9.97
N ASP N 167 -95.69 2.89 10.05
CA ASP N 167 -95.78 3.87 8.98
C ASP N 167 -95.06 5.16 9.38
N VAL N 168 -94.73 5.97 8.39
CA VAL N 168 -94.03 7.24 8.61
C VAL N 168 -94.47 7.92 9.91
N THR N 169 -93.64 7.79 10.94
CA THR N 169 -93.92 8.39 12.24
C THR N 169 -93.68 9.89 12.18
N VAL N 170 -94.44 10.63 12.97
CA VAL N 170 -94.30 12.08 13.02
C VAL N 170 -93.57 12.43 14.32
N THR N 171 -92.86 13.56 14.32
CA THR N 171 -92.12 13.98 15.50
C THR N 171 -92.71 15.25 16.10
N LEU N 172 -93.05 15.17 17.39
CA LEU N 172 -93.61 16.31 18.10
C LEU N 172 -92.68 17.51 17.92
N PRO N 173 -93.23 18.66 17.47
CA PRO N 173 -92.41 19.86 17.27
C PRO N 173 -91.73 20.31 18.56
N ASP N 174 -91.35 21.59 18.62
CA ASP N 174 -90.70 22.14 19.81
C ASP N 174 -89.35 21.46 20.02
N TYR N 175 -88.60 21.93 21.01
CA TYR N 175 -87.31 21.36 21.34
C TYR N 175 -87.51 19.98 22.00
N PRO N 176 -88.44 19.89 22.96
CA PRO N 176 -88.69 18.60 23.63
C PRO N 176 -89.37 17.63 22.67
N GLY N 177 -88.58 17.12 21.72
CA GLY N 177 -89.11 16.19 20.73
C GLY N 177 -88.36 14.88 20.72
N SER N 178 -89.11 13.79 20.69
CA SER N 178 -88.55 12.45 20.68
C SER N 178 -89.70 11.46 20.52
N VAL N 179 -89.79 10.87 19.34
CA VAL N 179 -90.85 9.92 19.05
C VAL N 179 -90.32 8.54 18.64
N PRO N 180 -89.86 7.74 19.62
CA PRO N 180 -89.33 6.42 19.28
C PRO N 180 -90.27 5.67 18.34
N ILE N 181 -89.80 5.44 17.11
CA ILE N 181 -90.60 4.76 16.09
C ILE N 181 -90.62 3.24 16.24
N PRO N 182 -91.82 2.63 16.22
CA PRO N 182 -91.96 1.18 16.35
C PRO N 182 -91.38 0.48 15.12
N LEU N 183 -90.52 -0.50 15.34
CA LEU N 183 -89.92 -1.23 14.22
C LEU N 183 -89.39 -2.61 14.63
N THR N 184 -89.96 -3.64 14.01
CA THR N 184 -89.59 -5.04 14.27
C THR N 184 -89.39 -5.77 12.95
N VAL N 185 -88.61 -6.84 12.98
CA VAL N 185 -88.34 -7.63 11.77
C VAL N 185 -87.96 -9.07 12.09
N TYR N 186 -88.66 -10.02 11.48
CA TYR N 186 -88.39 -11.43 11.68
C TYR N 186 -88.42 -12.15 10.33
N CYS N 187 -87.86 -13.36 10.29
CA CYS N 187 -87.80 -14.13 9.05
C CYS N 187 -88.56 -15.46 9.11
N ALA N 188 -88.80 -16.04 7.94
CA ALA N 188 -89.49 -17.32 7.85
C ALA N 188 -88.52 -18.35 8.43
N LYS N 189 -87.23 -18.04 8.32
CA LYS N 189 -86.15 -18.89 8.81
C LYS N 189 -85.13 -18.04 9.55
N SER N 190 -84.90 -18.38 10.82
CA SER N 190 -83.96 -17.65 11.66
C SER N 190 -82.60 -17.48 10.99
N GLN N 191 -82.39 -16.32 10.37
CA GLN N 191 -81.15 -16.02 9.70
C GLN N 191 -80.56 -14.73 10.27
N ASN N 192 -79.27 -14.77 10.61
CA ASN N 192 -78.60 -13.60 11.18
C ASN N 192 -78.68 -12.37 10.27
N LEU N 193 -79.19 -11.28 10.83
CA LEU N 193 -79.36 -10.03 10.11
C LEU N 193 -78.41 -8.93 10.60
N GLY N 194 -78.35 -7.86 9.82
CA GLY N 194 -77.52 -6.72 10.16
C GLY N 194 -78.08 -5.51 9.43
N TYR N 195 -77.68 -4.31 9.85
CA TYR N 195 -78.18 -3.09 9.20
C TYR N 195 -77.42 -1.84 9.61
N TYR N 196 -77.40 -0.85 8.72
CA TYR N 196 -76.74 0.42 8.99
C TYR N 196 -77.66 1.51 8.47
N LEU N 197 -77.65 2.66 9.15
CA LEU N 197 -78.52 3.76 8.76
C LEU N 197 -77.94 4.68 7.70
N SER N 198 -78.02 4.26 6.45
CA SER N 198 -77.51 5.06 5.34
C SER N 198 -78.33 6.32 5.14
N GLY N 199 -77.67 7.47 5.24
CA GLY N 199 -78.36 8.74 5.08
C GLY N 199 -77.37 9.89 4.92
N THR N 200 -77.83 11.11 5.12
CA THR N 200 -76.99 12.29 4.99
C THR N 200 -77.05 13.18 6.24
N THR N 201 -75.88 13.53 6.77
CA THR N 201 -75.78 14.36 7.96
C THR N 201 -75.34 15.78 7.62
N ALA N 202 -75.37 16.65 8.62
CA ALA N 202 -74.97 18.04 8.45
C ALA N 202 -73.77 18.38 9.31
N ASP N 203 -72.72 17.56 9.21
CA ASP N 203 -71.50 17.79 9.99
C ASP N 203 -70.41 16.76 9.68
N ALA N 204 -69.40 16.71 10.52
CA ALA N 204 -68.29 15.77 10.38
C ALA N 204 -68.49 14.62 11.35
N GLY N 205 -69.55 14.70 12.16
CA GLY N 205 -69.83 13.65 13.11
C GLY N 205 -70.72 12.60 12.48
N ASN N 206 -71.04 12.80 11.20
CA ASN N 206 -71.88 11.91 10.41
C ASN N 206 -72.86 11.04 11.21
N SER N 207 -73.66 11.69 12.03
CA SER N 207 -74.67 11.02 12.85
C SER N 207 -75.82 11.98 13.10
N ILE N 208 -75.76 13.14 12.44
CA ILE N 208 -76.79 14.16 12.57
C ILE N 208 -77.41 14.43 11.20
N PHE N 209 -78.27 13.51 10.76
CA PHE N 209 -78.94 13.63 9.47
C PHE N 209 -79.51 15.03 9.26
N THR N 210 -79.58 15.46 8.00
CA THR N 210 -80.08 16.80 7.67
C THR N 210 -81.61 16.91 7.55
N ASN N 211 -82.05 18.02 6.96
CA ASN N 211 -83.46 18.30 6.74
C ASN N 211 -83.69 18.55 5.25
N THR N 212 -84.57 17.76 4.64
CA THR N 212 -84.86 17.89 3.21
C THR N 212 -86.09 18.77 2.98
N ALA N 213 -85.89 20.08 3.02
CA ALA N 213 -86.99 21.01 2.81
C ALA N 213 -86.50 22.42 2.48
N SER N 214 -87.38 23.20 1.86
CA SER N 214 -87.09 24.58 1.48
C SER N 214 -87.95 25.52 2.34
N PHE N 215 -88.73 24.91 3.21
CA PHE N 215 -89.62 25.62 4.13
C PHE N 215 -88.86 26.10 5.36
N SER N 216 -88.70 27.42 5.48
CA SER N 216 -88.00 28.03 6.61
C SER N 216 -86.82 27.16 7.05
N PRO N 217 -85.72 27.18 6.27
CA PRO N 217 -84.50 26.41 6.56
C PRO N 217 -83.89 26.72 7.91
N ALA N 218 -84.46 26.15 8.96
CA ALA N 218 -83.96 26.38 10.32
C ALA N 218 -82.52 25.90 10.45
N GLN N 219 -81.74 26.58 11.27
CA GLN N 219 -80.35 26.24 11.50
C GLN N 219 -80.21 25.15 12.56
N GLY N 220 -79.46 24.10 12.24
CA GLY N 220 -79.26 23.02 13.20
C GLY N 220 -80.49 22.21 13.53
N VAL N 221 -81.11 21.60 12.52
CA VAL N 221 -82.31 20.79 12.73
C VAL N 221 -82.17 19.46 11.99
N GLY N 222 -81.73 18.44 12.70
CA GLY N 222 -81.56 17.13 12.09
C GLY N 222 -82.17 16.01 12.92
N VAL N 223 -81.65 14.80 12.72
CA VAL N 223 -82.14 13.62 13.45
C VAL N 223 -80.97 12.72 13.83
N GLN N 224 -81.21 11.82 14.77
CA GLN N 224 -80.20 10.89 15.23
C GLN N 224 -80.85 9.80 16.07
N LEU N 225 -81.23 8.72 15.39
CA LEU N 225 -81.88 7.58 16.03
C LEU N 225 -81.09 7.05 17.22
N THR N 226 -81.71 6.15 17.99
CA THR N 226 -81.04 5.59 19.17
C THR N 226 -81.78 4.39 19.75
N ARG N 227 -81.11 3.24 19.73
CA ARG N 227 -81.68 2.01 20.27
C ARG N 227 -81.47 1.96 21.78
N ASN N 228 -82.44 2.48 22.52
CA ASN N 228 -82.38 2.51 23.97
C ASN N 228 -81.13 3.19 24.50
N GLY N 229 -81.07 4.52 24.36
CA GLY N 229 -79.93 5.27 24.83
C GLY N 229 -78.75 5.28 23.87
N THR N 230 -78.33 4.10 23.43
CA THR N 230 -77.20 3.98 22.51
C THR N 230 -77.60 4.49 21.13
N ILE N 231 -77.16 5.71 20.79
CA ILE N 231 -77.48 6.28 19.49
C ILE N 231 -76.72 5.52 18.39
N ILE N 232 -77.27 5.55 17.18
CA ILE N 232 -76.66 4.86 16.05
C ILE N 232 -76.34 5.82 14.90
N PRO N 233 -75.05 6.07 14.66
CA PRO N 233 -74.63 6.96 13.57
C PRO N 233 -74.70 6.23 12.22
N ALA N 234 -74.75 6.99 11.13
CA ALA N 234 -74.83 6.41 9.79
C ALA N 234 -73.69 5.42 9.51
N ASN N 235 -73.84 4.64 8.43
CA ASN N 235 -72.85 3.66 8.02
C ASN N 235 -72.26 2.84 9.17
N ASN N 236 -72.99 2.77 10.27
CA ASN N 236 -72.55 2.02 11.43
C ASN N 236 -73.41 0.77 11.58
N THR N 237 -73.19 -0.20 10.70
CA THR N 237 -73.94 -1.45 10.72
C THR N 237 -74.07 -1.96 12.16
N VAL N 238 -75.25 -2.48 12.48
CA VAL N 238 -75.49 -3.01 13.82
C VAL N 238 -75.93 -4.45 13.75
N SER N 239 -75.57 -5.23 14.77
CA SER N 239 -75.91 -6.65 14.83
C SER N 239 -77.37 -6.90 15.23
N LEU N 240 -77.83 -8.09 14.89
CA LEU N 240 -79.20 -8.50 15.19
C LEU N 240 -79.13 -9.99 15.53
N GLY N 241 -78.32 -10.71 14.76
CA GLY N 241 -78.15 -12.14 14.99
C GLY N 241 -79.42 -12.97 14.92
N ALA N 242 -79.75 -13.62 16.04
CA ALA N 242 -80.93 -14.46 16.12
C ALA N 242 -82.20 -13.72 15.75
N VAL N 243 -82.62 -13.88 14.50
CA VAL N 243 -83.83 -13.24 13.99
C VAL N 243 -84.70 -14.26 13.25
N GLY N 244 -85.52 -14.99 13.99
CA GLY N 244 -86.38 -16.00 13.40
C GLY N 244 -87.83 -15.57 13.25
N THR N 245 -88.73 -16.29 13.89
CA THR N 245 -90.17 -16.02 13.82
C THR N 245 -90.63 -14.97 14.85
N SER N 246 -89.86 -14.81 15.91
CA SER N 246 -90.19 -13.84 16.96
C SER N 246 -89.84 -12.43 16.50
N ALA N 247 -90.81 -11.74 15.92
CA ALA N 247 -90.62 -10.39 15.40
C ALA N 247 -89.82 -9.51 16.36
N VAL N 248 -88.50 -9.46 16.16
CA VAL N 248 -87.61 -8.66 16.99
C VAL N 248 -87.70 -7.18 16.62
N SER N 249 -87.79 -6.30 17.61
CA SER N 249 -87.88 -4.87 17.39
C SER N 249 -86.50 -4.22 17.49
N LEU N 250 -86.36 -3.02 16.91
CA LEU N 250 -85.10 -2.30 16.91
C LEU N 250 -84.90 -1.38 18.12
N GLY N 251 -86.00 -0.85 18.65
CA GLY N 251 -85.91 0.03 19.79
C GLY N 251 -85.40 1.40 19.35
N LEU N 252 -85.70 1.74 18.10
CA LEU N 252 -85.29 3.01 17.53
C LEU N 252 -86.04 4.17 18.17
N THR N 253 -85.29 5.17 18.62
CA THR N 253 -85.89 6.35 19.25
C THR N 253 -85.45 7.61 18.51
N ALA N 254 -86.09 7.88 17.37
CA ALA N 254 -85.77 9.06 16.56
C ALA N 254 -85.85 10.32 17.41
N ASN N 255 -84.68 10.87 17.76
CA ASN N 255 -84.61 12.07 18.58
C ASN N 255 -84.10 13.28 17.80
N TYR N 256 -84.19 14.45 18.43
CA TYR N 256 -83.75 15.71 17.81
C TYR N 256 -82.23 15.83 17.76
N ALA N 257 -81.73 16.29 16.62
CA ALA N 257 -80.29 16.46 16.42
C ALA N 257 -79.88 17.92 16.21
N ARG N 258 -79.46 18.56 17.28
CA ARG N 258 -79.03 19.96 17.24
C ARG N 258 -77.58 19.98 16.76
N THR N 259 -77.27 20.89 15.83
CA THR N 259 -75.92 20.97 15.27
C THR N 259 -75.06 22.10 15.86
N GLY N 260 -74.80 23.12 15.05
CA GLY N 260 -73.98 24.23 15.50
C GLY N 260 -74.45 24.87 16.80
N GLY N 261 -75.60 25.55 16.75
CA GLY N 261 -76.13 26.19 17.94
C GLY N 261 -77.58 26.62 17.79
N GLN N 262 -77.84 27.41 16.76
CA GLN N 262 -79.20 27.89 16.48
C GLN N 262 -80.17 26.74 16.29
N VAL N 263 -81.45 26.99 16.60
CA VAL N 263 -82.50 25.99 16.45
C VAL N 263 -83.77 26.71 15.99
N THR N 264 -83.65 27.41 14.86
CA THR N 264 -84.75 28.19 14.28
C THR N 264 -86.02 27.36 14.06
N ALA N 265 -87.02 27.99 13.44
CA ALA N 265 -88.30 27.33 13.15
C ALA N 265 -88.35 26.83 11.72
N GLY N 266 -89.04 25.70 11.52
CA GLY N 266 -89.15 25.14 10.18
C GLY N 266 -89.75 23.74 10.20
N ASN N 267 -89.11 22.83 9.48
CA ASN N 267 -89.57 21.44 9.39
C ASN N 267 -88.54 20.43 9.89
N VAL N 268 -89.01 19.38 10.52
CA VAL N 268 -88.14 18.31 11.03
C VAL N 268 -88.39 17.10 10.12
N GLN N 269 -88.03 17.24 8.84
CA GLN N 269 -88.25 16.18 7.86
C GLN N 269 -86.93 15.60 7.32
N SER N 270 -86.76 14.30 7.50
CA SER N 270 -85.56 13.60 7.03
C SER N 270 -85.92 12.25 6.41
N ILE N 271 -84.97 11.68 5.68
CA ILE N 271 -85.16 10.39 5.01
C ILE N 271 -83.95 9.49 5.26
N ILE N 272 -83.95 8.81 6.40
CA ILE N 272 -82.86 7.91 6.78
C ILE N 272 -83.08 6.50 6.23
N GLY N 273 -82.48 6.21 5.08
CA GLY N 273 -82.64 4.90 4.47
C GLY N 273 -82.02 3.78 5.29
N VAL N 274 -82.78 3.28 6.26
CA VAL N 274 -82.29 2.20 7.12
C VAL N 274 -82.05 0.94 6.32
N THR N 275 -80.84 0.80 5.78
CA THR N 275 -80.48 -0.36 4.97
C THR N 275 -80.15 -1.58 5.84
N PHE N 276 -80.51 -2.75 5.32
CA PHE N 276 -80.26 -4.02 5.99
C PHE N 276 -79.22 -4.83 5.20
N VAL N 277 -78.33 -5.51 5.91
CA VAL N 277 -77.30 -6.31 5.27
C VAL N 277 -77.53 -7.78 5.60
N TYR N 278 -77.50 -8.63 4.57
CA TYR N 278 -77.71 -10.05 4.78
C TYR N 278 -76.43 -10.85 4.75
N GLN N 279 -76.34 -11.81 5.67
CA GLN N 279 -75.18 -12.68 5.79
C GLN N 279 -75.34 -13.93 4.94
N GLY O 1 -64.29 -78.43 6.97
CA GLY O 1 -63.94 -79.19 8.20
C GLY O 1 -62.59 -78.78 8.77
N VAL O 2 -62.17 -77.57 8.48
CA VAL O 2 -60.89 -77.05 8.96
C VAL O 2 -60.86 -76.98 10.50
N ALA O 3 -59.66 -77.08 11.07
CA ALA O 3 -59.49 -77.03 12.52
C ALA O 3 -58.05 -76.68 12.89
N LEU O 4 -57.87 -75.71 13.78
CA LEU O 4 -56.55 -75.28 14.21
C LEU O 4 -55.87 -76.27 15.13
N GLY O 5 -54.55 -76.37 14.99
CA GLY O 5 -53.78 -77.28 15.81
C GLY O 5 -53.74 -76.86 17.27
N ALA O 6 -54.10 -75.61 17.55
CA ALA O 6 -54.09 -75.12 18.92
C ALA O 6 -55.29 -74.28 19.30
N THR O 7 -55.56 -74.26 20.62
CA THR O 7 -56.68 -73.51 21.18
C THR O 7 -56.19 -72.14 21.67
N ARG O 8 -54.88 -71.96 21.68
CA ARG O 8 -54.28 -70.71 22.12
C ARG O 8 -52.82 -70.65 21.67
N VAL O 9 -52.26 -69.44 21.63
CA VAL O 9 -50.87 -69.24 21.22
C VAL O 9 -50.14 -68.29 22.18
N ILE O 10 -48.92 -68.64 22.54
CA ILE O 10 -48.09 -67.82 23.42
C ILE O 10 -46.95 -67.25 22.59
N TYR O 11 -46.93 -65.93 22.44
CA TYR O 11 -45.89 -65.28 21.65
C TYR O 11 -44.77 -64.73 22.53
N PRO O 12 -43.70 -65.52 22.71
CA PRO O 12 -42.57 -65.06 23.55
C PRO O 12 -42.04 -63.74 23.02
N ALA O 13 -41.90 -62.76 23.91
CA ALA O 13 -41.39 -61.46 23.52
C ALA O 13 -39.95 -61.64 23.03
N GLY O 14 -39.71 -61.29 21.77
CA GLY O 14 -38.39 -61.43 21.20
C GLY O 14 -38.39 -62.41 20.04
N GLN O 15 -39.30 -63.38 20.09
CA GLN O 15 -39.42 -64.39 19.04
C GLN O 15 -39.67 -63.72 17.69
N LYS O 16 -38.92 -64.13 16.68
CA LYS O 16 -39.08 -63.57 15.35
C LYS O 16 -40.43 -63.99 14.79
N GLN O 17 -40.84 -65.21 15.12
CA GLN O 17 -42.11 -65.75 14.65
C GLN O 17 -42.54 -67.04 15.34
N VAL O 18 -43.84 -67.17 15.56
CA VAL O 18 -44.44 -68.35 16.18
C VAL O 18 -45.36 -68.96 15.12
N GLN O 19 -45.34 -70.28 14.97
CA GLN O 19 -46.18 -70.92 13.96
C GLN O 19 -47.22 -71.90 14.47
N LEU O 20 -48.42 -71.80 13.91
CA LEU O 20 -49.54 -72.67 14.28
C LEU O 20 -49.79 -73.66 13.13
N ALA O 21 -50.62 -74.67 13.40
CA ALA O 21 -50.91 -75.69 12.39
C ALA O 21 -52.36 -75.68 11.92
N VAL O 22 -52.56 -75.73 10.60
CA VAL O 22 -53.90 -75.74 10.02
C VAL O 22 -54.14 -77.07 9.30
N THR O 23 -55.25 -77.73 9.62
CA THR O 23 -55.58 -79.01 9.01
C THR O 23 -57.00 -79.08 8.44
N ASN O 24 -57.10 -79.25 7.12
CA ASN O 24 -58.39 -79.34 6.45
C ASN O 24 -58.88 -80.79 6.41
N ASN O 25 -59.93 -81.07 7.17
CA ASN O 25 -60.50 -82.42 7.23
C ASN O 25 -61.25 -82.84 5.98
N ASP O 26 -62.28 -82.10 5.62
CA ASP O 26 -63.09 -82.42 4.45
C ASP O 26 -62.22 -82.92 3.30
N GLU O 27 -62.19 -84.24 3.16
CA GLU O 27 -61.41 -84.90 2.11
C GLU O 27 -61.57 -84.29 0.73
N ASN O 28 -62.63 -83.53 0.53
CA ASN O 28 -62.86 -82.92 -0.77
C ASN O 28 -63.61 -81.59 -0.71
N SER O 29 -62.86 -80.51 -0.91
CA SER O 29 -63.38 -79.15 -0.90
C SER O 29 -62.23 -78.20 -0.59
N THR O 30 -61.95 -77.29 -1.51
CA THR O 30 -60.87 -76.33 -1.33
C THR O 30 -61.34 -75.17 -0.47
N TYR O 31 -60.41 -74.60 0.31
CA TYR O 31 -60.72 -73.48 1.20
C TYR O 31 -59.67 -72.37 1.15
N LEU O 32 -60.12 -71.12 1.23
CA LEU O 32 -59.23 -69.97 1.24
C LEU O 32 -58.97 -69.54 2.67
N ILE O 33 -57.83 -69.98 3.21
CA ILE O 33 -57.47 -69.64 4.58
C ILE O 33 -57.03 -68.18 4.66
N GLN O 34 -57.78 -67.40 5.43
CA GLN O 34 -57.46 -65.99 5.59
C GLN O 34 -57.33 -65.70 7.09
N SER O 35 -56.10 -65.42 7.52
CA SER O 35 -55.85 -65.15 8.93
C SER O 35 -55.51 -63.68 9.21
N TRP O 36 -55.53 -63.33 10.50
CA TRP O 36 -55.22 -61.97 10.92
C TRP O 36 -55.29 -61.90 12.45
N VAL O 37 -54.58 -60.92 13.03
CA VAL O 37 -54.56 -60.75 14.47
C VAL O 37 -55.07 -59.39 14.96
N GLU O 38 -56.18 -59.44 15.67
CA GLU O 38 -56.80 -58.24 16.24
C GLU O 38 -56.26 -58.09 17.65
N ASN O 39 -56.39 -56.90 18.23
CA ASN O 39 -55.90 -56.68 19.58
C ASN O 39 -57.00 -56.96 20.61
N ALA O 40 -56.71 -56.59 21.85
CA ALA O 40 -57.65 -56.80 22.95
C ALA O 40 -59.03 -56.22 22.64
N ASP O 41 -59.05 -55.00 22.08
CA ASP O 41 -60.29 -54.34 21.74
C ASP O 41 -60.84 -54.83 20.40
N GLY O 42 -60.45 -56.05 20.03
CA GLY O 42 -60.91 -56.62 18.77
C GLY O 42 -60.54 -55.82 17.54
N VAL O 43 -59.98 -54.64 17.72
CA VAL O 43 -59.59 -53.81 16.60
C VAL O 43 -58.33 -54.33 15.91
N LYS O 44 -58.43 -54.58 14.60
CA LYS O 44 -57.30 -55.07 13.84
C LYS O 44 -56.21 -53.99 13.79
N ASP O 45 -54.98 -54.43 14.02
CA ASP O 45 -53.83 -53.52 14.01
C ASP O 45 -52.62 -54.24 13.44
N GLY O 46 -51.58 -53.48 13.13
CA GLY O 46 -50.39 -54.09 12.57
C GLY O 46 -49.62 -54.91 13.59
N ARG O 47 -49.98 -54.75 14.87
CA ARG O 47 -49.33 -55.48 15.97
C ARG O 47 -48.81 -56.88 15.65
N PHE O 48 -49.68 -57.75 15.14
CA PHE O 48 -49.27 -59.11 14.80
C PHE O 48 -49.69 -59.48 13.38
N ILE O 49 -48.74 -59.99 12.60
CA ILE O 49 -49.01 -60.38 11.21
C ILE O 49 -48.78 -61.86 10.96
N VAL O 50 -49.84 -62.58 10.59
CA VAL O 50 -49.76 -64.00 10.31
C VAL O 50 -49.40 -64.22 8.84
N THR O 51 -48.80 -65.37 8.55
CA THR O 51 -48.39 -65.71 7.18
C THR O 51 -48.44 -67.21 6.90
N PRO O 52 -48.90 -67.60 5.70
CA PRO O 52 -49.37 -66.74 4.61
C PRO O 52 -50.75 -66.13 4.88
N PRO O 53 -50.94 -64.87 4.45
CA PRO O 53 -52.19 -64.11 4.63
C PRO O 53 -53.37 -64.62 3.80
N LEU O 54 -53.06 -65.46 2.80
CA LEU O 54 -54.09 -66.02 1.93
C LEU O 54 -53.52 -67.17 1.12
N PHE O 55 -54.18 -68.32 1.20
CA PHE O 55 -53.75 -69.51 0.47
C PHE O 55 -54.88 -70.54 0.48
N ALA O 56 -54.70 -71.63 -0.26
CA ALA O 56 -55.73 -72.65 -0.33
C ALA O 56 -55.29 -74.04 0.11
N MET O 57 -56.17 -74.73 0.83
CA MET O 57 -55.91 -76.09 1.30
C MET O 57 -56.87 -77.04 0.62
N LYS O 58 -56.41 -77.66 -0.46
CA LYS O 58 -57.25 -78.58 -1.22
C LYS O 58 -57.32 -79.95 -0.54
N GLY O 59 -58.52 -80.52 -0.47
CA GLY O 59 -58.72 -81.82 0.14
C GLY O 59 -58.01 -81.96 1.48
N LYS O 60 -57.77 -83.20 1.90
CA LYS O 60 -57.09 -83.43 3.18
C LYS O 60 -55.63 -83.03 3.10
N LYS O 61 -55.31 -81.84 3.59
CA LYS O 61 -53.93 -81.36 3.59
C LYS O 61 -53.51 -81.02 5.01
N GLU O 62 -52.57 -80.09 5.14
CA GLU O 62 -52.08 -79.68 6.46
C GLU O 62 -50.91 -78.71 6.29
N ASN O 63 -51.19 -77.42 6.45
CA ASN O 63 -50.18 -76.38 6.30
C ASN O 63 -49.86 -75.71 7.63
N THR O 64 -48.84 -74.86 7.63
CA THR O 64 -48.41 -74.15 8.84
C THR O 64 -48.51 -72.63 8.69
N LEU O 65 -49.10 -71.97 9.68
CA LEU O 65 -49.24 -70.52 9.69
C LEU O 65 -48.09 -69.93 10.50
N ARG O 66 -47.62 -68.75 10.12
CA ARG O 66 -46.51 -68.11 10.83
C ARG O 66 -46.84 -66.71 11.35
N ILE O 67 -46.92 -66.60 12.68
CA ILE O 67 -47.23 -65.34 13.35
C ILE O 67 -45.98 -64.48 13.47
N LEU O 68 -45.95 -63.35 12.77
CA LEU O 68 -44.80 -62.47 12.79
C LEU O 68 -45.03 -61.28 13.72
N ASP O 69 -44.00 -60.96 14.51
CA ASP O 69 -44.08 -59.86 15.46
C ASP O 69 -43.78 -58.52 14.78
N ALA O 70 -44.83 -57.76 14.50
CA ALA O 70 -44.70 -56.46 13.85
C ALA O 70 -44.57 -55.36 14.91
N THR O 71 -45.24 -55.54 16.05
CA THR O 71 -45.15 -54.57 17.13
C THR O 71 -43.69 -54.53 17.61
N ASN O 72 -43.02 -53.42 17.31
CA ASN O 72 -41.62 -53.25 17.69
C ASN O 72 -41.39 -53.12 19.19
N ASN O 73 -41.86 -54.12 19.95
CA ASN O 73 -41.69 -54.13 21.39
C ASN O 73 -42.38 -52.91 22.00
N GLN O 74 -43.50 -52.51 21.38
CA GLN O 74 -44.26 -51.34 21.82
C GLN O 74 -45.31 -51.71 22.85
N LEU O 75 -45.30 -52.98 23.28
CA LEU O 75 -46.26 -53.47 24.26
C LEU O 75 -45.67 -53.56 25.66
N PRO O 76 -46.53 -53.60 26.69
CA PRO O 76 -46.09 -53.69 28.08
C PRO O 76 -45.15 -54.86 28.27
N GLN O 77 -44.06 -54.64 29.02
CA GLN O 77 -43.08 -55.69 29.25
C GLN O 77 -43.09 -56.16 30.70
N ASP O 78 -44.22 -55.98 31.37
CA ASP O 78 -44.39 -56.40 32.77
C ASP O 78 -45.56 -57.37 32.94
N ARG O 79 -46.22 -57.70 31.84
CA ARG O 79 -47.37 -58.61 31.86
C ARG O 79 -47.67 -59.06 30.43
N GLU O 80 -48.70 -59.87 30.26
CA GLU O 80 -49.07 -60.33 28.92
C GLU O 80 -50.10 -59.40 28.30
N SER O 81 -49.96 -59.13 27.01
CA SER O 81 -50.90 -58.29 26.29
C SER O 81 -51.78 -59.25 25.48
N LEU O 82 -53.07 -59.27 25.80
CA LEU O 82 -54.01 -60.16 25.12
C LEU O 82 -54.40 -59.67 23.73
N PHE O 83 -54.29 -60.58 22.77
CA PHE O 83 -54.65 -60.36 21.38
C PHE O 83 -55.52 -61.53 20.98
N TRP O 84 -55.92 -61.59 19.71
CA TRP O 84 -56.75 -62.69 19.25
C TRP O 84 -56.38 -63.14 17.85
N MET O 85 -56.22 -64.46 17.70
CA MET O 85 -55.87 -65.05 16.43
C MET O 85 -57.11 -65.60 15.72
N ASN O 86 -57.33 -65.14 14.49
CA ASN O 86 -58.49 -65.59 13.72
C ASN O 86 -58.08 -66.21 12.39
N VAL O 87 -58.66 -67.37 12.10
CA VAL O 87 -58.40 -68.10 10.86
C VAL O 87 -59.73 -68.34 10.16
N LYS O 88 -59.92 -67.68 9.02
CA LYS O 88 -61.16 -67.80 8.25
C LYS O 88 -61.09 -68.83 7.14
N ALA O 89 -62.07 -69.73 7.13
CA ALA O 89 -62.16 -70.78 6.12
C ALA O 89 -63.18 -70.39 5.05
N ILE O 90 -62.67 -69.97 3.89
CA ILE O 90 -63.53 -69.56 2.79
C ILE O 90 -63.74 -70.67 1.77
N PRO O 91 -65.00 -71.09 1.56
CA PRO O 91 -65.29 -72.16 0.61
C PRO O 91 -65.19 -71.67 -0.83
N SER O 92 -66.01 -72.24 -1.72
CA SER O 92 -66.00 -71.86 -3.13
C SER O 92 -67.41 -71.53 -3.60
N MET O 93 -67.52 -70.63 -4.58
CA MET O 93 -68.82 -70.25 -5.10
C MET O 93 -69.32 -71.38 -6.00
N ASP O 94 -70.53 -71.86 -5.72
CA ASP O 94 -71.11 -72.95 -6.50
C ASP O 94 -71.68 -72.47 -7.83
N LYS O 95 -71.04 -72.85 -8.93
CA LYS O 95 -71.52 -72.47 -10.25
C LYS O 95 -72.73 -73.34 -10.60
N SER O 96 -73.09 -74.22 -9.66
CA SER O 96 -74.21 -75.14 -9.82
C SER O 96 -75.46 -74.63 -9.08
N LYS O 97 -75.28 -73.65 -8.22
CA LYS O 97 -76.39 -73.07 -7.47
C LYS O 97 -76.47 -71.58 -7.79
N LEU O 98 -75.71 -71.16 -8.79
CA LEU O 98 -75.68 -69.77 -9.24
C LEU O 98 -77.07 -69.18 -9.50
N THR O 99 -77.96 -70.00 -10.05
CA THR O 99 -79.31 -69.54 -10.35
C THR O 99 -80.28 -69.90 -9.23
N GLU O 100 -79.81 -69.81 -7.98
CA GLU O 100 -80.65 -70.15 -6.84
C GLU O 100 -80.42 -69.30 -5.59
N ASN O 101 -81.24 -69.59 -4.56
CA ASN O 101 -81.18 -68.91 -3.27
C ASN O 101 -80.41 -69.76 -2.27
N THR O 102 -79.10 -69.53 -2.19
CA THR O 102 -78.26 -70.30 -1.28
C THR O 102 -77.69 -69.50 -0.12
N LEU O 103 -77.15 -70.23 0.86
CA LEU O 103 -76.54 -69.66 2.05
C LEU O 103 -75.20 -70.33 2.34
N GLN O 104 -74.11 -69.57 2.20
CA GLN O 104 -72.78 -70.10 2.46
C GLN O 104 -72.16 -69.54 3.75
N LEU O 105 -71.55 -70.43 4.52
CA LEU O 105 -70.93 -70.05 5.77
C LEU O 105 -69.40 -70.15 5.71
N ALA O 106 -68.73 -69.22 6.36
CA ALA O 106 -67.28 -69.20 6.40
C ALA O 106 -66.86 -69.36 7.86
N ILE O 107 -66.80 -70.61 8.33
CA ILE O 107 -66.41 -70.90 9.70
C ILE O 107 -65.06 -70.31 10.04
N ILE O 108 -64.98 -69.61 11.16
CA ILE O 108 -63.75 -68.98 11.60
C ILE O 108 -63.40 -69.44 13.01
N SER O 109 -62.10 -69.53 13.28
CA SER O 109 -61.64 -69.94 14.60
C SER O 109 -60.86 -68.81 15.28
N ARG O 110 -61.24 -68.52 16.51
CA ARG O 110 -60.59 -67.46 17.28
C ARG O 110 -60.04 -68.03 18.59
N ILE O 111 -58.73 -67.86 18.78
CA ILE O 111 -58.07 -68.33 19.98
C ILE O 111 -57.15 -67.27 20.56
N LYS O 112 -56.99 -67.29 21.87
CA LYS O 112 -56.16 -66.33 22.58
C LYS O 112 -54.68 -66.42 22.21
N LEU O 113 -54.05 -65.25 22.09
CA LEU O 113 -52.64 -65.15 21.76
C LEU O 113 -52.01 -64.19 22.77
N TYR O 114 -51.19 -64.73 23.67
CA TYR O 114 -50.57 -63.91 24.71
C TYR O 114 -49.15 -63.44 24.44
N TYR O 115 -48.97 -62.13 24.48
CA TYR O 115 -47.64 -61.55 24.29
C TYR O 115 -47.00 -61.58 25.67
N ARG O 116 -46.41 -62.71 26.01
CA ARG O 116 -45.76 -62.90 27.31
C ARG O 116 -44.30 -62.46 27.29
N PRO O 117 -43.99 -61.30 27.87
CA PRO O 117 -42.62 -60.76 27.92
C PRO O 117 -41.63 -61.77 28.48
N ALA O 118 -40.77 -62.29 27.61
CA ALA O 118 -39.77 -63.26 28.03
C ALA O 118 -38.77 -62.57 28.95
N LYS O 119 -39.20 -62.35 30.20
CA LYS O 119 -38.38 -61.69 31.21
C LYS O 119 -39.17 -61.61 32.52
N LEU O 120 -40.22 -62.44 32.62
CA LEU O 120 -41.10 -62.46 33.80
C LEU O 120 -40.58 -63.37 34.91
N ALA O 121 -40.72 -62.91 36.14
CA ALA O 121 -40.28 -63.65 37.32
C ALA O 121 -41.17 -64.88 37.55
N LEU O 122 -42.27 -64.66 38.27
CA LEU O 122 -43.21 -65.74 38.58
C LEU O 122 -43.50 -66.60 37.36
N PRO O 123 -42.99 -67.84 37.34
CA PRO O 123 -43.23 -68.74 36.20
C PRO O 123 -44.74 -68.97 35.99
N PRO O 124 -45.17 -69.12 34.71
CA PRO O 124 -46.57 -69.34 34.37
C PRO O 124 -47.34 -70.37 35.21
N ASP O 125 -46.69 -71.50 35.48
CA ASP O 125 -47.31 -72.58 36.25
C ASP O 125 -47.67 -72.19 37.68
N GLN O 126 -46.89 -71.29 38.28
CA GLN O 126 -47.11 -70.84 39.65
C GLN O 126 -48.02 -69.60 39.70
N ALA O 127 -48.93 -69.51 38.74
CA ALA O 127 -49.83 -68.36 38.66
C ALA O 127 -51.25 -68.63 39.21
N ALA O 128 -51.81 -69.79 38.90
CA ALA O 128 -53.16 -70.13 39.34
C ALA O 128 -53.38 -70.11 40.86
N GLU O 129 -52.32 -70.33 41.63
CA GLU O 129 -52.43 -70.33 43.09
C GLU O 129 -52.60 -68.89 43.60
N LYS O 130 -51.85 -67.98 42.97
CA LYS O 130 -51.86 -66.57 43.33
C LYS O 130 -53.24 -65.92 43.16
N LEU O 131 -54.22 -66.72 42.76
CA LEU O 131 -55.57 -66.21 42.56
C LEU O 131 -56.34 -66.15 43.87
N ARG O 132 -56.57 -64.93 44.35
CA ARG O 132 -57.31 -64.70 45.59
C ARG O 132 -58.71 -64.26 45.15
N PHE O 133 -59.57 -63.90 46.10
CA PHE O 133 -60.93 -63.49 45.74
C PHE O 133 -61.49 -62.31 46.54
N ARG O 134 -62.81 -62.24 46.57
CA ARG O 134 -63.57 -61.21 47.28
C ARG O 134 -65.02 -61.62 47.10
N ARG O 135 -65.43 -62.59 47.90
CA ARG O 135 -66.79 -63.12 47.81
C ARG O 135 -67.85 -62.37 48.62
N SER O 136 -68.80 -61.78 47.90
CA SER O 136 -69.90 -61.04 48.52
C SER O 136 -71.14 -61.94 48.57
N ALA O 137 -72.28 -61.40 48.18
CA ALA O 137 -73.53 -62.15 48.15
C ALA O 137 -74.07 -62.06 46.74
N ASN O 138 -73.37 -61.27 45.92
CA ASN O 138 -73.73 -61.07 44.51
C ASN O 138 -72.58 -60.43 43.72
N SER O 139 -71.49 -60.10 44.39
CA SER O 139 -70.36 -59.47 43.72
C SER O 139 -69.00 -60.13 44.01
N LEU O 140 -68.88 -61.41 43.67
CA LEU O 140 -67.63 -62.13 43.88
C LEU O 140 -66.58 -61.50 42.96
N THR O 141 -65.41 -61.20 43.50
CA THR O 141 -64.37 -60.56 42.71
C THR O 141 -63.12 -61.41 42.50
N LEU O 142 -62.96 -61.90 41.28
CA LEU O 142 -61.79 -62.70 40.91
C LEU O 142 -60.62 -61.73 40.79
N ILE O 143 -59.55 -61.97 41.54
CA ILE O 143 -58.40 -61.10 41.52
C ILE O 143 -57.07 -61.83 41.24
N ASN O 144 -56.37 -61.38 40.21
CA ASN O 144 -55.10 -61.97 39.82
C ASN O 144 -53.97 -60.94 39.84
N PRO O 145 -52.99 -61.14 40.73
CA PRO O 145 -51.82 -60.26 40.88
C PRO O 145 -50.62 -60.68 40.02
N THR O 146 -50.78 -61.77 39.26
CA THR O 146 -49.70 -62.24 38.42
C THR O 146 -49.77 -61.51 37.07
N PRO O 147 -48.69 -61.56 36.29
CA PRO O 147 -48.66 -60.89 34.98
C PRO O 147 -49.30 -61.70 33.84
N TYR O 148 -50.07 -62.73 34.20
CA TYR O 148 -50.72 -63.58 33.19
C TYR O 148 -52.24 -63.55 33.24
N TYR O 149 -52.88 -63.72 32.08
CA TYR O 149 -54.34 -63.76 32.00
C TYR O 149 -54.77 -65.15 32.44
N LEU O 150 -55.30 -65.25 33.65
CA LEU O 150 -55.74 -66.54 34.17
C LEU O 150 -57.12 -66.90 33.62
N THR O 151 -57.17 -67.95 32.81
CA THR O 151 -58.44 -68.39 32.23
C THR O 151 -59.18 -69.27 33.24
N VAL O 152 -59.86 -68.64 34.20
CA VAL O 152 -60.62 -69.35 35.23
C VAL O 152 -61.87 -70.04 34.71
N THR O 153 -61.96 -71.34 34.98
CA THR O 153 -63.10 -72.13 34.53
C THR O 153 -63.60 -73.05 35.65
N GLU O 154 -64.77 -73.63 35.44
CA GLU O 154 -65.41 -74.52 36.39
C GLU O 154 -65.43 -73.90 37.79
N LEU O 155 -65.71 -72.60 37.84
CA LEU O 155 -65.77 -71.86 39.09
C LEU O 155 -67.02 -72.29 39.87
N ASN O 156 -66.88 -72.48 41.17
CA ASN O 156 -68.00 -72.90 42.00
C ASN O 156 -68.02 -72.24 43.37
N ALA O 157 -69.18 -71.75 43.78
CA ALA O 157 -69.34 -71.11 45.09
C ALA O 157 -69.35 -72.22 46.13
N GLY O 158 -68.60 -73.28 45.82
CA GLY O 158 -68.52 -74.43 46.70
C GLY O 158 -69.37 -75.54 46.11
N THR O 159 -70.67 -75.29 46.03
CA THR O 159 -71.63 -76.25 45.48
C THR O 159 -72.32 -75.63 44.28
N ARG O 160 -72.54 -74.32 44.35
CA ARG O 160 -73.20 -73.59 43.28
C ARG O 160 -72.23 -73.25 42.16
N VAL O 161 -72.46 -73.84 40.98
CA VAL O 161 -71.61 -73.61 39.81
C VAL O 161 -71.82 -72.22 39.20
N LEU O 162 -70.71 -71.56 38.90
CA LEU O 162 -70.76 -70.22 38.32
C LEU O 162 -70.41 -70.23 36.84
N GLU O 163 -69.96 -69.08 36.34
CA GLU O 163 -69.59 -68.94 34.95
C GLU O 163 -68.11 -68.59 34.81
N ASN O 164 -67.49 -69.10 33.74
CA ASN O 164 -66.07 -68.88 33.47
C ASN O 164 -65.69 -67.40 33.52
N ALA O 165 -64.39 -67.13 33.49
CA ALA O 165 -63.89 -65.77 33.54
C ALA O 165 -62.46 -65.67 33.02
N LEU O 166 -62.06 -64.45 32.62
CA LEU O 166 -60.72 -64.22 32.10
C LEU O 166 -60.05 -63.06 32.86
N VAL O 167 -59.50 -63.36 34.03
CA VAL O 167 -58.84 -62.35 34.86
C VAL O 167 -57.55 -61.87 34.22
N PRO O 168 -57.50 -60.58 33.86
CA PRO O 168 -56.32 -59.96 33.23
C PRO O 168 -55.11 -59.86 34.15
N PRO O 169 -53.90 -59.66 33.59
CA PRO O 169 -52.64 -59.55 34.33
C PRO O 169 -52.70 -58.36 35.29
N MET O 170 -52.42 -58.64 36.57
CA MET O 170 -52.45 -57.59 37.58
C MET O 170 -53.80 -56.89 37.58
N GLY O 171 -54.84 -57.67 37.31
CA GLY O 171 -56.18 -57.13 37.27
C GLY O 171 -57.15 -58.01 38.04
N GLU O 172 -58.44 -57.74 37.87
CA GLU O 172 -59.47 -58.51 38.55
C GLU O 172 -60.76 -58.52 37.73
N SER O 173 -61.65 -59.44 38.06
CA SER O 173 -62.92 -59.57 37.35
C SER O 173 -63.98 -60.16 38.26
N THR O 174 -65.14 -59.52 38.32
CA THR O 174 -66.23 -59.98 39.18
C THR O 174 -67.29 -60.81 38.46
N VAL O 175 -67.54 -62.01 38.99
CA VAL O 175 -68.55 -62.90 38.44
C VAL O 175 -69.75 -62.88 39.37
N LYS O 176 -70.94 -63.05 38.79
CA LYS O 176 -72.18 -63.01 39.54
C LYS O 176 -72.25 -64.03 40.69
N LEU O 177 -72.13 -63.55 41.93
CA LEU O 177 -72.21 -64.41 43.09
C LEU O 177 -73.68 -64.67 43.36
N PRO O 178 -74.13 -65.90 43.08
CA PRO O 178 -75.50 -66.41 43.21
C PRO O 178 -76.18 -66.32 44.57
N SER O 179 -75.39 -66.18 45.63
CA SER O 179 -75.94 -66.12 46.99
C SER O 179 -76.36 -67.51 47.46
N ASP O 180 -76.05 -68.50 46.62
CA ASP O 180 -76.31 -69.93 46.89
C ASP O 180 -74.87 -70.35 47.15
N ALA O 181 -74.19 -69.41 47.78
CA ALA O 181 -72.78 -69.41 48.14
C ALA O 181 -72.23 -70.51 49.05
N GLY O 182 -71.38 -70.07 49.96
CA GLY O 182 -70.69 -70.93 50.92
C GLY O 182 -69.44 -70.17 51.31
N SER O 183 -68.36 -70.45 50.58
CA SER O 183 -67.05 -69.84 50.77
C SER O 183 -66.03 -70.85 50.30
N ASN O 184 -66.50 -72.06 50.03
CA ASN O 184 -65.64 -73.14 49.55
C ASN O 184 -65.31 -72.90 48.09
N ILE O 185 -64.99 -71.66 47.75
CA ILE O 185 -64.65 -71.32 46.38
C ILE O 185 -63.66 -72.32 45.79
N THR O 186 -63.97 -72.82 44.61
CA THR O 186 -63.12 -73.80 43.91
C THR O 186 -62.98 -73.38 42.45
N TYR O 187 -61.87 -73.76 41.82
CA TYR O 187 -61.67 -73.37 40.42
C TYR O 187 -60.57 -74.12 39.68
N ARG O 188 -60.73 -74.19 38.37
CA ARG O 188 -59.77 -74.84 37.49
C ARG O 188 -59.44 -73.83 36.40
N THR O 189 -58.21 -73.87 35.88
CA THR O 189 -57.80 -72.94 34.84
C THR O 189 -57.27 -73.65 33.60
N ILE O 190 -56.95 -72.86 32.58
CA ILE O 190 -56.44 -73.39 31.31
C ILE O 190 -55.04 -72.85 31.06
N ASN O 191 -54.06 -73.74 31.04
CA ASN O 191 -52.68 -73.34 30.80
C ASN O 191 -52.37 -73.08 29.34
N ASP O 192 -51.08 -72.98 29.03
CA ASP O 192 -50.58 -72.69 27.69
C ASP O 192 -50.90 -73.71 26.59
N TYR O 193 -51.09 -74.96 26.98
CA TYR O 193 -51.37 -76.00 25.99
C TYR O 193 -52.86 -76.28 25.86
N GLY O 194 -53.66 -75.60 26.68
CA GLY O 194 -55.09 -75.78 26.65
C GLY O 194 -55.52 -76.91 27.57
N ALA O 195 -54.82 -77.03 28.71
CA ALA O 195 -55.12 -78.08 29.66
C ALA O 195 -55.54 -77.55 31.03
N LEU O 196 -56.60 -78.12 31.58
CA LEU O 196 -57.13 -77.73 32.88
C LEU O 196 -56.13 -77.98 34.00
N THR O 197 -55.75 -76.91 34.70
CA THR O 197 -54.81 -77.06 35.81
C THR O 197 -55.57 -77.78 36.93
N PRO O 198 -54.85 -78.28 37.96
CA PRO O 198 -55.53 -78.98 39.06
C PRO O 198 -56.51 -78.13 39.84
N LYS O 199 -57.62 -78.75 40.24
CA LYS O 199 -58.67 -78.07 41.00
C LYS O 199 -58.14 -77.59 42.34
N MET O 200 -58.20 -76.28 42.57
CA MET O 200 -57.73 -75.69 43.81
C MET O 200 -58.85 -74.97 44.56
N THR O 201 -58.53 -74.38 45.71
CA THR O 201 -59.54 -73.70 46.51
C THR O 201 -59.44 -72.17 46.44
N GLY O 202 -60.59 -71.53 46.61
CA GLY O 202 -60.66 -70.08 46.57
C GLY O 202 -60.08 -69.46 47.82
N VAL O 203 -58.99 -68.73 47.65
CA VAL O 203 -58.30 -68.07 48.76
C VAL O 203 -58.69 -66.60 48.87
N MET O 204 -59.90 -66.34 49.36
CA MET O 204 -60.38 -64.98 49.52
C MET O 204 -59.34 -64.11 50.22
N GLU O 205 -59.06 -62.94 49.66
CA GLU O 205 -58.08 -62.03 50.23
C GLU O 205 -58.76 -61.06 51.20
N PHE P 1 -19.21 -109.46 27.79
CA PHE P 1 -20.24 -108.49 27.32
C PHE P 1 -20.93 -107.82 28.51
N ALA P 2 -21.00 -106.50 28.45
CA ALA P 2 -21.65 -105.70 29.49
C ALA P 2 -22.08 -104.36 28.90
N CYS P 3 -22.99 -103.68 29.61
CA CYS P 3 -23.50 -102.39 29.13
C CYS P 3 -23.59 -101.39 30.29
N LYS P 4 -23.86 -100.13 29.94
CA LYS P 4 -23.99 -99.07 30.94
C LYS P 4 -24.73 -97.87 30.39
N THR P 5 -25.44 -97.16 31.28
CA THR P 5 -26.20 -95.98 30.89
C THR P 5 -25.40 -94.70 31.06
N ALA P 6 -25.49 -93.84 30.05
CA ALA P 6 -24.79 -92.57 30.04
C ALA P 6 -25.00 -91.78 31.34
N ASN P 7 -26.03 -92.14 32.10
CA ASN P 7 -26.33 -91.47 33.36
C ASN P 7 -25.60 -92.14 34.51
N GLY P 8 -25.10 -93.34 34.27
CA GLY P 8 -24.39 -94.03 35.32
C GLY P 8 -24.57 -95.53 35.33
N THR P 9 -25.47 -96.01 36.18
CA THR P 9 -25.75 -97.43 36.34
C THR P 9 -25.38 -98.27 35.11
N ALA P 10 -24.75 -99.41 35.38
CA ALA P 10 -24.33 -100.31 34.32
C ALA P 10 -24.86 -101.72 34.54
N ILE P 11 -24.94 -102.49 33.46
CA ILE P 11 -25.42 -103.86 33.55
C ILE P 11 -24.24 -104.79 33.30
N PRO P 12 -23.84 -105.53 34.34
CA PRO P 12 -22.73 -106.48 34.36
C PRO P 12 -22.79 -107.70 33.43
N ILE P 13 -21.70 -108.44 33.42
CA ILE P 13 -21.55 -109.64 32.61
C ILE P 13 -22.56 -110.68 33.08
N GLY P 14 -23.26 -111.30 32.15
CA GLY P 14 -24.23 -112.32 32.53
C GLY P 14 -25.64 -111.82 32.79
N GLY P 15 -25.97 -110.64 32.30
CA GLY P 15 -27.30 -110.11 32.51
C GLY P 15 -27.37 -108.87 33.38
N GLY P 16 -28.58 -108.52 33.79
CA GLY P 16 -28.78 -107.35 34.64
C GLY P 16 -30.10 -106.64 34.40
N SER P 17 -30.19 -105.40 34.85
CA SER P 17 -31.37 -104.58 34.71
C SER P 17 -31.03 -103.14 35.10
N ALA P 18 -31.53 -102.18 34.32
CA ALA P 18 -31.24 -100.78 34.61
C ALA P 18 -32.48 -99.90 34.46
N ASN P 19 -32.25 -98.60 34.35
CA ASN P 19 -33.31 -97.63 34.20
C ASN P 19 -32.79 -96.38 33.50
N VAL P 20 -33.37 -96.04 32.36
CA VAL P 20 -32.95 -94.85 31.64
C VAL P 20 -34.01 -93.77 31.89
N TYR P 21 -33.57 -92.56 32.24
CA TYR P 21 -34.52 -91.47 32.52
C TYR P 21 -34.62 -90.45 31.39
N VAL P 22 -34.38 -90.93 30.17
CA VAL P 22 -34.42 -90.10 28.97
C VAL P 22 -35.39 -88.91 28.99
N ASN P 23 -34.96 -87.83 28.34
CA ASN P 23 -35.77 -86.62 28.25
C ASN P 23 -36.40 -86.66 26.86
N LEU P 24 -37.65 -86.25 26.78
CA LEU P 24 -38.39 -86.26 25.52
C LEU P 24 -38.91 -84.86 25.20
N ALA P 25 -38.93 -84.51 23.91
CA ALA P 25 -39.42 -83.21 23.47
C ALA P 25 -40.72 -82.95 24.24
N PRO P 26 -40.64 -82.18 25.34
CA PRO P 26 -41.76 -81.83 26.22
C PRO P 26 -43.10 -81.56 25.54
N VAL P 27 -43.09 -81.15 24.27
CA VAL P 27 -44.33 -80.87 23.57
C VAL P 27 -44.38 -81.41 22.15
N VAL P 28 -45.16 -82.48 21.98
CA VAL P 28 -45.35 -83.13 20.68
C VAL P 28 -46.83 -83.11 20.35
N ASN P 29 -47.17 -82.68 19.14
CA ASN P 29 -48.57 -82.63 18.73
C ASN P 29 -48.96 -83.85 17.90
N VAL P 30 -50.25 -84.15 17.86
CA VAL P 30 -50.76 -85.29 17.10
C VAL P 30 -50.29 -85.25 15.65
N GLY P 31 -50.20 -86.42 15.02
CA GLY P 31 -49.75 -86.46 13.64
C GLY P 31 -48.23 -86.53 13.60
N GLN P 32 -47.58 -85.57 14.26
CA GLN P 32 -46.13 -85.53 14.30
C GLN P 32 -45.53 -86.80 14.89
N ASN P 33 -44.22 -86.82 15.10
CA ASN P 33 -43.57 -88.02 15.60
C ASN P 33 -42.61 -87.87 16.78
N LEU P 34 -43.02 -88.34 17.95
CA LEU P 34 -42.15 -88.30 19.13
C LEU P 34 -41.02 -89.28 18.82
N VAL P 35 -39.93 -89.21 19.58
CA VAL P 35 -38.78 -90.09 19.36
C VAL P 35 -38.01 -90.36 20.65
N VAL P 36 -37.66 -91.62 20.88
CA VAL P 36 -36.90 -91.97 22.07
C VAL P 36 -35.73 -92.87 21.71
N ASP P 37 -34.70 -92.28 21.11
CA ASP P 37 -33.51 -93.02 20.71
C ASP P 37 -32.59 -93.30 21.92
N LEU P 38 -32.27 -94.57 22.13
CA LEU P 38 -31.42 -94.95 23.24
C LEU P 38 -29.96 -95.22 22.86
N SER P 39 -29.66 -95.13 21.57
CA SER P 39 -28.29 -95.33 21.11
C SER P 39 -27.58 -94.03 21.48
N THR P 40 -27.92 -93.52 22.65
CA THR P 40 -27.38 -92.27 23.15
C THR P 40 -27.80 -92.25 24.61
N GLN P 41 -27.91 -93.44 25.20
CA GLN P 41 -28.30 -93.59 26.59
C GLN P 41 -27.88 -94.97 27.08
N ILE P 42 -27.50 -95.84 26.15
CA ILE P 42 -27.10 -97.21 26.47
C ILE P 42 -26.08 -97.77 25.47
N PHE P 43 -24.95 -98.21 26.00
CA PHE P 43 -23.89 -98.76 25.16
C PHE P 43 -23.31 -100.02 25.78
N CYS P 44 -22.92 -100.96 24.93
CA CYS P 44 -22.33 -102.21 25.40
C CYS P 44 -21.01 -102.39 24.67
N HIS P 45 -20.23 -103.37 25.10
CA HIS P 45 -18.94 -103.64 24.49
C HIS P 45 -18.61 -105.12 24.70
N ASN P 46 -17.76 -105.65 23.84
CA ASN P 46 -17.34 -107.05 23.94
C ASN P 46 -16.20 -107.10 24.95
N ASP P 47 -16.21 -108.08 25.85
CA ASP P 47 -15.14 -108.21 26.84
C ASP P 47 -13.98 -109.08 26.36
N TYR P 48 -14.33 -110.15 25.64
CA TYR P 48 -13.34 -111.08 25.10
C TYR P 48 -13.52 -111.10 23.57
N PRO P 49 -13.24 -109.96 22.91
CA PRO P 49 -13.37 -109.78 21.46
C PRO P 49 -12.45 -110.58 20.54
N GLU P 50 -11.28 -110.97 21.03
CA GLU P 50 -10.34 -111.72 20.20
C GLU P 50 -10.75 -113.16 19.92
N THR P 51 -11.79 -113.64 20.60
CA THR P 51 -12.25 -115.01 20.39
C THR P 51 -13.74 -115.05 20.19
N ILE P 52 -14.46 -114.50 21.17
CA ILE P 52 -15.91 -114.48 21.15
C ILE P 52 -16.52 -113.42 20.24
N THR P 53 -17.72 -113.71 19.76
CA THR P 53 -18.46 -112.80 18.91
C THR P 53 -19.85 -112.67 19.56
N ASP P 54 -20.13 -111.51 20.15
CA ASP P 54 -21.41 -111.28 20.81
C ASP P 54 -22.55 -110.88 19.89
N TYR P 55 -23.70 -111.48 20.15
CA TYR P 55 -24.92 -111.26 19.37
C TYR P 55 -26.00 -110.60 20.22
N VAL P 56 -26.22 -109.32 19.98
CA VAL P 56 -27.22 -108.58 20.72
C VAL P 56 -28.51 -108.46 19.92
N THR P 57 -29.62 -108.65 20.62
CA THR P 57 -30.93 -108.60 20.01
C THR P 57 -31.94 -108.00 20.98
N LEU P 58 -33.01 -107.44 20.42
CA LEU P 58 -34.09 -106.85 21.22
C LEU P 58 -35.20 -107.90 21.31
N GLN P 59 -35.25 -108.59 22.44
CA GLN P 59 -36.25 -109.63 22.68
C GLN P 59 -37.67 -109.11 22.75
N ARG P 60 -37.94 -108.34 23.81
CA ARG P 60 -39.26 -107.80 24.05
C ARG P 60 -39.24 -106.26 24.05
N GLY P 61 -40.43 -105.70 24.01
CA GLY P 61 -40.60 -104.26 24.02
C GLY P 61 -41.99 -104.02 24.54
N SER P 62 -42.08 -103.53 25.78
CA SER P 62 -43.38 -103.28 26.40
C SER P 62 -43.71 -101.77 26.46
N ALA P 63 -44.99 -101.45 26.58
CA ALA P 63 -45.42 -100.06 26.63
C ALA P 63 -46.25 -99.83 27.89
N TYR P 64 -46.10 -98.65 28.50
CA TYR P 64 -46.85 -98.31 29.70
C TYR P 64 -47.29 -96.85 29.64
N GLY P 65 -48.12 -96.48 30.60
CA GLY P 65 -48.61 -95.11 30.66
C GLY P 65 -49.11 -94.50 29.35
N GLY P 66 -48.84 -93.22 29.19
CA GLY P 66 -49.27 -92.51 28.00
C GLY P 66 -48.76 -93.04 26.68
N VAL P 67 -47.71 -93.86 26.70
CA VAL P 67 -47.20 -94.42 25.45
C VAL P 67 -48.10 -95.58 25.02
N LEU P 68 -48.47 -96.40 26.00
CA LEU P 68 -49.33 -97.54 25.78
C LEU P 68 -50.71 -97.13 25.25
N SER P 69 -51.22 -96.03 25.75
CA SER P 69 -52.54 -95.56 25.36
C SER P 69 -52.63 -94.34 24.45
N ASN P 70 -51.64 -93.46 24.49
CA ASN P 70 -51.72 -92.26 23.66
C ASN P 70 -50.94 -92.23 22.36
N PHE P 71 -50.20 -93.29 22.06
CA PHE P 71 -49.44 -93.31 20.82
C PHE P 71 -49.51 -94.61 20.07
N SER P 72 -49.17 -94.52 18.80
CA SER P 72 -49.11 -95.65 17.89
C SER P 72 -47.64 -95.62 17.54
N GLY P 73 -47.06 -96.75 17.15
CA GLY P 73 -45.66 -96.69 16.80
C GLY P 73 -44.89 -97.99 16.69
N THR P 74 -43.60 -97.81 16.44
CA THR P 74 -42.68 -98.92 16.25
C THR P 74 -41.30 -98.62 16.84
N VAL P 75 -40.48 -99.66 16.89
CA VAL P 75 -39.12 -99.54 17.39
C VAL P 75 -38.16 -99.82 16.23
N LYS P 76 -37.31 -98.85 15.93
CA LYS P 76 -36.31 -98.97 14.87
C LYS P 76 -35.13 -99.70 15.50
N TYR P 77 -34.69 -100.80 14.89
CA TYR P 77 -33.57 -101.55 15.44
C TYR P 77 -32.57 -101.96 14.37
N SER P 78 -31.41 -101.30 14.38
CA SER P 78 -30.36 -101.61 13.41
C SER P 78 -30.94 -101.57 12.01
N GLY P 79 -31.46 -100.41 11.63
CA GLY P 79 -32.03 -100.28 10.30
C GLY P 79 -33.52 -100.55 10.28
N SER P 80 -33.90 -101.80 10.01
CA SER P 80 -35.30 -102.17 9.96
C SER P 80 -36.08 -101.71 11.19
N SER P 81 -37.39 -101.54 11.00
CA SER P 81 -38.29 -101.12 12.07
C SER P 81 -39.25 -102.25 12.35
N TYR P 82 -39.77 -102.30 13.57
CA TYR P 82 -40.69 -103.36 13.94
C TYR P 82 -41.85 -102.82 14.81
N PRO P 83 -42.99 -103.52 14.81
CA PRO P 83 -44.11 -103.04 15.62
C PRO P 83 -43.72 -102.88 17.10
N PHE P 84 -44.14 -101.76 17.70
CA PHE P 84 -43.90 -101.54 19.12
C PHE P 84 -45.21 -101.15 19.78
N PRO P 85 -45.58 -101.86 20.87
CA PRO P 85 -44.85 -102.97 21.48
C PRO P 85 -44.45 -104.05 20.49
N THR P 86 -43.30 -104.66 20.75
CA THR P 86 -42.75 -105.73 19.92
C THR P 86 -43.64 -106.96 19.96
N THR P 87 -43.63 -107.73 18.88
CA THR P 87 -44.42 -108.94 18.78
C THR P 87 -43.50 -110.15 18.63
N SER P 88 -42.21 -109.91 18.59
CA SER P 88 -41.25 -111.00 18.46
C SER P 88 -39.82 -110.49 18.54
N GLU P 89 -38.90 -111.41 18.81
CA GLU P 89 -37.49 -111.08 18.93
C GLU P 89 -36.91 -110.58 17.62
N THR P 90 -36.11 -109.53 17.72
CA THR P 90 -35.49 -108.89 16.58
C THR P 90 -34.26 -109.65 16.07
N PRO P 91 -33.81 -109.35 14.84
CA PRO P 91 -32.63 -110.01 14.28
C PRO P 91 -31.45 -109.64 15.18
N ARG P 92 -30.35 -110.38 15.09
CA ARG P 92 -29.20 -110.09 15.93
C ARG P 92 -28.13 -109.21 15.31
N VAL P 93 -27.53 -108.38 16.16
CA VAL P 93 -26.47 -107.46 15.76
C VAL P 93 -25.18 -107.91 16.47
N VAL P 94 -24.03 -107.85 15.78
CA VAL P 94 -22.76 -108.29 16.38
C VAL P 94 -22.01 -107.24 17.17
N TYR P 95 -21.35 -107.70 18.24
CA TYR P 95 -20.55 -106.84 19.11
C TYR P 95 -19.14 -107.40 19.26
N ASN P 96 -18.17 -106.71 18.68
CA ASN P 96 -16.79 -107.16 18.74
C ASN P 96 -15.76 -106.04 18.99
N SER P 97 -15.62 -105.67 20.26
CA SER P 97 -14.69 -104.62 20.69
C SER P 97 -14.98 -104.20 22.12
N ARG P 98 -13.93 -103.91 22.89
CA ARG P 98 -14.12 -103.49 24.28
C ARG P 98 -14.53 -102.05 24.29
N THR P 99 -14.64 -101.47 23.10
CA THR P 99 -15.07 -100.09 22.95
C THR P 99 -16.59 -100.05 23.02
N ASP P 100 -17.11 -99.39 24.05
CA ASP P 100 -18.54 -99.29 24.24
C ASP P 100 -19.32 -98.79 23.02
N LYS P 101 -19.96 -99.72 22.32
CA LYS P 101 -20.79 -99.40 21.16
C LYS P 101 -22.23 -99.43 21.66
N PRO P 102 -23.07 -98.49 21.19
CA PRO P 102 -24.47 -98.48 21.63
C PRO P 102 -25.29 -99.43 20.77
N TRP P 103 -26.31 -100.06 21.34
CA TRP P 103 -27.12 -100.93 20.51
C TRP P 103 -28.20 -100.04 19.91
N PRO P 104 -28.46 -100.18 18.59
CA PRO P 104 -29.44 -99.42 17.83
C PRO P 104 -30.89 -99.62 18.28
N VAL P 105 -31.34 -98.84 19.24
CA VAL P 105 -32.70 -98.97 19.73
C VAL P 105 -33.38 -97.62 19.79
N ALA P 106 -34.15 -97.30 18.76
CA ALA P 106 -34.86 -96.04 18.70
C ALA P 106 -36.37 -96.27 18.66
N LEU P 107 -37.07 -95.61 19.57
CA LEU P 107 -38.52 -95.69 19.68
C LEU P 107 -39.18 -94.57 18.91
N TYR P 108 -40.09 -94.93 18.02
CA TYR P 108 -40.81 -93.95 17.22
C TYR P 108 -42.31 -94.03 17.49
N LEU P 109 -42.80 -93.10 18.32
CA LEU P 109 -44.20 -93.06 18.71
C LEU P 109 -44.94 -91.85 18.15
N THR P 110 -46.14 -92.08 17.61
CA THR P 110 -46.94 -90.99 17.07
C THR P 110 -48.18 -90.84 17.94
N PRO P 111 -48.63 -89.59 18.17
CA PRO P 111 -49.83 -89.39 19.00
C PRO P 111 -51.11 -89.65 18.20
N VAL P 112 -52.06 -90.32 18.85
CA VAL P 112 -53.34 -90.62 18.21
C VAL P 112 -54.30 -89.45 18.44
N SER P 113 -55.14 -89.18 17.44
CA SER P 113 -56.12 -88.11 17.55
C SER P 113 -56.74 -88.05 18.96
N SER P 114 -56.89 -89.22 19.57
CA SER P 114 -57.45 -89.38 20.91
C SER P 114 -56.75 -88.59 22.01
N ALA P 115 -55.44 -88.45 21.90
CA ALA P 115 -54.67 -87.71 22.91
C ALA P 115 -55.24 -86.29 23.07
N GLY P 116 -54.68 -85.51 24.00
CA GLY P 116 -55.17 -84.16 24.21
C GLY P 116 -54.17 -83.18 24.82
N GLY P 117 -53.67 -83.51 26.00
CA GLY P 117 -52.71 -82.64 26.67
C GLY P 117 -51.53 -83.42 27.22
N VAL P 118 -51.57 -83.70 28.52
CA VAL P 118 -50.50 -84.45 29.16
C VAL P 118 -50.55 -85.92 28.76
N ALA P 119 -49.80 -86.27 27.72
CA ALA P 119 -49.75 -87.65 27.24
C ALA P 119 -48.88 -88.47 28.19
N ILE P 120 -47.70 -87.94 28.52
CA ILE P 120 -46.76 -88.62 29.41
C ILE P 120 -46.43 -87.74 30.61
N LYS P 121 -46.32 -88.36 31.79
CA LYS P 121 -46.00 -87.62 33.00
C LYS P 121 -44.52 -87.24 33.03
N ALA P 122 -44.06 -86.70 34.14
CA ALA P 122 -42.67 -86.28 34.26
C ALA P 122 -41.84 -87.21 35.14
N GLY P 123 -42.33 -88.43 35.34
CA GLY P 123 -41.60 -89.38 36.17
C GLY P 123 -42.25 -90.74 36.21
N SER P 124 -42.76 -91.17 35.05
CA SER P 124 -43.42 -92.46 34.93
C SER P 124 -42.62 -93.39 34.03
N LEU P 125 -43.13 -94.61 33.86
CA LEU P 125 -42.48 -95.61 33.02
C LEU P 125 -43.03 -95.51 31.60
N ILE P 126 -42.13 -95.47 30.63
CA ILE P 126 -42.53 -95.38 29.23
C ILE P 126 -42.63 -96.80 28.67
N ALA P 127 -41.51 -97.50 28.68
CA ALA P 127 -41.43 -98.85 28.15
C ALA P 127 -40.52 -99.74 28.99
N VAL P 128 -40.32 -100.95 28.49
CA VAL P 128 -39.48 -101.94 29.14
C VAL P 128 -38.82 -102.78 28.05
N LEU P 129 -37.74 -102.23 27.47
CA LEU P 129 -37.00 -102.90 26.40
C LEU P 129 -36.05 -103.97 26.93
N ILE P 130 -36.17 -105.20 26.44
CA ILE P 130 -35.31 -106.27 26.90
C ILE P 130 -34.19 -106.61 25.91
N LEU P 131 -32.96 -106.49 26.38
CA LEU P 131 -31.80 -106.81 25.55
C LEU P 131 -31.43 -108.27 25.77
N ARG P 132 -31.33 -109.02 24.69
CA ARG P 132 -30.98 -110.43 24.76
C ARG P 132 -29.56 -110.59 24.27
N GLN P 133 -28.72 -111.25 25.07
CA GLN P 133 -27.32 -111.44 24.70
C GLN P 133 -26.86 -112.89 24.68
N THR P 134 -26.18 -113.25 23.59
CA THR P 134 -25.63 -114.58 23.39
C THR P 134 -24.29 -114.40 22.70
N ASN P 135 -23.73 -115.48 22.19
CA ASN P 135 -22.44 -115.43 21.49
C ASN P 135 -22.13 -116.76 20.82
N ASN P 136 -21.10 -116.77 19.98
CA ASN P 136 -20.71 -117.98 19.27
C ASN P 136 -19.64 -118.79 20.01
N TYR P 137 -19.66 -118.76 21.33
CA TYR P 137 -18.64 -119.46 22.11
C TYR P 137 -19.21 -120.54 23.04
N ASN P 138 -20.22 -120.19 23.83
CA ASN P 138 -20.81 -121.14 24.75
C ASN P 138 -22.32 -120.97 24.93
N SER P 139 -22.85 -121.62 25.96
CA SER P 139 -24.28 -121.58 26.27
C SER P 139 -24.76 -120.27 26.90
N ASP P 140 -23.99 -119.20 26.72
CA ASP P 140 -24.35 -117.90 27.28
C ASP P 140 -25.56 -117.23 26.61
N ASP P 141 -26.58 -116.98 27.42
CA ASP P 141 -27.82 -116.36 26.97
C ASP P 141 -28.38 -115.53 28.13
N PHE P 142 -28.19 -114.21 28.07
CA PHE P 142 -28.66 -113.35 29.14
C PHE P 142 -29.67 -112.31 28.69
N GLN P 143 -30.37 -111.70 29.65
CA GLN P 143 -31.36 -110.68 29.36
C GLN P 143 -31.10 -109.33 30.03
N PHE P 144 -30.22 -108.54 29.42
CA PHE P 144 -29.90 -107.20 29.93
C PHE P 144 -31.17 -106.36 29.87
N VAL P 145 -31.86 -106.23 31.00
CA VAL P 145 -33.11 -105.48 31.07
C VAL P 145 -32.94 -103.96 31.20
N TRP P 146 -33.96 -103.22 30.80
CA TRP P 146 -33.95 -101.76 30.88
C TRP P 146 -35.36 -101.23 31.13
N ASN P 147 -35.43 -100.11 31.85
CA ASN P 147 -36.70 -99.47 32.15
C ASN P 147 -36.61 -97.99 31.80
N ILE P 148 -37.35 -97.60 30.78
CA ILE P 148 -37.35 -96.22 30.33
C ILE P 148 -38.37 -95.37 31.07
N TYR P 149 -37.91 -94.23 31.59
CA TYR P 149 -38.77 -93.28 32.32
C TYR P 149 -38.59 -91.89 31.74
N ALA P 150 -39.63 -91.06 31.81
CA ALA P 150 -39.56 -89.70 31.30
C ALA P 150 -39.63 -88.71 32.47
N ASN P 151 -38.55 -87.94 32.67
CA ASN P 151 -38.51 -86.98 33.76
C ASN P 151 -39.34 -85.73 33.47
N ASN P 152 -39.93 -85.67 32.28
CA ASN P 152 -40.73 -84.51 31.90
C ASN P 152 -42.09 -84.91 31.33
N ASP P 153 -43.09 -84.08 31.59
CA ASP P 153 -44.44 -84.33 31.10
C ASP P 153 -44.52 -84.01 29.62
N VAL P 154 -44.88 -84.98 28.79
CA VAL P 154 -45.00 -84.69 27.37
C VAL P 154 -46.41 -84.14 27.20
N VAL P 155 -46.65 -83.42 26.12
CA VAL P 155 -47.96 -82.83 25.88
C VAL P 155 -48.30 -82.90 24.40
N VAL P 156 -49.58 -82.99 24.11
CA VAL P 156 -50.07 -83.05 22.75
C VAL P 156 -51.26 -82.09 22.65
N PRO P 157 -51.00 -80.79 22.84
CA PRO P 157 -51.97 -79.69 22.81
C PRO P 157 -53.29 -79.96 22.09
N THR P 158 -54.37 -79.51 22.73
CA THR P 158 -55.71 -79.65 22.21
C THR P 158 -55.89 -78.63 21.08
N GLY P 159 -56.67 -78.97 20.06
CA GLY P 159 -56.87 -78.05 18.96
C GLY P 159 -58.26 -77.97 18.37
N GLY P 160 -58.39 -77.20 17.29
CA GLY P 160 -59.66 -77.02 16.61
C GLY P 160 -60.59 -78.21 16.63
N CYS P 161 -61.82 -77.99 17.10
CA CYS P 161 -62.81 -79.05 17.18
C CYS P 161 -63.46 -79.34 15.85
N ASP P 162 -64.10 -80.51 15.76
CA ASP P 162 -64.77 -80.98 14.55
C ASP P 162 -66.00 -80.17 14.17
N VAL P 163 -65.86 -79.34 13.13
CA VAL P 163 -66.97 -78.52 12.66
C VAL P 163 -67.78 -79.29 11.63
N SER P 164 -68.79 -80.02 12.09
CA SER P 164 -69.64 -80.82 11.22
C SER P 164 -70.77 -79.97 10.64
N ALA P 165 -70.89 -79.98 9.32
CA ALA P 165 -71.92 -79.22 8.63
C ALA P 165 -72.11 -79.81 7.25
N ARG P 166 -73.19 -80.57 7.07
CA ARG P 166 -73.50 -81.22 5.81
C ARG P 166 -72.97 -80.47 4.59
N ASP P 167 -73.63 -79.36 4.27
CA ASP P 167 -73.23 -78.55 3.12
C ASP P 167 -74.22 -77.41 2.91
N VAL P 168 -73.79 -76.39 2.17
CA VAL P 168 -74.62 -75.22 1.89
C VAL P 168 -76.09 -75.57 1.71
N THR P 169 -76.88 -75.34 2.74
CA THR P 169 -78.31 -75.63 2.72
C THR P 169 -79.04 -74.59 1.87
N VAL P 170 -80.12 -75.02 1.24
CA VAL P 170 -80.91 -74.12 0.41
C VAL P 170 -82.18 -73.77 1.18
N THR P 171 -82.74 -72.59 0.90
CA THR P 171 -83.95 -72.17 1.59
C THR P 171 -85.13 -72.10 0.65
N LEU P 172 -86.21 -72.81 1.00
CA LEU P 172 -87.42 -72.83 0.20
C LEU P 172 -87.85 -71.39 -0.07
N PRO P 173 -88.10 -71.03 -1.34
CA PRO P 173 -88.52 -69.67 -1.68
C PRO P 173 -89.83 -69.30 -1.01
N ASP P 174 -90.54 -68.32 -1.59
CA ASP P 174 -91.82 -67.89 -1.03
C ASP P 174 -91.62 -67.29 0.36
N TYR P 175 -92.70 -66.76 0.95
CA TYR P 175 -92.64 -66.19 2.29
C TYR P 175 -92.48 -67.30 3.32
N PRO P 176 -93.29 -68.39 3.18
CA PRO P 176 -93.20 -69.50 4.13
C PRO P 176 -91.89 -70.25 3.94
N GLY P 177 -90.80 -69.63 4.37
CA GLY P 177 -89.49 -70.26 4.23
C GLY P 177 -88.78 -70.39 5.57
N SER P 178 -88.21 -71.57 5.78
CA SER P 178 -87.48 -71.89 7.00
C SER P 178 -86.86 -73.26 6.85
N VAL P 179 -85.54 -73.30 6.68
CA VAL P 179 -84.84 -74.55 6.51
C VAL P 179 -83.76 -74.78 7.57
N PRO P 180 -84.17 -75.16 8.79
CA PRO P 180 -83.18 -75.39 9.84
C PRO P 180 -82.02 -76.24 9.34
N ILE P 181 -80.83 -75.63 9.28
CA ILE P 181 -79.62 -76.29 8.79
C ILE P 181 -78.97 -77.20 9.83
N PRO P 182 -78.67 -78.45 9.45
CA PRO P 182 -78.03 -79.41 10.36
C PRO P 182 -76.59 -78.97 10.67
N LEU P 183 -76.25 -78.92 11.95
CA LEU P 183 -74.90 -78.52 12.35
C LEU P 183 -74.53 -79.00 13.75
N THR P 184 -73.47 -79.80 13.80
CA THR P 184 -72.96 -80.38 15.04
C THR P 184 -71.45 -80.22 15.11
N VAL P 185 -70.89 -80.22 16.32
CA VAL P 185 -69.45 -80.07 16.49
C VAL P 185 -68.97 -80.69 17.80
N TYR P 186 -67.97 -81.56 17.71
CA TYR P 186 -67.40 -82.20 18.89
C TYR P 186 -65.87 -82.20 18.79
N CYS P 187 -65.19 -82.43 19.90
CA CYS P 187 -63.74 -82.42 19.92
C CYS P 187 -63.12 -83.76 20.32
N ALA P 188 -61.82 -83.90 20.08
CA ALA P 188 -61.10 -85.12 20.43
C ALA P 188 -61.02 -85.13 21.96
N LYS P 189 -61.05 -83.93 22.53
CA LYS P 189 -61.01 -83.72 23.97
C LYS P 189 -62.06 -82.68 24.38
N SER P 190 -62.97 -83.10 25.26
CA SER P 190 -64.03 -82.24 25.74
C SER P 190 -63.50 -80.89 26.23
N GLN P 191 -63.58 -79.89 25.35
CA GLN P 191 -63.12 -78.54 25.66
C GLN P 191 -64.26 -77.55 25.44
N ASN P 192 -64.51 -76.70 26.42
CA ASN P 192 -65.58 -75.70 26.31
C ASN P 192 -65.44 -74.80 25.10
N LEU P 193 -66.51 -74.77 24.30
CA LEU P 193 -66.54 -73.97 23.08
C LEU P 193 -67.51 -72.80 23.17
N GLY P 194 -67.38 -71.90 22.19
CA GLY P 194 -68.25 -70.73 22.12
C GLY P 194 -68.26 -70.27 20.68
N TYR P 195 -69.23 -69.42 20.32
CA TYR P 195 -69.32 -68.92 18.95
C TYR P 195 -70.31 -67.77 18.78
N TYR P 196 -70.06 -66.93 17.79
CA TYR P 196 -70.93 -65.81 17.49
C TYR P 196 -71.08 -65.74 15.99
N LEU P 197 -72.25 -65.32 15.53
CA LEU P 197 -72.52 -65.25 14.10
C LEU P 197 -72.08 -63.96 13.43
N SER P 198 -70.78 -63.86 13.14
CA SER P 198 -70.25 -62.67 12.48
C SER P 198 -70.75 -62.54 11.04
N GLY P 199 -71.42 -61.43 10.76
CA GLY P 199 -71.95 -61.19 9.44
C GLY P 199 -72.39 -59.76 9.26
N THR P 200 -73.22 -59.50 8.24
CA THR P 200 -73.69 -58.15 7.97
C THR P 200 -75.22 -58.09 7.87
N THR P 201 -75.81 -57.16 8.60
CA THR P 201 -77.26 -56.99 8.63
C THR P 201 -77.70 -55.76 7.84
N ALA P 202 -79.01 -55.61 7.67
CA ALA P 202 -79.58 -54.48 6.94
C ALA P 202 -80.46 -53.63 7.85
N ASP P 203 -79.92 -53.25 9.01
CA ASP P 203 -80.66 -52.44 9.97
C ASP P 203 -79.83 -52.08 11.19
N ALA P 204 -80.51 -51.58 12.22
CA ALA P 204 -79.86 -51.20 13.47
C ALA P 204 -80.09 -52.30 14.50
N GLY P 205 -80.87 -53.32 14.11
CA GLY P 205 -81.14 -54.43 15.00
C GLY P 205 -80.07 -55.50 14.86
N ASN P 206 -79.10 -55.22 14.00
CA ASN P 206 -77.98 -56.12 13.71
C ASN P 206 -78.23 -57.60 13.98
N SER P 207 -79.30 -58.13 13.39
CA SER P 207 -79.68 -59.53 13.53
C SER P 207 -80.42 -59.96 12.28
N ILE P 208 -80.45 -59.06 11.29
CA ILE P 208 -81.12 -59.33 10.03
C ILE P 208 -80.11 -59.23 8.88
N PHE P 209 -79.28 -60.26 8.74
CA PHE P 209 -78.26 -60.31 7.71
C PHE P 209 -78.82 -59.90 6.35
N THR P 210 -77.98 -59.33 5.50
CA THR P 210 -78.40 -58.87 4.17
C THR P 210 -78.39 -59.94 3.08
N ASN P 211 -78.47 -59.48 1.84
CA ASN P 211 -78.48 -60.34 0.66
C ASN P 211 -77.34 -59.92 -0.27
N THR P 212 -76.42 -60.84 -0.56
CA THR P 212 -75.28 -60.56 -1.42
C THR P 212 -75.57 -60.93 -2.87
N ALA P 213 -76.29 -60.06 -3.58
CA ALA P 213 -76.62 -60.33 -4.98
C ALA P 213 -77.07 -59.06 -5.72
N SER P 214 -76.95 -59.11 -7.05
CA SER P 214 -77.34 -58.00 -7.91
C SER P 214 -78.58 -58.41 -8.71
N PHE P 215 -79.04 -59.63 -8.46
CA PHE P 215 -80.21 -60.21 -9.12
C PHE P 215 -81.48 -59.73 -8.42
N SER P 216 -82.27 -58.92 -9.13
CA SER P 216 -83.53 -58.39 -8.61
C SER P 216 -83.43 -58.11 -7.12
N PRO P 217 -82.74 -57.01 -6.74
CA PRO P 217 -82.55 -56.59 -5.36
C PRO P 217 -83.87 -56.37 -4.60
N ALA P 218 -84.48 -57.45 -4.15
CA ALA P 218 -85.74 -57.37 -3.42
C ALA P 218 -85.56 -56.57 -2.13
N GLN P 219 -86.60 -55.84 -1.75
CA GLN P 219 -86.58 -55.02 -0.54
C GLN P 219 -86.91 -55.87 0.69
N GLY P 220 -86.08 -55.77 1.72
CA GLY P 220 -86.32 -56.51 2.95
C GLY P 220 -86.22 -58.02 2.83
N VAL P 221 -85.07 -58.52 2.41
CA VAL P 221 -84.85 -59.95 2.26
C VAL P 221 -83.52 -60.34 2.90
N GLY P 222 -83.59 -60.80 4.15
CA GLY P 222 -82.39 -61.20 4.86
C GLY P 222 -82.52 -62.55 5.54
N VAL P 223 -81.72 -62.78 6.58
CA VAL P 223 -81.74 -64.03 7.33
C VAL P 223 -81.57 -63.75 8.81
N GLN P 224 -81.92 -64.73 9.63
CA GLN P 224 -81.80 -64.60 11.08
C GLN P 224 -81.95 -65.98 11.71
N LEU P 225 -80.83 -66.66 11.91
CA LEU P 225 -80.80 -67.99 12.49
C LEU P 225 -81.53 -68.05 13.83
N THR P 226 -81.73 -69.25 14.34
CA THR P 226 -82.42 -69.44 15.61
C THR P 226 -82.33 -70.85 16.17
N ARG P 227 -81.69 -70.97 17.33
CA ARG P 227 -81.54 -72.26 17.99
C ARG P 227 -82.79 -72.60 18.78
N ASN P 228 -83.72 -73.29 18.14
CA ASN P 228 -84.98 -73.68 18.76
C ASN P 228 -85.75 -72.49 19.33
N GLY P 229 -86.31 -71.68 18.45
CA GLY P 229 -87.07 -70.52 18.89
C GLY P 229 -86.22 -69.31 19.23
N THR P 230 -85.22 -69.51 20.08
CA THR P 230 -84.34 -68.41 20.49
C THR P 230 -83.44 -68.00 19.33
N ILE P 231 -83.77 -66.89 18.68
CA ILE P 231 -82.97 -66.40 17.57
C ILE P 231 -81.63 -65.90 18.09
N ILE P 232 -80.61 -65.93 17.22
CA ILE P 232 -79.28 -65.48 17.58
C ILE P 232 -78.78 -64.35 16.70
N PRO P 233 -78.66 -63.14 17.26
CA PRO P 233 -78.19 -61.98 16.49
C PRO P 233 -76.66 -62.02 16.36
N ALA P 234 -76.12 -61.29 15.38
CA ALA P 234 -74.69 -61.25 15.16
C ALA P 234 -73.89 -60.84 16.40
N ASN P 235 -72.57 -61.05 16.36
CA ASN P 235 -71.67 -60.70 17.47
C ASN P 235 -72.22 -61.06 18.84
N ASN P 236 -73.14 -62.01 18.88
CA ASN P 236 -73.74 -62.45 20.14
C ASN P 236 -73.23 -63.85 20.46
N THR P 237 -71.97 -63.94 20.86
CA THR P 237 -71.36 -65.23 21.21
C THR P 237 -72.33 -66.06 22.05
N VAL P 238 -72.37 -67.36 21.78
CA VAL P 238 -73.25 -68.25 22.52
C VAL P 238 -72.44 -69.37 23.15
N SER P 239 -72.91 -69.85 24.31
CA SER P 239 -72.24 -70.92 25.04
C SER P 239 -72.48 -72.31 24.44
N LEU P 240 -71.59 -73.22 24.77
CA LEU P 240 -71.67 -74.59 24.30
C LEU P 240 -71.18 -75.47 25.44
N GLY P 241 -70.13 -75.01 26.12
CA GLY P 241 -69.57 -75.74 27.24
C GLY P 241 -69.13 -77.15 26.95
N ALA P 242 -69.75 -78.11 27.63
CA ALA P 242 -69.42 -79.53 27.46
C ALA P 242 -69.51 -79.98 26.01
N VAL P 243 -68.37 -79.99 25.33
CA VAL P 243 -68.30 -80.41 23.93
C VAL P 243 -67.16 -81.41 23.72
N GLY P 244 -67.44 -82.69 23.99
CA GLY P 244 -66.44 -83.73 23.84
C GLY P 244 -66.57 -84.55 22.58
N THR P 245 -66.77 -85.86 22.76
CA THR P 245 -66.89 -86.78 21.63
C THR P 245 -68.32 -86.89 21.08
N SER P 246 -69.30 -86.53 21.91
CA SER P 246 -70.70 -86.58 21.50
C SER P 246 -71.03 -85.38 20.62
N ALA P 247 -70.92 -85.57 19.30
CA ALA P 247 -71.19 -84.50 18.34
C ALA P 247 -72.43 -83.69 18.66
N VAL P 248 -72.24 -82.59 19.39
CA VAL P 248 -73.36 -81.72 19.78
C VAL P 248 -73.80 -80.85 18.61
N SER P 249 -75.11 -80.75 18.40
CA SER P 249 -75.66 -79.95 17.32
C SER P 249 -76.05 -78.56 17.82
N LEU P 250 -76.17 -77.60 16.89
CA LEU P 250 -76.52 -76.23 17.22
C LEU P 250 -78.02 -75.95 17.26
N GLY P 251 -78.77 -76.67 16.43
CA GLY P 251 -80.21 -76.46 16.38
C GLY P 251 -80.52 -75.18 15.64
N LEU P 252 -79.65 -74.83 14.71
CA LEU P 252 -79.80 -73.62 13.91
C LEU P 252 -80.98 -73.75 12.94
N THR P 253 -81.86 -72.76 12.95
CA THR P 253 -83.02 -72.77 12.07
C THR P 253 -83.04 -71.51 11.22
N ALA P 254 -82.22 -71.49 10.17
CA ALA P 254 -82.14 -70.35 9.27
C ALA P 254 -83.51 -69.96 8.75
N ASN P 255 -84.06 -68.87 9.28
CA ASN P 255 -85.39 -68.40 8.89
C ASN P 255 -85.33 -67.09 8.10
N TYR P 256 -86.47 -66.70 7.54
CA TYR P 256 -86.60 -65.48 6.76
C TYR P 256 -86.57 -64.22 7.62
N ALA P 257 -85.83 -63.21 7.17
CA ALA P 257 -85.70 -61.96 7.89
C ALA P 257 -86.26 -60.78 7.11
N ARG P 258 -87.51 -60.42 7.41
CA ARG P 258 -88.19 -59.29 6.75
C ARG P 258 -87.75 -58.01 7.46
N THR P 259 -87.41 -56.98 6.70
CA THR P 259 -86.95 -55.72 7.26
C THR P 259 -88.01 -54.62 7.32
N GLY P 260 -87.85 -53.60 6.49
CA GLY P 260 -88.78 -52.49 6.47
C GLY P 260 -90.23 -52.91 6.30
N GLY P 261 -90.57 -53.40 5.11
CA GLY P 261 -91.94 -53.81 4.85
C GLY P 261 -92.07 -54.65 3.59
N GLN P 262 -91.61 -54.10 2.47
CA GLN P 262 -91.66 -54.78 1.19
C GLN P 262 -90.93 -56.12 1.23
N VAL P 263 -91.35 -57.06 0.39
CA VAL P 263 -90.73 -58.38 0.30
C VAL P 263 -90.75 -58.81 -1.17
N THR P 264 -90.15 -57.98 -2.03
CA THR P 264 -90.09 -58.21 -3.46
C THR P 264 -89.50 -59.58 -3.83
N ALA P 265 -89.32 -59.80 -5.13
CA ALA P 265 -88.77 -61.06 -5.63
C ALA P 265 -87.29 -60.93 -5.93
N GLY P 266 -86.55 -62.02 -5.73
CA GLY P 266 -85.12 -62.02 -5.98
C GLY P 266 -84.42 -63.25 -5.44
N ASN P 267 -83.31 -63.04 -4.74
CA ASN P 267 -82.52 -64.14 -4.17
C ASN P 267 -82.41 -64.05 -2.65
N VAL P 268 -82.41 -65.21 -2.00
CA VAL P 268 -82.27 -65.30 -0.55
C VAL P 268 -80.87 -65.87 -0.30
N GLN P 269 -79.85 -65.12 -0.69
CA GLN P 269 -78.46 -65.56 -0.54
C GLN P 269 -77.66 -64.70 0.44
N SER P 270 -77.14 -65.35 1.48
CA SER P 270 -76.35 -64.67 2.50
C SER P 270 -75.12 -65.49 2.89
N ILE P 271 -74.17 -64.85 3.55
CA ILE P 271 -72.94 -65.51 4.00
C ILE P 271 -72.65 -65.15 5.46
N ILE P 272 -73.27 -65.89 6.38
CA ILE P 272 -73.09 -65.67 7.81
C ILE P 272 -71.90 -66.45 8.36
N GLY P 273 -70.75 -65.79 8.45
CA GLY P 273 -69.55 -66.44 8.95
C GLY P 273 -69.67 -66.85 10.41
N VAL P 274 -70.26 -68.01 10.66
CA VAL P 274 -70.41 -68.50 12.02
C VAL P 274 -69.06 -68.76 12.67
N THR P 275 -68.51 -67.75 13.30
CA THR P 275 -67.21 -67.85 13.96
C THR P 275 -67.29 -68.54 15.32
N PHE P 276 -66.26 -69.33 15.63
CA PHE P 276 -66.16 -70.05 16.90
C PHE P 276 -65.04 -69.44 17.74
N VAL P 277 -65.27 -69.36 19.05
CA VAL P 277 -64.27 -68.81 19.97
C VAL P 277 -63.80 -69.90 20.92
N TYR P 278 -62.48 -70.03 21.06
CA TYR P 278 -61.93 -71.05 21.93
C TYR P 278 -61.45 -70.50 23.26
N GLN P 279 -61.73 -71.25 24.32
CA GLN P 279 -61.36 -70.87 25.67
C GLN P 279 -59.99 -71.42 26.04
#